data_2X31
#
_entry.id   2X31
#
_cell.length_a   1.000
_cell.length_b   1.000
_cell.length_c   1.000
_cell.angle_alpha   90.00
_cell.angle_beta   90.00
_cell.angle_gamma   90.00
#
_symmetry.space_group_name_H-M   'P 1'
#
loop_
_entity.id
_entity.type
_entity.pdbx_description
1 polymer 'MAGNESIUM-CHELATASE 60 KDA SUBUNIT'
2 polymer 'MAGNESIUM-CHELATASE 38 KDA SUBUNIT'
#
loop_
_entity_poly.entity_id
_entity_poly.type
_entity_poly.pdbx_seq_one_letter_code
_entity_poly.pdbx_strand_id
1 'polypeptide(L)'
;KEMSDRVLIFAVDASGSAAVARLSEAKGAVELLLGRAYAARDHVSLITFRGTAAQVLLQPSRSLTQTKRQLQGLPGGGGT
PLASGMEMAMVTAKQARSRGMTPTIALLTDGRGNIALDGTANRELAGEQATKVARAIRASGMPAVIIDTAMRPNPALVDL
ARTMDAHYIALPRATAHKMADVLGAALEA
;
A,B,C,D,E,F
2 'polypeptide(L)'
;MTTAVARLQPSASGAKTRPVFPFSAIVGQEDMKLALLLTAVDPGIGGVLVFGDRGTGKSTAVRALAALLPEIEAVEGCPV
SSPNVEMIPDWATVLSTNVIRKPTPVVDLPLGVSEDRVVGALDIERAISKGEKAFEPGLLARANRGYLYIDECNLLEDHI
VDLLLDVAQSGENVVERDGLSIRHPARFVLVGSGNPEEGDLRPQLLDRFGLSVEVLSPRDVETRVEVIRRRDTYDADPKA
FLEEWRPKDMDIRNQILEARERLPKVEAPNTALYDCAALCIALGSDGLRGELTLLRSARALAALEGATAVGRDHLKRVAT
MALSHRLRRDPLDEAGSTARVARTVEETLP
;
G,H,I,J,K,L
#
# COMPACT_ATOMS: atom_id res chain seq x y z
N LYS A 1 -16.05 30.06 -13.99
CA LYS A 1 -17.16 30.44 -14.92
C LYS A 1 -16.59 30.66 -16.31
N GLU A 2 -17.47 30.94 -17.27
CA GLU A 2 -17.08 31.16 -18.66
C GLU A 2 -15.97 32.20 -18.84
N MET A 3 -15.05 31.89 -19.75
CA MET A 3 -13.92 32.76 -20.06
C MET A 3 -14.38 33.94 -20.90
N SER A 4 -13.54 34.98 -20.96
CA SER A 4 -13.81 36.18 -21.73
C SER A 4 -15.12 36.88 -21.37
N ASP A 5 -16.24 36.34 -21.86
CA ASP A 5 -17.56 36.89 -21.63
C ASP A 5 -17.83 37.24 -20.16
N ARG A 6 -18.44 38.40 -19.94
CA ARG A 6 -18.76 38.88 -18.59
C ARG A 6 -20.15 39.50 -18.56
N VAL A 7 -20.59 39.90 -17.38
CA VAL A 7 -21.89 40.53 -17.19
C VAL A 7 -21.73 41.66 -16.17
N LEU A 8 -21.29 42.82 -16.66
CA LEU A 8 -21.07 43.98 -15.81
C LEU A 8 -22.38 44.69 -15.45
N ILE A 9 -23.02 44.23 -14.38
CA ILE A 9 -24.27 44.85 -13.93
C ILE A 9 -23.94 46.11 -13.12
N PHE A 10 -23.87 47.23 -13.81
CA PHE A 10 -23.56 48.51 -13.19
C PHE A 10 -24.70 49.12 -12.39
N ALA A 11 -24.47 49.31 -11.10
CA ALA A 11 -25.47 49.92 -10.22
C ALA A 11 -25.37 51.42 -10.44
N VAL A 12 -25.98 51.88 -11.53
CA VAL A 12 -25.94 53.30 -11.90
C VAL A 12 -26.61 54.20 -10.85
N ASP A 13 -25.83 54.57 -9.85
CA ASP A 13 -26.30 55.45 -8.78
C ASP A 13 -26.29 56.88 -9.28
N ALA A 14 -27.46 57.51 -9.30
CA ALA A 14 -27.59 58.89 -9.76
C ALA A 14 -27.98 59.85 -8.63
N SER A 15 -27.29 59.73 -7.50
CA SER A 15 -27.57 60.59 -6.35
C SER A 15 -27.28 62.06 -6.67
N GLY A 16 -28.11 62.95 -6.13
CA GLY A 16 -27.92 64.37 -6.35
C GLY A 16 -26.64 64.85 -5.67
N SER A 17 -26.01 63.96 -4.91
CA SER A 17 -24.76 64.26 -4.23
C SER A 17 -23.63 64.43 -5.24
N ALA A 18 -23.65 63.60 -6.29
CA ALA A 18 -22.63 63.64 -7.33
C ALA A 18 -22.72 64.93 -8.14
N ALA A 19 -21.74 65.80 -7.96
CA ALA A 19 -21.68 67.07 -8.68
C ALA A 19 -21.41 66.82 -10.16
N VAL A 20 -22.34 67.28 -11.00
CA VAL A 20 -22.24 67.13 -12.46
C VAL A 20 -22.22 65.65 -12.87
N ALA A 21 -23.29 65.06 -12.96
N LEU A 23 -23.41 65.07 -12.98
CA LEU A 23 -23.56 63.68 -13.37
C LEU A 23 -22.93 63.36 -14.73
N SER A 24 -22.73 64.40 -15.55
CA SER A 24 -22.15 64.24 -16.87
C SER A 24 -20.81 63.50 -16.81
N GLU A 25 -20.01 63.83 -15.79
CA GLU A 25 -18.72 63.21 -15.59
C GLU A 25 -18.86 61.68 -15.48
N ALA A 26 -19.81 61.25 -14.66
CA ALA A 26 -20.06 59.82 -14.46
C ALA A 26 -20.42 59.15 -15.79
N LYS A 27 -21.30 59.79 -16.54
CA LYS A 27 -21.74 59.27 -17.84
C LYS A 27 -20.53 59.08 -18.75
N GLY A 28 -19.64 60.07 -18.75
CA GLY A 28 -18.44 60.00 -19.57
C GLY A 28 -17.53 58.85 -19.15
N ALA A 29 -17.44 58.63 -17.85
CA ALA A 29 -16.60 57.55 -17.32
C ALA A 29 -17.11 56.19 -17.83
N VAL A 30 -18.42 56.01 -17.81
CA VAL A 30 -19.03 54.77 -18.27
C VAL A 30 -18.76 54.59 -19.77
N GLU A 31 -18.77 55.70 -20.51
CA GLU A 31 -18.52 55.69 -21.94
C GLU A 31 -17.19 55.01 -22.26
N LEU A 32 -16.22 55.17 -21.37
CA LEU A 32 -14.90 54.57 -21.53
C LEU A 32 -14.94 53.11 -21.10
N LEU A 33 -15.53 52.85 -19.94
CA LEU A 33 -15.66 51.50 -19.39
C LEU A 33 -16.17 50.50 -20.42
N LEU A 34 -17.33 50.79 -20.98
CA LEU A 34 -17.95 49.90 -21.97
C LEU A 34 -17.20 49.84 -23.30
N GLY A 35 -16.38 50.86 -23.55
CA GLY A 35 -15.61 50.90 -24.79
C GLY A 35 -14.48 49.88 -24.72
N ARG A 36 -14.10 49.53 -23.50
CA ARG A 36 -13.03 48.56 -23.27
C ARG A 36 -13.61 47.18 -22.98
N ALA A 37 -14.82 47.15 -22.41
CA ALA A 37 -15.51 45.90 -22.09
C ALA A 37 -15.88 45.12 -23.35
N TYR A 38 -16.20 43.85 -23.17
CA TYR A 38 -16.57 42.99 -24.28
C TYR A 38 -18.00 43.27 -24.76
N ALA A 39 -18.21 44.46 -25.32
CA ALA A 39 -19.51 44.89 -25.82
C ALA A 39 -20.12 43.84 -26.75
N ALA A 40 -21.45 43.86 -26.84
CA ALA A 40 -22.24 42.94 -27.66
C ALA A 40 -22.47 41.59 -26.99
N ARG A 41 -21.55 41.21 -26.11
CA ARG A 41 -21.63 39.95 -25.38
C ARG A 41 -21.97 40.27 -23.93
N ASP A 42 -21.17 41.15 -23.34
CA ASP A 42 -21.34 41.57 -21.96
C ASP A 42 -22.75 42.13 -21.76
N HIS A 43 -23.47 41.56 -20.80
CA HIS A 43 -24.83 41.98 -20.51
C HIS A 43 -24.79 43.21 -19.60
N VAL A 44 -24.36 44.34 -20.16
CA VAL A 44 -24.28 45.58 -19.42
C VAL A 44 -25.66 46.07 -19.01
N SER A 45 -26.13 45.60 -17.86
CA SER A 45 -27.43 45.98 -17.34
C SER A 45 -27.28 47.31 -16.61
N LEU A 46 -27.93 48.34 -17.13
CA LEU A 46 -27.88 49.66 -16.53
C LEU A 46 -28.90 49.73 -15.40
N ILE A 47 -28.53 49.16 -14.27
CA ILE A 47 -29.41 49.12 -13.10
C ILE A 47 -29.28 50.41 -12.30
N THR A 48 -30.13 51.38 -12.59
CA THR A 48 -30.13 52.64 -11.88
C THR A 48 -30.73 52.44 -10.49
N PHE A 49 -30.37 53.31 -9.56
CA PHE A 49 -30.89 53.21 -8.20
C PHE A 49 -30.88 54.58 -7.53
N ARG A 50 -31.23 54.61 -6.25
CA ARG A 50 -31.27 55.83 -5.45
C ARG A 50 -32.51 56.66 -5.77
N GLY A 51 -33.09 56.42 -6.94
CA GLY A 51 -34.29 57.10 -7.38
C GLY A 51 -35.01 56.20 -8.36
N THR A 52 -34.68 56.33 -9.64
CA THR A 52 -35.28 55.50 -10.67
C THR A 52 -34.70 54.09 -10.55
N ALA A 53 -35.58 53.10 -10.49
CA ALA A 53 -35.15 51.70 -10.37
C ALA A 53 -34.94 51.03 -11.71
N ALA A 54 -33.67 50.77 -12.05
CA ALA A 54 -33.30 50.12 -13.30
C ALA A 54 -33.65 50.89 -14.56
N GLN A 55 -32.99 50.56 -15.67
CA GLN A 55 -33.22 51.19 -16.95
C GLN A 55 -33.08 50.17 -18.07
N VAL A 56 -31.85 49.84 -18.43
CA VAL A 56 -31.59 48.88 -19.49
C VAL A 56 -31.33 47.49 -18.90
N LEU A 57 -31.98 46.49 -19.46
CA LEU A 57 -31.85 45.11 -18.99
C LEU A 57 -30.62 44.40 -19.56
N LEU A 58 -30.43 43.16 -19.11
CA LEU A 58 -29.30 42.33 -19.53
C LEU A 58 -29.26 41.98 -21.01
N GLN A 59 -30.43 41.84 -21.62
CA GLN A 59 -30.51 41.48 -23.04
C GLN A 59 -30.34 42.63 -24.04
N PRO A 60 -31.09 43.74 -23.87
CA PRO A 60 -30.99 44.87 -24.79
C PRO A 60 -29.57 45.31 -25.18
N SER A 61 -28.63 45.19 -24.25
CA SER A 61 -27.25 45.58 -24.51
C SER A 61 -26.49 44.55 -25.35
N ARG A 62 -26.94 44.33 -26.58
CA ARG A 62 -26.29 43.38 -27.48
C ARG A 62 -25.41 44.06 -28.52
N SER A 63 -25.31 45.38 -28.44
CA SER A 63 -24.50 46.16 -29.36
C SER A 63 -24.06 47.45 -28.71
N LEU A 64 -22.77 47.75 -28.80
CA LEU A 64 -22.21 48.97 -28.22
C LEU A 64 -22.93 50.19 -28.77
N THR A 65 -23.33 50.12 -30.03
CA THR A 65 -24.05 51.20 -30.70
C THR A 65 -25.36 51.51 -29.98
N GLN A 66 -25.93 50.50 -29.32
CA GLN A 66 -27.17 50.66 -28.58
C GLN A 66 -26.84 51.20 -27.18
N THR A 67 -26.02 50.44 -26.47
CA THR A 67 -25.62 50.77 -25.10
C THR A 67 -25.10 52.19 -24.92
N LYS A 68 -24.17 52.61 -25.76
CA LYS A 68 -23.59 53.95 -25.66
C LYS A 68 -24.63 55.07 -25.68
N ARG A 69 -25.50 55.06 -26.69
CA ARG A 69 -26.54 56.07 -26.80
C ARG A 69 -27.42 56.07 -25.56
N GLN A 70 -27.64 54.90 -24.99
CA GLN A 70 -28.45 54.76 -23.79
C GLN A 70 -27.76 55.48 -22.62
N LEU A 71 -26.46 55.25 -22.48
CA LEU A 71 -25.66 55.87 -21.42
C LEU A 71 -25.80 57.38 -21.48
N GLN A 72 -25.63 57.93 -22.68
CA GLN A 72 -25.73 59.36 -22.90
C GLN A 72 -27.15 59.85 -22.60
N GLY A 73 -28.14 59.07 -23.03
CA GLY A 73 -29.53 59.44 -22.81
C GLY A 73 -30.01 59.31 -21.37
N LEU A 74 -29.32 58.48 -20.59
CA LEU A 74 -29.69 58.26 -19.19
C LEU A 74 -29.81 59.57 -18.40
N PRO A 75 -30.95 59.77 -17.72
CA PRO A 75 -31.23 60.97 -16.92
C PRO A 75 -30.47 60.93 -15.59
N GLY A 76 -31.04 61.54 -14.57
CA GLY A 76 -30.40 61.56 -13.26
C GLY A 76 -31.39 61.91 -12.17
N GLY A 77 -31.17 61.38 -10.97
CA GLY A 77 -32.05 61.65 -9.86
C GLY A 77 -31.98 60.56 -8.81
N GLY A 78 -31.70 60.93 -7.57
CA GLY A 78 -31.61 59.97 -6.49
C GLY A 78 -31.31 60.61 -5.16
N GLY A 79 -31.72 59.94 -4.08
CA GLY A 79 -31.49 60.47 -2.74
C GLY A 79 -31.35 59.40 -1.68
N THR A 80 -32.46 58.74 -1.36
CA THR A 80 -32.46 57.69 -0.33
C THR A 80 -31.47 56.56 -0.65
N PRO A 81 -30.49 56.34 0.24
CA PRO A 81 -29.47 55.30 0.10
C PRO A 81 -29.83 53.92 0.64
N LEU A 82 -30.00 52.95 -0.27
CA LEU A 82 -30.32 51.58 0.11
C LEU A 82 -29.23 50.67 -0.42
N ALA A 83 -28.10 50.63 0.28
CA ALA A 83 -26.96 49.81 -0.11
C ALA A 83 -27.34 48.34 -0.32
N SER A 84 -27.80 47.70 0.76
CA SER A 84 -28.21 46.30 0.71
C SER A 84 -29.38 46.10 -0.26
N GLY A 85 -30.18 47.15 -0.44
CA GLY A 85 -31.33 47.07 -1.32
C GLY A 85 -30.91 46.66 -2.72
N MET A 86 -29.78 47.17 -3.18
CA MET A 86 -29.26 46.85 -4.51
C MET A 86 -29.05 45.35 -4.68
N GLU A 87 -28.29 44.75 -3.76
CA GLU A 87 -27.99 43.32 -3.80
C GLU A 87 -29.28 42.53 -3.99
N MET A 88 -30.26 42.79 -3.13
CA MET A 88 -31.55 42.11 -3.20
C MET A 88 -32.23 42.33 -4.55
N ALA A 89 -32.11 43.54 -5.09
CA ALA A 89 -32.72 43.87 -6.38
C ALA A 89 -31.90 43.34 -7.56
N MET A 90 -30.66 42.96 -7.31
CA MET A 90 -29.79 42.45 -8.36
C MET A 90 -29.84 40.93 -8.52
N VAL A 91 -29.06 40.22 -7.71
CA VAL A 91 -28.98 38.76 -7.75
C VAL A 91 -30.30 38.03 -7.95
N THR A 92 -31.34 38.48 -7.25
CA THR A 92 -32.66 37.87 -7.31
C THR A 92 -33.25 37.65 -8.72
N ALA A 93 -32.93 38.52 -9.67
CA ALA A 93 -33.47 38.37 -11.02
C ALA A 93 -32.58 38.86 -12.16
N LYS A 94 -31.48 39.53 -11.83
CA LYS A 94 -30.58 40.03 -12.85
C LYS A 94 -29.71 38.94 -13.46
N GLN A 95 -29.54 37.83 -12.75
CA GLN A 95 -28.74 36.71 -13.24
C GLN A 95 -29.61 35.48 -13.49
N ALA A 96 -30.79 35.72 -14.06
CA ALA A 96 -31.74 34.65 -14.36
C ALA A 96 -31.30 33.84 -15.58
N ARG A 97 -32.05 32.79 -15.90
CA ARG A 97 -31.75 31.93 -17.03
C ARG A 97 -31.75 32.68 -18.37
N SER A 98 -32.68 33.60 -18.54
CA SER A 98 -32.79 34.37 -19.77
C SER A 98 -31.76 35.50 -19.88
N ARG A 99 -30.50 35.16 -19.63
CA ARG A 99 -29.37 36.10 -19.69
C ARG A 99 -28.09 35.37 -19.31
N GLY A 100 -28.09 34.77 -18.12
CA GLY A 100 -26.95 34.02 -17.62
C GLY A 100 -25.57 34.58 -17.88
N MET A 101 -24.61 33.67 -18.06
CA MET A 101 -23.20 33.99 -18.33
C MET A 101 -22.51 34.55 -17.08
N THR A 102 -21.18 34.55 -17.09
CA THR A 102 -20.37 35.03 -15.98
C THR A 102 -20.76 36.43 -15.50
N PRO A 103 -21.41 36.53 -14.34
CA PRO A 103 -21.84 37.80 -13.75
C PRO A 103 -20.71 38.59 -13.09
N THR A 104 -20.94 39.89 -12.91
CA THR A 104 -19.97 40.77 -12.27
C THR A 104 -20.72 41.99 -11.73
N ILE A 105 -20.87 42.04 -10.41
CA ILE A 105 -21.58 43.14 -9.75
C ILE A 105 -20.70 44.38 -9.64
N ALA A 106 -21.31 45.55 -9.80
CA ALA A 106 -20.57 46.81 -9.71
C ALA A 106 -21.34 47.85 -8.90
N LEU A 107 -20.97 48.02 -7.64
CA LEU A 107 -21.63 48.98 -6.76
C LEU A 107 -21.07 50.39 -6.92
N LEU A 108 -21.86 51.26 -7.53
CA LEU A 108 -21.47 52.65 -7.75
C LEU A 108 -22.21 53.58 -6.78
N THR A 109 -22.61 53.03 -5.64
CA THR A 109 -23.35 53.77 -4.62
C THR A 109 -22.62 55.01 -4.10
N ASP A 110 -23.27 56.16 -4.19
CA ASP A 110 -22.69 57.42 -3.72
C ASP A 110 -22.80 57.50 -2.20
N GLY A 111 -21.66 57.50 -1.53
CA GLY A 111 -21.65 57.56 -0.08
C GLY A 111 -22.14 56.29 0.58
N ARG A 112 -22.64 56.43 1.81
CA ARG A 112 -23.15 55.30 2.57
C ARG A 112 -24.56 54.89 2.16
N GLY A 113 -25.13 54.04 3.00
CA GLY A 113 -26.48 53.55 2.81
C GLY A 113 -27.10 53.51 4.20
N ASN A 114 -28.43 53.55 4.27
CA ASN A 114 -29.12 53.52 5.56
C ASN A 114 -29.35 52.09 6.01
N ILE A 115 -29.85 51.26 5.12
CA ILE A 115 -30.11 49.86 5.43
C ILE A 115 -28.79 49.09 5.48
N ALA A 116 -28.55 48.41 6.60
CA ALA A 116 -27.33 47.64 6.80
C ALA A 116 -27.18 46.51 5.79
N LEU A 117 -25.94 46.13 5.52
CA LEU A 117 -25.64 45.07 4.57
C LEU A 117 -25.83 43.70 5.22
N ASP A 118 -24.92 43.38 6.15
CA ASP A 118 -24.95 42.12 6.91
C ASP A 118 -25.32 40.89 6.08
N GLY A 119 -26.61 40.56 6.06
CA GLY A 119 -27.08 39.40 5.32
C GLY A 119 -26.70 39.43 3.86
N THR A 120 -26.95 40.56 3.20
CA THR A 120 -26.64 40.73 1.79
C THR A 120 -25.16 40.45 1.49
N ALA A 121 -24.28 40.90 2.38
CA ALA A 121 -22.84 40.71 2.22
C ALA A 121 -22.51 39.23 2.05
N ASN A 122 -23.21 38.38 2.79
CA ASN A 122 -22.99 36.94 2.71
C ASN A 122 -23.66 36.36 1.47
N ARG A 123 -24.78 36.96 1.07
CA ARG A 123 -25.53 36.52 -0.09
C ARG A 123 -24.79 36.82 -1.40
N GLU A 124 -23.85 37.76 -1.36
CA GLU A 124 -23.06 38.15 -2.52
C GLU A 124 -22.54 36.96 -3.31
N LEU A 125 -22.10 35.92 -2.60
CA LEU A 125 -21.56 34.71 -3.20
C LEU A 125 -22.41 34.12 -4.34
N ALA A 126 -23.68 34.47 -4.39
CA ALA A 126 -24.58 33.99 -5.44
C ALA A 126 -24.26 34.63 -6.79
N GLY A 127 -23.87 35.90 -6.75
CA GLY A 127 -23.54 36.62 -7.96
C GLY A 127 -22.04 36.77 -8.17
N GLU A 128 -21.31 36.91 -7.08
CA GLU A 128 -19.86 37.05 -7.10
C GLU A 128 -19.34 38.33 -7.75
N GLN A 129 -18.05 38.58 -7.54
CA GLN A 129 -17.34 39.73 -8.08
C GLN A 129 -17.99 41.09 -7.84
N ALA A 130 -18.44 41.33 -6.61
CA ALA A 130 -19.06 42.60 -6.28
C ALA A 130 -18.00 43.67 -6.09
N THR A 131 -17.79 44.48 -7.13
CA THR A 131 -16.81 45.55 -7.08
C THR A 131 -17.41 46.74 -6.34
N LYS A 132 -16.56 47.55 -5.71
CA LYS A 132 -17.02 48.69 -4.96
C LYS A 132 -16.28 49.97 -5.32
N VAL A 133 -16.99 50.89 -5.97
CA VAL A 133 -16.40 52.16 -6.35
C VAL A 133 -16.72 53.12 -5.21
N ALA A 134 -15.68 53.53 -4.49
CA ALA A 134 -15.84 54.44 -3.36
C ALA A 134 -16.28 55.83 -3.80
N ARG A 135 -17.57 55.95 -4.13
CA ARG A 135 -18.15 57.21 -4.56
C ARG A 135 -18.13 58.21 -3.40
N ALA A 136 -16.96 58.80 -3.17
CA ALA A 136 -16.80 59.78 -2.10
C ALA A 136 -16.90 61.18 -2.68
N ILE A 137 -17.80 61.34 -3.65
CA ILE A 137 -18.01 62.63 -4.31
C ILE A 137 -18.37 63.71 -3.30
N ARG A 138 -19.54 63.58 -2.68
CA ARG A 138 -19.99 64.54 -1.70
C ARG A 138 -19.07 64.49 -0.48
N ALA A 139 -18.52 63.31 -0.20
CA ALA A 139 -17.62 63.11 0.93
C ALA A 139 -16.35 63.92 0.84
N SER A 140 -15.93 64.28 -0.37
CA SER A 140 -14.71 65.08 -0.54
C SER A 140 -14.86 66.50 0.01
N GLY A 141 -16.10 66.86 0.38
CA GLY A 141 -16.34 68.18 0.92
C GLY A 141 -16.20 68.27 2.43
N MET A 142 -16.10 67.11 3.10
CA MET A 142 -15.96 67.07 4.55
C MET A 142 -15.37 65.75 5.01
N PRO A 143 -14.66 65.74 6.14
CA PRO A 143 -14.04 64.51 6.67
C PRO A 143 -15.07 63.38 6.84
N ALA A 144 -15.19 62.56 5.81
CA ALA A 144 -16.13 61.44 5.81
C ALA A 144 -15.84 60.44 6.93
N VAL A 145 -14.66 59.83 6.91
CA VAL A 145 -14.24 58.85 7.91
C VAL A 145 -15.18 57.65 8.01
N ILE A 146 -16.34 57.85 8.63
CA ILE A 146 -17.33 56.79 8.82
C ILE A 146 -17.77 56.27 7.44
N ILE A 147 -17.98 57.19 6.51
CA ILE A 147 -18.41 56.83 5.16
C ILE A 147 -17.43 55.84 4.54
N ASP A 148 -16.15 56.20 4.56
CA ASP A 148 -15.09 55.36 4.00
C ASP A 148 -15.14 53.98 4.65
N THR A 149 -15.35 53.96 5.96
CA THR A 149 -15.40 52.72 6.73
C THR A 149 -16.60 51.85 6.34
N ALA A 150 -17.69 52.49 5.90
CA ALA A 150 -18.89 51.77 5.49
C ALA A 150 -18.75 51.31 4.05
N MET A 151 -17.93 52.01 3.28
CA MET A 151 -17.71 51.69 1.88
C MET A 151 -16.76 50.50 1.68
N ARG A 152 -15.76 50.40 2.54
CA ARG A 152 -14.77 49.33 2.45
C ARG A 152 -15.31 47.90 2.50
N PRO A 153 -15.97 47.48 3.60
CA PRO A 153 -16.50 46.12 3.69
C PRO A 153 -17.73 45.89 2.79
N ASN A 154 -17.50 45.84 1.49
CA ASN A 154 -18.58 45.63 0.52
C ASN A 154 -18.30 44.47 -0.43
N PRO A 155 -17.10 44.41 -1.03
CA PRO A 155 -16.77 43.32 -1.95
C PRO A 155 -16.63 41.95 -1.27
N ALA A 156 -16.33 40.94 -2.07
CA ALA A 156 -16.14 39.58 -1.57
C ALA A 156 -14.68 39.44 -1.14
N LEU A 157 -14.20 38.20 -1.11
CA LEU A 157 -12.81 37.93 -0.71
C LEU A 157 -11.84 38.81 -1.50
N VAL A 158 -10.95 39.48 -0.79
CA VAL A 158 -9.95 40.38 -1.38
C VAL A 158 -10.63 41.64 -1.92
N ASP A 159 -10.86 42.59 -1.02
CA ASP A 159 -11.50 43.86 -1.35
C ASP A 159 -10.60 44.70 -2.24
N LEU A 160 -9.32 44.78 -1.89
CA LEU A 160 -8.32 45.56 -2.62
C LEU A 160 -8.37 45.46 -4.13
N ALA A 161 -8.68 44.28 -4.66
CA ALA A 161 -8.73 44.07 -6.09
C ALA A 161 -10.09 44.43 -6.69
N ARG A 162 -10.92 45.13 -5.92
CA ARG A 162 -12.25 45.53 -6.37
C ARG A 162 -12.67 46.90 -5.85
N THR A 163 -11.92 47.42 -4.88
CA THR A 163 -12.21 48.72 -4.30
C THR A 163 -11.41 49.83 -4.97
N MET A 164 -12.11 50.71 -5.69
CA MET A 164 -11.48 51.81 -6.38
C MET A 164 -12.01 53.14 -5.83
N ASP A 165 -11.10 54.08 -5.58
CA ASP A 165 -11.49 55.38 -5.05
C ASP A 165 -12.23 56.21 -6.08
N ALA A 166 -13.00 57.18 -5.60
CA ALA A 166 -13.77 58.07 -6.45
C ALA A 166 -14.14 59.33 -5.67
N HIS A 167 -13.11 60.06 -5.22
CA HIS A 167 -13.33 61.30 -4.47
C HIS A 167 -14.10 62.29 -5.34
N TYR A 168 -13.65 62.44 -6.58
CA TYR A 168 -14.31 63.33 -7.53
C TYR A 168 -14.58 62.47 -8.76
N ILE A 169 -15.73 62.68 -9.39
CA ILE A 169 -16.12 61.90 -10.56
C ILE A 169 -15.09 61.89 -11.69
N ALA A 170 -14.16 62.84 -11.67
CA ALA A 170 -13.13 62.93 -12.70
C ALA A 170 -12.16 61.76 -12.63
N LEU A 171 -11.87 61.30 -11.41
CA LEU A 171 -10.94 60.20 -11.20
C LEU A 171 -11.34 58.87 -11.85
N PRO A 172 -12.58 58.40 -11.64
CA PRO A 172 -13.07 57.14 -12.22
C PRO A 172 -12.72 56.89 -13.69
N ARG A 173 -12.58 57.95 -14.48
CA ARG A 173 -12.26 57.79 -15.90
C ARG A 173 -10.89 57.11 -16.09
N ALA A 174 -9.94 57.44 -15.22
CA ALA A 174 -8.61 56.86 -15.29
C ALA A 174 -8.62 55.42 -14.76
N THR A 175 -9.49 55.15 -13.80
CA THR A 175 -9.60 53.82 -13.23
C THR A 175 -10.48 52.91 -14.09
N ALA A 176 -11.28 53.52 -14.95
CA ALA A 176 -12.19 52.80 -15.85
C ALA A 176 -11.50 51.63 -16.55
N HIS A 177 -10.46 51.93 -17.31
CA HIS A 177 -9.72 50.90 -18.03
C HIS A 177 -9.18 49.85 -17.07
N LYS A 178 -8.55 50.31 -15.99
CA LYS A 178 -7.96 49.44 -14.99
C LYS A 178 -8.98 48.41 -14.47
N MET A 179 -10.21 48.84 -14.27
CA MET A 179 -11.27 47.97 -13.78
C MET A 179 -11.69 46.96 -14.85
N ALA A 180 -12.00 47.46 -16.03
CA ALA A 180 -12.44 46.63 -17.15
C ALA A 180 -11.49 45.48 -17.46
N ASP A 181 -10.22 45.80 -17.70
CA ASP A 181 -9.22 44.79 -18.01
C ASP A 181 -9.13 43.70 -16.94
N VAL A 182 -9.04 44.12 -15.68
CA VAL A 182 -8.94 43.18 -14.56
C VAL A 182 -10.18 42.30 -14.46
N LEU A 183 -11.36 42.89 -14.52
CA LEU A 183 -12.62 42.15 -14.44
C LEU A 183 -12.73 41.08 -15.52
N GLY A 184 -12.24 41.41 -16.72
CA GLY A 184 -12.28 40.46 -17.81
C GLY A 184 -11.35 39.30 -17.54
N ALA A 185 -10.16 39.61 -17.04
CA ALA A 185 -9.15 38.60 -16.74
C ALA A 185 -9.42 37.89 -15.41
N ALA A 186 -10.39 38.39 -14.65
CA ALA A 186 -10.75 37.81 -13.36
C ALA A 186 -11.19 36.35 -13.53
N LEU A 187 -10.39 35.44 -12.99
CA LEU A 187 -10.67 34.01 -13.06
C LEU A 187 -10.47 33.40 -11.68
N GLU A 188 -11.56 33.30 -10.93
CA GLU A 188 -11.52 32.73 -9.58
C GLU A 188 -12.45 31.53 -9.46
N ALA A 189 -13.67 31.69 -9.99
CA ALA A 189 -14.68 30.63 -9.94
C ALA A 189 -15.62 30.76 -11.13
N LYS B 1 -31.40 33.10 -49.36
CA LYS B 1 -31.72 32.21 -48.21
C LYS B 1 -32.34 33.06 -47.11
N GLU B 2 -33.09 32.41 -46.21
CA GLU B 2 -33.76 33.10 -45.11
C GLU B 2 -32.80 33.51 -43.98
N MET B 3 -33.31 34.38 -43.10
CA MET B 3 -32.54 34.88 -41.97
C MET B 3 -32.62 33.89 -40.80
N SER B 4 -32.06 34.30 -39.66
CA SER B 4 -32.05 33.47 -38.45
C SER B 4 -31.18 32.23 -38.61
N ASP B 5 -31.69 31.26 -39.38
CA ASP B 5 -30.98 30.01 -39.62
C ASP B 5 -29.61 30.25 -40.25
N ARG B 6 -28.57 29.83 -39.54
CA ARG B 6 -27.19 29.98 -40.00
C ARG B 6 -26.35 28.80 -39.53
N VAL B 7 -25.53 28.28 -40.44
CA VAL B 7 -24.66 27.15 -40.14
C VAL B 7 -23.22 27.66 -40.18
N LEU B 8 -22.80 28.27 -39.08
CA LEU B 8 -21.45 28.81 -38.99
C LEU B 8 -20.42 27.71 -38.79
N ILE B 9 -20.03 27.07 -39.89
CA ILE B 9 -19.04 26.02 -39.83
C ILE B 9 -17.63 26.60 -39.74
N PHE B 10 -17.22 26.90 -38.51
CA PHE B 10 -15.91 27.47 -38.25
C PHE B 10 -14.79 26.45 -38.31
N ALA B 11 -13.97 26.57 -39.35
CA ALA B 11 -12.83 25.68 -39.55
C ALA B 11 -11.76 26.06 -38.52
N VAL B 12 -11.93 25.55 -37.30
CA VAL B 12 -11.01 25.84 -36.21
C VAL B 12 -9.63 25.24 -36.46
N ASP B 13 -8.80 26.01 -37.16
CA ASP B 13 -7.44 25.60 -37.47
C ASP B 13 -6.65 25.59 -36.16
N ALA B 14 -6.37 24.39 -35.65
CA ALA B 14 -5.65 24.24 -34.40
C ALA B 14 -4.21 23.76 -34.60
N SER B 15 -3.37 24.64 -35.12
CA SER B 15 -1.97 24.30 -35.36
C SER B 15 -1.23 24.10 -34.03
N GLY B 16 -0.43 23.05 -33.96
CA GLY B 16 0.32 22.78 -32.74
C GLY B 16 1.32 23.89 -32.48
N SER B 17 2.19 24.12 -33.46
CA SER B 17 3.20 25.17 -33.35
C SER B 17 2.57 26.52 -33.70
N ALA B 18 1.73 27.02 -32.80
CA ALA B 18 1.06 28.30 -33.00
C ALA B 18 1.05 29.11 -31.72
N ALA B 19 1.37 30.40 -31.83
CA ALA B 19 1.42 31.29 -30.69
C ALA B 19 0.05 31.54 -30.05
N VAL B 20 -0.03 31.24 -28.76
CA VAL B 20 -1.24 31.42 -27.95
C VAL B 20 -2.51 30.79 -28.55
N ALA B 21 -2.55 29.58 -28.69
N LEU B 23 -2.54 29.47 -28.61
CA LEU B 23 -3.68 28.74 -29.16
C LEU B 23 -5.00 29.04 -28.46
N SER B 24 -4.97 29.16 -27.14
CA SER B 24 -6.18 29.42 -26.36
C SER B 24 -6.96 30.66 -26.80
N GLU B 25 -6.25 31.70 -27.25
CA GLU B 25 -6.91 32.92 -27.70
C GLU B 25 -7.85 32.65 -28.86
N ALA B 26 -7.49 31.69 -29.72
CA ALA B 26 -8.32 31.32 -30.86
C ALA B 26 -9.67 30.85 -30.32
N LYS B 27 -9.63 30.06 -29.26
CA LYS B 27 -10.84 29.56 -28.62
C LYS B 27 -11.57 30.74 -28.00
N GLY B 28 -10.80 31.64 -27.40
CA GLY B 28 -11.38 32.83 -26.78
C GLY B 28 -12.12 33.68 -27.79
N ALA B 29 -11.66 33.66 -29.04
CA ALA B 29 -12.31 34.43 -30.10
C ALA B 29 -13.69 33.84 -30.34
N VAL B 30 -13.76 32.51 -30.41
CA VAL B 30 -15.02 31.81 -30.64
C VAL B 30 -15.96 32.13 -29.47
N GLU B 31 -15.39 32.21 -28.27
CA GLU B 31 -16.16 32.53 -27.07
C GLU B 31 -16.87 33.86 -27.29
N LEU B 32 -16.11 34.84 -27.76
CA LEU B 32 -16.64 36.18 -28.03
C LEU B 32 -17.57 36.25 -29.24
N LEU B 33 -17.56 35.21 -30.06
CA LEU B 33 -18.42 35.17 -31.25
C LEU B 33 -19.84 34.80 -30.84
N LEU B 34 -19.97 33.73 -30.05
CA LEU B 34 -21.27 33.25 -29.58
C LEU B 34 -22.09 34.34 -28.90
N GLY B 35 -21.46 35.10 -28.03
CA GLY B 35 -22.15 36.16 -27.31
C GLY B 35 -22.84 37.15 -28.23
N ARG B 36 -22.24 37.37 -29.40
CA ARG B 36 -22.79 38.29 -30.38
C ARG B 36 -23.87 37.58 -31.21
N ALA B 37 -23.64 36.30 -31.48
CA ALA B 37 -24.58 35.49 -32.26
C ALA B 37 -25.86 35.17 -31.49
N TYR B 38 -26.70 34.33 -32.07
CA TYR B 38 -27.96 33.94 -31.45
C TYR B 38 -28.15 32.43 -31.54
N ALA B 39 -27.89 31.75 -30.42
CA ALA B 39 -28.02 30.29 -30.34
C ALA B 39 -29.39 29.78 -30.75
N ALA B 40 -29.55 28.46 -30.75
CA ALA B 40 -30.78 27.77 -31.13
C ALA B 40 -30.95 27.79 -32.64
N ARG B 41 -31.04 29.00 -33.21
CA ARG B 41 -31.19 29.17 -34.65
C ARG B 41 -29.83 28.92 -35.29
N ASP B 42 -28.85 29.73 -34.91
CA ASP B 42 -27.49 29.59 -35.42
C ASP B 42 -26.81 28.41 -34.75
N HIS B 43 -25.90 27.78 -35.48
CA HIS B 43 -25.16 26.63 -34.96
C HIS B 43 -23.71 26.70 -35.44
N VAL B 44 -22.80 26.94 -34.50
CA VAL B 44 -21.38 27.02 -34.81
C VAL B 44 -20.73 25.65 -34.74
N SER B 45 -20.25 25.16 -35.87
CA SER B 45 -19.59 23.86 -35.93
C SER B 45 -18.11 24.04 -35.62
N LEU B 46 -17.65 23.37 -34.58
CA LEU B 46 -16.25 23.45 -34.17
C LEU B 46 -15.42 22.46 -34.98
N ILE B 47 -15.05 22.87 -36.19
CA ILE B 47 -14.27 22.02 -37.08
C ILE B 47 -12.78 22.14 -36.75
N THR B 48 -12.37 21.54 -35.63
CA THR B 48 -10.98 21.55 -35.22
C THR B 48 -10.17 20.68 -36.17
N PHE B 49 -9.47 21.31 -37.11
CA PHE B 49 -8.67 20.57 -38.08
C PHE B 49 -7.27 21.17 -38.21
N ARG B 50 -6.31 20.26 -38.39
CA ARG B 50 -4.88 20.55 -38.55
C ARG B 50 -4.16 19.29 -38.11
N GLY B 51 -4.75 18.63 -37.12
CA GLY B 51 -4.23 17.39 -36.58
C GLY B 51 -5.36 16.63 -35.90
N THR B 52 -6.58 16.99 -36.29
CA THR B 52 -7.80 16.38 -35.75
C THR B 52 -8.86 16.55 -36.83
N ALA B 53 -9.93 15.76 -36.75
CA ALA B 53 -11.00 15.83 -37.74
C ALA B 53 -12.29 16.37 -37.13
N ALA B 54 -12.30 17.68 -36.86
CA ALA B 54 -13.47 18.36 -36.29
C ALA B 54 -13.83 17.83 -34.90
N GLN B 55 -14.87 18.39 -34.31
CA GLN B 55 -15.34 17.99 -32.99
C GLN B 55 -16.87 18.11 -32.86
N VAL B 56 -17.34 19.32 -32.56
CA VAL B 56 -18.77 19.55 -32.39
C VAL B 56 -19.47 19.87 -33.70
N LEU B 57 -20.54 19.13 -33.98
CA LEU B 57 -21.33 19.31 -35.19
C LEU B 57 -22.48 20.28 -34.93
N LEU B 58 -23.20 20.62 -36.00
CA LEU B 58 -24.33 21.55 -35.93
C LEU B 58 -25.53 21.02 -35.15
N GLN B 59 -25.88 19.77 -35.41
CA GLN B 59 -27.04 19.13 -34.76
C GLN B 59 -26.94 18.97 -33.24
N PRO B 60 -25.80 18.45 -32.72
CA PRO B 60 -25.61 18.26 -31.27
C PRO B 60 -25.80 19.51 -30.42
N SER B 61 -24.97 20.53 -30.65
CA SER B 61 -25.06 21.76 -29.87
C SER B 61 -26.33 22.54 -30.21
N ARG B 62 -27.07 22.92 -29.17
CA ARG B 62 -28.32 23.65 -29.36
C ARG B 62 -28.24 25.07 -28.80
N SER B 63 -28.09 25.19 -27.48
CA SER B 63 -28.02 26.48 -26.82
C SER B 63 -26.61 27.01 -26.59
N LEU B 64 -26.53 28.26 -26.13
CA LEU B 64 -25.27 28.94 -25.84
C LEU B 64 -24.43 28.17 -24.82
N THR B 65 -24.99 27.97 -23.63
CA THR B 65 -24.31 27.27 -22.55
C THR B 65 -23.74 25.93 -23.01
N GLN B 66 -24.52 25.20 -23.79
CA GLN B 66 -24.08 23.90 -24.30
C GLN B 66 -22.81 24.03 -25.13
N THR B 67 -22.74 25.07 -25.94
CA THR B 67 -21.59 25.31 -26.80
C THR B 67 -20.38 25.83 -26.02
N LYS B 68 -20.61 26.83 -25.17
CA LYS B 68 -19.58 27.47 -24.36
C LYS B 68 -18.59 26.49 -23.73
N ARG B 69 -19.10 25.59 -22.90
CA ARG B 69 -18.27 24.59 -22.21
C ARG B 69 -17.34 23.89 -23.20
N GLN B 70 -17.88 23.54 -24.36
CA GLN B 70 -17.13 22.86 -25.40
C GLN B 70 -15.98 23.69 -25.94
N LEU B 71 -16.22 24.98 -26.13
CA LEU B 71 -15.19 25.90 -26.64
C LEU B 71 -13.98 25.85 -25.71
N GLN B 72 -14.24 25.98 -24.42
CA GLN B 72 -13.19 25.95 -23.41
C GLN B 72 -12.45 24.61 -23.45
N GLY B 73 -13.20 23.53 -23.61
CA GLY B 73 -12.60 22.21 -23.66
C GLY B 73 -11.88 21.83 -24.94
N LEU B 74 -12.15 22.56 -26.03
CA LEU B 74 -11.52 22.29 -27.32
C LEU B 74 -10.00 22.13 -27.25
N PRO B 75 -9.49 21.01 -27.79
CA PRO B 75 -8.05 20.69 -27.82
C PRO B 75 -7.32 21.47 -28.92
N GLY B 76 -6.14 20.99 -29.30
CA GLY B 76 -5.38 21.64 -30.34
C GLY B 76 -4.15 20.82 -30.71
N GLY B 77 -3.81 20.80 -32.00
CA GLY B 77 -2.66 20.06 -32.45
C GLY B 77 -2.66 19.88 -33.96
N GLY B 78 -1.48 19.97 -34.57
CA GLY B 78 -1.37 19.82 -36.00
C GLY B 78 -0.16 20.51 -36.58
N GLY B 79 0.03 20.39 -37.89
CA GLY B 79 1.18 21.01 -38.54
C GLY B 79 0.90 21.35 -39.99
N THR B 80 0.91 20.32 -40.85
CA THR B 80 0.67 20.50 -42.27
C THR B 80 -0.74 21.05 -42.54
N PRO B 81 -0.83 22.19 -43.24
CA PRO B 81 -2.11 22.83 -43.57
C PRO B 81 -2.81 22.24 -44.80
N LEU B 82 -3.97 21.64 -44.59
CA LEU B 82 -4.75 21.06 -45.68
C LEU B 82 -5.92 21.99 -46.02
N ALA B 83 -5.59 23.11 -46.66
CA ALA B 83 -6.59 24.11 -47.04
C ALA B 83 -7.76 23.52 -47.84
N SER B 84 -7.44 22.90 -48.97
CA SER B 84 -8.46 22.30 -49.82
C SER B 84 -9.19 21.15 -49.12
N GLY B 85 -8.46 20.43 -48.27
CA GLY B 85 -9.04 19.33 -47.54
C GLY B 85 -10.22 19.77 -46.69
N MET B 86 -10.13 20.97 -46.15
CA MET B 86 -11.18 21.54 -45.30
C MET B 86 -12.51 21.59 -46.04
N GLU B 87 -12.48 22.13 -47.26
CA GLU B 87 -13.66 22.27 -48.09
C GLU B 87 -14.48 20.98 -48.11
N MET B 88 -13.83 19.88 -48.50
CA MET B 88 -14.48 18.57 -48.55
C MET B 88 -15.13 18.22 -47.22
N ALA B 89 -14.36 18.35 -46.14
CA ALA B 89 -14.85 18.05 -44.80
C ALA B 89 -15.97 18.98 -44.35
N MET B 90 -16.08 20.13 -45.01
CA MET B 90 -17.10 21.12 -44.68
C MET B 90 -18.35 20.97 -45.54
N VAL B 91 -18.25 21.41 -46.79
CA VAL B 91 -19.36 21.37 -47.74
C VAL B 91 -20.01 19.99 -47.91
N THR B 92 -19.24 18.93 -47.74
CA THR B 92 -19.78 17.59 -47.91
C THR B 92 -20.38 17.00 -46.62
N ALA B 93 -19.57 16.86 -45.59
CA ALA B 93 -20.02 16.28 -44.33
C ALA B 93 -20.87 17.16 -43.42
N LYS B 94 -20.67 18.48 -43.48
CA LYS B 94 -21.43 19.38 -42.62
C LYS B 94 -22.87 19.63 -43.05
N GLN B 95 -23.05 20.25 -44.21
CA GLN B 95 -24.39 20.54 -44.71
C GLN B 95 -25.13 19.34 -45.31
N ALA B 96 -24.89 18.16 -44.75
CA ALA B 96 -25.52 16.94 -45.22
C ALA B 96 -26.98 16.89 -44.77
N ARG B 97 -27.76 15.99 -45.37
CA ARG B 97 -29.18 15.83 -45.05
C ARG B 97 -29.46 15.63 -43.56
N SER B 98 -28.44 15.26 -42.80
CA SER B 98 -28.59 15.03 -41.37
C SER B 98 -28.75 16.32 -40.56
N ARG B 99 -28.84 17.45 -41.26
CA ARG B 99 -29.00 18.76 -40.62
C ARG B 99 -29.30 19.86 -41.64
N GLY B 100 -28.47 19.94 -42.68
CA GLY B 100 -28.66 20.95 -43.71
C GLY B 100 -28.68 22.36 -43.17
N MET B 101 -29.76 23.08 -43.46
CA MET B 101 -29.95 24.47 -43.02
C MET B 101 -29.00 25.43 -43.72
N THR B 102 -29.33 26.71 -43.70
CA THR B 102 -28.52 27.76 -44.34
C THR B 102 -27.05 27.70 -43.92
N PRO B 103 -26.17 27.26 -44.82
CA PRO B 103 -24.73 27.15 -44.58
C PRO B 103 -23.97 28.47 -44.61
N THR B 104 -22.86 28.51 -43.86
CA THR B 104 -22.00 29.69 -43.80
C THR B 104 -20.59 29.21 -43.48
N ILE B 105 -19.75 29.14 -44.51
CA ILE B 105 -18.37 28.67 -44.37
C ILE B 105 -17.48 29.72 -43.71
N ALA B 106 -16.57 29.28 -42.86
CA ALA B 106 -15.64 30.18 -42.18
C ALA B 106 -14.27 29.55 -42.02
N LEU B 107 -13.32 29.94 -42.86
CA LEU B 107 -11.97 29.39 -42.82
C LEU B 107 -11.05 30.15 -41.86
N LEU B 108 -10.74 29.54 -40.73
CA LEU B 108 -9.86 30.13 -39.72
C LEU B 108 -8.45 29.58 -39.91
N THR B 109 -8.17 29.10 -41.11
CA THR B 109 -6.87 28.52 -41.44
C THR B 109 -5.69 29.45 -41.18
N ASP B 110 -4.62 28.92 -40.59
CA ASP B 110 -3.43 29.70 -40.30
C ASP B 110 -2.35 29.37 -41.33
N GLY B 111 -1.82 30.40 -41.97
CA GLY B 111 -0.78 30.20 -42.97
C GLY B 111 -1.33 29.74 -44.30
N ARG B 112 -0.43 29.27 -45.16
CA ARG B 112 -0.81 28.79 -46.50
C ARG B 112 -1.46 27.41 -46.41
N GLY B 113 -1.56 26.77 -47.56
CA GLY B 113 -2.13 25.44 -47.64
C GLY B 113 -1.18 24.64 -48.52
N ASN B 114 -0.73 23.49 -48.03
CA ASN B 114 0.19 22.65 -48.79
C ASN B 114 -0.50 22.06 -50.01
N ILE B 115 -1.76 21.66 -49.85
CA ILE B 115 -2.52 21.10 -50.95
C ILE B 115 -3.25 22.25 -51.65
N ALA B 116 -3.04 22.37 -52.95
CA ALA B 116 -3.66 23.43 -53.75
C ALA B 116 -5.19 23.42 -53.66
N LEU B 117 -5.78 24.60 -53.79
CA LEU B 117 -7.22 24.77 -53.72
C LEU B 117 -7.84 24.46 -55.09
N ASP B 118 -7.62 25.36 -56.03
CA ASP B 118 -8.12 25.24 -57.40
C ASP B 118 -9.55 24.71 -57.52
N GLY B 119 -9.68 23.39 -57.59
CA GLY B 119 -10.99 22.77 -57.71
C GLY B 119 -11.95 23.16 -56.61
N THR B 120 -11.47 23.13 -55.37
CA THR B 120 -12.29 23.48 -54.21
C THR B 120 -12.81 24.91 -54.31
N ALA B 121 -11.97 25.81 -54.77
CA ALA B 121 -12.33 27.22 -54.93
C ALA B 121 -13.58 27.36 -55.79
N ASN B 122 -13.66 26.54 -56.84
CA ASN B 122 -14.82 26.56 -57.74
C ASN B 122 -16.01 25.87 -57.10
N ARG B 123 -15.74 24.87 -56.28
CA ARG B 123 -16.78 24.11 -55.60
C ARG B 123 -17.42 24.90 -54.45
N GLU B 124 -16.81 26.03 -54.09
CA GLU B 124 -17.30 26.89 -53.01
C GLU B 124 -18.81 27.13 -53.11
N LEU B 125 -19.28 27.42 -54.32
CA LEU B 125 -20.69 27.68 -54.59
C LEU B 125 -21.66 26.66 -53.99
N ALA B 126 -21.19 25.46 -53.70
CA ALA B 126 -22.02 24.42 -53.12
C ALA B 126 -22.39 24.74 -51.67
N GLY B 127 -21.48 25.42 -50.97
CA GLY B 127 -21.72 25.78 -49.58
C GLY B 127 -21.99 27.26 -49.41
N GLU B 128 -21.34 28.08 -50.24
CA GLU B 128 -21.48 29.53 -50.21
C GLU B 128 -20.93 30.22 -48.97
N GLN B 129 -20.73 31.53 -49.10
CA GLN B 129 -20.24 32.40 -48.04
C GLN B 129 -18.98 31.94 -47.33
N ALA B 130 -17.97 31.55 -48.11
CA ALA B 130 -16.70 31.12 -47.52
C ALA B 130 -15.88 32.31 -47.07
N THR B 131 -15.92 32.60 -45.77
CA THR B 131 -15.14 33.71 -45.22
C THR B 131 -13.70 33.26 -45.01
N LYS B 132 -12.76 34.20 -45.07
CA LYS B 132 -11.36 33.86 -44.91
C LYS B 132 -10.66 34.74 -43.87
N VAL B 133 -10.24 34.13 -42.78
CA VAL B 133 -9.53 34.85 -41.73
C VAL B 133 -8.05 34.70 -42.04
N ALA B 134 -7.45 35.78 -42.52
CA ALA B 134 -6.03 35.78 -42.87
C ALA B 134 -5.12 35.69 -41.65
N ARG B 135 -5.04 34.49 -41.07
CA ARG B 135 -4.20 34.28 -39.91
C ARG B 135 -2.74 34.12 -40.33
N ALA B 136 -1.85 34.76 -39.60
CA ALA B 136 -0.42 34.69 -39.86
C ALA B 136 0.28 34.47 -38.53
N ILE B 137 -0.36 33.66 -37.68
CA ILE B 137 0.15 33.35 -36.34
C ILE B 137 1.55 32.76 -36.42
N ARG B 138 1.75 31.85 -37.38
CA ARG B 138 3.06 31.24 -37.56
C ARG B 138 4.03 32.24 -38.16
N ALA B 139 3.52 33.14 -38.99
CA ALA B 139 4.34 34.16 -39.65
C ALA B 139 4.47 35.45 -38.85
N SER B 140 3.96 35.46 -37.62
CA SER B 140 4.03 36.65 -36.78
C SER B 140 5.45 37.15 -36.53
N GLY B 141 6.45 36.35 -36.90
CA GLY B 141 7.83 36.75 -36.69
C GLY B 141 8.64 36.86 -37.97
N MET B 142 7.96 36.87 -39.12
CA MET B 142 8.63 36.97 -40.41
C MET B 142 7.68 37.44 -41.51
N PRO B 143 8.17 38.26 -42.44
CA PRO B 143 7.36 38.77 -43.54
C PRO B 143 6.71 37.65 -44.36
N ALA B 144 5.42 37.43 -44.12
CA ALA B 144 4.67 36.39 -44.80
C ALA B 144 4.67 36.57 -46.32
N VAL B 145 4.14 37.71 -46.78
CA VAL B 145 4.08 38.06 -48.20
C VAL B 145 3.39 36.99 -49.06
N ILE B 146 4.10 35.90 -49.35
CA ILE B 146 3.56 34.82 -50.16
C ILE B 146 2.31 34.25 -49.49
N ILE B 147 2.37 34.12 -48.17
CA ILE B 147 1.25 33.60 -47.40
C ILE B 147 0.01 34.46 -47.64
N ASP B 148 0.17 35.78 -47.55
CA ASP B 148 -0.91 36.73 -47.76
C ASP B 148 -1.55 36.47 -49.12
N THR B 149 -0.72 36.28 -50.14
CA THR B 149 -1.19 36.03 -51.50
C THR B 149 -1.93 34.71 -51.61
N ALA B 150 -1.58 33.74 -50.77
CA ALA B 150 -2.25 32.44 -50.79
C ALA B 150 -3.55 32.50 -49.99
N MET B 151 -3.63 33.47 -49.08
CA MET B 151 -4.81 33.65 -48.25
C MET B 151 -5.91 34.45 -48.92
N ARG B 152 -5.53 35.44 -49.73
CA ARG B 152 -6.47 36.29 -50.42
C ARG B 152 -7.50 35.59 -51.32
N PRO B 153 -7.07 34.89 -52.39
CA PRO B 153 -8.01 34.20 -53.26
C PRO B 153 -8.64 32.95 -52.63
N ASN B 154 -9.52 33.17 -51.66
CA ASN B 154 -10.20 32.08 -50.96
C ASN B 154 -11.72 32.24 -50.94
N PRO B 155 -12.23 33.43 -50.57
CA PRO B 155 -13.68 33.65 -50.53
C PRO B 155 -14.34 33.65 -51.90
N ALA B 156 -15.66 33.80 -51.90
CA ALA B 156 -16.44 33.86 -53.14
C ALA B 156 -16.41 35.29 -53.65
N LEU B 157 -17.43 35.67 -54.43
CA LEU B 157 -17.51 37.02 -54.98
C LEU B 157 -17.36 38.06 -53.87
N VAL B 158 -16.47 39.03 -54.11
CA VAL B 158 -16.19 40.10 -53.15
C VAL B 158 -15.43 39.54 -51.94
N ASP B 159 -14.11 39.45 -52.09
CA ASP B 159 -13.23 38.95 -51.04
C ASP B 159 -13.23 39.86 -49.82
N LEU B 160 -13.01 41.14 -50.06
CA LEU B 160 -12.96 42.17 -49.01
C LEU B 160 -13.97 42.03 -47.87
N ALA B 161 -15.21 41.70 -48.21
CA ALA B 161 -16.26 41.56 -47.20
C ALA B 161 -16.19 40.23 -46.44
N ARG B 162 -15.10 39.50 -46.60
CA ARG B 162 -14.93 38.21 -45.93
C ARG B 162 -13.48 37.96 -45.51
N THR B 163 -12.54 38.69 -46.11
CA THR B 163 -11.13 38.53 -45.80
C THR B 163 -10.71 39.31 -44.55
N MET B 164 -11.08 38.78 -43.39
CA MET B 164 -10.75 39.41 -42.13
C MET B 164 -9.30 39.14 -41.75
N ASP B 165 -8.54 40.20 -41.52
CA ASP B 165 -7.13 40.07 -41.16
C ASP B 165 -6.97 39.46 -39.77
N ALA B 166 -5.83 38.81 -39.55
CA ALA B 166 -5.52 38.17 -38.29
C ALA B 166 -4.01 37.95 -38.18
N HIS B 167 -3.24 39.03 -38.24
CA HIS B 167 -1.79 38.95 -38.14
C HIS B 167 -1.38 38.20 -36.87
N TYR B 168 -2.23 38.29 -35.86
CA TYR B 168 -2.00 37.62 -34.58
C TYR B 168 -3.39 37.38 -33.99
N ILE B 169 -3.55 36.30 -33.23
CA ILE B 169 -4.85 35.96 -32.64
C ILE B 169 -5.45 37.07 -31.76
N ALA B 170 -4.61 37.99 -31.32
CA ALA B 170 -5.05 39.10 -30.48
C ALA B 170 -6.07 39.99 -31.20
N LEU B 171 -6.03 39.98 -32.54
CA LEU B 171 -6.94 40.79 -33.33
C LEU B 171 -8.36 40.20 -33.47
N PRO B 172 -8.48 38.93 -33.90
CA PRO B 172 -9.78 38.27 -34.07
C PRO B 172 -10.79 38.49 -32.94
N ARG B 173 -10.33 38.43 -31.69
CA ARG B 173 -11.23 38.62 -30.56
C ARG B 173 -11.97 39.95 -30.61
N ALA B 174 -11.29 40.99 -31.09
CA ALA B 174 -11.89 42.32 -31.20
C ALA B 174 -12.73 42.40 -32.47
N THR B 175 -12.14 41.99 -33.58
CA THR B 175 -12.83 42.02 -34.88
C THR B 175 -14.08 41.13 -34.90
N ALA B 176 -14.18 40.23 -33.92
CA ALA B 176 -15.31 39.30 -33.81
C ALA B 176 -16.65 40.00 -34.03
N HIS B 177 -16.73 41.27 -33.65
CA HIS B 177 -17.95 42.06 -33.82
C HIS B 177 -18.36 42.06 -35.29
N LYS B 178 -17.51 42.65 -36.13
CA LYS B 178 -17.78 42.74 -37.57
C LYS B 178 -17.93 41.36 -38.21
N MET B 179 -17.14 40.40 -37.73
CA MET B 179 -17.18 39.04 -38.25
C MET B 179 -18.59 38.47 -38.16
N ALA B 180 -19.16 38.50 -36.96
CA ALA B 180 -20.51 37.98 -36.73
C ALA B 180 -21.56 38.78 -37.49
N ASP B 181 -21.42 40.10 -37.51
CA ASP B 181 -22.37 40.97 -38.20
C ASP B 181 -22.53 40.54 -39.65
N VAL B 182 -21.42 40.42 -40.37
CA VAL B 182 -21.43 40.02 -41.76
C VAL B 182 -22.05 38.63 -41.94
N LEU B 183 -21.60 37.67 -41.15
CA LEU B 183 -22.09 36.30 -41.21
C LEU B 183 -23.61 36.22 -41.12
N GLY B 184 -24.19 37.02 -40.24
CA GLY B 184 -25.63 37.02 -40.08
C GLY B 184 -26.35 37.77 -41.19
N ALA B 185 -25.88 38.99 -41.45
CA ALA B 185 -26.48 39.85 -42.47
C ALA B 185 -26.28 39.36 -43.90
N ALA B 186 -25.46 38.32 -44.07
CA ALA B 186 -25.19 37.75 -45.38
C ALA B 186 -26.48 37.32 -46.07
N LEU B 187 -26.91 38.11 -47.05
CA LEU B 187 -28.13 37.84 -47.80
C LEU B 187 -27.93 38.14 -49.30
N GLU B 188 -27.16 37.28 -49.95
CA GLU B 188 -26.88 37.44 -51.37
C GLU B 188 -27.67 36.41 -52.19
N ALA B 189 -27.80 35.22 -51.62
CA ALA B 189 -28.53 34.12 -52.25
C ALA B 189 -29.10 33.21 -51.17
N LYS C 1 1.73 -18.75 -29.37
CA LYS C 1 0.63 -18.92 -30.35
C LYS C 1 0.01 -20.31 -30.19
N GLU C 2 -0.78 -20.73 -31.18
CA GLU C 2 -1.44 -22.03 -31.15
C GLU C 2 -0.46 -23.19 -30.99
N MET C 3 -0.84 -24.15 -30.16
CA MET C 3 0.00 -25.33 -29.91
C MET C 3 -0.30 -26.39 -30.95
N SER C 4 0.75 -26.91 -31.58
CA SER C 4 0.64 -27.93 -32.62
C SER C 4 0.16 -27.36 -33.95
N ASP C 5 -0.93 -26.58 -33.92
CA ASP C 5 -1.47 -25.95 -35.12
C ASP C 5 -0.41 -25.09 -35.80
N ARG C 6 -0.20 -25.30 -37.08
CA ARG C 6 0.78 -24.55 -37.87
C ARG C 6 0.25 -24.33 -39.29
N VAL C 7 1.02 -23.59 -40.09
CA VAL C 7 0.65 -23.31 -41.48
C VAL C 7 1.92 -23.29 -42.32
N LEU C 8 2.32 -24.47 -42.80
CA LEU C 8 3.51 -24.61 -43.62
C LEU C 8 3.37 -24.01 -45.01
N ILE C 9 3.64 -22.72 -45.13
CA ILE C 9 3.56 -22.05 -46.42
C ILE C 9 4.89 -22.25 -47.16
N PHE C 10 4.98 -23.39 -47.84
CA PHE C 10 6.19 -23.75 -48.58
C PHE C 10 6.41 -22.93 -49.84
N ALA C 11 7.45 -22.10 -49.81
CA ALA C 11 7.81 -21.27 -50.95
C ALA C 11 8.54 -22.20 -51.93
N VAL C 12 7.76 -22.98 -52.67
CA VAL C 12 8.31 -23.93 -53.64
C VAL C 12 9.07 -23.23 -54.77
N ASP C 13 10.36 -22.98 -54.52
CA ASP C 13 11.23 -22.35 -55.51
C ASP C 13 11.44 -23.34 -56.65
N ALA C 14 10.79 -23.10 -57.77
CA ALA C 14 10.90 -23.97 -58.94
C ALA C 14 11.84 -23.45 -60.02
N SER C 15 13.13 -23.44 -59.72
CA SER C 15 14.13 -22.98 -60.68
C SER C 15 14.25 -23.95 -61.86
N GLY C 16 14.08 -23.43 -63.07
CA GLY C 16 14.17 -24.26 -64.26
C GLY C 16 15.57 -24.80 -64.48
N SER C 17 16.55 -24.20 -63.80
CA SER C 17 17.94 -24.62 -63.92
C SER C 17 18.31 -25.74 -62.96
N ALA C 18 17.32 -26.28 -62.25
CA ALA C 18 17.55 -27.35 -61.29
C ALA C 18 17.68 -28.70 -61.99
N ALA C 19 18.71 -29.46 -61.60
CA ALA C 19 18.97 -30.76 -62.18
C ALA C 19 17.95 -31.80 -61.71
N VAL C 20 16.81 -31.84 -62.39
CA VAL C 20 15.72 -32.78 -62.10
C VAL C 20 15.05 -32.49 -60.74
N ALA C 21 14.03 -31.81 -60.75
N LEU C 23 13.93 -31.77 -60.81
CA LEU C 23 13.17 -31.41 -59.61
C LEU C 23 12.44 -32.58 -58.95
N SER C 24 12.46 -33.74 -59.59
CA SER C 24 11.81 -34.94 -59.07
C SER C 24 12.19 -35.24 -57.62
N GLU C 25 13.48 -35.16 -57.32
CA GLU C 25 13.98 -35.41 -55.98
C GLU C 25 13.32 -34.50 -54.95
N ALA C 26 13.25 -33.21 -55.27
CA ALA C 26 12.64 -32.22 -54.39
C ALA C 26 11.17 -32.57 -54.15
N LYS C 27 10.47 -32.90 -55.24
CA LYS C 27 9.06 -33.26 -55.16
C LYS C 27 8.88 -34.48 -54.26
N GLY C 28 9.82 -35.41 -54.35
CA GLY C 28 9.76 -36.61 -53.52
C GLY C 28 9.87 -36.25 -52.06
N ALA C 29 10.73 -35.27 -51.75
CA ALA C 29 10.92 -34.82 -50.38
C ALA C 29 9.61 -34.25 -49.84
N VAL C 30 8.90 -33.51 -50.69
CA VAL C 30 7.62 -32.92 -50.31
C VAL C 30 6.64 -34.03 -49.97
N GLU C 31 6.65 -35.10 -50.77
CA GLU C 31 5.77 -36.24 -50.54
C GLU C 31 6.03 -36.86 -49.17
N LEU C 32 7.28 -36.83 -48.73
CA LEU C 32 7.69 -37.36 -47.44
C LEU C 32 7.27 -36.42 -46.30
N LEU C 33 7.29 -35.12 -46.58
CA LEU C 33 6.92 -34.12 -45.59
C LEU C 33 5.58 -34.41 -44.94
N LEU C 34 4.55 -34.62 -45.76
CA LEU C 34 3.22 -34.91 -45.26
C LEU C 34 3.13 -36.22 -44.48
N GLY C 35 4.13 -37.08 -44.68
CA GLY C 35 4.15 -38.36 -43.98
C GLY C 35 4.57 -38.19 -42.53
N ARG C 36 5.37 -37.16 -42.27
CA ARG C 36 5.84 -36.89 -40.91
C ARG C 36 5.02 -35.77 -40.26
N ALA C 37 4.79 -34.71 -41.02
CA ALA C 37 4.02 -33.57 -40.54
C ALA C 37 2.55 -33.94 -40.48
N TYR C 38 2.01 -34.00 -39.26
CA TYR C 38 0.61 -34.34 -39.05
C TYR C 38 -0.30 -33.29 -39.68
N ALA C 39 -0.64 -33.51 -40.94
CA ALA C 39 -1.49 -32.60 -41.71
C ALA C 39 -2.87 -32.35 -41.09
N ALA C 40 -3.77 -31.79 -41.89
CA ALA C 40 -5.13 -31.44 -41.51
C ALA C 40 -5.14 -30.13 -40.75
N ARG C 41 -4.48 -30.10 -39.60
CA ARG C 41 -4.39 -28.89 -38.79
C ARG C 41 -3.55 -27.88 -39.56
N ASP C 42 -2.45 -28.36 -40.13
CA ASP C 42 -1.55 -27.52 -40.90
C ASP C 42 -2.14 -27.29 -42.28
N HIS C 43 -1.83 -26.13 -42.87
CA HIS C 43 -2.32 -25.78 -44.19
C HIS C 43 -1.15 -25.53 -45.13
N VAL C 44 -0.65 -26.62 -45.72
CA VAL C 44 0.47 -26.56 -46.65
C VAL C 44 0.12 -25.79 -47.92
N SER C 45 0.56 -24.54 -47.98
CA SER C 45 0.31 -23.71 -49.15
C SER C 45 1.47 -23.88 -50.11
N LEU C 46 1.18 -24.42 -51.29
CA LEU C 46 2.18 -24.65 -52.31
C LEU C 46 2.47 -23.36 -53.08
N ILE C 47 3.33 -22.54 -52.51
CA ILE C 47 3.70 -21.27 -53.12
C ILE C 47 4.83 -21.47 -54.13
N THR C 48 4.48 -22.02 -55.29
CA THR C 48 5.44 -22.27 -56.35
C THR C 48 5.87 -20.93 -56.95
N PHE C 49 7.12 -20.54 -56.72
CA PHE C 49 7.63 -19.29 -57.24
C PHE C 49 9.04 -19.43 -57.78
N ARG C 50 9.41 -18.49 -58.65
CA ARG C 50 10.70 -18.37 -59.33
C ARG C 50 10.36 -17.93 -60.76
N GLY C 51 9.11 -18.22 -61.13
CA GLY C 51 8.58 -17.87 -62.43
C GLY C 51 7.07 -17.87 -62.28
N THR C 52 6.54 -18.98 -61.79
CA THR C 52 5.10 -19.11 -61.55
C THR C 52 4.80 -18.36 -60.25
N ALA C 53 3.53 -18.02 -60.03
CA ALA C 53 3.12 -17.30 -58.83
C ALA C 53 2.14 -18.11 -57.99
N ALA C 54 2.67 -18.94 -57.09
CA ALA C 54 1.88 -19.78 -56.21
C ALA C 54 0.97 -20.77 -56.93
N GLN C 55 0.30 -21.62 -56.16
CA GLN C 55 -0.61 -22.62 -56.71
C GLN C 55 -1.74 -22.95 -55.74
N VAL C 56 -1.48 -23.84 -54.79
CA VAL C 56 -2.49 -24.25 -53.81
C VAL C 56 -2.51 -23.33 -52.60
N LEU C 57 -3.71 -22.87 -52.25
CA LEU C 57 -3.91 -21.98 -51.11
C LEU C 57 -4.08 -22.78 -49.81
N LEU C 58 -4.23 -22.05 -48.71
CA LEU C 58 -4.37 -22.64 -47.38
C LEU C 58 -5.63 -23.49 -47.16
N GLN C 59 -6.76 -23.01 -47.65
CA GLN C 59 -8.03 -23.72 -47.47
C GLN C 59 -8.34 -24.90 -48.42
N PRO C 60 -8.05 -24.75 -49.73
CA PRO C 60 -8.31 -25.79 -50.72
C PRO C 60 -7.91 -27.22 -50.32
N SER C 61 -6.84 -27.35 -49.56
CA SER C 61 -6.37 -28.66 -49.12
C SER C 61 -7.40 -29.27 -48.16
N ARG C 62 -8.41 -29.92 -48.72
CA ARG C 62 -9.46 -30.54 -47.92
C ARG C 62 -9.10 -31.94 -47.43
N SER C 63 -8.48 -32.73 -48.29
CA SER C 63 -8.11 -34.10 -47.94
C SER C 63 -6.65 -34.40 -48.28
N LEU C 64 -5.97 -35.08 -47.36
CA LEU C 64 -4.56 -35.45 -47.51
C LEU C 64 -4.26 -36.12 -48.84
N THR C 65 -5.04 -37.13 -49.19
CA THR C 65 -4.85 -37.86 -50.44
C THR C 65 -4.82 -36.91 -51.63
N GLN C 66 -5.70 -35.92 -51.62
CA GLN C 66 -5.76 -34.95 -52.71
C GLN C 66 -4.59 -34.00 -52.66
N THR C 67 -4.15 -33.64 -51.46
CA THR C 67 -3.02 -32.75 -51.27
C THR C 67 -1.79 -33.35 -51.95
N LYS C 68 -1.61 -34.65 -51.77
CA LYS C 68 -0.49 -35.36 -52.37
C LYS C 68 -0.54 -35.29 -53.89
N ARG C 69 -1.73 -35.43 -54.46
CA ARG C 69 -1.90 -35.38 -55.91
C ARG C 69 -1.38 -34.04 -56.42
N GLN C 70 -1.60 -32.98 -55.64
CA GLN C 70 -1.15 -31.65 -56.00
C GLN C 70 0.37 -31.58 -56.00
N LEU C 71 0.99 -32.10 -54.94
CA LEU C 71 2.45 -32.11 -54.81
C LEU C 71 3.09 -32.74 -56.04
N GLN C 72 2.56 -33.91 -56.42
CA GLN C 72 3.07 -34.64 -57.57
C GLN C 72 2.80 -33.86 -58.86
N GLY C 73 1.60 -33.31 -58.98
CA GLY C 73 1.23 -32.55 -60.16
C GLY C 73 1.96 -31.23 -60.35
N LEU C 74 2.52 -30.69 -59.26
CA LEU C 74 3.24 -29.43 -59.31
C LEU C 74 4.31 -29.39 -60.41
N PRO C 75 4.21 -28.40 -61.32
CA PRO C 75 5.15 -28.23 -62.43
C PRO C 75 6.46 -27.59 -61.95
N GLY C 76 7.16 -26.94 -62.87
CA GLY C 76 8.42 -26.29 -62.53
C GLY C 76 8.87 -25.36 -63.62
N GLY C 77 9.27 -24.14 -63.26
CA GLY C 77 9.71 -23.18 -64.24
C GLY C 77 9.96 -21.81 -63.63
N GLY C 78 11.16 -21.29 -63.84
CA GLY C 78 11.51 -19.99 -63.31
C GLY C 78 13.00 -19.72 -63.34
N GLY C 79 13.38 -18.52 -62.92
CA GLY C 79 14.79 -18.16 -62.91
C GLY C 79 15.10 -16.99 -61.98
N THR C 80 14.35 -15.91 -62.11
CA THR C 80 14.55 -14.72 -61.29
C THR C 80 14.11 -14.92 -59.84
N PRO C 81 15.05 -14.74 -58.89
CA PRO C 81 14.78 -14.91 -57.45
C PRO C 81 14.31 -13.63 -56.76
N LEU C 82 13.00 -13.43 -56.68
CA LEU C 82 12.44 -12.25 -56.01
C LEU C 82 12.37 -12.50 -54.52
N ALA C 83 13.52 -12.38 -53.84
CA ALA C 83 13.62 -12.60 -52.41
C ALA C 83 12.54 -11.87 -51.60
N SER C 84 12.65 -10.55 -51.52
CA SER C 84 11.68 -9.74 -50.78
C SER C 84 10.28 -9.87 -51.37
N GLY C 85 10.21 -10.04 -52.69
CA GLY C 85 8.93 -10.20 -53.36
C GLY C 85 8.15 -11.35 -52.80
N MET C 86 8.86 -12.43 -52.43
CA MET C 86 8.24 -13.61 -51.86
C MET C 86 7.46 -13.27 -50.59
N GLU C 87 8.10 -12.56 -49.67
CA GLU C 87 7.50 -12.16 -48.40
C GLU C 87 6.12 -11.54 -48.65
N MET C 88 6.08 -10.52 -49.50
CA MET C 88 4.84 -9.84 -49.83
C MET C 88 3.78 -10.81 -50.35
N ALA C 89 4.16 -11.64 -51.31
CA ALA C 89 3.25 -12.62 -51.89
C ALA C 89 2.87 -13.70 -50.89
N MET C 90 3.72 -13.90 -49.88
CA MET C 90 3.47 -14.90 -48.86
C MET C 90 2.63 -14.32 -47.72
N VAL C 91 3.30 -13.80 -46.70
CA VAL C 91 2.67 -13.23 -45.50
C VAL C 91 1.33 -12.53 -45.74
N THR C 92 1.37 -11.45 -46.53
CA THR C 92 0.18 -10.66 -46.83
C THR C 92 -1.04 -11.50 -47.23
N ALA C 93 -0.87 -12.35 -48.24
CA ALA C 93 -1.95 -13.19 -48.73
C ALA C 93 -2.18 -14.48 -47.94
N LYS C 94 -1.34 -14.74 -46.95
CA LYS C 94 -1.48 -15.96 -46.17
C LYS C 94 -2.16 -15.76 -44.81
N GLN C 95 -1.86 -14.66 -44.13
CA GLN C 95 -2.46 -14.39 -42.83
C GLN C 95 -3.83 -13.72 -42.92
N ALA C 96 -4.59 -14.05 -43.96
CA ALA C 96 -5.91 -13.49 -44.15
C ALA C 96 -6.92 -14.20 -43.25
N ARG C 97 -8.02 -13.53 -42.93
CA ARG C 97 -9.05 -14.10 -42.07
C ARG C 97 -9.64 -15.40 -42.61
N SER C 98 -9.67 -15.55 -43.93
CA SER C 98 -10.23 -16.74 -44.55
C SER C 98 -9.24 -17.92 -44.53
N ARG C 99 -8.56 -18.10 -43.40
CA ARG C 99 -7.58 -19.16 -43.19
C ARG C 99 -6.97 -19.02 -41.81
N GLY C 100 -6.40 -17.84 -41.53
CA GLY C 100 -5.79 -17.58 -40.24
C GLY C 100 -4.77 -18.60 -39.78
N MET C 101 -4.78 -18.87 -38.47
CA MET C 101 -3.88 -19.82 -37.82
C MET C 101 -2.42 -19.38 -37.81
N THR C 102 -1.63 -20.02 -36.96
CA THR C 102 -0.21 -19.71 -36.81
C THR C 102 0.57 -20.12 -38.06
N PRO C 103 1.09 -19.15 -38.82
CA PRO C 103 1.86 -19.41 -40.04
C PRO C 103 3.26 -19.97 -39.78
N THR C 104 3.82 -20.59 -40.81
CA THR C 104 5.16 -21.17 -40.74
C THR C 104 5.81 -20.91 -42.10
N ILE C 105 6.52 -19.80 -42.21
CA ILE C 105 7.17 -19.41 -43.45
C ILE C 105 8.33 -20.37 -43.77
N ALA C 106 8.32 -20.92 -44.99
CA ALA C 106 9.37 -21.85 -45.40
C ALA C 106 9.98 -21.43 -46.74
N LEU C 107 11.12 -20.75 -46.67
CA LEU C 107 11.80 -20.30 -47.88
C LEU C 107 12.67 -21.39 -48.51
N LEU C 108 12.12 -22.05 -49.53
CA LEU C 108 12.84 -23.12 -50.23
C LEU C 108 13.62 -22.52 -51.40
N THR C 109 13.92 -21.23 -51.31
CA THR C 109 14.65 -20.50 -52.35
C THR C 109 16.01 -21.09 -52.69
N ASP C 110 16.31 -21.18 -53.99
CA ASP C 110 17.58 -21.72 -54.45
C ASP C 110 18.52 -20.58 -54.80
N GLY C 111 19.71 -20.58 -54.19
CA GLY C 111 20.68 -19.55 -54.44
C GLY C 111 20.34 -18.23 -53.77
N ARG C 112 20.98 -17.16 -54.24
CA ARG C 112 20.75 -15.83 -53.68
C ARG C 112 19.41 -15.26 -54.14
N GLY C 113 19.16 -14.03 -53.72
CA GLY C 113 17.96 -13.30 -54.09
C GLY C 113 18.47 -12.00 -54.68
N ASN C 114 17.86 -11.55 -55.77
CA ASN C 114 18.29 -10.30 -56.40
C ASN C 114 17.73 -9.08 -55.71
N ILE C 115 16.44 -9.09 -55.41
CA ILE C 115 15.80 -7.97 -54.74
C ILE C 115 16.08 -8.06 -53.25
N ALA C 116 16.76 -7.04 -52.71
CA ALA C 116 17.12 -6.99 -51.30
C ALA C 116 15.93 -7.17 -50.36
N LEU C 117 16.17 -7.85 -49.24
CA LEU C 117 15.14 -8.10 -48.24
C LEU C 117 14.92 -6.87 -47.37
N ASP C 118 15.92 -6.57 -46.54
CA ASP C 118 15.90 -5.42 -45.64
C ASP C 118 14.58 -5.20 -44.91
N GLY C 119 13.71 -4.37 -45.50
CA GLY C 119 12.43 -4.07 -44.88
C GLY C 119 11.58 -5.28 -44.51
N THR C 120 11.69 -6.34 -45.29
CA THR C 120 10.94 -7.56 -45.03
C THR C 120 11.28 -8.18 -43.68
N ALA C 121 12.54 -8.02 -43.26
CA ALA C 121 13.00 -8.57 -41.99
C ALA C 121 12.17 -8.00 -40.83
N ASN C 122 11.97 -6.69 -40.85
CA ASN C 122 11.18 -6.01 -39.83
C ASN C 122 9.73 -6.50 -39.85
N ARG C 123 9.25 -6.80 -41.05
CA ARG C 123 7.88 -7.26 -41.25
C ARG C 123 7.67 -8.73 -40.88
N GLU C 124 8.74 -9.53 -40.95
CA GLU C 124 8.68 -10.95 -40.64
C GLU C 124 7.98 -11.21 -39.30
N LEU C 125 8.34 -10.43 -38.30
CA LEU C 125 7.77 -10.56 -36.95
C LEU C 125 6.25 -10.67 -36.89
N ALA C 126 5.57 -10.25 -37.95
CA ALA C 126 4.11 -10.32 -38.00
C ALA C 126 3.63 -11.76 -38.11
N GLY C 127 4.36 -12.57 -38.88
CA GLY C 127 3.99 -13.96 -39.06
C GLY C 127 4.92 -14.92 -38.33
N GLU C 128 6.20 -14.57 -38.26
CA GLU C 128 7.23 -15.38 -37.60
C GLU C 128 7.53 -16.70 -38.30
N GLN C 129 8.49 -17.42 -37.73
CA GLN C 129 8.93 -18.72 -38.21
C GLN C 129 9.44 -18.78 -39.65
N ALA C 130 10.22 -17.77 -40.05
CA ALA C 130 10.78 -17.73 -41.39
C ALA C 130 11.96 -18.69 -41.52
N THR C 131 11.68 -19.95 -41.86
CA THR C 131 12.73 -20.95 -42.01
C THR C 131 13.44 -20.74 -43.34
N LYS C 132 14.74 -21.03 -43.38
CA LYS C 132 15.52 -20.86 -44.59
C LYS C 132 16.18 -22.14 -45.04
N VAL C 133 15.67 -22.71 -46.12
CA VAL C 133 16.24 -23.93 -46.68
C VAL C 133 17.34 -23.49 -47.63
N ALA C 134 18.58 -23.65 -47.17
CA ALA C 134 19.75 -23.25 -47.95
C ALA C 134 19.97 -24.12 -49.19
N ARG C 135 19.14 -23.89 -50.21
CA ARG C 135 19.26 -24.65 -51.45
C ARG C 135 20.46 -24.13 -52.23
N ALA C 136 21.30 -25.05 -52.66
CA ALA C 136 22.48 -24.71 -53.43
C ALA C 136 22.50 -25.61 -54.66
N ILE C 137 21.31 -25.86 -55.20
CA ILE C 137 21.13 -26.71 -56.37
C ILE C 137 22.03 -26.25 -57.51
N ARG C 138 21.77 -25.05 -58.03
CA ARG C 138 22.58 -24.52 -59.12
C ARG C 138 24.00 -24.23 -58.64
N ALA C 139 24.14 -23.93 -57.36
CA ALA C 139 25.44 -23.64 -56.77
C ALA C 139 26.34 -24.86 -56.66
N SER C 140 25.78 -26.05 -56.82
CA SER C 140 26.56 -27.29 -56.74
C SER C 140 27.65 -27.35 -57.81
N GLY C 141 27.60 -26.46 -58.79
CA GLY C 141 28.59 -26.45 -59.84
C GLY C 141 29.69 -25.42 -59.67
N MET C 142 29.61 -24.61 -58.61
CA MET C 142 30.61 -23.59 -58.35
C MET C 142 30.62 -23.15 -56.89
N PRO C 143 31.79 -22.78 -56.36
CA PRO C 143 31.92 -22.34 -54.97
C PRO C 143 30.96 -21.20 -54.63
N ALA C 144 29.85 -21.53 -53.99
CA ALA C 144 28.83 -20.56 -53.61
C ALA C 144 29.40 -19.40 -52.78
N VAL C 145 29.85 -19.71 -51.57
CA VAL C 145 30.43 -18.72 -50.65
C VAL C 145 29.51 -17.52 -50.41
N ILE C 146 29.48 -16.58 -51.36
CA ILE C 146 28.65 -15.39 -51.26
C ILE C 146 27.19 -15.80 -51.12
N ILE C 147 26.80 -16.83 -51.86
CA ILE C 147 25.43 -17.33 -51.84
C ILE C 147 25.04 -17.71 -50.41
N ASP C 148 25.91 -18.48 -49.75
CA ASP C 148 25.68 -18.91 -48.37
C ASP C 148 25.48 -17.68 -47.48
N THR C 149 26.31 -16.67 -47.69
CA THR C 149 26.24 -15.43 -46.92
C THR C 149 24.94 -14.68 -47.18
N ALA C 150 24.32 -14.91 -48.33
CA ALA C 150 23.06 -14.27 -48.67
C ALA C 150 21.89 -15.06 -48.10
N MET C 151 22.12 -16.35 -47.89
CA MET C 151 21.09 -17.25 -47.35
C MET C 151 20.96 -17.13 -45.83
N ARG C 152 22.09 -16.96 -45.15
CA ARG C 152 22.12 -16.84 -43.68
C ARG C 152 21.23 -15.76 -43.06
N PRO C 153 21.35 -14.49 -43.50
CA PRO C 153 20.54 -13.42 -42.93
C PRO C 153 19.08 -13.40 -43.41
N ASN C 154 18.40 -14.53 -43.27
CA ASN C 154 17.00 -14.63 -43.67
C ASN C 154 16.08 -14.90 -42.49
N PRO C 155 16.37 -15.93 -41.67
CA PRO C 155 15.50 -16.20 -40.52
C PRO C 155 15.60 -15.12 -39.45
N ALA C 156 14.60 -15.08 -38.57
CA ALA C 156 14.57 -14.10 -37.48
C ALA C 156 15.36 -14.65 -36.30
N LEU C 157 14.78 -14.59 -35.09
CA LEU C 157 15.46 -15.09 -33.89
C LEU C 157 15.78 -16.58 -34.06
N VAL C 158 17.01 -16.94 -33.72
CA VAL C 158 17.49 -18.32 -33.81
C VAL C 158 17.49 -18.79 -35.27
N ASP C 159 18.53 -18.38 -36.00
CA ASP C 159 18.68 -18.73 -37.40
C ASP C 159 19.09 -20.18 -37.61
N LEU C 160 20.11 -20.62 -36.89
CA LEU C 160 20.64 -21.97 -36.98
C LEU C 160 19.61 -23.08 -36.99
N ALA C 161 18.59 -22.97 -36.12
CA ALA C 161 17.55 -23.98 -36.02
C ALA C 161 16.55 -23.95 -37.18
N ARG C 162 16.80 -23.07 -38.15
CA ARG C 162 15.93 -22.93 -39.30
C ARG C 162 16.70 -22.98 -40.62
N THR C 163 18.01 -22.88 -40.55
CA THR C 163 18.86 -22.92 -41.73
C THR C 163 19.11 -24.36 -42.17
N MET C 164 18.10 -24.97 -42.79
CA MET C 164 18.21 -26.35 -43.25
C MET C 164 18.94 -26.40 -44.58
N ASP C 165 20.06 -27.11 -44.62
CA ASP C 165 20.84 -27.22 -45.85
C ASP C 165 20.12 -28.03 -46.92
N ALA C 166 20.49 -27.77 -48.18
CA ALA C 166 19.91 -28.44 -49.32
C ALA C 166 20.81 -28.22 -50.53
N HIS C 167 22.08 -28.61 -50.40
CA HIS C 167 23.05 -28.46 -51.48
C HIS C 167 22.56 -29.17 -52.74
N TYR C 168 22.48 -30.50 -52.68
CA TYR C 168 22.01 -31.28 -53.82
C TYR C 168 20.53 -31.62 -53.59
N ILE C 169 19.76 -31.66 -54.67
CA ILE C 169 18.33 -31.95 -54.61
C ILE C 169 17.98 -33.25 -53.87
N ALA C 170 18.92 -34.19 -53.85
CA ALA C 170 18.71 -35.46 -53.18
C ALA C 170 18.73 -35.37 -51.65
N LEU C 171 19.40 -34.36 -51.12
CA LEU C 171 19.51 -34.16 -49.67
C LEU C 171 18.21 -33.86 -48.93
N PRO C 172 17.37 -32.93 -49.45
CA PRO C 172 16.11 -32.56 -48.81
C PRO C 172 15.23 -33.71 -48.30
N ARG C 173 15.40 -34.90 -48.85
CA ARG C 173 14.60 -36.05 -48.42
C ARG C 173 14.85 -36.38 -46.94
N ALA C 174 16.10 -36.22 -46.50
CA ALA C 174 16.48 -36.50 -45.12
C ALA C 174 16.12 -35.34 -44.21
N THR C 175 16.41 -34.12 -44.66
CA THR C 175 16.11 -32.93 -43.87
C THR C 175 14.62 -32.72 -43.70
N ALA C 176 13.84 -33.19 -44.66
CA ALA C 176 12.37 -33.07 -44.63
C ALA C 176 11.81 -33.52 -43.29
N HIS C 177 12.26 -34.67 -42.81
CA HIS C 177 11.82 -35.21 -41.52
C HIS C 177 12.15 -34.23 -40.41
N LYS C 178 13.44 -33.91 -40.29
CA LYS C 178 13.93 -33.00 -39.25
C LYS C 178 13.16 -31.69 -39.21
N MET C 179 12.74 -31.20 -40.38
CA MET C 179 11.98 -29.96 -40.47
C MET C 179 10.68 -30.07 -39.68
N ALA C 180 9.90 -31.11 -39.97
CA ALA C 180 8.63 -31.33 -39.31
C ALA C 180 8.78 -31.51 -37.80
N ASP C 181 9.69 -32.38 -37.39
CA ASP C 181 9.94 -32.64 -35.97
C ASP C 181 10.26 -31.37 -35.20
N VAL C 182 11.22 -30.59 -35.70
CA VAL C 182 11.63 -29.34 -35.04
C VAL C 182 10.51 -28.30 -35.02
N LEU C 183 9.92 -28.04 -36.20
CA LEU C 183 8.84 -27.06 -36.31
C LEU C 183 7.65 -27.36 -35.41
N GLY C 184 7.41 -28.64 -35.15
CA GLY C 184 6.31 -29.02 -34.29
C GLY C 184 6.54 -28.53 -32.87
N ALA C 185 7.79 -28.67 -32.41
CA ALA C 185 8.17 -28.26 -31.07
C ALA C 185 8.56 -26.78 -31.00
N ALA C 186 8.16 -26.00 -32.00
CA ALA C 186 8.49 -24.58 -32.04
C ALA C 186 7.70 -23.83 -30.97
N LEU C 187 8.25 -23.78 -29.76
CA LEU C 187 7.62 -23.10 -28.64
C LEU C 187 8.40 -21.82 -28.34
N GLU C 188 7.97 -20.71 -28.93
CA GLU C 188 8.64 -19.43 -28.73
C GLU C 188 7.65 -18.33 -28.36
N ALA C 189 6.70 -18.06 -29.25
CA ALA C 189 5.69 -17.03 -29.02
C ALA C 189 4.37 -17.42 -29.69
N LYS D 1 -28.35 -35.60 -45.29
CA LYS D 1 -28.44 -34.23 -44.70
C LYS D 1 -27.59 -33.28 -45.51
N GLU D 2 -27.72 -31.98 -45.25
CA GLU D 2 -26.98 -30.96 -45.98
C GLU D 2 -25.47 -30.98 -45.70
N MET D 3 -24.71 -30.38 -46.61
CA MET D 3 -23.26 -30.30 -46.50
C MET D 3 -22.82 -29.11 -45.65
N SER D 4 -21.52 -29.03 -45.38
CA SER D 4 -20.92 -27.96 -44.60
C SER D 4 -21.41 -27.92 -43.14
N ASP D 5 -22.64 -27.45 -42.93
CA ASP D 5 -23.22 -27.34 -41.61
C ASP D 5 -23.16 -28.65 -40.83
N ARG D 6 -22.48 -28.60 -39.68
CA ARG D 6 -22.32 -29.77 -38.81
C ARG D 6 -22.39 -29.35 -37.35
N VAL D 7 -22.81 -30.27 -36.50
CA VAL D 7 -22.91 -30.03 -35.07
C VAL D 7 -22.03 -31.04 -34.35
N LEU D 8 -20.73 -30.77 -34.32
CA LEU D 8 -19.77 -31.65 -33.68
C LEU D 8 -19.85 -31.54 -32.15
N ILE D 9 -20.79 -32.27 -31.56
CA ILE D 9 -20.94 -32.26 -30.12
C ILE D 9 -19.92 -33.20 -29.48
N PHE D 10 -18.81 -32.61 -29.03
CA PHE D 10 -17.73 -33.39 -28.42
C PHE D 10 -17.86 -33.55 -26.91
N ALA D 11 -18.06 -34.78 -26.49
CA ALA D 11 -18.18 -35.12 -25.07
C ALA D 11 -16.78 -35.05 -24.48
N VAL D 12 -16.36 -33.84 -24.11
CA VAL D 12 -15.04 -33.63 -23.53
C VAL D 12 -14.93 -34.25 -22.15
N ASP D 13 -14.60 -35.54 -22.13
CA ASP D 13 -14.44 -36.29 -20.89
C ASP D 13 -13.22 -35.75 -20.15
N ALA D 14 -13.46 -35.23 -18.95
CA ALA D 14 -12.39 -34.66 -18.13
C ALA D 14 -12.07 -35.48 -16.89
N SER D 15 -11.94 -36.79 -17.05
CA SER D 15 -11.62 -37.67 -15.93
C SER D 15 -10.18 -37.47 -15.47
N GLY D 16 -9.97 -37.53 -14.16
CA GLY D 16 -8.64 -37.37 -13.61
C GLY D 16 -7.71 -38.45 -14.12
N SER D 17 -8.31 -39.57 -14.55
CA SER D 17 -7.57 -40.69 -15.09
C SER D 17 -6.75 -40.27 -16.31
N ALA D 18 -7.30 -39.32 -17.08
CA ALA D 18 -6.62 -38.82 -18.27
C ALA D 18 -5.55 -37.82 -17.85
N ALA D 19 -4.35 -38.35 -17.58
CA ALA D 19 -3.22 -37.52 -17.18
C ALA D 19 -2.98 -36.42 -18.19
N VAL D 20 -3.02 -35.17 -17.72
CA VAL D 20 -2.82 -33.98 -18.56
C VAL D 20 -3.91 -33.88 -19.62
N ALA D 21 -4.99 -33.39 -19.30
N LEU D 23 -5.05 -33.33 -19.22
CA LEU D 23 -6.20 -33.15 -20.11
C LEU D 23 -5.90 -32.21 -21.28
N SER D 24 -4.76 -31.54 -21.23
CA SER D 24 -4.34 -30.61 -22.27
C SER D 24 -4.47 -31.21 -23.67
N GLU D 25 -4.06 -32.48 -23.81
CA GLU D 25 -4.13 -33.16 -25.10
C GLU D 25 -5.55 -33.21 -25.65
N ALA D 26 -6.51 -33.52 -24.79
CA ALA D 26 -7.92 -33.58 -25.19
C ALA D 26 -8.37 -32.22 -25.71
N LYS D 27 -7.95 -31.17 -25.00
CA LYS D 27 -8.29 -29.80 -25.37
C LYS D 27 -7.63 -29.45 -26.70
N GLY D 28 -6.36 -29.82 -26.84
CA GLY D 28 -5.61 -29.55 -28.05
C GLY D 28 -6.17 -30.28 -29.26
N ALA D 29 -6.74 -31.46 -29.02
CA ALA D 29 -7.33 -32.26 -30.10
C ALA D 29 -8.38 -31.44 -30.82
N VAL D 30 -9.18 -30.69 -30.06
CA VAL D 30 -10.22 -29.86 -30.62
C VAL D 30 -9.61 -28.73 -31.45
N GLU D 31 -8.52 -28.15 -30.94
CA GLU D 31 -7.81 -27.07 -31.63
C GLU D 31 -7.50 -27.51 -33.07
N LEU D 32 -6.86 -28.67 -33.17
CA LEU D 32 -6.47 -29.25 -34.44
C LEU D 32 -7.68 -29.42 -35.36
N LEU D 33 -8.74 -30.02 -34.83
CA LEU D 33 -9.97 -30.26 -35.58
C LEU D 33 -10.56 -28.97 -36.13
N LEU D 34 -10.54 -27.91 -35.33
CA LEU D 34 -11.07 -26.62 -35.72
C LEU D 34 -10.33 -26.06 -36.94
N GLY D 35 -9.02 -26.27 -36.99
CA GLY D 35 -8.23 -25.78 -38.11
C GLY D 35 -8.59 -26.45 -39.42
N ARG D 36 -9.33 -27.56 -39.33
CA ARG D 36 -9.76 -28.31 -40.51
C ARG D 36 -11.25 -28.09 -40.77
N ALA D 37 -11.99 -27.85 -39.69
CA ALA D 37 -13.43 -27.63 -39.76
C ALA D 37 -13.79 -26.33 -40.47
N TYR D 38 -15.08 -26.16 -40.74
CA TYR D 38 -15.58 -24.96 -41.40
C TYR D 38 -16.20 -24.01 -40.39
N ALA D 39 -15.37 -23.13 -39.83
CA ALA D 39 -15.81 -22.15 -38.84
C ALA D 39 -17.11 -21.44 -39.24
N ALA D 40 -17.84 -20.98 -38.23
CA ALA D 40 -19.12 -20.29 -38.40
C ALA D 40 -20.25 -21.28 -38.68
N ARG D 41 -20.03 -22.16 -39.65
CA ARG D 41 -21.00 -23.17 -40.02
C ARG D 41 -21.00 -24.28 -38.97
N ASP D 42 -19.87 -24.97 -38.83
CA ASP D 42 -19.75 -26.04 -37.85
C ASP D 42 -19.60 -25.43 -36.45
N HIS D 43 -20.07 -26.17 -35.46
CA HIS D 43 -19.99 -25.72 -34.07
C HIS D 43 -19.64 -26.89 -33.16
N VAL D 44 -18.41 -26.88 -32.65
CA VAL D 44 -17.96 -27.93 -31.76
C VAL D 44 -18.40 -27.61 -30.33
N SER D 45 -19.34 -28.40 -29.81
CA SER D 45 -19.84 -28.20 -28.46
C SER D 45 -18.90 -28.85 -27.46
N LEU D 46 -18.44 -28.05 -26.50
CA LEU D 46 -17.53 -28.54 -25.47
C LEU D 46 -18.35 -29.11 -24.32
N ILE D 47 -18.81 -30.36 -24.51
CA ILE D 47 -19.61 -31.03 -23.50
C ILE D 47 -18.71 -31.66 -22.45
N THR D 48 -18.15 -30.82 -21.59
CA THR D 48 -17.28 -31.30 -20.52
C THR D 48 -18.11 -31.97 -19.44
N PHE D 49 -18.43 -33.24 -19.64
CA PHE D 49 -19.24 -33.98 -18.67
C PHE D 49 -18.51 -35.24 -18.20
N ARG D 50 -18.49 -35.40 -16.87
CA ARG D 50 -17.86 -36.52 -16.19
C ARG D 50 -17.79 -36.11 -14.72
N GLY D 51 -17.81 -34.80 -14.51
CA GLY D 51 -17.79 -34.21 -13.19
C GLY D 51 -18.57 -32.91 -13.32
N THR D 52 -18.14 -32.09 -14.27
CA THR D 52 -18.79 -30.82 -14.54
C THR D 52 -19.97 -31.07 -15.49
N ALA D 53 -20.91 -30.13 -15.55
CA ALA D 53 -22.07 -30.27 -16.41
C ALA D 53 -21.93 -29.48 -17.71
N ALA D 54 -21.05 -29.95 -18.60
CA ALA D 54 -20.81 -29.30 -19.89
C ALA D 54 -20.28 -27.87 -19.75
N GLN D 55 -20.08 -27.20 -20.87
CA GLN D 55 -19.58 -25.82 -20.88
C GLN D 55 -20.10 -25.02 -22.08
N VAL D 56 -19.35 -25.04 -23.18
CA VAL D 56 -19.73 -24.30 -24.38
C VAL D 56 -20.74 -25.02 -25.26
N LEU D 57 -21.82 -24.32 -25.59
CA LEU D 57 -22.87 -24.87 -26.43
C LEU D 57 -22.61 -24.54 -27.90
N LEU D 58 -23.47 -25.04 -28.78
CA LEU D 58 -23.35 -24.83 -30.22
C LEU D 58 -23.59 -23.38 -30.66
N GLN D 59 -24.72 -22.83 -30.22
CA GLN D 59 -25.11 -21.47 -30.58
C GLN D 59 -24.15 -20.35 -30.17
N PRO D 60 -23.68 -20.33 -28.90
CA PRO D 60 -22.76 -19.30 -28.42
C PRO D 60 -21.51 -19.04 -29.26
N SER D 61 -20.65 -20.04 -29.38
CA SER D 61 -19.43 -19.87 -30.17
C SER D 61 -19.74 -19.74 -31.65
N ARG D 62 -19.22 -18.69 -32.27
CA ARG D 62 -19.46 -18.44 -33.69
C ARG D 62 -18.20 -18.65 -34.51
N SER D 63 -17.23 -17.76 -34.34
CA SER D 63 -15.97 -17.82 -35.08
C SER D 63 -14.87 -18.61 -34.37
N LEU D 64 -13.85 -18.97 -35.13
CA LEU D 64 -12.70 -19.71 -34.62
C LEU D 64 -12.02 -18.95 -33.49
N THR D 65 -11.95 -17.63 -33.64
CA THR D 65 -11.33 -16.75 -32.66
C THR D 65 -11.99 -16.86 -31.28
N GLN D 66 -13.22 -17.38 -31.26
CA GLN D 66 -13.96 -17.54 -30.02
C GLN D 66 -13.75 -18.95 -29.45
N THR D 67 -13.99 -19.96 -30.28
CA THR D 67 -13.86 -21.35 -29.88
C THR D 67 -12.51 -21.72 -29.26
N LYS D 68 -11.42 -21.45 -30.00
CA LYS D 68 -10.08 -21.78 -29.54
C LYS D 68 -9.76 -21.36 -28.09
N ARG D 69 -9.90 -20.08 -27.80
CA ARG D 69 -9.63 -19.58 -26.45
C ARG D 69 -10.44 -20.31 -25.38
N GLN D 70 -11.67 -20.69 -25.72
CA GLN D 70 -12.54 -21.41 -24.79
C GLN D 70 -11.99 -22.81 -24.51
N LEU D 71 -11.49 -23.47 -25.56
CA LEU D 71 -10.93 -24.81 -25.43
C LEU D 71 -9.81 -24.79 -24.38
N GLN D 72 -8.91 -23.82 -24.55
CA GLN D 72 -7.78 -23.65 -23.64
C GLN D 72 -8.25 -23.32 -22.24
N GLY D 73 -9.24 -22.44 -22.13
CA GLY D 73 -9.77 -22.04 -20.83
C GLY D 73 -10.51 -23.13 -20.07
N LEU D 74 -11.00 -24.14 -20.78
CA LEU D 74 -11.73 -25.25 -20.16
C LEU D 74 -11.00 -25.88 -18.98
N PRO D 75 -11.70 -26.03 -17.85
CA PRO D 75 -11.15 -26.62 -16.61
C PRO D 75 -11.06 -28.14 -16.72
N GLY D 76 -11.26 -28.83 -15.60
CA GLY D 76 -11.21 -30.28 -15.61
C GLY D 76 -11.78 -30.85 -14.33
N GLY D 77 -12.35 -32.05 -14.41
CA GLY D 77 -12.92 -32.71 -13.24
C GLY D 77 -13.84 -33.84 -13.63
N GLY D 78 -13.56 -35.03 -13.11
CA GLY D 78 -14.38 -36.19 -13.42
C GLY D 78 -13.76 -37.48 -12.92
N GLY D 79 -14.60 -38.51 -12.76
CA GLY D 79 -14.10 -39.78 -12.28
C GLY D 79 -15.06 -40.93 -12.52
N THR D 80 -16.22 -40.88 -11.87
CA THR D 80 -17.23 -41.93 -12.00
C THR D 80 -17.55 -42.27 -13.46
N PRO D 81 -17.50 -43.56 -13.82
CA PRO D 81 -17.77 -44.05 -15.17
C PRO D 81 -19.23 -43.94 -15.62
N LEU D 82 -19.66 -42.72 -15.93
CA LEU D 82 -21.03 -42.48 -16.38
C LEU D 82 -21.06 -42.15 -17.86
N ALA D 83 -20.24 -42.86 -18.64
CA ALA D 83 -20.13 -42.66 -20.08
C ALA D 83 -21.48 -42.66 -20.81
N SER D 84 -22.37 -43.56 -20.39
CA SER D 84 -23.68 -43.68 -21.00
C SER D 84 -24.56 -42.45 -20.76
N GLY D 85 -24.38 -41.81 -19.62
CA GLY D 85 -25.16 -40.62 -19.28
C GLY D 85 -25.03 -39.49 -20.27
N MET D 86 -23.97 -39.50 -21.07
CA MET D 86 -23.73 -38.45 -22.06
C MET D 86 -24.89 -38.29 -23.03
N GLU D 87 -25.55 -39.40 -23.36
CA GLU D 87 -26.67 -39.40 -24.30
C GLU D 87 -27.65 -38.25 -24.06
N MET D 88 -28.30 -38.27 -22.90
CA MET D 88 -29.28 -37.23 -22.55
C MET D 88 -28.70 -35.82 -22.69
N ALA D 89 -27.46 -35.65 -22.23
CA ALA D 89 -26.79 -34.36 -22.30
C ALA D 89 -26.46 -33.96 -23.74
N MET D 90 -26.41 -34.95 -24.63
CA MET D 90 -26.09 -34.72 -26.03
C MET D 90 -27.33 -34.75 -26.93
N VAL D 91 -27.83 -35.95 -27.21
CA VAL D 91 -28.99 -36.16 -28.06
C VAL D 91 -30.23 -35.36 -27.66
N THR D 92 -30.36 -35.06 -26.38
CA THR D 92 -31.52 -34.30 -25.91
C THR D 92 -31.24 -32.81 -25.72
N ALA D 93 -30.30 -32.49 -24.83
CA ALA D 93 -29.96 -31.11 -24.53
C ALA D 93 -29.23 -30.32 -25.61
N LYS D 94 -28.51 -31.01 -26.50
CA LYS D 94 -27.77 -30.32 -27.55
C LYS D 94 -28.56 -29.99 -28.81
N GLN D 95 -29.05 -31.01 -29.50
CA GLN D 95 -29.80 -30.80 -30.73
C GLN D 95 -31.25 -30.33 -30.53
N ALA D 96 -31.43 -29.41 -29.59
CA ALA D 96 -32.75 -28.86 -29.29
C ALA D 96 -33.12 -27.81 -30.33
N ARG D 97 -34.41 -27.47 -30.38
CA ARG D 97 -34.93 -26.48 -31.32
C ARG D 97 -34.20 -25.14 -31.28
N SER D 98 -33.52 -24.86 -30.18
CA SER D 98 -32.78 -23.62 -30.01
C SER D 98 -31.48 -23.55 -30.83
N ARG D 99 -31.30 -24.51 -31.73
CA ARG D 99 -30.12 -24.57 -32.59
C ARG D 99 -30.27 -25.63 -33.68
N GLY D 100 -30.59 -26.85 -33.29
CA GLY D 100 -30.76 -27.93 -34.24
C GLY D 100 -29.56 -28.13 -35.16
N MET D 101 -29.83 -28.18 -36.47
CA MET D 101 -28.80 -28.36 -37.50
C MET D 101 -28.20 -29.78 -37.47
N THR D 102 -27.60 -30.18 -38.58
CA THR D 102 -26.99 -31.50 -38.75
C THR D 102 -26.07 -31.89 -37.59
N PRO D 103 -26.54 -32.80 -36.71
CA PRO D 103 -25.78 -33.27 -35.55
C PRO D 103 -24.70 -34.31 -35.86
N THR D 104 -23.77 -34.47 -34.92
CA THR D 104 -22.67 -35.42 -35.03
C THR D 104 -22.16 -35.67 -33.61
N ILE D 105 -22.46 -36.85 -33.08
CA ILE D 105 -22.07 -37.23 -31.72
C ILE D 105 -20.63 -37.71 -31.63
N ALA D 106 -19.85 -37.09 -30.75
CA ALA D 106 -18.45 -37.47 -30.58
C ALA D 106 -18.17 -37.81 -29.11
N LEU D 107 -18.07 -39.09 -28.81
CA LEU D 107 -17.81 -39.54 -27.45
C LEU D 107 -16.32 -39.68 -27.13
N LEU D 108 -15.77 -38.70 -26.42
CA LEU D 108 -14.36 -38.71 -26.03
C LEU D 108 -14.23 -39.34 -24.64
N THR D 109 -15.18 -40.19 -24.28
CA THR D 109 -15.22 -40.85 -22.99
C THR D 109 -13.98 -41.67 -22.65
N ASP D 110 -13.48 -41.52 -21.43
CA ASP D 110 -12.32 -42.27 -20.96
C ASP D 110 -12.79 -43.44 -20.11
N GLY D 111 -12.35 -44.64 -20.48
CA GLY D 111 -12.73 -45.83 -19.74
C GLY D 111 -14.14 -46.32 -20.06
N ARG D 112 -14.62 -47.25 -19.24
CA ARG D 112 -15.95 -47.83 -19.42
C ARG D 112 -17.05 -46.95 -18.83
N GLY D 113 -18.22 -47.56 -18.71
CA GLY D 113 -19.38 -46.91 -18.13
C GLY D 113 -20.10 -48.00 -17.36
N ASN D 114 -20.35 -47.78 -16.08
CA ASN D 114 -21.03 -48.77 -15.25
C ASN D 114 -22.50 -48.89 -15.61
N ILE D 115 -23.11 -47.78 -16.00
CA ILE D 115 -24.52 -47.77 -16.38
C ILE D 115 -24.61 -48.35 -17.80
N ALA D 116 -25.38 -49.43 -17.94
CA ALA D 116 -25.56 -50.09 -19.23
C ALA D 116 -26.01 -49.13 -20.32
N LEU D 117 -25.50 -49.34 -21.53
CA LEU D 117 -25.85 -48.51 -22.67
C LEU D 117 -27.25 -48.85 -23.15
N ASP D 118 -27.39 -50.02 -23.76
CA ASP D 118 -28.66 -50.54 -24.28
C ASP D 118 -29.59 -49.48 -24.86
N GLY D 119 -30.42 -48.89 -24.00
CA GLY D 119 -31.37 -47.87 -24.44
C GLY D 119 -30.71 -46.72 -25.17
N THR D 120 -29.64 -46.19 -24.60
CA THR D 120 -28.91 -45.07 -25.20
C THR D 120 -28.41 -45.44 -26.60
N ALA D 121 -27.84 -46.63 -26.73
CA ALA D 121 -27.32 -47.11 -28.00
C ALA D 121 -28.40 -47.10 -29.08
N ASN D 122 -29.60 -47.56 -28.72
CA ASN D 122 -30.72 -47.59 -29.67
C ASN D 122 -31.19 -46.18 -30.01
N ARG D 123 -31.07 -45.27 -29.05
CA ARG D 123 -31.50 -43.89 -29.25
C ARG D 123 -30.51 -43.07 -30.10
N GLU D 124 -29.35 -43.65 -30.38
CA GLU D 124 -28.32 -42.98 -31.17
C GLU D 124 -28.90 -42.43 -32.47
N LEU D 125 -29.75 -43.23 -33.11
CA LEU D 125 -30.38 -42.86 -34.37
C LEU D 125 -31.05 -41.47 -34.39
N ALA D 126 -31.33 -40.94 -33.21
CA ALA D 126 -31.97 -39.63 -33.11
C ALA D 126 -31.00 -38.50 -33.46
N GLY D 127 -29.70 -38.76 -33.26
CA GLY D 127 -28.69 -37.76 -33.56
C GLY D 127 -27.72 -38.21 -34.63
N GLU D 128 -27.53 -39.53 -34.75
CA GLU D 128 -26.64 -40.13 -35.74
C GLU D 128 -25.16 -39.79 -35.56
N GLN D 129 -24.33 -40.56 -36.26
CA GLN D 129 -22.88 -40.38 -36.28
C GLN D 129 -22.23 -40.30 -34.91
N ALA D 130 -22.35 -41.37 -34.12
CA ALA D 130 -21.74 -41.41 -32.80
C ALA D 130 -20.31 -41.93 -32.87
N THR D 131 -19.37 -41.04 -33.18
CA THR D 131 -17.96 -41.42 -33.26
C THR D 131 -17.44 -41.71 -31.85
N LYS D 132 -16.91 -42.92 -31.67
CA LYS D 132 -16.40 -43.34 -30.37
C LYS D 132 -14.88 -43.29 -30.28
N VAL D 133 -14.39 -42.55 -29.29
CA VAL D 133 -12.96 -42.43 -29.05
C VAL D 133 -12.65 -43.33 -27.86
N ALA D 134 -11.96 -44.43 -28.13
CA ALA D 134 -11.60 -45.40 -27.10
C ALA D 134 -10.47 -44.96 -26.19
N ARG D 135 -10.74 -44.00 -25.31
CA ARG D 135 -9.74 -43.52 -24.38
C ARG D 135 -9.60 -44.52 -23.24
N ALA D 136 -8.38 -44.66 -22.72
CA ALA D 136 -8.11 -45.58 -21.63
C ALA D 136 -6.78 -45.22 -21.00
N ILE D 137 -6.61 -43.94 -20.65
CA ILE D 137 -5.38 -43.45 -20.05
C ILE D 137 -5.09 -44.17 -18.74
N ARG D 138 -6.12 -44.40 -17.93
CA ARG D 138 -5.95 -45.08 -16.65
C ARG D 138 -5.50 -46.52 -16.89
N ALA D 139 -5.83 -47.06 -18.06
CA ALA D 139 -5.47 -48.42 -18.41
C ALA D 139 -4.16 -48.51 -19.21
N SER D 140 -3.51 -47.37 -19.42
CA SER D 140 -2.26 -47.35 -20.17
C SER D 140 -1.17 -48.21 -19.52
N GLY D 141 -1.35 -48.53 -18.25
CA GLY D 141 -0.38 -49.34 -17.53
C GLY D 141 -0.79 -50.78 -17.30
N MET D 142 -1.90 -51.20 -17.91
CA MET D 142 -2.39 -52.56 -17.76
C MET D 142 -3.33 -52.97 -18.89
N PRO D 143 -3.27 -54.25 -19.31
CA PRO D 143 -4.11 -54.76 -20.40
C PRO D 143 -5.60 -54.53 -20.12
N ALA D 144 -6.15 -53.49 -20.74
CA ALA D 144 -7.56 -53.14 -20.57
C ALA D 144 -8.49 -54.29 -20.95
N VAL D 145 -8.42 -54.73 -22.21
CA VAL D 145 -9.22 -55.83 -22.73
C VAL D 145 -10.73 -55.61 -22.58
N ILE D 146 -11.23 -55.76 -21.35
CA ILE D 146 -12.65 -55.58 -21.05
C ILE D 146 -13.10 -54.19 -21.49
N ILE D 147 -12.29 -53.19 -21.16
CA ILE D 147 -12.58 -51.80 -21.52
C ILE D 147 -12.76 -51.70 -23.03
N ASP D 148 -11.80 -52.24 -23.77
CA ASP D 148 -11.83 -52.24 -25.23
C ASP D 148 -13.15 -52.81 -25.73
N THR D 149 -13.56 -53.91 -25.12
CA THR D 149 -14.79 -54.59 -25.50
C THR D 149 -16.04 -53.77 -25.17
N ALA D 150 -15.94 -52.91 -24.17
CA ALA D 150 -17.06 -52.06 -23.78
C ALA D 150 -17.09 -50.78 -24.62
N MET D 151 -15.94 -50.40 -25.14
CA MET D 151 -15.81 -49.20 -25.95
C MET D 151 -16.23 -49.40 -27.41
N ARG D 152 -15.94 -50.58 -27.96
CA ARG D 152 -16.27 -50.90 -29.34
C ARG D 152 -17.75 -50.78 -29.73
N PRO D 153 -18.65 -51.55 -29.08
CA PRO D 153 -20.07 -51.46 -29.42
C PRO D 153 -20.75 -50.18 -28.91
N ASN D 154 -20.39 -49.05 -29.51
CA ASN D 154 -20.93 -47.76 -29.13
C ASN D 154 -21.59 -47.03 -30.30
N PRO D 155 -20.89 -46.93 -31.46
CA PRO D 155 -21.46 -46.25 -32.62
C PRO D 155 -22.63 -47.00 -33.26
N ALA D 156 -23.16 -46.44 -34.33
CA ALA D 156 -24.25 -47.04 -35.07
C ALA D 156 -23.67 -47.99 -36.11
N LEU D 157 -24.37 -48.15 -37.24
CA LEU D 157 -23.92 -49.04 -38.31
C LEU D 157 -22.49 -48.70 -38.71
N VAL D 158 -21.64 -49.73 -38.79
CA VAL D 158 -20.23 -49.59 -39.14
C VAL D 158 -19.46 -48.89 -38.02
N ASP D 159 -19.05 -49.69 -37.04
CA ASP D 159 -18.30 -49.21 -35.88
C ASP D 159 -16.92 -48.75 -36.28
N LEU D 160 -16.20 -49.62 -36.99
CA LEU D 160 -14.83 -49.36 -37.46
C LEU D 160 -14.53 -47.94 -37.91
N ALA D 161 -15.37 -47.40 -38.78
CA ALA D 161 -15.17 -46.05 -39.30
C ALA D 161 -15.47 -44.93 -38.30
N ARG D 162 -15.65 -45.30 -37.04
CA ARG D 162 -15.95 -44.33 -35.98
C ARG D 162 -15.25 -44.67 -34.68
N THR D 163 -14.82 -45.92 -34.53
CA THR D 163 -14.13 -46.37 -33.33
C THR D 163 -12.65 -45.98 -33.36
N MET D 164 -12.37 -44.70 -33.11
CA MET D 164 -11.01 -44.21 -33.10
C MET D 164 -10.40 -44.47 -31.72
N ASP D 165 -9.34 -45.26 -31.68
CA ASP D 165 -8.70 -45.58 -30.40
C ASP D 165 -7.93 -44.40 -29.83
N ALA D 166 -7.73 -44.44 -28.51
CA ALA D 166 -7.00 -43.41 -27.80
C ALA D 166 -6.50 -43.99 -26.48
N HIS D 167 -5.91 -45.18 -26.53
CA HIS D 167 -5.39 -45.85 -25.35
C HIS D 167 -4.33 -45.02 -24.62
N TYR D 168 -3.78 -44.01 -25.29
CA TYR D 168 -2.78 -43.13 -24.70
C TYR D 168 -2.95 -41.76 -25.34
N ILE D 169 -2.75 -40.70 -24.55
CA ILE D 169 -2.89 -39.33 -25.02
C ILE D 169 -2.11 -38.97 -26.29
N ALA D 170 -1.05 -39.72 -26.57
CA ALA D 170 -0.23 -39.47 -27.75
C ALA D 170 -0.99 -39.74 -29.06
N LEU D 171 -2.01 -40.60 -28.98
CA LEU D 171 -2.81 -40.95 -30.14
C LEU D 171 -3.73 -39.84 -30.65
N PRO D 172 -4.58 -39.26 -29.77
CA PRO D 172 -5.50 -38.19 -30.15
C PRO D 172 -4.96 -37.12 -31.10
N ARG D 173 -3.80 -36.56 -30.79
CA ARG D 173 -3.21 -35.54 -31.64
C ARG D 173 -2.92 -36.02 -33.06
N ALA D 174 -2.69 -37.32 -33.21
CA ALA D 174 -2.42 -37.91 -34.51
C ALA D 174 -3.73 -38.30 -35.19
N THR D 175 -4.55 -39.07 -34.48
CA THR D 175 -5.84 -39.52 -34.98
C THR D 175 -6.74 -38.38 -35.46
N ALA D 176 -6.59 -37.22 -34.81
CA ALA D 176 -7.38 -36.04 -35.15
C ALA D 176 -7.35 -35.76 -36.65
N HIS D 177 -6.23 -36.03 -37.29
CA HIS D 177 -6.07 -35.82 -38.73
C HIS D 177 -7.05 -36.70 -39.49
N LYS D 178 -7.07 -37.99 -39.14
CA LYS D 178 -7.96 -38.94 -39.80
C LYS D 178 -9.42 -38.57 -39.58
N MET D 179 -9.75 -38.22 -38.34
CA MET D 179 -11.12 -37.84 -37.99
C MET D 179 -11.57 -36.63 -38.79
N ALA D 180 -10.76 -35.57 -38.77
CA ALA D 180 -11.06 -34.33 -39.48
C ALA D 180 -11.35 -34.53 -40.96
N ASP D 181 -10.37 -35.04 -41.69
CA ASP D 181 -10.49 -35.28 -43.12
C ASP D 181 -11.73 -36.11 -43.48
N VAL D 182 -11.95 -37.18 -42.73
CA VAL D 182 -13.12 -38.05 -42.97
C VAL D 182 -14.44 -37.33 -42.70
N LEU D 183 -14.53 -36.65 -41.56
CA LEU D 183 -15.74 -35.93 -41.19
C LEU D 183 -16.10 -34.86 -42.22
N GLY D 184 -15.08 -34.33 -42.88
CA GLY D 184 -15.30 -33.31 -43.90
C GLY D 184 -16.17 -33.79 -45.05
N ALA D 185 -16.23 -35.10 -45.25
CA ALA D 185 -17.03 -35.69 -46.31
C ALA D 185 -18.03 -36.70 -45.75
N ALA D 186 -18.40 -36.53 -44.49
CA ALA D 186 -19.35 -37.43 -43.83
C ALA D 186 -20.74 -37.29 -44.42
N LEU D 187 -21.08 -38.20 -45.34
CA LEU D 187 -22.38 -38.20 -45.99
C LEU D 187 -22.95 -39.62 -46.07
N GLU D 188 -24.02 -39.84 -45.31
CA GLU D 188 -24.69 -41.14 -45.28
C GLU D 188 -26.20 -40.94 -45.31
N ALA D 189 -26.68 -40.06 -44.43
CA ALA D 189 -28.10 -39.74 -44.33
C ALA D 189 -28.28 -38.26 -44.01
N LYS E 1 -29.39 -15.78 11.31
CA LYS E 1 -30.71 -15.20 10.91
C LYS E 1 -31.01 -14.03 11.84
N GLU E 2 -31.93 -13.17 11.43
CA GLU E 2 -32.30 -12.01 12.24
C GLU E 2 -33.13 -12.45 13.46
N MET E 3 -33.45 -11.49 14.32
CA MET E 3 -34.23 -11.77 15.53
C MET E 3 -35.73 -11.84 15.21
N SER E 4 -36.55 -11.68 16.25
CA SER E 4 -38.00 -11.69 16.11
C SER E 4 -38.61 -13.06 15.80
N ASP E 5 -38.57 -13.47 14.53
CA ASP E 5 -39.14 -14.74 14.11
C ASP E 5 -38.42 -15.98 14.62
N ARG E 6 -39.13 -16.75 15.43
CA ARG E 6 -38.62 -18.00 16.01
C ARG E 6 -39.79 -18.97 16.10
N VAL E 7 -39.51 -20.26 16.20
CA VAL E 7 -40.54 -21.29 16.30
C VAL E 7 -40.09 -22.38 17.26
N LEU E 8 -40.62 -22.34 18.48
CA LEU E 8 -40.28 -23.32 19.50
C LEU E 8 -41.18 -24.56 19.42
N ILE E 9 -40.79 -25.53 18.61
CA ILE E 9 -41.58 -26.76 18.47
C ILE E 9 -41.31 -27.73 19.62
N PHE E 10 -42.22 -27.73 20.59
CA PHE E 10 -42.09 -28.59 21.77
C PHE E 10 -42.62 -30.00 21.56
N ALA E 11 -41.74 -30.97 21.74
CA ALA E 11 -42.10 -32.38 21.62
C ALA E 11 -42.78 -32.80 22.92
N VAL E 12 -44.07 -32.52 23.01
CA VAL E 12 -44.85 -32.84 24.20
C VAL E 12 -44.99 -34.34 24.46
N ASP E 13 -43.97 -34.91 25.07
CA ASP E 13 -43.96 -36.33 25.39
C ASP E 13 -44.91 -36.57 26.56
N ALA E 14 -45.89 -37.43 26.36
CA ALA E 14 -46.88 -37.74 27.40
C ALA E 14 -46.81 -39.18 27.92
N SER E 15 -45.65 -39.57 28.42
CA SER E 15 -45.46 -40.91 28.96
C SER E 15 -46.28 -41.13 30.22
N GLY E 16 -46.84 -42.33 30.36
CA GLY E 16 -47.63 -42.65 31.53
C GLY E 16 -46.75 -42.76 32.77
N SER E 17 -45.44 -42.82 32.55
CA SER E 17 -44.48 -42.92 33.63
C SER E 17 -44.56 -41.71 34.54
N ALA E 18 -44.78 -40.54 33.95
CA ALA E 18 -44.90 -39.30 34.70
C ALA E 18 -46.28 -39.18 35.34
N ALA E 19 -46.37 -39.61 36.59
CA ALA E 19 -47.63 -39.58 37.33
C ALA E 19 -48.11 -38.15 37.52
N VAL E 20 -49.35 -37.89 37.08
CA VAL E 20 -49.97 -36.56 37.18
C VAL E 20 -49.25 -35.54 36.30
N ALA E 21 -49.48 -35.55 35.09
N LEU E 23 -49.56 -35.58 35.01
CA LEU E 23 -48.96 -34.67 34.03
C LEU E 23 -49.40 -33.22 34.21
N SER E 24 -50.31 -32.98 35.15
CA SER E 24 -50.83 -31.64 35.43
C SER E 24 -49.72 -30.62 35.61
N GLU E 25 -48.70 -30.99 36.40
CA GLU E 25 -47.57 -30.12 36.67
C GLU E 25 -46.87 -29.70 35.37
N ALA E 26 -46.64 -30.68 34.50
CA ALA E 26 -45.99 -30.43 33.21
C ALA E 26 -46.83 -29.46 32.38
N LYS E 27 -48.14 -29.70 32.35
CA LYS E 27 -49.06 -28.86 31.61
C LYS E 27 -48.98 -27.44 32.13
N GLY E 28 -48.88 -27.29 33.45
CA GLY E 28 -48.77 -25.99 34.07
C GLY E 28 -47.51 -25.27 33.64
N ALA E 29 -46.42 -26.03 33.49
CA ALA E 29 -45.14 -25.46 33.07
C ALA E 29 -45.30 -24.85 31.68
N VAL E 30 -46.00 -25.55 30.80
CA VAL E 30 -46.24 -25.09 29.44
C VAL E 30 -47.07 -23.81 29.49
N GLU E 31 -48.02 -23.76 30.42
CA GLU E 31 -48.90 -22.60 30.60
C GLU E 31 -48.06 -21.34 30.82
N LEU E 32 -46.91 -21.51 31.47
CA LEU E 32 -46.00 -20.40 31.74
C LEU E 32 -45.17 -20.09 30.51
N LEU E 33 -44.69 -21.14 29.83
CA LEU E 33 -43.88 -21.00 28.63
C LEU E 33 -44.52 -20.07 27.60
N LEU E 34 -45.80 -20.32 27.29
CA LEU E 34 -46.51 -19.50 26.33
C LEU E 34 -46.66 -18.05 26.78
N GLY E 35 -46.63 -17.83 28.08
CA GLY E 35 -46.74 -16.47 28.60
C GLY E 35 -45.55 -15.63 28.20
N ARG E 36 -44.46 -16.30 27.83
CA ARG E 36 -43.23 -15.63 27.40
C ARG E 36 -43.12 -15.69 25.88
N ALA E 37 -43.55 -16.80 25.30
CA ALA E 37 -43.49 -16.99 23.85
C ALA E 37 -44.52 -16.11 23.14
N TYR E 38 -44.03 -15.08 22.45
CA TYR E 38 -44.90 -14.15 21.73
C TYR E 38 -45.74 -14.85 20.65
N ALA E 39 -47.01 -15.02 20.95
CA ALA E 39 -47.96 -15.67 20.03
C ALA E 39 -47.96 -14.96 18.67
N ALA E 40 -48.43 -15.68 17.65
CA ALA E 40 -48.50 -15.19 16.27
C ALA E 40 -47.13 -15.23 15.62
N ARG E 41 -46.14 -14.64 16.29
CA ARG E 41 -44.77 -14.65 15.79
C ARG E 41 -44.27 -16.08 15.91
N ASP E 42 -44.06 -16.51 17.15
CA ASP E 42 -43.60 -17.87 17.41
C ASP E 42 -44.80 -18.81 17.25
N HIS E 43 -44.52 -20.08 17.00
CA HIS E 43 -45.57 -21.07 16.83
C HIS E 43 -45.21 -22.37 17.55
N VAL E 44 -45.42 -22.36 18.87
CA VAL E 44 -45.13 -23.53 19.70
C VAL E 44 -46.05 -24.69 19.31
N SER E 45 -45.57 -25.52 18.39
CA SER E 45 -46.33 -26.68 17.93
C SER E 45 -46.36 -27.73 19.03
N LEU E 46 -47.56 -28.12 19.43
CA LEU E 46 -47.74 -29.12 20.47
C LEU E 46 -47.68 -30.51 19.86
N ILE E 47 -46.47 -30.93 19.51
CA ILE E 47 -46.26 -32.23 18.90
C ILE E 47 -46.10 -33.30 19.99
N THR E 48 -47.20 -33.99 20.27
CA THR E 48 -47.19 -35.05 21.27
C THR E 48 -46.61 -36.33 20.68
N PHE E 49 -46.22 -37.25 21.56
CA PHE E 49 -45.65 -38.52 21.12
C PHE E 49 -45.76 -39.53 22.25
N ARG E 50 -45.08 -40.67 22.09
CA ARG E 50 -45.08 -41.76 23.08
C ARG E 50 -46.38 -42.56 23.01
N GLY E 51 -47.45 -41.92 22.54
CA GLY E 51 -48.74 -42.55 22.40
C GLY E 51 -49.48 -41.83 21.29
N THR E 52 -50.07 -40.68 21.62
CA THR E 52 -50.80 -39.89 20.64
C THR E 52 -49.78 -39.23 19.71
N ALA E 53 -49.99 -39.36 18.40
CA ALA E 53 -49.10 -38.78 17.41
C ALA E 53 -49.49 -37.34 17.07
N ALA E 54 -48.80 -36.38 17.71
CA ALA E 54 -49.03 -34.95 17.50
C ALA E 54 -50.42 -34.49 17.90
N GLN E 55 -50.58 -33.16 17.99
CA GLN E 55 -51.86 -32.56 18.36
C GLN E 55 -52.06 -31.24 17.63
N VAL E 56 -51.52 -30.15 18.20
CA VAL E 56 -51.66 -28.83 17.60
C VAL E 56 -50.51 -28.57 16.64
N LEU E 57 -50.84 -28.03 15.47
CA LEU E 57 -49.85 -27.73 14.44
C LEU E 57 -49.29 -26.32 14.59
N LEU E 58 -48.28 -26.02 13.77
CA LEU E 58 -47.60 -24.73 13.77
C LEU E 58 -48.50 -23.53 13.48
N GLN E 59 -49.11 -23.52 12.30
CA GLN E 59 -49.97 -22.43 11.87
C GLN E 59 -51.15 -22.09 12.81
N PRO E 60 -51.93 -23.10 13.24
CA PRO E 60 -53.06 -22.86 14.14
C PRO E 60 -52.67 -22.35 15.54
N SER E 61 -52.14 -21.13 15.59
CA SER E 61 -51.72 -20.52 16.85
C SER E 61 -51.26 -19.08 16.57
N ARG E 62 -52.18 -18.14 16.71
CA ARG E 62 -51.87 -16.73 16.50
C ARG E 62 -52.06 -15.94 17.79
N SER E 63 -53.01 -16.36 18.61
CA SER E 63 -53.28 -15.69 19.87
C SER E 63 -53.11 -16.65 21.04
N LEU E 64 -52.61 -16.14 22.15
CA LEU E 64 -52.39 -16.92 23.36
C LEU E 64 -53.66 -17.65 23.81
N THR E 65 -54.78 -16.97 23.70
CA THR E 65 -56.08 -17.50 24.07
C THR E 65 -56.43 -18.80 23.35
N GLN E 66 -55.85 -18.99 22.17
CA GLN E 66 -56.10 -20.20 21.38
C GLN E 66 -55.33 -21.40 21.92
N THR E 67 -54.02 -21.24 22.04
CA THR E 67 -53.15 -22.31 22.53
C THR E 67 -53.37 -22.72 23.97
N LYS E 68 -53.50 -21.74 24.87
CA LYS E 68 -53.69 -22.02 26.29
C LYS E 68 -54.79 -23.04 26.61
N ARG E 69 -56.00 -22.77 26.14
CA ARG E 69 -57.12 -23.68 26.37
C ARG E 69 -56.80 -25.09 25.88
N GLN E 70 -56.06 -25.19 24.79
CA GLN E 70 -55.67 -26.47 24.23
C GLN E 70 -54.71 -27.20 25.15
N LEU E 71 -53.75 -26.48 25.72
CA LEU E 71 -52.76 -27.06 26.64
C LEU E 71 -53.46 -27.79 27.77
N GLN E 72 -54.43 -27.13 28.37
CA GLN E 72 -55.20 -27.69 29.47
C GLN E 72 -56.00 -28.89 28.98
N GLY E 73 -56.66 -28.75 27.84
CA GLY E 73 -57.46 -29.82 27.28
C GLY E 73 -56.68 -31.05 26.84
N LEU E 74 -55.40 -30.87 26.50
CA LEU E 74 -54.56 -31.98 26.06
C LEU E 74 -54.53 -33.13 27.06
N PRO E 75 -54.86 -34.34 26.59
CA PRO E 75 -54.88 -35.55 27.43
C PRO E 75 -53.46 -36.07 27.70
N GLY E 76 -53.35 -37.33 28.07
CA GLY E 76 -52.07 -37.92 28.36
C GLY E 76 -52.09 -39.42 28.19
N GLY E 77 -51.01 -39.99 27.67
CA GLY E 77 -50.94 -41.42 27.47
C GLY E 77 -49.82 -41.79 26.52
N GLY E 78 -48.91 -42.64 26.98
CA GLY E 78 -47.79 -43.05 26.16
C GLY E 78 -46.93 -44.09 26.86
N GLY E 79 -46.17 -44.85 26.09
CA GLY E 79 -45.31 -45.86 26.66
C GLY E 79 -44.02 -46.09 25.89
N THR E 80 -44.13 -46.75 24.74
CA THR E 80 -42.96 -47.04 23.91
C THR E 80 -42.17 -45.78 23.54
N PRO E 81 -40.89 -45.72 23.97
CA PRO E 81 -40.01 -44.59 23.71
C PRO E 81 -39.29 -44.60 22.36
N LEU E 82 -39.55 -43.59 21.54
CA LEU E 82 -38.92 -43.46 20.24
C LEU E 82 -38.27 -42.08 20.14
N ALA E 83 -37.11 -41.94 20.77
CA ALA E 83 -36.38 -40.67 20.77
C ALA E 83 -36.11 -40.16 19.35
N SER E 84 -35.38 -40.96 18.57
CA SER E 84 -35.06 -40.61 17.21
C SER E 84 -36.32 -40.49 16.35
N GLY E 85 -37.34 -41.24 16.71
CA GLY E 85 -38.61 -41.20 15.98
C GLY E 85 -39.16 -39.80 15.89
N MET E 86 -39.05 -39.04 16.97
CA MET E 86 -39.54 -37.67 17.02
C MET E 86 -38.90 -36.80 15.93
N GLU E 87 -37.58 -36.81 15.89
CA GLU E 87 -36.83 -36.02 14.91
C GLU E 87 -37.36 -36.33 13.51
N MET E 88 -37.43 -37.61 13.17
CA MET E 88 -37.92 -38.04 11.87
C MET E 88 -39.36 -37.59 11.62
N ALA E 89 -40.15 -37.54 12.69
CA ALA E 89 -41.55 -37.12 12.57
C ALA E 89 -41.71 -35.60 12.59
N MET E 90 -40.65 -34.90 12.99
CA MET E 90 -40.69 -33.44 13.06
C MET E 90 -40.19 -32.75 11.79
N VAL E 91 -38.86 -32.62 11.67
CA VAL E 91 -38.22 -31.96 10.53
C VAL E 91 -38.76 -32.37 9.16
N THR E 92 -39.08 -33.66 9.01
CA THR E 92 -39.58 -34.19 7.74
C THR E 92 -40.87 -33.59 7.18
N ALA E 93 -41.77 -33.13 8.05
CA ALA E 93 -43.03 -32.55 7.56
C ALA E 93 -43.60 -31.41 8.39
N LYS E 94 -43.16 -31.28 9.64
CA LYS E 94 -43.67 -30.21 10.50
C LYS E 94 -43.27 -28.83 10.01
N GLN E 95 -42.00 -28.64 9.71
CA GLN E 95 -41.51 -27.35 9.23
C GLN E 95 -41.66 -27.21 7.71
N ALA E 96 -42.83 -27.58 7.20
CA ALA E 96 -43.11 -27.49 5.76
C ALA E 96 -43.34 -26.04 5.33
N ARG E 97 -43.24 -25.80 4.03
CA ARG E 97 -43.41 -24.46 3.47
C ARG E 97 -44.66 -23.71 3.92
N SER E 98 -45.72 -24.46 4.25
CA SER E 98 -46.97 -23.85 4.70
C SER E 98 -46.92 -23.33 6.14
N ARG E 99 -45.71 -23.14 6.66
CA ARG E 99 -45.49 -22.63 8.01
C ARG E 99 -44.00 -22.35 8.23
N GLY E 100 -43.18 -23.38 8.11
CA GLY E 100 -41.74 -23.27 8.27
C GLY E 100 -41.22 -22.27 9.28
N MET E 101 -40.57 -21.23 8.78
CA MET E 101 -39.97 -20.17 9.59
C MET E 101 -38.79 -20.71 10.41
N THR E 102 -38.20 -19.86 11.24
CA THR E 102 -37.05 -20.24 12.06
C THR E 102 -37.38 -21.39 13.02
N PRO E 103 -36.88 -22.60 12.73
CA PRO E 103 -37.12 -23.79 13.55
C PRO E 103 -36.29 -23.82 14.83
N THR E 104 -36.83 -24.49 15.86
CA THR E 104 -36.17 -24.65 17.15
C THR E 104 -36.85 -25.82 17.86
N ILE E 105 -36.23 -26.99 17.81
CA ILE E 105 -36.77 -28.20 18.43
C ILE E 105 -36.56 -28.20 19.94
N ALA E 106 -37.53 -28.77 20.66
CA ALA E 106 -37.47 -28.85 22.11
C ALA E 106 -37.95 -30.23 22.57
N LEU E 107 -37.01 -31.12 22.87
CA LEU E 107 -37.34 -32.47 23.30
C LEU E 107 -37.74 -32.58 24.76
N LEU E 108 -38.99 -32.96 25.01
CA LEU E 108 -39.50 -33.13 26.36
C LEU E 108 -39.67 -34.63 26.64
N THR E 109 -38.87 -35.44 25.97
CA THR E 109 -38.90 -36.89 26.09
C THR E 109 -38.70 -37.40 27.52
N ASP E 110 -39.65 -38.21 28.01
CA ASP E 110 -39.57 -38.77 29.35
C ASP E 110 -38.68 -40.00 29.34
N GLY E 111 -37.58 -39.93 30.08
CA GLY E 111 -36.65 -41.05 30.14
C GLY E 111 -35.92 -41.31 28.84
N ARG E 112 -35.43 -42.53 28.68
CA ARG E 112 -34.70 -42.93 27.49
C ARG E 112 -35.59 -43.20 26.28
N GLY E 113 -34.97 -43.79 25.27
CA GLY E 113 -35.65 -44.16 24.04
C GLY E 113 -35.06 -45.49 23.63
N ASN E 114 -35.83 -46.30 22.90
CA ASN E 114 -35.35 -47.60 22.45
C ASN E 114 -34.58 -47.49 21.15
N ILE E 115 -35.15 -46.78 20.18
CA ILE E 115 -34.49 -46.61 18.89
C ILE E 115 -33.35 -45.61 19.05
N ALA E 116 -32.15 -46.04 18.64
CA ALA E 116 -30.96 -45.21 18.72
C ALA E 116 -31.07 -43.93 17.90
N LEU E 117 -30.36 -42.90 18.35
CA LEU E 117 -30.37 -41.60 17.67
C LEU E 117 -29.48 -41.65 16.43
N ASP E 118 -28.17 -41.73 16.65
CA ASP E 118 -27.16 -41.80 15.61
C ASP E 118 -27.45 -40.91 14.39
N GLY E 119 -28.13 -41.47 13.39
CA GLY E 119 -28.45 -40.73 12.18
C GLY E 119 -29.19 -39.44 12.46
N THR E 120 -30.25 -39.52 13.27
CA THR E 120 -31.05 -38.35 13.62
C THR E 120 -30.22 -37.27 14.28
N ALA E 121 -29.30 -37.69 15.14
CA ALA E 121 -28.42 -36.75 15.85
C ALA E 121 -27.68 -35.86 14.85
N ASN E 122 -27.20 -36.47 13.77
CA ASN E 122 -26.49 -35.74 12.73
C ASN E 122 -27.45 -34.92 11.89
N ARG E 123 -28.67 -35.43 11.73
CA ARG E 123 -29.71 -34.77 10.95
C ARG E 123 -30.21 -33.49 11.62
N GLU E 124 -29.98 -33.37 12.92
CA GLU E 124 -30.39 -32.20 13.70
C GLU E 124 -29.96 -30.92 13.01
N LEU E 125 -28.74 -30.92 12.47
CA LEU E 125 -28.19 -29.76 11.77
C LEU E 125 -29.12 -29.18 10.71
N ALA E 126 -29.97 -30.04 10.14
CA ALA E 126 -30.92 -29.61 9.12
C ALA E 126 -32.17 -28.99 9.74
N GLY E 127 -32.48 -29.41 10.97
CA GLY E 127 -33.64 -28.89 11.66
C GLY E 127 -33.33 -27.66 12.51
N GLU E 128 -32.05 -27.51 12.85
CA GLU E 128 -31.57 -26.39 13.66
C GLU E 128 -32.16 -26.26 15.07
N GLN E 129 -31.27 -26.34 16.05
CA GLN E 129 -31.62 -26.22 17.47
C GLN E 129 -32.48 -27.35 18.01
N ALA E 130 -32.02 -27.97 19.08
CA ALA E 130 -32.73 -29.06 19.73
C ALA E 130 -32.40 -29.09 21.21
N THR E 131 -33.29 -28.55 22.03
CA THR E 131 -33.09 -28.52 23.47
C THR E 131 -33.48 -29.87 24.06
N LYS E 132 -32.89 -30.21 25.20
CA LYS E 132 -33.18 -31.49 25.84
C LYS E 132 -33.57 -31.35 27.30
N VAL E 133 -34.87 -31.47 27.56
CA VAL E 133 -35.37 -31.38 28.92
C VAL E 133 -35.26 -32.80 29.48
N ALA E 134 -34.25 -33.03 30.30
CA ALA E 134 -34.01 -34.33 30.91
C ALA E 134 -35.15 -34.75 31.83
N ARG E 135 -36.23 -35.23 31.24
CA ARG E 135 -37.39 -35.69 32.00
C ARG E 135 -37.02 -36.95 32.76
N ALA E 136 -36.40 -36.78 33.91
CA ALA E 136 -35.99 -37.90 34.75
C ALA E 136 -37.05 -38.14 35.83
N ILE E 137 -38.31 -38.01 35.44
CA ILE E 137 -39.43 -38.20 36.35
C ILE E 137 -39.39 -39.59 36.98
N ARG E 138 -39.61 -40.60 36.16
CA ARG E 138 -39.59 -41.98 36.62
C ARG E 138 -38.21 -42.33 37.17
N ALA E 139 -37.19 -41.71 36.59
CA ALA E 139 -35.80 -41.94 37.00
C ALA E 139 -35.51 -41.48 38.42
N SER E 140 -36.35 -40.61 38.97
CA SER E 140 -36.16 -40.12 40.33
C SER E 140 -36.49 -41.19 41.36
N GLY E 141 -37.09 -42.29 40.90
CA GLY E 141 -37.44 -43.37 41.80
C GLY E 141 -36.34 -44.40 41.98
N MET E 142 -35.35 -44.38 41.10
CA MET E 142 -34.24 -45.33 41.17
C MET E 142 -33.03 -44.78 40.42
N PRO E 143 -31.81 -45.13 40.88
CA PRO E 143 -30.57 -44.67 40.25
C PRO E 143 -30.53 -44.94 38.75
N ALA E 144 -30.93 -43.92 37.98
CA ALA E 144 -30.98 -44.00 36.53
C ALA E 144 -29.61 -44.29 35.90
N VAL E 145 -28.66 -43.37 36.12
CA VAL E 145 -27.30 -43.50 35.60
C VAL E 145 -27.25 -43.61 34.07
N ILE E 146 -27.61 -44.77 33.55
CA ILE E 146 -27.62 -45.01 32.10
C ILE E 146 -28.57 -44.03 31.42
N ILE E 147 -29.74 -43.84 32.02
CA ILE E 147 -30.74 -42.94 31.49
C ILE E 147 -30.16 -41.54 31.29
N ASP E 148 -29.54 -41.00 32.33
CA ASP E 148 -28.92 -39.68 32.28
C ASP E 148 -27.91 -39.62 31.15
N THR E 149 -27.14 -40.69 31.00
CA THR E 149 -26.13 -40.78 29.96
C THR E 149 -26.72 -40.80 28.55
N ALA E 150 -27.93 -41.33 28.43
CA ALA E 150 -28.61 -41.39 27.13
C ALA E 150 -29.31 -40.06 26.85
N MET E 151 -29.65 -39.33 27.90
CA MET E 151 -30.31 -38.04 27.78
C MET E 151 -29.38 -36.91 27.40
N ARG E 152 -28.15 -36.95 27.91
CA ARG E 152 -27.16 -35.91 27.65
C ARG E 152 -26.82 -35.66 26.16
N PRO E 153 -26.25 -36.65 25.46
CA PRO E 153 -25.91 -36.45 24.05
C PRO E 153 -27.12 -36.39 23.13
N ASN E 154 -27.85 -35.28 23.19
CA ASN E 154 -29.05 -35.09 22.37
C ASN E 154 -29.02 -33.77 21.59
N PRO E 155 -28.71 -32.65 22.26
CA PRO E 155 -28.65 -31.35 21.58
C PRO E 155 -27.49 -31.22 20.61
N ALA E 156 -27.41 -30.04 19.97
CA ALA E 156 -26.34 -29.75 19.02
C ALA E 156 -25.14 -29.22 19.81
N LEU E 157 -24.23 -28.54 19.13
CA LEU E 157 -23.04 -27.99 19.76
C LEU E 157 -23.40 -27.21 21.03
N VAL E 158 -22.71 -27.52 22.11
CA VAL E 158 -22.93 -26.89 23.42
C VAL E 158 -24.26 -27.37 24.01
N ASP E 159 -24.21 -28.54 24.64
CA ASP E 159 -25.37 -29.16 25.27
C ASP E 159 -25.85 -28.35 26.47
N LEU E 160 -24.90 -27.94 27.31
CA LEU E 160 -25.17 -27.18 28.52
C LEU E 160 -26.22 -26.07 28.39
N ALA E 161 -26.22 -25.37 27.27
CA ALA E 161 -27.18 -24.29 27.05
C ALA E 161 -28.50 -24.78 26.48
N ARG E 162 -28.76 -26.08 26.61
CA ARG E 162 -29.99 -26.68 26.10
C ARG E 162 -30.49 -27.82 26.97
N THR E 163 -29.59 -28.43 27.75
CA THR E 163 -29.95 -29.52 28.63
C THR E 163 -30.39 -29.04 30.01
N MET E 164 -31.65 -29.28 30.34
CA MET E 164 -32.19 -28.87 31.64
C MET E 164 -32.75 -30.08 32.37
N ASP E 165 -32.48 -30.16 33.67
CA ASP E 165 -32.96 -31.28 34.48
C ASP E 165 -34.46 -31.20 34.70
N ALA E 166 -35.06 -32.34 35.02
CA ALA E 166 -36.49 -32.44 35.28
C ALA E 166 -36.76 -33.72 36.07
N HIS E 167 -36.19 -33.80 37.27
CA HIS E 167 -36.38 -34.97 38.13
C HIS E 167 -37.84 -35.10 38.55
N TYR E 168 -38.38 -34.06 39.17
CA TYR E 168 -39.77 -34.07 39.60
C TYR E 168 -40.54 -33.16 38.65
N ILE E 169 -41.74 -33.56 38.27
CA ILE E 169 -42.58 -32.80 37.35
C ILE E 169 -42.82 -31.35 37.77
N ALA E 170 -42.65 -31.07 39.06
CA ALA E 170 -42.84 -29.72 39.59
C ALA E 170 -41.70 -28.77 39.19
N LEU E 171 -40.49 -29.32 39.05
CA LEU E 171 -39.32 -28.53 38.69
C LEU E 171 -39.39 -27.76 37.37
N PRO E 172 -39.83 -28.42 36.27
CA PRO E 172 -39.94 -27.78 34.96
C PRO E 172 -40.53 -26.37 34.91
N ARG E 173 -41.38 -26.03 35.88
CA ARG E 173 -42.00 -24.71 35.92
C ARG E 173 -40.95 -23.61 36.10
N ALA E 174 -39.95 -23.87 36.94
CA ALA E 174 -38.89 -22.91 37.21
C ALA E 174 -37.93 -22.82 36.02
N THR E 175 -37.70 -23.95 35.37
CA THR E 175 -36.80 -24.00 34.22
C THR E 175 -37.46 -23.43 32.97
N ALA E 176 -38.80 -23.50 32.93
CA ALA E 176 -39.58 -23.00 31.81
C ALA E 176 -39.16 -21.61 31.36
N HIS E 177 -39.28 -20.64 32.26
CA HIS E 177 -38.91 -19.26 31.94
C HIS E 177 -37.45 -19.16 31.51
N LYS E 178 -36.57 -19.83 32.27
CA LYS E 178 -35.14 -19.82 31.98
C LYS E 178 -34.84 -20.24 30.54
N MET E 179 -35.55 -21.25 30.07
CA MET E 179 -35.36 -21.75 28.70
C MET E 179 -35.94 -20.77 27.68
N ALA E 180 -37.18 -20.34 27.92
CA ALA E 180 -37.86 -19.42 27.03
C ALA E 180 -37.06 -18.16 26.70
N ASP E 181 -36.64 -17.44 27.73
CA ASP E 181 -35.86 -16.22 27.56
C ASP E 181 -34.62 -16.43 26.71
N VAL E 182 -33.86 -17.48 27.02
CA VAL E 182 -32.64 -17.79 26.27
C VAL E 182 -32.95 -18.13 24.82
N LEU E 183 -33.94 -18.98 24.61
CA LEU E 183 -34.34 -19.39 23.26
C LEU E 183 -34.73 -18.21 22.39
N GLY E 184 -35.36 -17.21 23.01
CA GLY E 184 -35.76 -16.02 22.27
C GLY E 184 -34.57 -15.26 21.72
N ALA E 185 -33.48 -15.25 22.48
CA ALA E 185 -32.26 -14.57 22.08
C ALA E 185 -31.30 -15.47 21.32
N ALA E 186 -31.81 -16.60 20.81
CA ALA E 186 -30.99 -17.54 20.07
C ALA E 186 -30.45 -16.93 18.78
N LEU E 187 -29.14 -16.70 18.73
CA LEU E 187 -28.48 -16.13 17.57
C LEU E 187 -27.21 -16.90 17.26
N GLU E 188 -27.36 -17.96 16.47
CA GLU E 188 -26.23 -18.80 16.09
C GLU E 188 -26.10 -18.88 14.57
N ALA E 189 -27.22 -19.14 13.90
CA ALA E 189 -27.25 -19.23 12.45
C ALA E 189 -28.48 -18.51 11.90
N LYS F 1 -61.78 -6.88 2.49
CA LYS F 1 -60.73 -6.71 1.44
C LYS F 1 -59.92 -8.00 1.33
N GLU F 2 -59.17 -8.12 0.24
CA GLU F 2 -58.37 -9.32 -0.01
C GLU F 2 -57.15 -9.45 0.89
N MET F 3 -56.60 -10.66 0.95
CA MET F 3 -55.43 -10.96 1.76
C MET F 3 -54.15 -10.59 1.00
N SER F 4 -53.01 -10.82 1.65
CA SER F 4 -51.70 -10.53 1.06
C SER F 4 -51.48 -9.05 0.80
N ASP F 5 -52.12 -8.53 -0.24
CA ASP F 5 -52.00 -7.12 -0.62
C ASP F 5 -52.34 -6.17 0.52
N ARG F 6 -51.36 -5.34 0.87
CA ARG F 6 -51.52 -4.36 1.95
C ARG F 6 -50.74 -3.09 1.59
N VAL F 7 -51.35 -1.95 1.84
CA VAL F 7 -50.73 -0.65 1.57
C VAL F 7 -50.40 -0.01 2.92
N LEU F 8 -49.23 -0.38 3.45
CA LEU F 8 -48.78 0.14 4.73
C LEU F 8 -48.26 1.57 4.59
N ILE F 9 -49.18 2.53 4.62
CA ILE F 9 -48.78 3.93 4.51
C ILE F 9 -48.33 4.46 5.88
N PHE F 10 -47.04 4.31 6.15
CA PHE F 10 -46.47 4.75 7.42
C PHE F 10 -46.11 6.22 7.43
N ALA F 11 -46.77 6.97 8.32
CA ALA F 11 -46.52 8.40 8.47
C ALA F 11 -45.23 8.56 9.26
N VAL F 12 -44.10 8.46 8.57
CA VAL F 12 -42.78 8.57 9.19
C VAL F 12 -42.55 9.97 9.76
N ASP F 13 -43.12 10.21 10.93
CA ASP F 13 -43.00 11.49 11.62
C ASP F 13 -41.58 11.62 12.18
N ALA F 14 -40.84 12.60 11.70
CA ALA F 14 -39.47 12.82 12.15
C ALA F 14 -39.28 14.12 12.93
N SER F 15 -39.89 14.20 14.10
CA SER F 15 -39.78 15.39 14.95
C SER F 15 -38.36 15.53 15.49
N GLY F 16 -37.88 16.77 15.54
CA GLY F 16 -36.55 17.04 16.06
C GLY F 16 -36.44 16.64 17.52
N SER F 17 -37.58 16.57 18.20
CA SER F 17 -37.64 16.20 19.61
C SER F 17 -37.13 14.78 19.81
N ALA F 18 -37.23 13.96 18.76
CA ALA F 18 -36.79 12.57 18.81
C ALA F 18 -35.27 12.49 18.60
N ALA F 19 -34.53 12.62 19.70
CA ALA F 19 -33.07 12.55 19.64
C ALA F 19 -32.63 11.19 19.13
N VAL F 20 -31.78 11.19 18.11
CA VAL F 20 -31.26 9.97 17.48
C VAL F 20 -32.38 9.15 16.85
N ALA F 21 -32.82 9.50 15.76
N LEU F 23 -32.80 9.56 15.65
CA LEU F 23 -33.86 8.88 14.92
C LEU F 23 -33.47 7.46 14.51
N SER F 24 -32.19 7.13 14.64
CA SER F 24 -31.67 5.81 14.29
C SER F 24 -32.48 4.68 14.91
N GLU F 25 -32.86 4.86 16.17
CA GLU F 25 -33.64 3.86 16.91
C GLU F 25 -34.95 3.56 16.20
N ALA F 26 -35.66 4.60 15.79
CA ALA F 26 -36.94 4.45 15.10
C ALA F 26 -36.73 3.73 13.78
N LYS F 27 -35.68 4.11 13.07
CA LYS F 27 -35.35 3.50 11.79
C LYS F 27 -35.10 2.01 11.97
N GLY F 28 -34.38 1.65 13.02
CA GLY F 28 -34.09 0.26 13.31
C GLY F 28 -35.36 -0.49 13.68
N ALA F 29 -36.30 0.22 14.29
CA ALA F 29 -37.58 -0.37 14.69
C ALA F 29 -38.36 -0.79 13.44
N VAL F 30 -38.32 0.06 12.42
CA VAL F 30 -39.02 -0.20 11.16
C VAL F 30 -38.48 -1.49 10.52
N GLU F 31 -37.17 -1.70 10.63
CA GLU F 31 -36.51 -2.88 10.08
C GLU F 31 -37.22 -4.17 10.53
N LEU F 32 -37.37 -4.32 11.84
CA LEU F 32 -38.01 -5.49 12.43
C LEU F 32 -39.47 -5.65 12.04
N LEU F 33 -40.19 -4.54 11.93
CA LEU F 33 -41.60 -4.56 11.58
C LEU F 33 -41.82 -5.01 10.13
N LEU F 34 -41.20 -4.29 9.20
CA LEU F 34 -41.36 -4.58 7.78
C LEU F 34 -40.83 -5.95 7.36
N GLY F 35 -39.91 -6.50 8.15
CA GLY F 35 -39.37 -7.82 7.84
C GLY F 35 -40.45 -8.89 7.86
N ARG F 36 -41.56 -8.59 8.51
CA ARG F 36 -42.68 -9.52 8.63
C ARG F 36 -43.63 -9.36 7.43
N ALA F 37 -43.55 -8.21 6.77
CA ALA F 37 -44.39 -7.92 5.62
C ALA F 37 -43.96 -8.70 4.38
N TYR F 38 -44.91 -9.32 3.71
CA TYR F 38 -44.63 -10.09 2.51
C TYR F 38 -44.35 -9.19 1.31
N ALA F 39 -43.09 -8.80 1.18
CA ALA F 39 -42.62 -7.91 0.10
C ALA F 39 -43.19 -8.28 -1.27
N ALA F 40 -43.07 -7.35 -2.21
CA ALA F 40 -43.56 -7.49 -3.59
C ALA F 40 -45.07 -7.27 -3.61
N ARG F 41 -45.78 -8.05 -2.80
CA ARG F 41 -47.24 -7.94 -2.70
C ARG F 41 -47.52 -6.73 -1.81
N ASP F 42 -46.98 -6.77 -0.60
CA ASP F 42 -47.14 -5.68 0.35
C ASP F 42 -46.28 -4.50 -0.12
N HIS F 43 -46.73 -3.29 0.18
CA HIS F 43 -46.00 -2.09 -0.20
C HIS F 43 -46.08 -1.05 0.91
N VAL F 44 -44.91 -0.72 1.45
CA VAL F 44 -44.83 0.27 2.53
C VAL F 44 -44.52 1.65 1.97
N SER F 45 -45.39 2.60 2.26
CA SER F 45 -45.22 3.97 1.80
C SER F 45 -44.51 4.75 2.90
N LEU F 46 -43.28 5.17 2.63
CA LEU F 46 -42.49 5.92 3.59
C LEU F 46 -42.86 7.40 3.49
N ILE F 47 -44.02 7.73 4.05
CA ILE F 47 -44.54 9.09 4.04
C ILE F 47 -43.99 9.86 5.24
N THR F 48 -42.87 10.54 5.05
CA THR F 48 -42.28 11.33 6.12
C THR F 48 -43.17 12.52 6.43
N PHE F 49 -43.08 13.02 7.66
CA PHE F 49 -43.88 14.16 8.06
C PHE F 49 -43.16 14.99 9.12
N ARG F 50 -43.81 16.06 9.56
CA ARG F 50 -43.30 16.99 10.57
C ARG F 50 -42.36 18.01 9.92
N GLY F 51 -41.72 17.60 8.83
CA GLY F 51 -40.81 18.46 8.10
C GLY F 51 -40.91 18.10 6.63
N THR F 52 -40.04 17.20 6.19
CA THR F 52 -40.05 16.75 4.80
C THR F 52 -41.32 15.93 4.58
N ALA F 53 -42.11 16.31 3.58
CA ALA F 53 -43.37 15.62 3.28
C ALA F 53 -43.18 14.47 2.29
N ALA F 54 -43.33 13.25 2.78
CA ALA F 54 -43.22 12.03 1.97
C ALA F 54 -41.82 11.79 1.40
N GLN F 55 -41.55 10.53 1.07
CA GLN F 55 -40.26 10.12 0.51
C GLN F 55 -40.47 9.01 -0.52
N VAL F 56 -40.65 7.78 -0.04
CA VAL F 56 -40.85 6.64 -0.93
C VAL F 56 -42.32 6.25 -0.94
N LEU F 57 -42.87 6.03 -2.13
CA LEU F 57 -44.27 5.66 -2.29
C LEU F 57 -44.43 4.15 -2.46
N LEU F 58 -45.68 3.71 -2.58
CA LEU F 58 -46.01 2.30 -2.74
C LEU F 58 -45.45 1.68 -4.02
N GLN F 59 -45.54 2.41 -5.12
CA GLN F 59 -45.07 1.94 -6.42
C GLN F 59 -43.56 1.68 -6.52
N PRO F 60 -42.71 2.63 -6.08
CA PRO F 60 -41.26 2.47 -6.13
C PRO F 60 -40.70 1.24 -5.40
N SER F 61 -41.00 1.12 -4.12
CA SER F 61 -40.52 -0.01 -3.33
C SER F 61 -41.20 -1.31 -3.75
N ARG F 62 -40.40 -2.28 -4.16
CA ARG F 62 -40.91 -3.58 -4.59
C ARG F 62 -40.49 -4.67 -3.63
N SER F 63 -39.20 -4.99 -3.64
CA SER F 63 -38.65 -6.04 -2.78
C SER F 63 -38.18 -5.50 -1.43
N LEU F 64 -38.02 -6.41 -0.47
CA LEU F 64 -37.57 -6.05 0.87
C LEU F 64 -36.15 -5.53 0.81
N THR F 65 -35.37 -6.06 -0.14
CA THR F 65 -33.98 -5.64 -0.34
C THR F 65 -33.92 -4.13 -0.61
N GLN F 66 -34.93 -3.62 -1.30
CA GLN F 66 -35.00 -2.20 -1.60
C GLN F 66 -35.50 -1.47 -0.36
N THR F 67 -36.57 -2.00 0.23
CA THR F 67 -37.20 -1.44 1.42
C THR F 67 -36.20 -1.15 2.55
N LYS F 68 -35.56 -2.19 3.06
CA LYS F 68 -34.59 -2.06 4.15
C LYS F 68 -33.58 -0.94 3.94
N ARG F 69 -32.88 -0.98 2.81
CA ARG F 69 -31.88 0.04 2.50
C ARG F 69 -32.47 1.45 2.52
N GLN F 70 -33.67 1.60 1.98
CA GLN F 70 -34.35 2.89 1.95
C GLN F 70 -34.63 3.39 3.38
N LEU F 71 -35.09 2.48 4.24
CA LEU F 71 -35.38 2.81 5.63
C LEU F 71 -34.16 3.42 6.29
N GLN F 72 -33.02 2.77 6.09
CA GLN F 72 -31.76 3.23 6.65
C GLN F 72 -31.34 4.56 6.04
N GLY F 73 -31.53 4.70 4.73
CA GLY F 73 -31.16 5.93 4.04
C GLY F 73 -32.05 7.12 4.34
N LEU F 74 -33.28 6.88 4.77
CA LEU F 74 -34.22 7.95 5.09
C LEU F 74 -33.66 9.00 6.06
N PRO F 75 -33.75 10.28 5.69
CA PRO F 75 -33.26 11.40 6.50
C PRO F 75 -34.22 11.71 7.65
N GLY F 76 -34.18 12.94 8.15
CA GLY F 76 -35.05 13.31 9.25
C GLY F 76 -35.03 14.81 9.52
N GLY F 77 -36.05 15.29 10.21
CA GLY F 77 -36.14 16.71 10.52
C GLY F 77 -37.57 17.20 10.46
N GLY F 78 -38.04 17.82 11.53
CA GLY F 78 -39.40 18.33 11.56
C GLY F 78 -39.75 19.01 12.87
N GLY F 79 -40.89 19.69 12.90
CA GLY F 79 -41.32 20.38 14.11
C GLY F 79 -42.82 20.51 14.28
N THR F 80 -43.45 21.32 13.43
CA THR F 80 -44.89 21.54 13.50
C THR F 80 -45.73 20.33 13.08
N PRO F 81 -46.59 19.83 13.99
CA PRO F 81 -47.46 18.68 13.73
C PRO F 81 -48.83 19.04 13.13
N LEU F 82 -49.16 18.40 12.01
CA LEU F 82 -50.44 18.62 11.35
C LEU F 82 -51.13 17.27 11.16
N ALA F 83 -51.69 16.75 12.24
CA ALA F 83 -52.38 15.46 12.24
C ALA F 83 -53.42 15.34 11.13
N SER F 84 -54.39 16.25 11.12
CA SER F 84 -55.45 16.25 10.11
C SER F 84 -54.89 16.42 8.71
N GLY F 85 -53.78 17.16 8.59
CA GLY F 85 -53.16 17.38 7.31
C GLY F 85 -52.75 16.07 6.66
N MET F 86 -52.22 15.16 7.47
CA MET F 86 -51.79 13.86 6.99
C MET F 86 -52.92 13.09 6.32
N GLU F 87 -54.06 13.02 6.99
CA GLU F 87 -55.24 12.31 6.48
C GLU F 87 -55.48 12.67 5.01
N MET F 88 -55.67 13.96 4.74
CA MET F 88 -55.91 14.44 3.39
C MET F 88 -54.76 14.03 2.46
N ALA F 89 -53.53 14.29 2.88
CA ALA F 89 -52.35 13.97 2.09
C ALA F 89 -52.18 12.47 1.84
N MET F 90 -52.78 11.65 2.70
CA MET F 90 -52.68 10.20 2.58
C MET F 90 -53.85 9.61 1.80
N VAL F 91 -55.03 9.62 2.42
CA VAL F 91 -56.24 9.07 1.82
C VAL F 91 -56.55 9.58 0.41
N THR F 92 -56.07 10.77 0.08
CA THR F 92 -56.33 11.34 -1.23
C THR F 92 -55.23 11.06 -2.26
N ALA F 93 -54.05 11.63 -2.04
CA ALA F 93 -52.92 11.48 -2.95
C ALA F 93 -52.19 10.13 -2.92
N LYS F 94 -52.27 9.42 -1.81
CA LYS F 94 -51.57 8.14 -1.70
C LYS F 94 -52.32 6.96 -2.30
N GLN F 95 -53.51 6.66 -1.78
CA GLN F 95 -54.29 5.54 -2.29
C GLN F 95 -55.06 5.88 -3.58
N ALA F 96 -54.44 6.68 -4.43
CA ALA F 96 -55.05 7.09 -5.70
C ALA F 96 -54.97 5.95 -6.71
N ARG F 97 -55.70 6.11 -7.82
CA ARG F 97 -55.72 5.10 -8.88
C ARG F 97 -54.35 4.72 -9.43
N SER F 98 -53.34 5.56 -9.16
CA SER F 98 -51.98 5.31 -9.62
C SER F 98 -51.27 4.19 -8.85
N ARG F 99 -52.03 3.50 -7.99
CA ARG F 99 -51.51 2.39 -7.19
C ARG F 99 -52.64 1.67 -6.47
N GLY F 100 -53.47 2.42 -5.75
CA GLY F 100 -54.59 1.86 -5.03
C GLY F 100 -54.22 0.71 -4.10
N MET F 101 -54.90 -0.42 -4.26
CA MET F 101 -54.68 -1.63 -3.48
C MET F 101 -55.17 -1.46 -2.03
N THR F 102 -55.36 -2.58 -1.33
CA THR F 102 -55.84 -2.59 0.05
C THR F 102 -55.03 -1.65 0.96
N PRO F 103 -55.63 -0.52 1.35
CA PRO F 103 -55.00 0.49 2.21
C PRO F 103 -54.88 0.09 3.69
N THR F 104 -53.91 0.71 4.37
CA THR F 104 -53.66 0.46 5.79
C THR F 104 -52.89 1.67 6.33
N ILE F 105 -53.61 2.57 7.00
CA ILE F 105 -53.01 3.78 7.57
C ILE F 105 -52.22 3.51 8.84
N ALA F 106 -51.08 4.20 8.98
CA ALA F 106 -50.23 4.04 10.16
C ALA F 106 -49.70 5.40 10.63
N LEU F 107 -50.26 5.91 11.72
CA LEU F 107 -49.85 7.19 12.27
C LEU F 107 -48.72 7.07 13.28
N LEU F 108 -47.54 7.55 12.91
CA LEU F 108 -46.37 7.52 13.78
C LEU F 108 -46.08 8.92 14.31
N THR F 109 -47.12 9.76 14.33
CA THR F 109 -47.01 11.15 14.79
C THR F 109 -46.46 11.28 16.21
N ASP F 110 -45.39 12.05 16.38
CA ASP F 110 -44.79 12.25 17.69
C ASP F 110 -45.56 13.29 18.49
N GLY F 111 -46.17 12.85 19.59
CA GLY F 111 -46.94 13.76 20.42
C GLY F 111 -48.24 14.20 19.79
N ARG F 112 -48.77 15.31 20.27
CA ARG F 112 -50.02 15.86 19.76
C ARG F 112 -49.84 16.51 18.39
N GLY F 113 -50.93 17.11 17.91
CA GLY F 113 -50.94 17.80 16.65
C GLY F 113 -51.51 19.18 16.90
N ASN F 114 -51.16 20.15 16.05
CA ASN F 114 -51.65 21.51 16.19
C ASN F 114 -53.08 21.62 15.67
N ILE F 115 -53.29 21.19 14.42
CA ILE F 115 -54.60 21.23 13.81
C ILE F 115 -55.41 20.02 14.25
N ALA F 116 -56.61 20.27 14.76
CA ALA F 116 -57.50 19.21 15.23
C ALA F 116 -57.94 18.27 14.11
N LEU F 117 -58.35 17.06 14.49
CA LEU F 117 -58.80 16.05 13.54
C LEU F 117 -60.27 16.26 13.18
N ASP F 118 -61.13 15.96 14.16
CA ASP F 118 -62.58 16.09 14.03
C ASP F 118 -63.14 15.54 12.71
N GLY F 119 -63.22 16.40 11.69
CA GLY F 119 -63.74 15.99 10.41
C GLY F 119 -62.98 14.82 9.78
N THR F 120 -61.66 14.90 9.81
CA THR F 120 -60.81 13.86 9.24
C THR F 120 -61.07 12.50 9.90
N ALA F 121 -61.28 12.51 11.21
CA ALA F 121 -61.54 11.30 11.97
C ALA F 121 -62.71 10.51 11.37
N ASN F 122 -63.71 11.23 10.88
CA ASN F 122 -64.88 10.62 10.28
C ASN F 122 -64.58 10.11 8.87
N ARG F 123 -63.67 10.82 8.19
CA ARG F 123 -63.28 10.47 6.82
C ARG F 123 -62.36 9.25 6.78
N GLU F 124 -61.80 8.88 7.93
CA GLU F 124 -60.90 7.73 8.05
C GLU F 124 -61.39 6.51 7.30
N LEU F 125 -62.70 6.25 7.36
CA LEU F 125 -63.33 5.11 6.70
C LEU F 125 -62.92 4.89 5.24
N ALA F 126 -62.41 5.93 4.59
CA ALA F 126 -61.98 5.81 3.21
C ALA F 126 -60.66 5.05 3.08
N GLY F 127 -59.80 5.21 4.08
CA GLY F 127 -58.52 4.52 4.08
C GLY F 127 -58.51 3.31 5.00
N GLU F 128 -59.22 3.41 6.11
CA GLU F 128 -59.32 2.35 7.10
C GLU F 128 -58.03 1.94 7.80
N GLN F 129 -58.19 1.17 8.87
CA GLN F 129 -57.09 0.65 9.66
C GLN F 129 -56.09 1.69 10.17
N ALA F 130 -56.59 2.87 10.53
CA ALA F 130 -55.73 3.93 11.03
C ALA F 130 -55.10 3.55 12.38
N THR F 131 -53.94 2.93 12.31
CA THR F 131 -53.23 2.52 13.51
C THR F 131 -52.60 3.76 14.15
N LYS F 132 -52.49 3.77 15.48
CA LYS F 132 -51.92 4.91 16.18
C LYS F 132 -50.81 4.52 17.14
N VAL F 133 -49.58 4.84 16.76
CA VAL F 133 -48.43 4.57 17.60
C VAL F 133 -48.26 5.79 18.48
N ALA F 134 -48.58 5.64 19.76
CA ALA F 134 -48.48 6.73 20.73
C ALA F 134 -47.05 7.20 20.94
N ARG F 135 -46.54 7.94 19.96
CA ARG F 135 -45.18 8.48 20.02
C ARG F 135 -45.13 9.59 21.07
N ALA F 136 -44.14 9.52 21.94
CA ALA F 136 -43.96 10.51 22.99
C ALA F 136 -42.52 10.43 23.47
N ILE F 137 -41.60 10.73 22.55
CA ILE F 137 -40.16 10.69 22.83
C ILE F 137 -39.79 11.64 23.97
N ARG F 138 -39.73 12.93 23.66
CA ARG F 138 -39.37 13.95 24.64
C ARG F 138 -40.39 13.98 25.78
N ALA F 139 -41.62 13.59 25.46
CA ALA F 139 -42.71 13.58 26.44
C ALA F 139 -42.58 12.45 27.48
N SER F 140 -41.45 11.76 27.49
CA SER F 140 -41.23 10.69 28.45
C SER F 140 -40.77 11.26 29.78
N GLY F 141 -40.21 12.48 29.74
CA GLY F 141 -39.74 13.13 30.94
C GLY F 141 -40.87 13.81 31.67
N MET F 142 -41.52 14.77 30.99
CA MET F 142 -42.64 15.50 31.58
C MET F 142 -43.93 14.71 31.38
N PRO F 143 -44.78 14.66 32.42
CA PRO F 143 -46.05 13.94 32.37
C PRO F 143 -46.93 14.41 31.21
N ALA F 144 -46.91 13.64 30.12
CA ALA F 144 -47.69 13.95 28.94
C ALA F 144 -49.18 14.14 29.24
N VAL F 145 -49.81 13.09 29.78
CA VAL F 145 -51.22 13.11 30.15
C VAL F 145 -52.16 13.58 29.04
N ILE F 146 -52.21 14.89 28.81
CA ILE F 146 -53.07 15.47 27.79
C ILE F 146 -52.70 14.88 26.43
N ILE F 147 -51.41 14.71 26.18
CA ILE F 147 -50.93 14.14 24.93
C ILE F 147 -51.54 12.77 24.70
N ASP F 148 -51.49 11.93 25.74
CA ASP F 148 -52.04 10.58 25.67
C ASP F 148 -53.51 10.65 25.28
N THR F 149 -54.24 11.58 25.89
CA THR F 149 -55.66 11.77 25.63
C THR F 149 -55.93 12.26 24.21
N ALA F 150 -54.94 12.91 23.61
CA ALA F 150 -55.08 13.41 22.24
C ALA F 150 -54.72 12.31 21.24
N MET F 151 -53.88 11.37 21.68
CA MET F 151 -53.46 10.25 20.84
C MET F 151 -54.51 9.16 20.73
N ARG F 152 -55.21 8.91 21.84
CA ARG F 152 -56.23 7.87 21.89
C ARG F 152 -57.37 7.95 20.84
N PRO F 153 -58.05 9.11 20.73
CA PRO F 153 -59.13 9.24 19.75
C PRO F 153 -58.68 9.40 18.30
N ASN F 154 -57.79 8.52 17.85
CA ASN F 154 -57.28 8.57 16.48
C ASN F 154 -57.79 7.39 15.64
N PRO F 155 -57.64 6.15 16.13
CA PRO F 155 -58.11 5.00 15.36
C PRO F 155 -59.64 4.95 15.29
N ALA F 156 -60.15 4.18 14.33
CA ALA F 156 -61.59 4.03 14.15
C ALA F 156 -62.12 2.93 15.09
N LEU F 157 -62.90 2.00 14.56
CA LEU F 157 -63.46 0.91 15.37
C LEU F 157 -62.33 0.11 16.03
N VAL F 158 -62.48 -0.13 17.33
CA VAL F 158 -61.50 -0.87 18.12
C VAL F 158 -60.16 -0.13 18.13
N ASP F 159 -60.07 0.89 18.98
CA ASP F 159 -58.88 1.72 19.13
C ASP F 159 -57.74 0.97 19.80
N LEU F 160 -58.02 0.35 20.94
CA LEU F 160 -57.04 -0.39 21.72
C LEU F 160 -56.12 -1.32 20.93
N ALA F 161 -56.69 -2.08 19.99
CA ALA F 161 -55.92 -3.03 19.19
C ALA F 161 -54.96 -2.36 18.20
N ARG F 162 -55.00 -1.04 18.14
CA ARG F 162 -54.13 -0.29 17.22
C ARG F 162 -53.31 0.78 17.94
N THR F 163 -53.46 0.85 19.26
CA THR F 163 -52.74 1.84 20.05
C THR F 163 -51.56 1.22 20.79
N MET F 164 -50.35 1.64 20.43
CA MET F 164 -49.14 1.12 21.06
C MET F 164 -48.26 2.29 21.51
N ASP F 165 -47.71 2.19 22.72
CA ASP F 165 -46.86 3.25 23.26
C ASP F 165 -45.53 3.35 22.51
N ALA F 166 -44.90 4.52 22.61
CA ALA F 166 -43.63 4.78 21.96
C ALA F 166 -42.89 5.90 22.67
N HIS F 167 -42.53 5.66 23.93
CA HIS F 167 -41.81 6.66 24.71
C HIS F 167 -40.35 6.75 24.26
N TYR F 168 -39.46 5.97 24.88
CA TYR F 168 -38.06 5.99 24.49
C TYR F 168 -37.97 5.29 23.14
N ILE F 169 -37.42 5.98 22.15
CA ILE F 169 -37.30 5.46 20.79
C ILE F 169 -36.79 4.02 20.66
N ALA F 170 -36.06 3.55 21.67
CA ALA F 170 -35.53 2.19 21.67
C ALA F 170 -36.63 1.13 21.78
N LEU F 171 -37.62 1.41 22.61
CA LEU F 171 -38.74 0.49 22.85
C LEU F 171 -39.56 0.09 21.62
N PRO F 172 -40.00 1.06 20.80
CA PRO F 172 -40.79 0.80 19.60
C PRO F 172 -40.39 -0.38 18.72
N ARG F 173 -39.11 -0.77 18.76
CA ARG F 173 -38.64 -1.89 17.95
C ARG F 173 -39.33 -3.21 18.31
N ALA F 174 -39.55 -3.41 19.62
CA ALA F 174 -40.20 -4.62 20.09
C ALA F 174 -41.69 -4.59 19.78
N THR F 175 -42.32 -3.45 20.03
CA THR F 175 -43.75 -3.28 19.78
C THR F 175 -44.08 -3.32 18.29
N ALA F 176 -43.14 -2.83 17.48
CA ALA F 176 -43.32 -2.80 16.03
C ALA F 176 -43.60 -4.17 15.45
N HIS F 177 -42.71 -5.13 15.70
CA HIS F 177 -42.87 -6.48 15.20
C HIS F 177 -44.14 -7.16 15.73
N LYS F 178 -44.70 -6.62 16.80
CA LYS F 178 -45.91 -7.16 17.39
C LYS F 178 -47.12 -6.76 16.54
N MET F 179 -47.13 -5.49 16.14
CA MET F 179 -48.22 -4.94 15.33
C MET F 179 -48.26 -5.57 13.95
N ALA F 180 -47.09 -5.91 13.42
CA ALA F 180 -46.96 -6.52 12.09
C ALA F 180 -47.99 -7.62 11.82
N ASP F 181 -48.00 -8.64 12.68
CA ASP F 181 -48.93 -9.76 12.54
C ASP F 181 -50.39 -9.30 12.46
N VAL F 182 -50.72 -8.26 13.22
CA VAL F 182 -52.08 -7.72 13.24
C VAL F 182 -52.42 -7.07 11.92
N LEU F 183 -51.51 -6.24 11.41
CA LEU F 183 -51.70 -5.53 10.16
C LEU F 183 -52.10 -6.47 9.03
N GLY F 184 -51.40 -7.62 8.94
CA GLY F 184 -51.71 -8.59 7.91
C GLY F 184 -53.02 -9.31 8.17
N ALA F 185 -53.27 -9.62 9.44
CA ALA F 185 -54.49 -10.33 9.83
C ALA F 185 -55.74 -9.45 9.81
N ALA F 186 -55.55 -8.14 9.65
CA ALA F 186 -56.67 -7.20 9.60
C ALA F 186 -57.63 -7.54 8.47
N LEU F 187 -58.76 -8.13 8.84
CA LEU F 187 -59.79 -8.53 7.88
C LEU F 187 -61.18 -8.18 8.40
N GLU F 188 -61.43 -6.90 8.62
CA GLU F 188 -62.71 -6.42 9.11
C GLU F 188 -63.62 -5.99 7.96
N ALA F 189 -63.01 -5.45 6.91
CA ALA F 189 -63.74 -4.99 5.74
C ALA F 189 -62.81 -5.03 4.52
N ARG G 18 -22.61 -10.84 46.94
CA ARG G 18 -21.47 -11.51 46.26
C ARG G 18 -20.37 -11.75 47.29
N PRO G 19 -19.46 -12.71 47.02
CA PRO G 19 -18.36 -13.04 47.93
C PRO G 19 -17.53 -11.84 48.38
N VAL G 20 -18.03 -11.15 49.39
CA VAL G 20 -17.37 -9.98 49.95
C VAL G 20 -16.99 -10.33 51.39
N PHE G 21 -15.94 -9.71 51.91
CA PHE G 21 -15.49 -9.96 53.27
C PHE G 21 -15.58 -8.69 54.11
N PRO G 22 -16.77 -8.40 54.65
CA PRO G 22 -16.99 -7.20 55.48
C PRO G 22 -16.29 -7.29 56.84
N PHE G 23 -16.82 -6.57 57.82
CA PHE G 23 -16.24 -6.56 59.16
C PHE G 23 -17.00 -7.50 60.09
N SER G 24 -17.44 -8.63 59.56
CA SER G 24 -18.18 -9.62 60.32
C SER G 24 -17.28 -10.28 61.37
N ALA G 25 -16.08 -10.67 60.96
CA ALA G 25 -15.13 -11.32 61.84
C ALA G 25 -13.73 -11.18 61.25
N ILE G 26 -12.94 -10.28 61.84
CA ILE G 26 -11.57 -10.02 61.40
C ILE G 26 -10.93 -9.04 62.38
N VAL G 27 -9.62 -9.19 62.58
CA VAL G 27 -8.88 -8.31 63.49
C VAL G 27 -7.54 -7.97 62.85
N GLY G 28 -7.56 -7.17 61.81
CA GLY G 28 -6.33 -6.80 61.14
C GLY G 28 -6.49 -5.97 59.87
N GLN G 29 -6.94 -6.61 58.79
CA GLN G 29 -7.10 -5.92 57.52
C GLN G 29 -8.32 -5.01 57.39
N GLU G 30 -8.59 -4.21 58.41
CA GLU G 30 -9.73 -3.29 58.38
C GLU G 30 -9.40 -2.12 57.45
N ASP G 31 -8.18 -1.62 57.56
CA ASP G 31 -7.70 -0.49 56.74
C ASP G 31 -7.98 -0.72 55.26
N MET G 32 -7.59 -1.89 54.77
CA MET G 32 -7.77 -2.27 53.37
C MET G 32 -9.21 -2.05 52.90
N LYS G 33 -10.14 -2.70 53.59
CA LYS G 33 -11.56 -2.60 53.25
C LYS G 33 -12.05 -1.17 53.43
N LEU G 34 -11.85 -0.63 54.62
CA LEU G 34 -12.27 0.73 54.97
C LEU G 34 -11.90 1.74 53.90
N ALA G 35 -10.62 1.75 53.52
CA ALA G 35 -10.12 2.67 52.52
C ALA G 35 -10.80 2.50 51.16
N LEU G 36 -10.80 1.27 50.65
CA LEU G 36 -11.42 0.95 49.36
C LEU G 36 -12.90 1.28 49.32
N LEU G 37 -13.56 1.21 50.47
CA LEU G 37 -14.98 1.50 50.56
C LEU G 37 -15.22 3.01 50.58
N LEU G 38 -14.41 3.73 51.33
CA LEU G 38 -14.53 5.18 51.42
C LEU G 38 -14.33 5.84 50.07
N THR G 39 -13.32 5.40 49.34
CA THR G 39 -13.04 5.95 48.01
C THR G 39 -14.17 5.65 47.04
N ALA G 40 -14.82 4.51 47.23
CA ALA G 40 -15.94 4.11 46.39
C ALA G 40 -17.07 5.13 46.58
N VAL G 41 -17.10 5.74 47.75
CA VAL G 41 -18.11 6.75 48.07
C VAL G 41 -17.72 8.05 47.38
N ASP G 42 -16.61 8.64 47.81
CA ASP G 42 -16.13 9.89 47.24
C ASP G 42 -14.78 9.73 46.54
N PRO G 43 -14.72 10.03 45.23
CA PRO G 43 -13.50 9.92 44.45
C PRO G 43 -12.52 11.04 44.80
N GLY G 44 -13.06 12.11 45.39
CA GLY G 44 -12.24 13.26 45.77
C GLY G 44 -11.25 12.95 46.88
N ILE G 45 -11.32 11.75 47.44
CA ILE G 45 -10.41 11.35 48.49
C ILE G 45 -9.01 11.17 47.90
N GLY G 46 -8.94 10.42 46.80
CA GLY G 46 -7.66 10.18 46.15
C GLY G 46 -7.32 8.71 46.06
N GLY G 47 -6.22 8.40 45.37
CA GLY G 47 -5.80 7.02 45.23
C GLY G 47 -5.40 6.37 46.53
N VAL G 48 -5.82 5.13 46.74
CA VAL G 48 -5.50 4.40 47.96
C VAL G 48 -4.10 3.79 47.87
N LEU G 49 -3.18 4.34 48.64
CA LEU G 49 -1.80 3.84 48.66
C LEU G 49 -1.73 2.62 49.58
N VAL G 50 -1.98 1.46 49.00
CA VAL G 50 -1.97 0.21 49.77
C VAL G 50 -0.56 -0.31 49.99
N PHE G 51 -0.04 -0.08 51.20
CA PHE G 51 1.30 -0.54 51.57
C PHE G 51 1.36 -2.08 51.65
N GLY G 52 2.46 -2.60 52.17
CA GLY G 52 2.61 -4.04 52.29
C GLY G 52 3.04 -4.69 50.99
N ASP G 53 3.51 -5.93 51.08
CA ASP G 53 3.95 -6.67 49.89
C ASP G 53 2.76 -7.17 49.08
N ARG G 54 3.01 -7.57 47.85
CA ARG G 54 1.97 -8.09 46.97
C ARG G 54 1.56 -9.52 47.30
N GLY G 55 2.40 -10.21 48.08
CA GLY G 55 2.11 -11.58 48.45
C GLY G 55 0.85 -11.72 49.28
N THR G 56 0.45 -10.63 49.92
CA THR G 56 -0.76 -10.61 50.74
C THR G 56 -2.01 -10.89 49.92
N GLY G 57 -1.88 -10.80 48.59
CA GLY G 57 -3.01 -11.04 47.71
C GLY G 57 -3.95 -9.86 47.69
N LYS G 58 -3.40 -8.67 47.49
CA LYS G 58 -4.19 -7.43 47.46
C LYS G 58 -5.23 -7.48 46.36
N SER G 59 -4.78 -7.68 45.12
CA SER G 59 -5.67 -7.74 43.96
C SER G 59 -6.78 -8.77 44.18
N THR G 60 -6.43 -9.90 44.79
CA THR G 60 -7.39 -10.97 45.07
C THR G 60 -8.54 -10.43 45.92
N ALA G 61 -8.19 -9.67 46.97
CA ALA G 61 -9.18 -9.09 47.87
C ALA G 61 -10.02 -8.04 47.13
N VAL G 62 -9.37 -7.23 46.31
CA VAL G 62 -10.06 -6.19 45.55
C VAL G 62 -11.09 -6.82 44.62
N ARG G 63 -10.70 -7.91 43.96
CA ARG G 63 -11.58 -8.63 43.04
C ARG G 63 -12.61 -9.50 43.76
N ALA G 64 -13.12 -8.99 44.88
CA ALA G 64 -14.11 -9.69 45.69
C ALA G 64 -14.87 -8.64 46.49
N LEU G 65 -14.12 -7.78 47.18
CA LEU G 65 -14.70 -6.71 47.98
C LEU G 65 -15.52 -5.76 47.11
N ALA G 66 -14.96 -5.36 45.97
CA ALA G 66 -15.61 -4.45 45.05
C ALA G 66 -16.94 -4.99 44.50
N ALA G 67 -17.16 -6.28 44.68
CA ALA G 67 -18.39 -6.94 44.20
C ALA G 67 -19.63 -6.51 44.96
N LEU G 68 -19.44 -5.92 46.14
CA LEU G 68 -20.56 -5.47 46.96
C LEU G 68 -21.32 -4.33 46.26
N LEU G 69 -20.57 -3.49 45.56
CA LEU G 69 -21.14 -2.37 44.84
C LEU G 69 -22.17 -2.86 43.83
N PRO G 70 -23.29 -2.13 43.68
CA PRO G 70 -24.34 -2.50 42.74
C PRO G 70 -23.78 -2.65 41.33
N GLU G 71 -23.95 -3.83 40.75
CA GLU G 71 -23.47 -4.10 39.41
C GLU G 71 -23.96 -3.04 38.45
N ILE G 72 -23.03 -2.18 38.03
CA ILE G 72 -23.31 -1.07 37.14
C ILE G 72 -24.03 -1.39 35.83
N GLU G 73 -24.94 -0.51 35.46
CA GLU G 73 -25.71 -0.64 34.23
C GLU G 73 -24.87 0.05 33.17
N ALA G 74 -24.67 -0.61 32.04
CA ALA G 74 -23.86 -0.05 30.97
C ALA G 74 -23.94 -0.88 29.70
N VAL G 75 -23.50 -0.28 28.60
CA VAL G 75 -23.49 -0.96 27.31
C VAL G 75 -22.51 -2.13 27.35
N GLU G 76 -22.87 -3.19 26.64
CA GLU G 76 -22.09 -4.42 26.55
C GLU G 76 -20.57 -4.23 26.43
N GLY G 77 -20.06 -4.25 25.20
CA GLY G 77 -18.63 -4.10 24.97
C GLY G 77 -18.09 -2.68 25.03
N CYS G 78 -18.87 -1.76 25.61
CA CYS G 78 -18.42 -0.38 25.72
C CYS G 78 -17.31 -0.28 26.77
N PRO G 79 -16.13 0.22 26.37
CA PRO G 79 -14.98 0.37 27.28
C PRO G 79 -15.30 1.25 28.49
N VAL G 80 -15.67 2.51 28.23
CA VAL G 80 -16.01 3.43 29.30
C VAL G 80 -17.27 2.97 30.05
N SER G 81 -18.01 2.08 29.41
CA SER G 81 -19.23 1.52 29.98
C SER G 81 -20.25 2.58 30.42
N SER G 82 -20.69 3.39 29.47
CA SER G 82 -21.68 4.43 29.75
C SER G 82 -23.03 3.74 29.93
N PRO G 83 -23.85 4.21 30.88
CA PRO G 83 -25.18 3.63 31.14
C PRO G 83 -26.06 3.69 29.89
N ASN G 84 -26.45 4.90 29.50
CA ASN G 84 -27.28 5.11 28.33
C ASN G 84 -26.41 5.36 27.11
N VAL G 85 -26.94 5.01 25.94
CA VAL G 85 -26.22 5.16 24.68
C VAL G 85 -25.91 6.64 24.40
N GLU G 86 -26.77 7.52 24.90
CA GLU G 86 -26.60 8.96 24.71
C GLU G 86 -25.31 9.51 25.33
N MET G 87 -24.72 8.76 26.26
CA MET G 87 -23.49 9.17 26.90
C MET G 87 -22.25 8.46 26.38
N ILE G 88 -22.37 7.85 25.20
CA ILE G 88 -21.25 7.14 24.61
C ILE G 88 -20.45 8.07 23.69
N PRO G 89 -19.14 8.23 23.97
CA PRO G 89 -18.27 9.09 23.17
C PRO G 89 -18.22 8.61 21.73
N ASP G 90 -18.25 9.55 20.80
CA ASP G 90 -18.24 9.23 19.37
C ASP G 90 -17.20 8.18 18.94
N TRP G 91 -15.97 8.32 19.42
CA TRP G 91 -14.91 7.36 19.08
C TRP G 91 -15.31 5.93 19.44
N ALA G 92 -15.96 5.77 20.59
CA ALA G 92 -16.38 4.45 21.05
C ALA G 92 -17.68 4.03 20.36
N THR G 93 -17.62 3.90 19.03
CA THR G 93 -18.79 3.52 18.26
C THR G 93 -19.06 2.02 18.43
N VAL G 94 -19.60 1.66 19.59
CA VAL G 94 -19.90 0.27 19.89
C VAL G 94 -21.21 -0.13 19.21
N LEU G 95 -21.09 -1.01 18.22
CA LEU G 95 -22.25 -1.49 17.47
C LEU G 95 -23.26 -2.17 18.39
N SER G 96 -22.75 -3.00 19.29
CA SER G 96 -23.60 -3.70 20.24
C SER G 96 -24.06 -2.76 21.35
N THR G 97 -25.08 -1.95 21.07
CA THR G 97 -25.60 -1.01 22.05
C THR G 97 -26.53 -1.70 23.05
N ASN G 98 -26.08 -2.83 23.56
CA ASN G 98 -26.85 -3.62 24.52
C ASN G 98 -26.64 -3.12 25.94
N VAL G 99 -27.60 -2.37 26.46
CA VAL G 99 -27.51 -1.85 27.83
C VAL G 99 -27.85 -3.00 28.77
N ILE G 100 -26.85 -3.49 29.49
CA ILE G 100 -27.05 -4.59 30.43
C ILE G 100 -26.41 -4.33 31.80
N ARG G 101 -26.54 -5.31 32.68
CA ARG G 101 -25.98 -5.22 34.03
C ARG G 101 -24.70 -6.02 34.09
N LYS G 102 -23.63 -5.41 34.60
CA LYS G 102 -22.35 -6.08 34.72
C LYS G 102 -21.62 -5.63 35.99
N PRO G 103 -20.94 -6.57 36.67
CA PRO G 103 -20.20 -6.31 37.92
C PRO G 103 -19.09 -5.26 37.78
N THR G 104 -18.68 -4.71 38.92
CA THR G 104 -17.64 -3.70 38.99
C THR G 104 -16.36 -4.16 38.32
N PRO G 105 -15.97 -3.50 37.21
CA PRO G 105 -14.74 -3.86 36.48
C PRO G 105 -13.48 -3.52 37.26
N VAL G 106 -12.55 -4.47 37.32
CA VAL G 106 -11.28 -4.27 38.02
C VAL G 106 -10.13 -4.63 37.10
N VAL G 107 -9.27 -3.67 36.83
CA VAL G 107 -8.11 -3.88 35.96
C VAL G 107 -6.82 -3.73 36.77
N ASP G 108 -5.95 -4.74 36.67
CA ASP G 108 -4.69 -4.73 37.39
C ASP G 108 -3.63 -4.02 36.55
N LEU G 109 -3.25 -2.83 37.00
CA LEU G 109 -2.25 -2.01 36.32
C LEU G 109 -0.87 -2.64 36.55
N PRO G 110 -0.28 -3.22 35.49
CA PRO G 110 1.04 -3.87 35.58
C PRO G 110 2.19 -2.89 35.79
N LEU G 111 3.21 -3.33 36.52
CA LEU G 111 4.38 -2.50 36.80
C LEU G 111 5.18 -2.30 35.52
N GLY G 112 5.61 -1.07 35.29
CA GLY G 112 6.38 -0.74 34.10
C GLY G 112 5.57 -0.67 32.82
N VAL G 113 4.27 -0.43 32.96
CA VAL G 113 3.39 -0.34 31.80
C VAL G 113 3.66 0.95 31.02
N SER G 114 3.64 0.84 29.69
CA SER G 114 3.88 2.00 28.83
C SER G 114 2.75 3.02 28.98
N GLU G 115 3.14 4.26 29.28
CA GLU G 115 2.20 5.36 29.48
C GLU G 115 1.13 5.44 28.38
N ASP G 116 1.55 5.32 27.14
CA ASP G 116 0.65 5.37 25.99
C ASP G 116 -0.43 4.30 26.07
N ARG G 117 -0.03 3.10 26.49
CA ARG G 117 -0.97 1.98 26.61
C ARG G 117 -1.93 2.20 27.78
N VAL G 118 -1.51 3.01 28.75
CA VAL G 118 -2.33 3.31 29.92
C VAL G 118 -3.57 4.11 29.53
N VAL G 119 -3.36 5.28 28.93
CA VAL G 119 -4.46 6.14 28.51
C VAL G 119 -5.02 5.79 27.14
N GLY G 120 -4.13 5.61 26.17
CA GLY G 120 -4.55 5.28 24.82
C GLY G 120 -3.70 6.02 23.80
N ALA G 121 -4.01 5.82 22.52
CA ALA G 121 -3.26 6.45 21.43
C ALA G 121 -4.15 6.58 20.19
N LEU G 122 -3.60 7.13 19.12
CA LEU G 122 -4.34 7.31 17.87
C LEU G 122 -3.46 6.91 16.70
N ASP G 123 -3.64 5.68 16.21
CA ASP G 123 -2.86 5.19 15.08
C ASP G 123 -3.02 6.06 13.84
N ILE G 124 -1.93 6.27 13.12
CA ILE G 124 -1.93 7.10 11.91
C ILE G 124 -2.76 6.51 10.78
N GLU G 125 -2.54 5.24 10.45
CA GLU G 125 -3.26 4.58 9.38
C GLU G 125 -4.76 4.53 9.67
N ARG G 126 -5.08 4.18 10.92
CA ARG G 126 -6.47 4.10 11.35
C ARG G 126 -7.09 5.51 11.36
N ALA G 127 -6.28 6.50 11.73
CA ALA G 127 -6.73 7.88 11.80
C ALA G 127 -7.19 8.41 10.43
N ILE G 128 -6.32 8.26 9.43
CA ILE G 128 -6.65 8.72 8.08
C ILE G 128 -7.83 7.97 7.46
N SER G 129 -8.27 6.90 8.13
CA SER G 129 -9.38 6.10 7.63
C SER G 129 -10.54 6.00 8.62
N LYS G 130 -10.45 6.72 9.74
CA LYS G 130 -11.51 6.69 10.76
C LYS G 130 -11.68 8.00 11.53
N GLY G 131 -10.60 8.76 11.68
CA GLY G 131 -10.66 10.01 12.40
C GLY G 131 -10.62 9.75 13.89
N GLU G 132 -11.59 10.28 14.63
CA GLU G 132 -11.65 10.09 16.08
C GLU G 132 -11.79 8.61 16.43
N LYS G 133 -12.42 7.86 15.52
CA LYS G 133 -12.63 6.42 15.70
C LYS G 133 -11.31 5.65 15.81
N ALA G 134 -10.20 6.35 15.55
CA ALA G 134 -8.87 5.73 15.60
C ALA G 134 -8.31 5.58 17.01
N PHE G 135 -9.04 6.06 18.02
CA PHE G 135 -8.58 5.97 19.39
C PHE G 135 -8.50 4.53 19.89
N GLU G 136 -7.38 4.20 20.53
CA GLU G 136 -7.16 2.86 21.06
C GLU G 136 -7.71 2.76 22.48
N PRO G 137 -8.49 1.71 22.76
CA PRO G 137 -9.07 1.49 24.09
C PRO G 137 -8.01 1.16 25.14
N GLY G 138 -7.36 2.19 25.67
CA GLY G 138 -6.33 2.00 26.68
C GLY G 138 -6.84 1.37 27.96
N LEU G 139 -5.91 1.04 28.86
CA LEU G 139 -6.24 0.42 30.13
C LEU G 139 -7.30 1.19 30.90
N LEU G 140 -7.03 2.47 31.19
CA LEU G 140 -7.96 3.30 31.93
C LEU G 140 -9.27 3.50 31.16
N ALA G 141 -9.18 3.49 29.83
CA ALA G 141 -10.35 3.66 28.98
C ALA G 141 -11.30 2.49 29.19
N ARG G 142 -10.75 1.35 29.59
CA ARG G 142 -11.53 0.14 29.84
C ARG G 142 -11.58 -0.18 31.33
N ALA G 143 -11.39 0.84 32.16
CA ALA G 143 -11.41 0.67 33.61
C ALA G 143 -12.29 1.73 34.28
N ASN G 144 -13.14 2.36 33.50
CA ASN G 144 -14.04 3.39 34.02
C ASN G 144 -15.12 2.75 34.88
N ARG G 145 -15.54 3.46 35.92
CA ARG G 145 -16.57 2.99 36.85
C ARG G 145 -16.14 1.69 37.55
N GLY G 146 -14.85 1.60 37.85
CA GLY G 146 -14.33 0.41 38.50
C GLY G 146 -13.10 0.67 39.34
N TYR G 147 -12.28 -0.36 39.53
CA TYR G 147 -11.06 -0.26 40.32
C TYR G 147 -9.82 -0.54 39.47
N LEU G 148 -8.76 0.22 39.73
CA LEU G 148 -7.50 0.05 39.02
C LEU G 148 -6.41 -0.31 40.03
N TYR G 149 -6.00 -1.57 40.03
CA TYR G 149 -4.98 -2.05 40.95
C TYR G 149 -3.56 -1.85 40.45
N ILE G 150 -2.88 -0.84 40.98
CA ILE G 150 -1.49 -0.57 40.60
C ILE G 150 -0.62 -1.51 41.43
N ASP G 151 0.22 -2.29 40.77
CA ASP G 151 1.11 -3.23 41.45
C ASP G 151 1.98 -2.53 42.50
N GLU G 152 2.91 -1.71 42.03
CA GLU G 152 3.78 -0.95 42.92
C GLU G 152 3.96 0.48 42.45
N CYS G 153 3.52 1.43 43.27
CA CYS G 153 3.63 2.84 42.97
C CYS G 153 5.08 3.31 43.15
N ASN G 154 5.80 2.61 44.01
CA ASN G 154 7.21 2.91 44.28
C ASN G 154 8.08 2.66 43.06
N LEU G 155 8.28 1.39 42.71
CA LEU G 155 9.10 1.02 41.56
C LEU G 155 8.29 1.25 40.28
N LEU G 156 8.10 2.51 39.93
CA LEU G 156 7.34 2.90 38.75
C LEU G 156 7.71 4.32 38.37
N GLU G 157 7.51 4.67 37.10
CA GLU G 157 7.84 6.01 36.61
C GLU G 157 7.02 7.07 37.33
N ASP G 158 7.69 8.15 37.70
CA ASP G 158 7.06 9.26 38.41
C ASP G 158 5.86 9.81 37.63
N HIS G 159 6.06 10.09 36.35
CA HIS G 159 4.99 10.62 35.52
C HIS G 159 3.76 9.70 35.43
N ILE G 160 3.98 8.40 35.59
CA ILE G 160 2.88 7.44 35.54
C ILE G 160 2.00 7.66 36.76
N VAL G 161 2.63 7.73 37.93
CA VAL G 161 1.93 7.93 39.19
C VAL G 161 1.17 9.25 39.15
N ASP G 162 1.85 10.31 38.73
CA ASP G 162 1.25 11.64 38.62
C ASP G 162 -0.03 11.60 37.80
N LEU G 163 0.08 11.13 36.57
CA LEU G 163 -1.04 11.04 35.65
C LEU G 163 -2.20 10.27 36.28
N LEU G 164 -1.93 9.06 36.75
CA LEU G 164 -2.95 8.22 37.37
C LEU G 164 -3.64 8.91 38.54
N LEU G 165 -2.86 9.59 39.37
CA LEU G 165 -3.39 10.28 40.53
C LEU G 165 -4.43 11.33 40.18
N ASP G 166 -4.10 12.21 39.24
CA ASP G 166 -5.04 13.26 38.85
C ASP G 166 -6.23 12.73 38.07
N VAL G 167 -5.99 11.79 37.15
CA VAL G 167 -7.07 11.22 36.37
C VAL G 167 -8.16 10.68 37.30
N ALA G 168 -7.73 9.98 38.36
CA ALA G 168 -8.66 9.43 39.34
C ALA G 168 -9.29 10.57 40.14
N GLN G 169 -8.51 11.62 40.39
CA GLN G 169 -8.99 12.78 41.14
C GLN G 169 -10.04 13.54 40.33
N SER G 170 -9.62 14.19 39.25
CA SER G 170 -10.54 14.94 38.39
C SER G 170 -11.59 14.01 37.81
N GLY G 171 -11.16 13.08 36.97
CA GLY G 171 -12.09 12.13 36.37
C GLY G 171 -12.11 12.14 34.86
N GLU G 172 -10.95 12.38 34.24
CA GLU G 172 -10.87 12.39 32.78
C GLU G 172 -9.58 11.73 32.30
N ASN G 173 -9.75 10.73 31.44
CA ASN G 173 -8.61 10.00 30.87
C ASN G 173 -8.09 10.84 29.69
N VAL G 174 -7.27 11.84 30.02
CA VAL G 174 -6.69 12.74 29.05
C VAL G 174 -5.72 12.04 28.09
N VAL G 175 -6.05 12.08 26.80
CA VAL G 175 -5.21 11.46 25.77
C VAL G 175 -4.94 12.50 24.68
N GLU G 176 -4.56 13.71 25.11
CA GLU G 176 -4.27 14.78 24.17
C GLU G 176 -2.87 14.58 23.57
N ARG G 177 -2.78 13.60 22.69
CA ARG G 177 -1.53 13.26 22.02
C ARG G 177 -1.78 13.07 20.53
N ASP G 178 -0.82 12.44 19.85
CA ASP G 178 -0.90 12.15 18.42
C ASP G 178 -1.20 13.39 17.59
N GLY G 179 -2.48 13.74 17.50
CA GLY G 179 -2.88 14.91 16.73
C GLY G 179 -4.30 15.35 17.01
N LEU G 180 -4.89 14.85 18.09
CA LEU G 180 -6.25 15.20 18.46
C LEU G 180 -6.41 15.26 19.98
N SER G 181 -7.29 16.13 20.45
CA SER G 181 -7.54 16.28 21.88
C SER G 181 -8.51 15.19 22.33
N ILE G 182 -8.03 13.94 22.31
CA ILE G 182 -8.85 12.81 22.71
C ILE G 182 -9.02 12.83 24.22
N ARG G 183 -10.26 12.65 24.67
CA ARG G 183 -10.56 12.66 26.10
C ARG G 183 -11.90 11.98 26.38
N HIS G 184 -12.12 11.62 27.63
CA HIS G 184 -13.36 10.96 28.05
C HIS G 184 -13.31 10.74 29.55
N PRO G 185 -14.49 10.76 30.21
CA PRO G 185 -14.59 10.55 31.66
C PRO G 185 -13.88 9.27 32.11
N ALA G 186 -13.40 9.29 33.35
CA ALA G 186 -12.69 8.16 33.94
C ALA G 186 -12.85 8.20 35.46
N ARG G 187 -14.05 7.84 35.92
CA ARG G 187 -14.36 7.82 37.34
C ARG G 187 -14.06 6.42 37.87
N PHE G 188 -12.87 6.25 38.45
CA PHE G 188 -12.49 4.95 38.99
C PHE G 188 -11.67 5.09 40.28
N VAL G 189 -11.67 4.03 41.09
CA VAL G 189 -10.93 4.02 42.34
C VAL G 189 -9.50 3.54 42.07
N LEU G 190 -8.55 4.45 42.26
CA LEU G 190 -7.14 4.15 42.05
C LEU G 190 -6.54 3.39 43.23
N VAL G 191 -6.38 2.08 43.09
CA VAL G 191 -5.80 1.25 44.14
C VAL G 191 -4.29 1.23 43.95
N GLY G 192 -3.62 2.27 44.42
CA GLY G 192 -2.18 2.37 44.28
C GLY G 192 -1.41 1.54 45.29
N SER G 193 -1.18 0.27 44.96
CA SER G 193 -0.44 -0.61 45.85
C SER G 193 1.06 -0.34 45.75
N GLY G 194 1.80 -0.84 46.75
CA GLY G 194 3.23 -0.66 46.77
C GLY G 194 3.79 -1.21 48.07
N ASN G 195 5.11 -1.29 48.18
CA ASN G 195 5.75 -1.78 49.39
C ASN G 195 5.61 -0.74 50.50
N PRO G 196 5.91 -1.12 51.76
CA PRO G 196 5.80 -0.20 52.90
C PRO G 196 6.48 1.15 52.67
N GLU G 197 7.69 1.11 52.10
CA GLU G 197 8.47 2.31 51.81
C GLU G 197 9.70 1.84 51.05
N GLU G 198 10.19 2.66 50.12
CA GLU G 198 11.36 2.30 49.33
C GLU G 198 12.51 3.29 49.51
N GLY G 199 12.19 4.56 49.77
CA GLY G 199 13.22 5.57 49.96
C GLY G 199 12.75 6.97 49.64
N ASP G 200 11.83 7.49 50.46
CA ASP G 200 11.28 8.83 50.30
C ASP G 200 10.99 9.20 48.84
N LEU G 201 10.48 8.24 48.09
CA LEU G 201 10.17 8.44 46.68
C LEU G 201 9.07 9.46 46.45
N ARG G 202 9.43 10.56 45.78
CA ARG G 202 8.53 11.66 45.45
C ARG G 202 7.39 11.92 46.46
N PRO G 203 7.73 12.51 47.61
CA PRO G 203 6.76 12.83 48.66
C PRO G 203 5.57 13.64 48.13
N GLN G 204 5.84 14.46 47.12
CA GLN G 204 4.81 15.30 46.50
C GLN G 204 3.65 14.45 45.97
N LEU G 205 3.97 13.31 45.37
CA LEU G 205 2.95 12.43 44.84
C LEU G 205 2.30 11.64 45.96
N LEU G 206 3.10 11.26 46.96
CA LEU G 206 2.61 10.51 48.11
C LEU G 206 1.52 11.29 48.86
N ASP G 207 1.70 12.60 48.97
CA ASP G 207 0.74 13.46 49.64
C ASP G 207 -0.59 13.44 48.90
N ARG G 208 -0.51 13.48 47.58
CA ARG G 208 -1.68 13.48 46.71
C ARG G 208 -2.58 12.26 46.90
N PHE G 209 -2.01 11.16 47.38
CA PHE G 209 -2.78 9.94 47.61
C PHE G 209 -3.86 10.19 48.67
N GLY G 210 -4.94 9.41 48.59
CA GLY G 210 -6.04 9.57 49.54
C GLY G 210 -5.74 8.93 50.87
N LEU G 211 -6.05 7.64 50.98
CA LEU G 211 -5.82 6.90 52.22
C LEU G 211 -4.74 5.86 51.99
N SER G 212 -4.13 5.39 53.08
CA SER G 212 -3.08 4.39 53.01
C SER G 212 -3.15 3.45 54.20
N VAL G 213 -3.06 2.16 53.93
CA VAL G 213 -3.10 1.14 54.98
C VAL G 213 -1.90 1.30 55.90
N GLU G 214 -2.16 1.69 57.15
CA GLU G 214 -1.09 1.89 58.12
C GLU G 214 -0.30 0.59 58.34
N VAL G 215 0.99 0.65 58.07
CA VAL G 215 1.86 -0.51 58.20
C VAL G 215 2.30 -0.76 59.66
N LEU G 216 2.42 0.31 60.43
CA LEU G 216 2.84 0.21 61.83
C LEU G 216 1.95 -0.69 62.67
N SER G 217 0.66 -0.72 62.36
CA SER G 217 -0.29 -1.53 63.10
C SER G 217 -0.24 -3.00 62.67
N PRO G 218 0.08 -3.90 63.62
CA PRO G 218 0.17 -5.34 63.36
C PRO G 218 -1.18 -5.88 62.92
N ARG G 219 -1.18 -6.97 62.15
CA ARG G 219 -2.42 -7.55 61.65
C ARG G 219 -2.44 -9.07 61.72
N ASP G 220 -3.65 -9.63 61.57
CA ASP G 220 -3.84 -11.07 61.62
C ASP G 220 -3.35 -11.76 60.35
N VAL G 221 -3.31 -13.09 60.40
CA VAL G 221 -2.86 -13.90 59.26
C VAL G 221 -4.05 -14.66 58.68
N GLU G 222 -5.06 -14.88 59.51
CA GLU G 222 -6.26 -15.61 59.13
C GLU G 222 -6.93 -15.08 57.87
N THR G 223 -6.90 -13.76 57.69
CA THR G 223 -7.48 -13.12 56.52
C THR G 223 -6.96 -13.72 55.21
N ARG G 224 -5.72 -14.22 55.24
CA ARG G 224 -5.11 -14.82 54.05
C ARG G 224 -5.98 -15.97 53.52
N VAL G 225 -6.21 -16.96 54.37
CA VAL G 225 -7.01 -18.13 54.00
C VAL G 225 -8.42 -17.71 53.60
N GLU G 226 -9.01 -16.80 54.37
CA GLU G 226 -10.36 -16.30 54.12
C GLU G 226 -10.50 -15.78 52.68
N VAL G 227 -9.66 -14.81 52.32
CA VAL G 227 -9.69 -14.22 50.99
C VAL G 227 -9.51 -15.28 49.90
N ILE G 228 -8.54 -16.16 50.09
CA ILE G 228 -8.26 -17.23 49.13
C ILE G 228 -9.51 -18.08 48.90
N ARG G 229 -10.21 -18.42 49.98
CA ARG G 229 -11.42 -19.23 49.89
C ARG G 229 -12.52 -18.51 49.12
N ARG G 230 -12.69 -17.21 49.39
CA ARG G 230 -13.71 -16.42 48.70
C ARG G 230 -13.36 -16.19 47.24
N ARG G 231 -12.08 -16.32 46.91
CA ARG G 231 -11.61 -16.16 45.54
C ARG G 231 -12.09 -17.40 44.79
N ASP G 232 -11.90 -18.56 45.42
CA ASP G 232 -12.30 -19.84 44.86
C ASP G 232 -13.82 -19.88 44.72
N THR G 233 -14.51 -19.80 45.85
CA THR G 233 -15.96 -19.84 45.88
C THR G 233 -16.57 -18.50 45.45
N TYR G 234 -16.47 -18.24 44.14
CA TYR G 234 -17.00 -17.02 43.53
C TYR G 234 -17.07 -17.28 42.03
N ASP G 235 -15.92 -17.60 41.45
CA ASP G 235 -15.85 -17.88 40.03
C ASP G 235 -16.62 -19.17 39.78
N ALA G 236 -17.77 -19.03 39.12
CA ALA G 236 -18.66 -20.15 38.81
C ALA G 236 -19.34 -20.67 40.08
N ASP G 237 -19.59 -19.77 41.02
CA ASP G 237 -20.26 -20.10 42.27
C ASP G 237 -21.65 -20.68 41.99
N PRO G 238 -21.99 -21.79 42.67
CA PRO G 238 -23.28 -22.48 42.51
C PRO G 238 -24.47 -21.69 43.07
N LYS G 239 -24.48 -20.38 42.85
CA LYS G 239 -25.54 -19.50 43.33
C LYS G 239 -25.70 -19.59 44.85
N ALA G 240 -24.57 -19.65 45.55
CA ALA G 240 -24.56 -19.74 47.00
C ALA G 240 -23.98 -18.46 47.61
N PHE G 241 -22.68 -18.26 47.45
CA PHE G 241 -22.01 -17.09 47.98
C PHE G 241 -22.49 -15.80 47.34
N LEU G 242 -22.96 -15.89 46.10
CA LEU G 242 -23.46 -14.72 45.38
C LEU G 242 -24.63 -14.10 46.15
N GLU G 243 -25.62 -14.92 46.46
CA GLU G 243 -26.81 -14.48 47.18
C GLU G 243 -26.52 -14.08 48.61
N GLU G 244 -26.11 -15.05 49.43
CA GLU G 244 -25.80 -14.84 50.85
C GLU G 244 -25.28 -13.46 51.22
N TRP G 245 -24.20 -13.02 50.59
CA TRP G 245 -23.63 -11.72 50.90
C TRP G 245 -24.35 -10.53 50.27
N ARG G 246 -25.02 -10.75 49.13
CA ARG G 246 -25.73 -9.68 48.43
C ARG G 246 -26.58 -8.73 49.30
N PRO G 247 -27.34 -9.27 50.27
CA PRO G 247 -28.14 -8.36 51.10
C PRO G 247 -27.22 -7.35 51.79
N LYS G 248 -26.15 -7.86 52.39
CA LYS G 248 -25.17 -7.02 53.09
C LYS G 248 -24.57 -6.01 52.12
N ASP G 249 -24.34 -6.45 50.89
CA ASP G 249 -23.79 -5.60 49.84
C ASP G 249 -24.69 -4.37 49.70
N MET G 250 -26.00 -4.64 49.63
CA MET G 250 -27.00 -3.58 49.49
C MET G 250 -27.08 -2.69 50.73
N ASP G 251 -26.98 -3.29 51.91
CA ASP G 251 -27.04 -2.56 53.16
C ASP G 251 -25.96 -1.48 53.20
N ILE G 252 -24.73 -1.89 52.88
CA ILE G 252 -23.60 -0.96 52.86
C ILE G 252 -23.89 0.15 51.86
N ARG G 253 -24.35 -0.22 50.68
CA ARG G 253 -24.67 0.72 49.62
C ARG G 253 -25.67 1.77 50.09
N ASN G 254 -26.64 1.36 50.90
CA ASN G 254 -27.65 2.26 51.43
C ASN G 254 -26.97 3.40 52.20
N GLN G 255 -26.08 3.04 53.11
CA GLN G 255 -25.36 4.01 53.91
C GLN G 255 -24.46 4.90 53.05
N ILE G 256 -23.91 4.31 51.99
CA ILE G 256 -23.04 5.05 51.06
C ILE G 256 -23.78 6.26 50.51
N LEU G 257 -25.08 6.10 50.29
CA LEU G 257 -25.92 7.18 49.77
C LEU G 257 -25.93 8.33 50.77
N GLU G 258 -26.20 8.01 52.03
CA GLU G 258 -26.24 9.01 53.09
C GLU G 258 -24.90 9.72 53.23
N ALA G 259 -23.81 8.99 53.01
CA ALA G 259 -22.47 9.56 53.11
C ALA G 259 -22.31 10.69 52.11
N ARG G 260 -22.70 10.44 50.86
CA ARG G 260 -22.60 11.45 49.81
C ARG G 260 -23.53 12.63 50.09
N GLU G 261 -24.70 12.33 50.66
CA GLU G 261 -25.67 13.36 50.99
C GLU G 261 -25.07 14.33 52.01
N ARG G 262 -24.27 13.80 52.92
CA ARG G 262 -23.62 14.59 53.96
C ARG G 262 -22.24 15.09 53.55
N LEU G 263 -21.77 14.69 52.37
CA LEU G 263 -20.45 15.09 51.90
C LEU G 263 -20.26 16.61 51.88
N PRO G 264 -21.14 17.35 51.17
CA PRO G 264 -20.98 18.80 51.12
C PRO G 264 -21.60 19.53 52.33
N LYS G 265 -21.78 18.81 53.42
CA LYS G 265 -22.38 19.38 54.63
C LYS G 265 -21.61 18.96 55.87
N VAL G 266 -21.86 19.65 56.98
CA VAL G 266 -21.22 19.35 58.25
C VAL G 266 -22.29 19.46 59.33
N GLU G 267 -22.66 18.33 59.92
CA GLU G 267 -23.68 18.29 60.96
C GLU G 267 -23.28 19.10 62.19
N ALA G 268 -22.11 18.79 62.75
CA ALA G 268 -21.61 19.50 63.92
C ALA G 268 -20.37 20.30 63.57
N PRO G 269 -20.54 21.59 63.23
CA PRO G 269 -19.42 22.47 62.87
C PRO G 269 -18.44 22.70 64.02
N ASN G 270 -18.95 23.12 65.17
CA ASN G 270 -18.12 23.37 66.34
C ASN G 270 -17.71 22.09 67.05
N THR G 271 -17.21 21.12 66.29
CA THR G 271 -16.77 19.84 66.82
C THR G 271 -15.83 19.19 65.82
N ALA G 272 -16.38 18.71 64.72
CA ALA G 272 -15.60 18.04 63.67
C ALA G 272 -14.43 18.90 63.19
N LEU G 273 -14.71 20.16 62.89
CA LEU G 273 -13.68 21.10 62.43
C LEU G 273 -12.55 21.24 63.45
N TYR G 274 -12.93 21.45 64.70
CA TYR G 274 -11.98 21.63 65.79
C TYR G 274 -11.08 20.41 65.99
N ASP G 275 -11.67 19.28 66.34
CA ASP G 275 -10.92 18.05 66.56
C ASP G 275 -10.03 17.68 65.38
N CYS G 276 -10.58 17.76 64.17
CA CYS G 276 -9.84 17.43 62.95
C CYS G 276 -8.56 18.27 62.84
N ALA G 277 -8.73 19.58 62.83
CA ALA G 277 -7.61 20.50 62.73
C ALA G 277 -6.59 20.28 63.85
N ALA G 278 -7.10 20.12 65.07
CA ALA G 278 -6.25 19.89 66.24
C ALA G 278 -5.34 18.69 66.04
N LEU G 279 -5.91 17.59 65.57
CA LEU G 279 -5.16 16.36 65.34
C LEU G 279 -4.03 16.59 64.33
N CYS G 280 -4.39 17.15 63.18
CA CYS G 280 -3.43 17.41 62.11
C CYS G 280 -2.28 18.30 62.58
N ILE G 281 -2.62 19.43 63.21
CA ILE G 281 -1.63 20.37 63.70
C ILE G 281 -0.73 19.75 64.77
N ALA G 282 -1.34 19.08 65.75
CA ALA G 282 -0.60 18.45 66.84
C ALA G 282 0.41 17.43 66.32
N LEU G 283 -0.01 16.62 65.35
CA LEU G 283 0.86 15.60 64.76
C LEU G 283 1.85 16.24 63.80
N GLY G 284 1.65 17.52 63.49
CA GLY G 284 2.53 18.22 62.57
C GLY G 284 2.26 17.83 61.13
N SER G 285 1.16 17.12 60.90
CA SER G 285 0.79 16.67 59.57
C SER G 285 -0.19 17.67 58.94
N ASP G 286 0.18 18.94 58.98
CA ASP G 286 -0.64 20.00 58.41
C ASP G 286 -0.59 19.97 56.89
N GLY G 287 -1.63 20.49 56.24
CA GLY G 287 -1.67 20.50 54.80
C GLY G 287 -3.09 20.48 54.27
N LEU G 288 -3.54 21.62 53.74
CA LEU G 288 -4.88 21.80 53.19
C LEU G 288 -5.42 20.54 52.51
N ARG G 289 -4.60 19.95 51.66
CA ARG G 289 -4.95 18.73 50.93
C ARG G 289 -5.37 17.61 51.90
N GLY G 290 -4.51 17.32 52.87
CA GLY G 290 -4.81 16.27 53.83
C GLY G 290 -5.96 16.61 54.75
N GLU G 291 -5.86 17.77 55.41
CA GLU G 291 -6.88 18.23 56.35
C GLU G 291 -8.30 18.17 55.79
N LEU G 292 -8.54 18.90 54.70
CA LEU G 292 -9.86 18.94 54.08
C LEU G 292 -10.38 17.57 53.65
N THR G 293 -9.48 16.67 53.29
CA THR G 293 -9.87 15.33 52.88
C THR G 293 -10.24 14.48 54.10
N LEU G 294 -9.43 14.60 55.15
CA LEU G 294 -9.65 13.87 56.39
C LEU G 294 -11.03 14.21 56.94
N LEU G 295 -11.35 15.49 56.98
CA LEU G 295 -12.63 15.98 57.47
C LEU G 295 -13.81 15.36 56.71
N ARG G 296 -13.61 15.07 55.44
CA ARG G 296 -14.66 14.48 54.62
C ARG G 296 -14.77 12.97 54.82
N SER G 297 -13.64 12.28 54.68
CA SER G 297 -13.60 10.82 54.84
C SER G 297 -14.14 10.38 56.21
N ALA G 298 -13.75 11.09 57.26
CA ALA G 298 -14.18 10.78 58.61
C ALA G 298 -15.70 10.82 58.76
N ARG G 299 -16.32 11.81 58.13
CA ARG G 299 -17.77 11.96 58.18
C ARG G 299 -18.44 10.84 57.40
N ALA G 300 -17.90 10.52 56.23
CA ALA G 300 -18.43 9.47 55.38
C ALA G 300 -18.19 8.09 56.00
N LEU G 301 -17.17 8.00 56.85
CA LEU G 301 -16.82 6.75 57.52
C LEU G 301 -18.00 6.16 58.28
N ALA G 302 -18.77 7.01 58.93
CA ALA G 302 -19.94 6.60 59.71
C ALA G 302 -20.87 5.69 58.93
N ALA G 303 -20.91 5.87 57.61
CA ALA G 303 -21.76 5.04 56.75
C ALA G 303 -21.39 3.58 56.91
N LEU G 304 -20.09 3.30 56.91
CA LEU G 304 -19.60 1.93 57.06
C LEU G 304 -19.86 1.41 58.46
N GLU G 305 -19.85 2.32 59.43
CA GLU G 305 -20.08 1.99 60.84
C GLU G 305 -21.57 1.80 61.11
N GLY G 306 -22.41 2.40 60.27
CA GLY G 306 -23.85 2.32 60.44
C GLY G 306 -24.29 3.34 61.47
N ALA G 307 -23.79 4.56 61.32
CA ALA G 307 -24.11 5.65 62.24
C ALA G 307 -24.42 6.93 61.47
N THR G 308 -24.72 8.00 62.21
CA THR G 308 -25.04 9.30 61.64
C THR G 308 -23.94 9.82 60.69
N ALA G 309 -22.89 10.41 61.27
CA ALA G 309 -21.77 10.93 60.49
C ALA G 309 -20.64 11.43 61.37
N VAL G 310 -20.89 12.50 62.11
CA VAL G 310 -19.89 13.09 63.00
C VAL G 310 -19.41 12.12 64.07
N GLY G 311 -18.15 12.24 64.45
CA GLY G 311 -17.58 11.38 65.47
C GLY G 311 -16.08 11.56 65.52
N ARG G 312 -15.56 11.93 66.69
CA ARG G 312 -14.13 12.14 66.86
C ARG G 312 -13.29 10.95 66.40
N ASP G 313 -13.61 9.76 66.90
CA ASP G 313 -12.89 8.55 66.53
C ASP G 313 -12.81 8.33 65.03
N HIS G 314 -13.78 8.88 64.30
CA HIS G 314 -13.80 8.75 62.84
C HIS G 314 -12.61 9.53 62.31
N LEU G 315 -12.44 10.75 62.81
CA LEU G 315 -11.34 11.62 62.41
C LEU G 315 -10.01 10.96 62.78
N LYS G 316 -9.98 10.39 63.98
CA LYS G 316 -8.78 9.70 64.49
C LYS G 316 -8.38 8.53 63.61
N ARG G 317 -9.35 7.69 63.26
CA ARG G 317 -9.09 6.52 62.43
C ARG G 317 -8.60 6.89 61.03
N VAL G 318 -9.32 7.80 60.37
CA VAL G 318 -8.94 8.23 59.02
C VAL G 318 -7.60 8.97 59.04
N ALA G 319 -7.26 9.56 60.19
CA ALA G 319 -6.01 10.28 60.33
C ALA G 319 -4.87 9.29 60.12
N THR G 320 -4.98 8.13 60.78
CA THR G 320 -3.99 7.08 60.66
C THR G 320 -4.21 6.32 59.35
N MET G 321 -4.24 7.07 58.25
CA MET G 321 -4.44 6.55 56.90
C MET G 321 -4.13 7.69 55.94
N ALA G 322 -4.94 8.75 56.01
CA ALA G 322 -4.77 9.91 55.15
C ALA G 322 -3.46 10.64 55.44
N LEU G 323 -2.98 10.54 56.68
CA LEU G 323 -1.73 11.18 57.06
C LEU G 323 -0.55 10.22 56.92
N SER G 324 -0.78 8.95 57.24
CA SER G 324 0.24 7.91 57.16
C SER G 324 1.11 7.95 55.90
N HIS G 325 0.52 8.28 54.76
CA HIS G 325 1.26 8.34 53.50
C HIS G 325 2.05 9.64 53.28
N ARG G 326 2.65 10.15 54.34
CA ARG G 326 3.44 11.38 54.26
C ARG G 326 4.30 11.53 55.50
N LEU G 327 5.20 12.52 55.46
CA LEU G 327 6.08 12.79 56.59
C LEU G 327 5.34 13.59 57.65
N ARG G 328 5.96 13.74 58.82
CA ARG G 328 5.39 14.49 59.93
C ARG G 328 4.13 13.81 60.48
N ARG G 329 4.24 12.71 61.00
N VAL G 341 4.31 12.60 61.01
CA VAL G 341 3.21 11.83 61.58
C VAL G 341 3.70 11.13 62.84
N ALA G 342 2.78 10.82 63.75
CA ALA G 342 3.14 10.15 65.00
C ALA G 342 1.98 9.41 65.64
N ARG G 343 2.30 8.44 66.47
CA ARG G 343 1.31 7.62 67.18
C ARG G 343 0.44 8.43 68.14
N THR G 344 0.86 9.67 68.41
CA THR G 344 0.16 10.56 69.32
C THR G 344 -1.34 10.73 69.05
N VAL G 345 -1.81 10.28 67.89
CA VAL G 345 -3.22 10.38 67.49
C VAL G 345 -4.20 10.26 68.66
N GLU G 346 -4.22 9.09 69.30
CA GLU G 346 -5.11 8.85 70.45
C GLU G 346 -4.78 9.76 71.62
N GLU G 347 -3.49 9.87 71.92
CA GLU G 347 -3.00 10.68 73.03
C GLU G 347 -3.30 12.17 72.89
N THR G 348 -3.49 12.62 71.66
CA THR G 348 -3.79 14.03 71.38
C THR G 348 -5.23 14.35 71.79
N LEU G 349 -6.18 13.61 71.23
CA LEU G 349 -7.59 13.82 71.51
C LEU G 349 -8.32 12.50 71.64
N PRO G 350 -8.51 12.01 72.88
CA PRO G 350 -9.20 10.74 73.16
C PRO G 350 -10.66 10.81 72.72
N ARG H 18 -17.02 18.25 43.29
CA ARG H 18 -15.82 17.59 43.84
C ARG H 18 -15.21 18.51 44.89
N PRO H 19 -14.50 17.95 45.88
CA PRO H 19 -13.87 18.74 46.95
C PRO H 19 -12.86 19.74 46.39
N VAL H 20 -13.06 21.01 46.71
CA VAL H 20 -12.17 22.07 46.25
C VAL H 20 -11.56 22.78 47.45
N PHE H 21 -10.43 23.45 47.24
CA PHE H 21 -9.74 24.18 48.30
C PHE H 21 -10.39 25.56 48.43
N PRO H 22 -10.64 26.01 49.67
CA PRO H 22 -11.25 27.32 49.92
C PRO H 22 -10.41 28.49 49.41
N PHE H 23 -10.84 29.06 48.28
CA PHE H 23 -10.15 30.19 47.65
C PHE H 23 -9.76 31.29 48.62
N SER H 24 -10.72 31.77 49.40
CA SER H 24 -10.48 32.83 50.36
C SER H 24 -9.46 32.40 51.41
N ALA H 25 -9.68 31.23 51.99
CA ALA H 25 -8.82 30.68 53.04
C ALA H 25 -7.43 30.23 52.57
N ILE H 26 -7.13 30.33 51.29
CA ILE H 26 -5.81 29.93 50.80
C ILE H 26 -4.74 30.74 51.51
N VAL H 27 -3.64 30.06 51.87
CA VAL H 27 -2.53 30.68 52.58
C VAL H 27 -2.12 32.03 52.01
N GLY H 28 -2.50 33.09 52.72
CA GLY H 28 -2.16 34.45 52.31
C GLY H 28 -2.72 34.88 50.96
N GLN H 29 -1.81 35.07 50.01
CA GLN H 29 -2.15 35.49 48.66
C GLN H 29 -2.80 36.88 48.64
N GLU H 30 -2.12 37.85 49.25
CA GLU H 30 -2.59 39.22 49.32
C GLU H 30 -2.33 39.94 47.99
N ASP H 31 -2.61 39.24 46.88
CA ASP H 31 -2.41 39.77 45.54
C ASP H 31 -3.26 39.01 44.52
N MET H 32 -2.89 37.77 44.25
CA MET H 32 -3.59 36.90 43.29
C MET H 32 -5.11 36.94 43.45
N LYS H 33 -5.58 36.79 44.69
CA LYS H 33 -7.01 36.77 44.98
C LYS H 33 -7.80 37.93 44.39
N LEU H 34 -7.50 39.15 44.79
CA LEU H 34 -8.20 40.33 44.29
C LEU H 34 -8.04 40.47 42.78
N ALA H 35 -6.84 40.18 42.28
CA ALA H 35 -6.56 40.27 40.85
C ALA H 35 -7.56 39.46 40.05
N LEU H 36 -7.73 38.19 40.42
CA LEU H 36 -8.67 37.30 39.75
C LEU H 36 -10.10 37.82 39.84
N LEU H 37 -10.43 38.42 40.98
CA LEU H 37 -11.77 38.98 41.20
C LEU H 37 -12.03 40.12 40.23
N LEU H 38 -11.03 40.97 40.03
CA LEU H 38 -11.15 42.11 39.12
C LEU H 38 -11.48 41.64 37.71
N THR H 39 -10.70 40.69 37.21
CA THR H 39 -10.90 40.14 35.88
C THR H 39 -12.27 39.48 35.71
N ALA H 40 -12.83 39.00 36.82
CA ALA H 40 -14.15 38.37 36.80
C ALA H 40 -15.20 39.40 36.39
N VAL H 41 -14.96 40.65 36.77
CA VAL H 41 -15.87 41.74 36.45
C VAL H 41 -15.65 42.13 34.98
N ASP H 42 -14.40 42.30 34.60
CA ASP H 42 -14.04 42.67 33.24
C ASP H 42 -12.68 42.09 32.83
N PRO H 43 -12.65 41.30 31.75
CA PRO H 43 -11.40 40.69 31.26
C PRO H 43 -10.54 41.71 30.52
N GLY H 44 -11.14 42.83 30.12
CA GLY H 44 -10.42 43.86 29.40
C GLY H 44 -9.29 44.48 30.19
N ILE H 45 -9.35 44.37 31.52
CA ILE H 45 -8.33 44.92 32.41
C ILE H 45 -6.94 44.40 32.04
N GLY H 46 -6.89 43.20 31.47
CA GLY H 46 -5.61 42.62 31.08
C GLY H 46 -5.41 41.26 31.69
N GLY H 47 -4.52 40.47 31.10
CA GLY H 47 -4.24 39.13 31.60
C GLY H 47 -3.59 39.17 32.98
N VAL H 48 -3.86 38.15 33.78
CA VAL H 48 -3.30 38.06 35.12
C VAL H 48 -1.96 37.33 35.08
N LEU H 49 -0.88 38.09 35.19
CA LEU H 49 0.47 37.53 35.18
C LEU H 49 0.85 37.23 36.62
N VAL H 50 1.09 35.96 36.93
CA VAL H 50 1.45 35.55 38.27
C VAL H 50 2.91 35.12 38.36
N PHE H 51 3.72 35.94 39.02
CA PHE H 51 5.15 35.65 39.20
C PHE H 51 5.31 34.53 40.24
N GLY H 52 6.43 34.54 40.95
CA GLY H 52 6.67 33.50 41.96
C GLY H 52 7.05 32.17 41.36
N ASP H 53 7.52 31.26 42.20
CA ASP H 53 7.94 29.93 41.77
C ASP H 53 6.75 28.99 41.60
N ARG H 54 7.02 27.69 41.59
CA ARG H 54 6.00 26.67 41.44
C ARG H 54 5.22 26.43 42.74
N GLY H 55 5.91 26.51 43.86
CA GLY H 55 5.30 26.29 45.16
C GLY H 55 4.14 27.21 45.50
N THR H 56 4.04 28.33 44.79
CA THR H 56 2.97 29.29 45.00
C THR H 56 1.57 28.70 44.81
N GLY H 57 1.48 27.62 44.04
CA GLY H 57 0.20 26.98 43.79
C GLY H 57 -0.75 27.86 43.01
N LYS H 58 -0.22 28.52 41.97
CA LYS H 58 -0.99 29.42 41.12
C LYS H 58 -2.27 28.79 40.58
N SER H 59 -2.15 27.60 40.01
CA SER H 59 -3.29 26.88 39.46
C SER H 59 -4.38 26.63 40.50
N THR H 60 -3.96 26.31 41.72
CA THR H 60 -4.88 26.04 42.81
C THR H 60 -5.82 27.22 43.03
N ALA H 61 -5.25 28.42 43.10
CA ALA H 61 -6.03 29.64 43.32
C ALA H 61 -7.05 29.85 42.20
N VAL H 62 -6.61 29.72 40.96
CA VAL H 62 -7.47 29.90 39.80
C VAL H 62 -8.69 28.98 39.86
N ARG H 63 -8.44 27.69 40.06
CA ARG H 63 -9.52 26.70 40.13
C ARG H 63 -10.37 26.85 41.39
N ALA H 64 -9.75 27.29 42.48
CA ALA H 64 -10.45 27.48 43.75
C ALA H 64 -11.54 28.55 43.59
N LEU H 65 -11.22 29.58 42.81
CA LEU H 65 -12.16 30.67 42.56
C LEU H 65 -13.38 30.14 41.83
N ALA H 66 -13.14 29.28 40.85
CA ALA H 66 -14.21 28.68 40.05
C ALA H 66 -15.24 27.95 40.91
N ALA H 67 -14.81 27.48 42.08
CA ALA H 67 -15.69 26.77 43.00
C ALA H 67 -16.73 27.69 43.62
N LEU H 68 -16.31 28.88 44.04
CA LEU H 68 -17.21 29.83 44.65
C LEU H 68 -18.07 30.56 43.61
N LEU H 69 -17.58 30.61 42.38
CA LEU H 69 -18.31 31.27 41.30
C LEU H 69 -19.57 30.49 40.97
N PRO H 70 -20.74 31.14 41.06
CA PRO H 70 -22.03 30.52 40.78
C PRO H 70 -22.05 29.80 39.43
N GLU H 71 -22.56 28.57 39.43
CA GLU H 71 -22.63 27.76 38.22
C GLU H 71 -23.26 28.52 37.06
N ILE H 72 -22.52 28.63 35.96
CA ILE H 72 -23.00 29.34 34.78
C ILE H 72 -24.06 28.57 34.02
N GLU H 73 -25.06 29.31 33.54
CA GLU H 73 -26.15 28.72 32.76
C GLU H 73 -25.64 28.45 31.35
N ALA H 74 -25.84 27.23 30.87
CA ALA H 74 -25.38 26.86 29.54
C ALA H 74 -25.93 25.50 29.11
N VAL H 75 -25.83 25.23 27.81
CA VAL H 75 -26.30 23.97 27.26
C VAL H 75 -25.42 22.83 27.77
N GLU H 76 -26.02 21.66 27.93
CA GLU H 76 -25.32 20.46 28.42
C GLU H 76 -24.20 20.06 27.46
N GLY H 77 -24.54 19.28 26.44
CA GLY H 77 -23.56 18.82 25.47
C GLY H 77 -23.13 19.91 24.52
N CYS H 78 -22.30 20.83 24.99
CA CYS H 78 -21.80 21.93 24.18
C CYS H 78 -20.51 22.47 24.77
N PRO H 79 -19.43 22.49 23.96
CA PRO H 79 -18.12 22.98 24.38
C PRO H 79 -18.12 24.45 24.78
N VAL H 80 -18.44 25.34 23.84
CA VAL H 80 -18.48 26.78 24.10
C VAL H 80 -19.43 27.12 25.24
N SER H 81 -20.36 26.22 25.51
CA SER H 81 -21.34 26.40 26.58
C SER H 81 -22.15 27.70 26.50
N SER H 82 -22.82 27.89 25.37
CA SER H 82 -23.65 29.08 25.18
C SER H 82 -24.86 28.95 26.10
N PRO H 83 -25.34 30.08 26.65
CA PRO H 83 -26.50 30.08 27.55
C PRO H 83 -27.72 29.44 26.90
N ASN H 84 -28.21 30.07 25.85
CA ASN H 84 -29.38 29.58 25.11
C ASN H 84 -28.93 28.88 23.84
N VAL H 85 -29.75 27.96 23.35
CA VAL H 85 -29.45 27.20 22.15
C VAL H 85 -29.34 28.11 20.92
N GLU H 86 -30.02 29.25 20.99
CA GLU H 86 -30.02 30.22 19.89
C GLU H 86 -28.63 30.82 19.65
N MET H 87 -27.73 30.66 20.61
CA MET H 87 -26.37 31.19 20.48
C MET H 87 -25.34 30.10 20.17
N ILE H 88 -25.80 28.96 19.67
CA ILE H 88 -24.90 27.86 19.33
C ILE H 88 -24.27 28.11 17.96
N PRO H 89 -22.93 28.05 17.90
CA PRO H 89 -22.18 28.28 16.65
C PRO H 89 -22.59 27.30 15.55
N ASP H 90 -22.70 27.81 14.34
CA ASP H 90 -23.10 27.03 13.16
C ASP H 90 -22.36 25.69 13.05
N TRP H 91 -21.04 25.77 13.01
CA TRP H 91 -20.19 24.58 12.89
C TRP H 91 -20.40 23.53 13.97
N ALA H 92 -20.93 23.93 15.12
CA ALA H 92 -21.16 23.01 16.22
C ALA H 92 -22.33 22.06 15.95
N THR H 93 -22.36 20.95 16.68
CA THR H 93 -23.41 19.96 16.55
C THR H 93 -23.87 19.55 17.95
N VAL H 94 -24.64 20.42 18.57
CA VAL H 94 -25.15 20.17 19.92
C VAL H 94 -26.31 19.18 19.86
N LEU H 95 -26.16 18.06 20.56
CA LEU H 95 -27.19 17.03 20.61
C LEU H 95 -28.12 17.31 21.78
N SER H 96 -27.58 17.22 23.00
CA SER H 96 -28.37 17.46 24.20
C SER H 96 -28.60 18.96 24.39
N THR H 97 -29.71 19.45 23.86
CA THR H 97 -30.05 20.87 23.97
C THR H 97 -30.65 21.19 25.34
N ASN H 98 -30.05 20.64 26.38
CA ASN H 98 -30.53 20.86 27.74
C ASN H 98 -29.83 22.06 28.38
N VAL H 99 -30.58 23.13 28.58
CA VAL H 99 -30.04 24.33 29.19
C VAL H 99 -30.05 24.10 30.69
N ILE H 100 -28.88 23.92 31.28
CA ILE H 100 -28.76 23.66 32.72
C ILE H 100 -27.66 24.48 33.38
N ARG H 101 -27.37 24.15 34.63
CA ARG H 101 -26.33 24.83 35.40
C ARG H 101 -25.13 23.89 35.53
N LYS H 102 -23.94 24.47 35.48
CA LYS H 102 -22.70 23.70 35.60
C LYS H 102 -21.58 24.62 36.08
N PRO H 103 -20.60 24.07 36.83
CA PRO H 103 -19.46 24.83 37.36
C PRO H 103 -18.68 25.61 36.30
N THR H 104 -18.05 26.70 36.76
CA THR H 104 -17.27 27.57 35.89
C THR H 104 -16.15 26.79 35.21
N PRO H 105 -16.15 26.77 33.86
CA PRO H 105 -15.13 26.06 33.08
C PRO H 105 -13.74 26.65 33.22
N VAL H 106 -12.79 25.84 33.68
CA VAL H 106 -11.41 26.26 33.84
C VAL H 106 -10.51 25.20 33.24
N VAL H 107 -9.84 25.54 32.14
CA VAL H 107 -8.95 24.60 31.46
C VAL H 107 -7.51 25.07 31.57
N ASP H 108 -6.62 24.13 31.85
CA ASP H 108 -5.19 24.42 31.97
C ASP H 108 -4.57 24.18 30.61
N LEU H 109 -3.76 25.12 30.15
CA LEU H 109 -3.09 25.02 28.86
C LEU H 109 -1.66 24.54 29.07
N PRO H 110 -1.41 23.23 28.85
CA PRO H 110 -0.09 22.63 29.02
C PRO H 110 0.90 23.05 27.94
N LEU H 111 2.16 23.22 28.33
CA LEU H 111 3.21 23.62 27.40
C LEU H 111 3.48 22.46 26.44
N GLY H 112 3.59 22.79 25.15
CA GLY H 112 3.87 21.77 24.15
C GLY H 112 2.65 21.41 23.31
N VAL H 113 1.48 21.88 23.73
CA VAL H 113 0.25 21.60 22.98
C VAL H 113 0.28 22.32 21.64
N SER H 114 -0.13 21.63 20.58
CA SER H 114 -0.16 22.21 19.25
C SER H 114 -1.24 23.28 19.13
N GLU H 115 -0.99 24.28 18.30
CA GLU H 115 -1.93 25.37 18.08
C GLU H 115 -3.28 24.82 17.64
N ASP H 116 -3.24 23.69 16.94
CA ASP H 116 -4.43 23.01 16.44
C ASP H 116 -5.37 22.71 17.60
N ARG H 117 -4.84 22.00 18.60
CA ARG H 117 -5.62 21.62 19.78
C ARG H 117 -6.04 22.84 20.60
N VAL H 118 -5.29 23.94 20.46
CA VAL H 118 -5.59 25.16 21.18
C VAL H 118 -6.90 25.79 20.69
N VAL H 119 -6.91 26.21 19.43
CA VAL H 119 -8.09 26.82 18.83
C VAL H 119 -9.13 25.82 18.34
N GLY H 120 -8.69 24.83 17.56
CA GLY H 120 -9.59 23.83 17.04
C GLY H 120 -8.97 23.08 15.87
N ALA H 121 -9.32 21.81 15.74
CA ALA H 121 -8.78 20.97 14.66
C ALA H 121 -9.65 21.04 13.42
N LEU H 122 -9.07 20.64 12.29
CA LEU H 122 -9.78 20.65 11.01
C LEU H 122 -9.17 19.58 10.10
N ASP H 123 -9.90 18.49 9.90
CA ASP H 123 -9.44 17.40 9.05
C ASP H 123 -9.80 17.67 7.59
N ILE H 124 -8.90 17.27 6.68
CA ILE H 124 -9.12 17.49 5.26
C ILE H 124 -10.21 16.59 4.68
N GLU H 125 -10.17 15.30 5.01
CA GLU H 125 -11.16 14.35 4.52
C GLU H 125 -12.54 14.74 5.06
N ARG H 126 -12.59 15.07 6.34
CA ARG H 126 -13.83 15.46 6.99
C ARG H 126 -14.33 16.78 6.40
N ALA H 127 -13.39 17.63 5.99
CA ALA H 127 -13.73 18.93 5.40
C ALA H 127 -14.49 18.77 4.09
N ILE H 128 -13.94 18.00 3.16
CA ILE H 128 -14.59 17.79 1.87
C ILE H 128 -15.93 17.08 2.04
N SER H 129 -16.08 16.33 3.12
CA SER H 129 -17.32 15.62 3.41
C SER H 129 -18.36 16.63 3.88
N LYS H 130 -18.02 17.39 4.93
CA LYS H 130 -18.89 18.41 5.49
C LYS H 130 -18.03 19.43 6.24
N GLY H 131 -17.48 20.38 5.48
CA GLY H 131 -16.64 21.42 6.05
C GLY H 131 -17.18 22.09 7.30
N GLU H 132 -18.49 22.29 7.35
CA GLU H 132 -19.14 22.92 8.50
C GLU H 132 -18.84 22.16 9.78
N LYS H 133 -19.26 20.90 9.83
CA LYS H 133 -19.05 20.06 11.00
C LYS H 133 -17.65 19.43 11.03
N ALA H 134 -16.72 20.00 10.29
CA ALA H 134 -15.36 19.48 10.23
C ALA H 134 -14.46 20.09 11.30
N PHE H 135 -14.82 21.28 11.77
CA PHE H 135 -14.04 21.97 12.79
C PHE H 135 -14.31 21.42 14.19
N GLU H 136 -13.28 20.85 14.79
CA GLU H 136 -13.38 20.29 16.13
C GLU H 136 -13.07 21.38 17.15
N PRO H 137 -13.91 21.51 18.19
CA PRO H 137 -13.71 22.52 19.24
C PRO H 137 -12.43 22.31 20.04
N GLY H 138 -11.55 23.32 20.01
CA GLY H 138 -10.30 23.23 20.74
C GLY H 138 -10.45 23.49 22.22
N LEU H 139 -9.34 23.44 22.95
CA LEU H 139 -9.33 23.66 24.39
C LEU H 139 -9.99 24.98 24.79
N LEU H 140 -9.66 26.04 24.05
CA LEU H 140 -10.22 27.37 24.33
C LEU H 140 -11.74 27.41 24.19
N ALA H 141 -12.28 26.55 23.34
CA ALA H 141 -13.72 26.48 23.14
C ALA H 141 -14.38 26.02 24.42
N ARG H 142 -13.73 25.10 25.12
CA ARG H 142 -14.23 24.55 26.37
C ARG H 142 -13.85 25.42 27.56
N ALA H 143 -13.34 26.61 27.30
CA ALA H 143 -12.94 27.54 28.35
C ALA H 143 -13.72 28.85 28.28
N ASN H 144 -14.70 28.90 27.38
CA ASN H 144 -15.52 30.09 27.22
C ASN H 144 -16.32 30.35 28.50
N ARG H 145 -16.42 31.62 28.89
CA ARG H 145 -17.14 32.02 30.09
C ARG H 145 -16.50 31.41 31.34
N GLY H 146 -15.18 31.35 31.34
CA GLY H 146 -14.46 30.78 32.47
C GLY H 146 -13.05 31.31 32.58
N TYR H 147 -12.15 30.46 33.05
CA TYR H 147 -10.74 30.83 33.23
C TYR H 147 -9.82 29.88 32.48
N LEU H 148 -8.81 30.45 31.83
CA LEU H 148 -7.83 29.66 31.09
C LEU H 148 -6.46 29.86 31.73
N TYR H 149 -5.94 28.79 32.31
CA TYR H 149 -4.64 28.83 32.96
C TYR H 149 -3.54 28.52 31.94
N ILE H 150 -2.40 29.18 32.09
CA ILE H 150 -1.27 28.97 31.18
C ILE H 150 -0.14 28.26 31.93
N ASP H 151 0.62 27.45 31.21
CA ASP H 151 1.76 26.74 31.79
C ASP H 151 2.91 27.74 31.85
N GLU H 152 4.15 27.27 31.72
CA GLU H 152 5.31 28.16 31.74
C GLU H 152 5.28 29.09 30.53
N CYS H 153 4.58 30.21 30.66
CA CYS H 153 4.44 31.20 29.59
C CYS H 153 5.81 31.60 29.03
N ASN H 154 6.81 31.56 29.90
CA ASN H 154 8.18 31.89 29.54
C ASN H 154 8.72 30.99 28.43
N LEU H 155 8.61 29.69 28.62
CA LEU H 155 9.10 28.72 27.65
C LEU H 155 8.07 28.40 26.56
N LEU H 156 6.80 28.71 26.82
CA LEU H 156 5.74 28.46 25.87
C LEU H 156 5.95 29.27 24.58
N GLU H 157 5.55 28.68 23.46
CA GLU H 157 5.69 29.32 22.15
C GLU H 157 5.08 30.71 22.08
N ASP H 158 5.77 31.60 21.37
CA ASP H 158 5.32 32.98 21.20
C ASP H 158 3.91 33.04 20.62
N HIS H 159 3.71 32.43 19.46
CA HIS H 159 2.41 32.44 18.79
C HIS H 159 1.27 31.89 19.64
N ILE H 160 1.60 31.07 20.64
CA ILE H 160 0.58 30.50 21.51
C ILE H 160 0.17 31.55 22.54
N VAL H 161 1.15 32.08 23.25
CA VAL H 161 0.91 33.09 24.28
C VAL H 161 0.16 34.29 23.71
N ASP H 162 0.65 34.80 22.57
CA ASP H 162 0.04 35.95 21.91
C ASP H 162 -1.44 35.69 21.62
N LEU H 163 -1.71 34.61 20.90
CA LEU H 163 -3.07 34.22 20.53
C LEU H 163 -3.98 34.22 21.76
N LEU H 164 -3.54 33.53 22.81
CA LEU H 164 -4.32 33.43 24.05
C LEU H 164 -4.62 34.82 24.60
N LEU H 165 -3.61 35.68 24.61
CA LEU H 165 -3.74 37.04 25.12
C LEU H 165 -4.82 37.85 24.42
N ASP H 166 -4.74 37.93 23.08
CA ASP H 166 -5.71 38.70 22.32
C ASP H 166 -7.12 38.12 22.38
N VAL H 167 -7.22 36.80 22.30
CA VAL H 167 -8.52 36.13 22.35
C VAL H 167 -9.23 36.52 23.65
N ALA H 168 -8.50 36.45 24.76
CA ALA H 168 -9.06 36.81 26.06
C ALA H 168 -9.43 38.29 26.08
N GLN H 169 -8.62 39.09 25.40
CA GLN H 169 -8.84 40.54 25.31
C GLN H 169 -10.13 40.82 24.55
N SER H 170 -10.14 40.51 23.25
CA SER H 170 -11.30 40.72 22.41
C SER H 170 -12.52 39.94 22.91
N GLY H 171 -12.46 38.62 22.80
CA GLY H 171 -13.56 37.80 23.25
C GLY H 171 -14.01 36.75 22.26
N GLU H 172 -13.39 36.73 21.09
CA GLU H 172 -13.75 35.76 20.06
C GLU H 172 -12.53 34.95 19.64
N ASN H 173 -12.69 33.63 19.61
CA ASN H 173 -11.61 32.74 19.21
C ASN H 173 -11.59 32.72 17.68
N VAL H 174 -10.98 33.73 17.10
CA VAL H 174 -10.88 33.89 15.66
C VAL H 174 -10.02 32.79 15.01
N VAL H 175 -10.65 32.02 14.11
CA VAL H 175 -9.96 30.95 13.39
C VAL H 175 -10.18 31.19 11.90
N GLU H 176 -10.12 32.45 11.50
CA GLU H 176 -10.32 32.83 10.10
C GLU H 176 -9.08 32.50 9.26
N ARG H 177 -8.92 31.20 8.98
CA ARG H 177 -7.80 30.73 8.19
C ARG H 177 -8.32 29.75 7.14
N ASP H 178 -7.47 29.42 6.17
CA ASP H 178 -7.81 28.49 5.09
C ASP H 178 -9.16 28.81 4.44
N GLY H 179 -9.48 30.09 4.37
CA GLY H 179 -10.73 30.53 3.77
C GLY H 179 -11.92 30.44 4.70
N LEU H 180 -12.04 29.33 5.41
CA LEU H 180 -13.14 29.12 6.36
C LEU H 180 -13.08 30.12 7.51
N SER H 181 -14.03 31.05 7.53
CA SER H 181 -14.10 32.05 8.58
C SER H 181 -14.71 31.42 9.84
N ILE H 182 -13.97 30.50 10.45
CA ILE H 182 -14.43 29.84 11.65
C ILE H 182 -14.28 30.78 12.84
N ARG H 183 -15.28 30.82 13.70
CA ARG H 183 -15.25 31.69 14.87
C ARG H 183 -16.25 31.21 15.92
N HIS H 184 -16.05 31.66 17.15
CA HIS H 184 -16.93 31.29 18.26
C HIS H 184 -16.52 32.06 19.51
N PRO H 185 -17.49 32.34 20.41
CA PRO H 185 -17.22 33.06 21.66
C PRO H 185 -16.09 32.45 22.46
N ALA H 186 -15.34 33.30 23.16
CA ALA H 186 -14.22 32.88 23.98
C ALA H 186 -13.97 33.93 25.05
N ARG H 187 -15.05 34.34 25.71
CA ARG H 187 -14.98 35.33 26.77
C ARG H 187 -14.46 34.67 28.04
N PHE H 188 -13.15 34.64 28.20
CA PHE H 188 -12.54 34.05 29.38
C PHE H 188 -11.39 34.88 29.94
N VAL H 189 -11.02 34.58 31.18
CA VAL H 189 -9.93 35.28 31.85
C VAL H 189 -8.65 34.47 31.69
N LEU H 190 -7.61 35.12 31.14
CA LEU H 190 -6.34 34.45 30.92
C LEU H 190 -5.40 34.65 32.10
N VAL H 191 -4.94 33.53 32.67
CA VAL H 191 -4.04 33.57 33.81
C VAL H 191 -2.66 33.08 33.37
N GLY H 192 -1.74 34.02 33.16
CA GLY H 192 -0.40 33.68 32.73
C GLY H 192 0.49 33.23 33.87
N SER H 193 1.00 32.00 33.76
CA SER H 193 1.88 31.44 34.78
C SER H 193 3.31 31.38 34.25
N GLY H 194 4.20 30.79 35.05
CA GLY H 194 5.58 30.67 34.66
C GLY H 194 6.50 30.97 35.82
N ASN H 195 7.78 30.66 35.67
CA ASN H 195 8.77 30.91 36.72
C ASN H 195 8.98 32.42 36.87
N PRO H 196 9.65 32.86 37.96
CA PRO H 196 9.90 34.28 38.21
C PRO H 196 10.45 35.06 37.01
N GLU H 197 11.53 34.58 36.42
CA GLU H 197 12.15 35.23 35.27
C GLU H 197 13.24 34.31 34.75
N GLU H 198 13.27 34.11 33.43
CA GLU H 198 14.26 33.24 32.79
C GLU H 198 15.55 34.00 32.55
N GLY H 199 15.43 35.15 31.88
CA GLY H 199 16.58 35.97 31.55
C GLY H 199 16.24 36.94 30.45
N ASP H 200 15.87 38.16 30.84
CA ASP H 200 15.51 39.22 29.91
C ASP H 200 14.45 38.77 28.90
N LEU H 201 13.38 38.18 29.41
CA LEU H 201 12.29 37.69 28.57
C LEU H 201 11.53 38.80 27.84
N ARG H 202 10.73 38.40 26.87
CA ARG H 202 9.92 39.31 26.06
C ARG H 202 9.10 40.30 26.91
N PRO H 203 9.50 41.58 26.88
CA PRO H 203 8.85 42.67 27.64
C PRO H 203 7.36 42.81 27.34
N GLN H 204 6.96 42.48 26.12
CA GLN H 204 5.57 42.57 25.69
C GLN H 204 4.60 41.90 26.65
N LEU H 205 5.07 40.88 27.37
CA LEU H 205 4.24 40.16 28.32
C LEU H 205 3.77 41.11 29.43
N LEU H 206 4.70 41.87 29.98
CA LEU H 206 4.40 42.81 31.06
C LEU H 206 3.33 43.83 30.67
N ASP H 207 3.37 44.27 29.42
CA ASP H 207 2.42 45.24 28.90
C ASP H 207 1.01 44.64 28.81
N ARG H 208 0.90 43.59 28.00
CA ARG H 208 -0.37 42.90 27.79
C ARG H 208 -0.97 42.28 29.05
N PHE H 209 -0.11 41.89 29.98
CA PHE H 209 -0.56 41.30 31.24
C PHE H 209 -0.77 42.40 32.28
N GLY H 210 -1.83 43.17 32.09
CA GLY H 210 -2.15 44.27 32.99
C GLY H 210 -2.11 43.98 34.48
N LEU H 211 -2.43 42.76 34.87
CA LEU H 211 -2.43 42.40 36.28
C LEU H 211 -1.22 41.54 36.65
N SER H 212 -0.07 42.20 36.75
CA SER H 212 1.18 41.52 37.09
C SER H 212 1.34 41.38 38.60
N VAL H 213 0.74 40.32 39.15
CA VAL H 213 0.79 40.05 40.59
C VAL H 213 1.59 38.78 40.86
N GLU H 214 1.59 38.33 42.12
CA GLU H 214 2.29 37.12 42.50
C GLU H 214 1.44 36.35 43.49
N VAL H 215 2.07 35.69 44.47
CA VAL H 215 1.35 34.92 45.48
C VAL H 215 2.11 35.05 46.80
N LEU H 216 1.77 36.07 47.59
CA LEU H 216 2.41 36.28 48.87
C LEU H 216 2.15 35.09 49.79
N SER H 217 3.22 34.43 50.22
CA SER H 217 3.11 33.26 51.09
C SER H 217 3.57 33.56 52.51
N PRO H 218 2.62 33.82 53.42
CA PRO H 218 2.94 34.11 54.82
C PRO H 218 3.67 32.96 55.51
N ARG H 219 4.84 33.28 56.07
CA ARG H 219 5.64 32.28 56.78
C ARG H 219 5.09 32.16 58.20
N ASP H 220 4.77 33.30 58.79
CA ASP H 220 4.23 33.37 60.15
C ASP H 220 2.82 32.79 60.19
N VAL H 221 2.28 32.67 61.40
CA VAL H 221 0.94 32.12 61.61
C VAL H 221 -0.19 32.84 60.86
N GLU H 222 -0.88 33.76 61.54
CA GLU H 222 -1.99 34.51 60.95
C GLU H 222 -2.94 33.61 60.14
N THR H 223 -2.77 33.60 58.83
CA THR H 223 -3.60 32.82 57.93
C THR H 223 -3.49 31.31 58.13
N ARG H 224 -2.29 30.82 58.40
CA ARG H 224 -2.04 29.39 58.59
C ARG H 224 -3.11 28.70 59.45
N VAL H 225 -3.43 29.31 60.59
CA VAL H 225 -4.44 28.75 61.49
C VAL H 225 -5.82 28.79 60.85
N GLU H 226 -6.12 29.93 60.23
CA GLU H 226 -7.40 30.15 59.55
C GLU H 226 -7.65 29.09 58.49
N VAL H 227 -6.61 28.78 57.72
CA VAL H 227 -6.68 27.79 56.66
C VAL H 227 -7.16 26.44 57.21
N ILE H 228 -6.42 25.93 58.20
CA ILE H 228 -6.74 24.66 58.83
C ILE H 228 -8.19 24.60 59.30
N ARG H 229 -8.66 25.65 59.95
CA ARG H 229 -10.02 25.70 60.47
C ARG H 229 -11.08 25.65 59.37
N ARG H 230 -10.92 26.46 58.33
CA ARG H 230 -11.89 26.48 57.24
C ARG H 230 -11.75 25.32 56.27
N ARG H 231 -10.64 24.60 56.36
CA ARG H 231 -10.42 23.44 55.50
C ARG H 231 -11.04 22.22 56.18
N ASP H 232 -10.82 22.09 57.48
CA ASP H 232 -11.35 20.99 58.28
C ASP H 232 -12.88 21.00 58.29
N THR H 233 -13.44 21.97 59.01
CA THR H 233 -14.88 22.12 59.13
C THR H 233 -15.53 22.51 57.82
N TYR H 234 -14.93 23.48 57.13
CA TYR H 234 -15.42 23.98 55.85
C TYR H 234 -16.87 24.46 55.95
N ASP H 235 -17.04 25.70 56.43
CA ASP H 235 -18.37 26.27 56.58
C ASP H 235 -19.04 26.47 55.23
N ALA H 236 -20.37 26.58 55.24
CA ALA H 236 -21.15 26.75 54.02
C ALA H 236 -21.56 28.19 53.72
N ASP H 237 -21.59 29.04 54.75
CA ASP H 237 -21.99 30.44 54.57
C ASP H 237 -21.05 31.19 53.63
N PRO H 238 -21.54 31.56 52.44
CA PRO H 238 -20.75 32.30 51.45
C PRO H 238 -20.25 33.62 52.02
N LYS H 239 -21.06 34.19 52.91
CA LYS H 239 -20.71 35.46 53.56
C LYS H 239 -19.50 35.26 54.46
N ALA H 240 -19.62 34.36 55.43
CA ALA H 240 -18.53 34.07 56.36
C ALA H 240 -17.28 33.57 55.64
N PHE H 241 -17.49 33.02 54.45
CA PHE H 241 -16.40 32.51 53.64
C PHE H 241 -15.46 33.66 53.23
N LEU H 242 -16.02 34.86 53.09
CA LEU H 242 -15.23 36.02 52.68
C LEU H 242 -15.09 37.13 53.73
N GLU H 243 -16.04 37.24 54.64
CA GLU H 243 -16.04 38.28 55.68
C GLU H 243 -14.68 38.69 56.25
N GLU H 244 -14.03 37.79 56.98
CA GLU H 244 -12.73 38.08 57.58
C GLU H 244 -11.67 38.50 56.57
N TRP H 245 -11.79 38.01 55.33
CA TRP H 245 -10.83 38.31 54.29
C TRP H 245 -11.08 39.64 53.57
N ARG H 246 -12.31 40.16 53.66
CA ARG H 246 -12.65 41.42 53.00
C ARG H 246 -11.70 42.58 53.28
N PRO H 247 -11.28 42.78 54.54
CA PRO H 247 -10.37 43.87 54.85
C PRO H 247 -9.06 43.87 54.04
N LYS H 248 -8.49 42.70 53.84
CA LYS H 248 -7.24 42.57 53.10
C LYS H 248 -7.30 43.09 51.66
N ASP H 249 -8.50 43.16 51.09
CA ASP H 249 -8.66 43.66 49.72
C ASP H 249 -8.13 45.09 49.59
N MET H 250 -8.15 45.83 50.70
CA MET H 250 -7.66 47.20 50.71
C MET H 250 -6.16 47.22 50.48
N ASP H 251 -5.44 46.37 51.20
CA ASP H 251 -4.00 46.26 51.09
C ASP H 251 -3.62 45.89 49.66
N ILE H 252 -4.28 44.84 49.15
CA ILE H 252 -4.04 44.37 47.79
C ILE H 252 -4.29 45.50 46.80
N ARG H 253 -5.39 46.22 47.01
CA ARG H 253 -5.77 47.34 46.14
C ARG H 253 -4.65 48.36 46.11
N ASN H 254 -4.08 48.67 47.27
CA ASN H 254 -2.99 49.64 47.37
C ASN H 254 -1.84 49.22 46.46
N GLN H 255 -1.50 47.94 46.47
CA GLN H 255 -0.43 47.39 45.66
C GLN H 255 -0.68 47.71 44.18
N ILE H 256 -1.89 47.41 43.72
CA ILE H 256 -2.28 47.65 42.34
C ILE H 256 -2.28 49.14 42.02
N LEU H 257 -2.74 49.96 42.97
CA LEU H 257 -2.79 51.40 42.78
C LEU H 257 -1.40 51.98 42.56
N GLU H 258 -0.45 51.60 43.43
CA GLU H 258 0.92 52.05 43.34
C GLU H 258 1.53 51.81 41.97
N ALA H 259 1.15 50.70 41.35
CA ALA H 259 1.65 50.35 40.02
C ALA H 259 1.06 51.33 39.00
N ARG H 260 -0.26 51.39 38.95
CA ARG H 260 -0.98 52.27 38.02
C ARG H 260 -0.62 53.74 38.22
N GLU H 261 -0.26 54.10 39.45
CA GLU H 261 0.10 55.46 39.80
C GLU H 261 1.30 55.94 38.98
N ARG H 262 2.20 55.02 38.64
CA ARG H 262 3.38 55.39 37.88
C ARG H 262 3.57 54.73 36.51
N LEU H 263 2.74 53.75 36.18
CA LEU H 263 2.85 53.07 34.88
C LEU H 263 2.80 54.04 33.69
N PRO H 264 1.75 54.86 33.58
CA PRO H 264 1.64 55.81 32.46
C PRO H 264 2.79 56.82 32.43
N LYS H 265 3.42 57.04 33.58
CA LYS H 265 4.53 57.97 33.69
C LYS H 265 5.79 57.38 33.07
N VAL H 266 6.07 56.12 33.40
CA VAL H 266 7.24 55.44 32.86
C VAL H 266 6.92 55.05 31.41
N GLU H 267 5.98 54.14 31.24
CA GLU H 267 5.57 53.69 29.92
C GLU H 267 4.53 54.67 29.39
N ALA H 268 4.99 55.84 28.96
CA ALA H 268 4.11 56.88 28.45
C ALA H 268 3.39 56.45 27.17
N PRO H 269 2.07 56.66 27.10
CA PRO H 269 1.25 56.31 25.94
C PRO H 269 1.75 57.01 24.68
N ASN H 270 1.42 56.44 23.51
CA ASN H 270 1.83 56.96 22.22
C ASN H 270 3.31 56.66 22.00
N THR H 271 3.85 55.82 22.88
CA THR H 271 5.24 55.41 22.87
C THR H 271 5.31 54.14 23.75
N ALA H 272 6.48 53.54 23.86
CA ALA H 272 6.69 52.35 24.67
C ALA H 272 6.07 51.07 24.10
N LEU H 273 5.90 50.06 24.95
CA LEU H 273 5.34 48.78 24.55
C LEU H 273 3.95 48.84 23.94
N TYR H 274 3.04 49.56 24.58
CA TYR H 274 1.65 49.72 24.12
C TYR H 274 1.52 49.81 22.60
N ASP H 275 1.99 50.91 22.05
CA ASP H 275 1.92 51.15 20.61
C ASP H 275 2.59 50.08 19.78
N CYS H 276 3.73 49.59 20.26
CA CYS H 276 4.48 48.54 19.57
C CYS H 276 3.59 47.32 19.31
N ALA H 277 2.95 46.83 20.37
CA ALA H 277 2.07 45.67 20.27
C ALA H 277 0.84 46.00 19.44
N ALA H 278 0.29 47.19 19.66
CA ALA H 278 -0.89 47.66 18.94
C ALA H 278 -0.70 47.59 17.42
N LEU H 279 0.47 48.03 16.96
CA LEU H 279 0.78 48.03 15.53
C LEU H 279 0.59 46.66 14.89
N CYS H 280 1.16 45.63 15.50
CA CYS H 280 1.05 44.28 14.99
C CYS H 280 -0.39 43.78 14.97
N ILE H 281 -1.06 43.89 16.11
CA ILE H 281 -2.45 43.44 16.25
C ILE H 281 -3.41 44.19 15.31
N ALA H 282 -3.10 45.44 15.02
CA ALA H 282 -3.95 46.26 14.15
C ALA H 282 -3.70 45.98 12.67
N LEU H 283 -2.79 45.06 12.38
CA LEU H 283 -2.46 44.71 11.00
C LEU H 283 -2.69 43.23 10.70
N GLY H 284 -2.53 42.85 9.44
CA GLY H 284 -2.74 41.47 9.05
C GLY H 284 -1.63 40.52 9.46
N SER H 285 -1.65 40.10 10.72
CA SER H 285 -0.65 39.18 11.26
C SER H 285 -1.11 38.74 12.64
N ASP H 286 -0.50 37.68 13.16
CA ASP H 286 -0.86 37.17 14.49
C ASP H 286 -0.33 38.14 15.55
N GLY H 287 0.94 37.98 15.92
CA GLY H 287 1.51 38.88 16.91
C GLY H 287 2.78 38.41 17.60
N LEU H 288 3.03 38.99 18.77
CA LEU H 288 4.19 38.71 19.62
C LEU H 288 5.53 38.63 18.91
N ARG H 289 5.78 37.54 18.19
CA ARG H 289 7.04 37.35 17.48
C ARG H 289 7.37 38.57 16.61
N GLY H 290 6.33 39.21 16.09
CA GLY H 290 6.52 40.40 15.28
C GLY H 290 6.94 41.55 16.16
N GLU H 291 6.19 41.74 17.25
CA GLU H 291 6.45 42.80 18.22
C GLU H 291 7.88 42.76 18.74
N LEU H 292 8.36 41.56 19.06
CA LEU H 292 9.73 41.38 19.54
C LEU H 292 10.77 41.85 18.53
N THR H 293 10.48 41.63 17.25
CA THR H 293 11.39 42.04 16.19
C THR H 293 11.40 43.57 16.09
N LEU H 294 10.21 44.16 16.15
CA LEU H 294 10.05 45.61 16.06
C LEU H 294 10.79 46.29 17.21
N LEU H 295 10.47 45.88 18.43
CA LEU H 295 11.07 46.44 19.64
C LEU H 295 12.60 46.44 19.61
N ARG H 296 13.18 45.29 19.27
CA ARG H 296 14.64 45.17 19.22
C ARG H 296 15.28 46.14 18.23
N SER H 297 14.81 46.11 16.99
CA SER H 297 15.34 46.97 15.94
C SER H 297 15.14 48.45 16.28
N ALA H 298 13.96 48.79 16.78
CA ALA H 298 13.64 50.17 17.16
C ALA H 298 14.58 50.67 18.24
N ARG H 299 14.83 49.82 19.24
CA ARG H 299 15.71 50.17 20.35
C ARG H 299 17.13 50.37 19.84
N ALA H 300 17.58 49.49 18.97
CA ALA H 300 18.92 49.57 18.39
C ALA H 300 19.08 50.89 17.64
N LEU H 301 18.07 51.23 16.84
CA LEU H 301 18.08 52.46 16.07
C LEU H 301 18.13 53.67 17.01
N ALA H 302 17.26 53.65 18.02
CA ALA H 302 17.19 54.75 19.01
C ALA H 302 18.55 55.01 19.64
N ALA H 303 19.29 53.93 19.90
CA ALA H 303 20.62 54.05 20.50
C ALA H 303 21.53 54.87 19.61
N LEU H 304 21.47 54.62 18.31
CA LEU H 304 22.28 55.34 17.34
C LEU H 304 21.82 56.79 17.26
N GLU H 305 20.51 56.98 17.27
CA GLU H 305 19.89 58.31 17.22
C GLU H 305 20.20 59.09 18.49
N GLY H 306 20.53 58.36 19.57
CA GLY H 306 20.83 59.00 20.83
C GLY H 306 19.54 59.30 21.59
N ALA H 307 18.41 58.90 21.02
CA ALA H 307 17.11 59.13 21.63
C ALA H 307 16.88 58.14 22.77
N THR H 308 16.95 58.66 24.00
CA THR H 308 16.76 57.84 25.19
C THR H 308 15.39 57.15 25.15
N ALA H 309 14.38 57.88 24.71
CA ALA H 309 13.03 57.34 24.61
C ALA H 309 12.72 56.95 23.17
N VAL H 310 12.47 55.66 22.96
CA VAL H 310 12.16 55.16 21.62
C VAL H 310 10.76 55.62 21.23
N GLY H 311 10.69 56.77 20.57
CA GLY H 311 9.40 57.30 20.14
C GLY H 311 8.69 56.48 19.09
N ARG H 312 7.37 56.66 18.99
CA ARG H 312 6.54 55.94 18.04
C ARG H 312 7.08 56.07 16.61
N ASP H 313 7.59 57.25 16.28
CA ASP H 313 8.13 57.52 14.95
C ASP H 313 9.18 56.47 14.57
N HIS H 314 10.09 56.18 15.49
CA HIS H 314 11.13 55.20 15.26
C HIS H 314 10.56 53.79 15.22
N LEU H 315 9.54 53.53 16.05
CA LEU H 315 8.89 52.22 16.10
C LEU H 315 8.28 51.91 14.73
N LYS H 316 7.57 52.89 14.18
CA LYS H 316 6.93 52.75 12.88
C LYS H 316 7.97 52.66 11.76
N ARG H 317 9.06 53.39 11.91
CA ARG H 317 10.13 53.41 10.92
C ARG H 317 10.70 52.01 10.68
N VAL H 318 11.03 51.30 11.76
CA VAL H 318 11.56 49.95 11.65
C VAL H 318 10.47 48.94 11.28
N ALA H 319 9.24 49.23 11.69
CA ALA H 319 8.10 48.37 11.42
C ALA H 319 7.89 48.16 9.92
N THR H 320 8.19 49.19 9.13
CA THR H 320 8.05 49.14 7.68
C THR H 320 8.87 48.01 7.04
N MET H 321 9.79 47.44 7.81
CA MET H 321 10.64 46.36 7.33
C MET H 321 10.47 45.12 8.21
N ALA H 322 10.63 45.30 9.51
CA ALA H 322 10.52 44.21 10.49
C ALA H 322 9.21 43.43 10.40
N LEU H 323 8.10 44.14 10.22
CA LEU H 323 6.79 43.49 10.14
C LEU H 323 6.44 43.05 8.72
N SER H 324 6.65 43.94 7.76
CA SER H 324 6.35 43.66 6.35
C SER H 324 6.68 42.24 5.86
N HIS H 325 7.87 41.75 6.21
CA HIS H 325 8.27 40.41 5.78
C HIS H 325 7.65 39.28 6.61
N ARG H 326 6.46 39.52 7.13
CA ARG H 326 5.73 38.54 7.93
C ARG H 326 4.34 39.08 8.27
N LEU H 327 3.93 40.14 7.57
CA LEU H 327 2.65 40.77 7.83
C LEU H 327 2.06 41.34 6.54
N ARG H 328 0.75 41.15 6.37
CA ARG H 328 0.05 41.64 5.19
C ARG H 328 -0.11 43.16 5.29
N ARG H 329 0.72 43.88 4.73
N VAL H 341 0.84 43.88 4.71
CA VAL H 341 0.81 45.34 4.72
C VAL H 341 -0.23 45.91 3.76
N ALA H 342 -1.07 46.80 4.27
CA ALA H 342 -2.12 47.43 3.47
C ALA H 342 -2.46 48.78 4.10
N ARG H 343 -1.43 49.60 4.32
CA ARG H 343 -1.57 50.91 4.93
C ARG H 343 -2.00 50.70 6.39
N THR H 344 -3.14 51.27 6.79
CA THR H 344 -3.65 51.13 8.16
C THR H 344 -2.82 51.80 9.25
N VAL H 345 -1.56 51.38 9.37
CA VAL H 345 -0.63 51.91 10.36
C VAL H 345 -0.82 53.39 10.69
N GLU H 346 -0.78 54.23 9.66
CA GLU H 346 -0.94 55.68 9.84
C GLU H 346 -2.31 56.05 10.40
N GLU H 347 -3.35 55.41 9.89
CA GLU H 347 -4.72 55.67 10.32
C GLU H 347 -4.93 55.28 11.77
N THR H 348 -4.26 54.21 12.21
CA THR H 348 -4.38 53.74 13.57
C THR H 348 -3.53 54.56 14.54
N LEU H 349 -2.24 54.67 14.23
CA LEU H 349 -1.30 55.42 15.05
C LEU H 349 -0.40 56.32 14.20
N PRO H 350 -0.72 57.62 14.12
CA PRO H 350 0.05 58.59 13.35
C PRO H 350 1.46 58.76 13.90
N ARG I 18 12.70 49.62 -9.17
CA ARG I 18 12.46 48.93 -7.88
C ARG I 18 13.57 49.34 -6.90
N PRO I 19 13.33 49.20 -5.59
CA PRO I 19 14.30 49.55 -4.55
C PRO I 19 15.70 48.95 -4.76
N VAL I 20 16.48 49.60 -5.61
CA VAL I 20 17.84 49.18 -5.91
C VAL I 20 18.78 50.27 -5.39
N PHE I 21 20.01 49.89 -5.05
CA PHE I 21 20.98 50.86 -4.55
C PHE I 21 22.19 50.92 -5.48
N PRO I 22 22.09 51.72 -6.57
CA PRO I 22 23.18 51.87 -7.53
C PRO I 22 24.37 52.63 -6.97
N PHE I 23 25.15 53.27 -7.84
CA PHE I 23 26.33 54.02 -7.43
C PHE I 23 26.02 55.52 -7.35
N SER I 24 24.81 55.85 -6.90
CA SER I 24 24.38 57.23 -6.77
C SER I 24 25.16 57.94 -5.67
N ALA I 25 25.28 57.29 -4.52
CA ALA I 25 26.00 57.84 -3.39
C ALA I 25 26.42 56.72 -2.45
N ILE I 26 27.71 56.38 -2.49
CA ILE I 26 28.27 55.33 -1.65
C ILE I 26 29.78 55.31 -1.85
N VAL I 27 30.51 54.95 -0.80
CA VAL I 27 31.97 54.90 -0.85
C VAL I 27 32.45 53.67 -0.09
N GLY I 28 32.18 52.49 -0.65
CA GLY I 28 32.59 51.27 0.01
C GLY I 28 32.14 49.98 -0.67
N GLN I 29 30.86 49.66 -0.57
CA GLN I 29 30.33 48.43 -1.15
C GLN I 29 30.12 48.43 -2.67
N GLU I 30 31.09 48.95 -3.41
CA GLU I 30 30.99 48.98 -4.86
C GLU I 30 31.20 47.58 -5.42
N ASP I 31 32.19 46.87 -4.86
CA ASP I 31 32.53 45.51 -5.27
C ASP I 31 31.29 44.62 -5.32
N MET I 32 30.52 44.64 -4.24
CA MET I 32 29.30 43.84 -4.11
C MET I 32 28.38 44.00 -5.32
N LYS I 33 27.98 45.26 -5.56
CA LYS I 33 27.09 45.59 -6.66
C LYS I 33 27.74 45.23 -8.01
N LEU I 34 28.92 45.80 -8.22
CA LEU I 34 29.68 45.60 -9.45
C LEU I 34 29.75 44.14 -9.86
N ALA I 35 30.16 43.28 -8.93
CA ALA I 35 30.28 41.84 -9.19
C ALA I 35 28.95 41.21 -9.56
N LEU I 36 27.93 41.42 -8.73
CA LEU I 36 26.61 40.86 -8.97
C LEU I 36 25.99 41.33 -10.28
N LEU I 37 26.36 42.53 -10.72
CA LEU I 37 25.84 43.08 -11.95
C LEU I 37 26.57 42.47 -13.16
N LEU I 38 27.88 42.35 -13.05
CA LEU I 38 28.69 41.78 -14.13
C LEU I 38 28.27 40.34 -14.43
N THR I 39 28.07 39.55 -13.39
CA THR I 39 27.67 38.15 -13.55
C THR I 39 26.28 38.06 -14.17
N ALA I 40 25.43 39.04 -13.87
CA ALA I 40 24.08 39.08 -14.43
C ALA I 40 24.18 39.24 -15.94
N VAL I 41 25.28 39.85 -16.39
CA VAL I 41 25.53 40.05 -17.81
C VAL I 41 26.00 38.73 -18.40
N ASP I 42 27.18 38.28 -17.99
CA ASP I 42 27.75 37.04 -18.48
C ASP I 42 27.90 36.00 -17.38
N PRO I 43 27.24 34.84 -17.55
CA PRO I 43 27.31 33.76 -16.57
C PRO I 43 28.66 33.05 -16.62
N GLY I 44 29.37 33.22 -17.74
CA GLY I 44 30.67 32.60 -17.92
C GLY I 44 31.74 33.15 -17.00
N ILE I 45 31.39 34.18 -16.23
CA ILE I 45 32.33 34.77 -15.28
C ILE I 45 32.56 33.78 -14.14
N GLY I 46 31.47 33.29 -13.57
CA GLY I 46 31.57 32.34 -12.47
C GLY I 46 30.87 32.83 -11.22
N GLY I 47 30.82 31.97 -10.20
CA GLY I 47 30.17 32.33 -8.95
C GLY I 47 30.88 33.46 -8.22
N VAL I 48 30.11 34.39 -7.69
CA VAL I 48 30.65 35.53 -6.96
C VAL I 48 30.98 35.15 -5.52
N LEU I 49 32.26 35.05 -5.22
CA LEU I 49 32.71 34.70 -3.87
C LEU I 49 32.67 35.94 -3.00
N VAL I 50 31.51 36.18 -2.38
CA VAL I 50 31.33 37.36 -1.53
C VAL I 50 31.92 37.15 -0.13
N PHE I 51 33.09 37.73 0.09
CA PHE I 51 33.76 37.63 1.38
C PHE I 51 33.00 38.41 2.46
N GLY I 52 33.62 38.57 3.63
CA GLY I 52 32.97 39.29 4.72
C GLY I 52 31.98 38.43 5.48
N ASP I 53 31.59 38.87 6.66
CA ASP I 53 30.64 38.13 7.49
C ASP I 53 29.22 38.29 6.95
N ARG I 54 28.32 37.43 7.43
CA ARG I 54 26.92 37.47 7.00
C ARG I 54 26.13 38.59 7.68
N GLY I 55 26.69 39.14 8.76
CA GLY I 55 26.03 40.21 9.48
C GLY I 55 25.83 41.46 8.64
N THR I 56 26.65 41.60 7.61
CA THR I 56 26.57 42.75 6.71
C THR I 56 25.23 42.81 5.98
N GLY I 57 24.50 41.71 6.02
CA GLY I 57 23.20 41.65 5.36
C GLY I 57 23.35 41.48 3.85
N LYS I 58 24.17 40.52 3.46
CA LYS I 58 24.43 40.25 2.05
C LYS I 58 23.14 39.90 1.31
N SER I 59 22.46 38.85 1.78
CA SER I 59 21.21 38.40 1.17
C SER I 59 20.21 39.55 1.05
N THR I 60 20.17 40.40 2.07
CA THR I 60 19.26 41.54 2.09
C THR I 60 19.52 42.44 0.88
N ALA I 61 20.80 42.71 0.62
CA ALA I 61 21.20 43.55 -0.50
C ALA I 61 20.87 42.87 -1.83
N VAL I 62 21.12 41.57 -1.91
CA VAL I 62 20.85 40.80 -3.11
C VAL I 62 19.36 40.84 -3.43
N ARG I 63 18.52 40.71 -2.41
CA ARG I 63 17.07 40.74 -2.56
C ARG I 63 16.53 42.15 -2.72
N ALA I 64 17.28 42.99 -3.44
CA ALA I 64 16.91 44.37 -3.71
C ALA I 64 17.62 44.80 -4.98
N LEU I 65 18.93 44.58 -5.02
CA LEU I 65 19.74 44.94 -6.17
C LEU I 65 19.29 44.19 -7.42
N ALA I 66 19.05 42.89 -7.27
CA ALA I 66 18.62 42.03 -8.37
C ALA I 66 17.28 42.47 -8.98
N ALA I 67 16.55 43.31 -8.26
CA ALA I 67 15.25 43.80 -8.71
C ALA I 67 15.35 44.73 -9.92
N LEU I 68 16.55 45.26 -10.18
CA LEU I 68 16.74 46.16 -11.31
C LEU I 68 16.53 45.41 -12.62
N LEU I 69 16.93 44.14 -12.65
CA LEU I 69 16.79 43.32 -13.84
C LEU I 69 15.33 43.24 -14.26
N PRO I 70 15.06 43.27 -15.57
CA PRO I 70 13.69 43.20 -16.10
C PRO I 70 12.99 41.96 -15.57
N GLU I 71 11.86 42.16 -14.91
CA GLU I 71 11.08 41.06 -14.35
C GLU I 71 10.79 40.03 -15.45
N ILE I 72 11.47 38.90 -15.34
CA ILE I 72 11.37 37.81 -16.30
C ILE I 72 9.97 37.30 -16.60
N GLU I 73 9.74 36.99 -17.87
CA GLU I 73 8.48 36.45 -18.34
C GLU I 73 8.60 34.94 -18.19
N ALA I 74 7.61 34.32 -17.59
CA ALA I 74 7.63 32.89 -17.39
C ALA I 74 6.31 32.35 -16.86
N VAL I 75 6.15 31.04 -16.96
CA VAL I 75 4.94 30.38 -16.48
C VAL I 75 4.82 30.54 -14.97
N GLU I 76 3.58 30.67 -14.51
CA GLU I 76 3.24 30.85 -13.10
C GLU I 76 4.04 29.99 -12.11
N GLY I 77 3.50 28.84 -11.72
CA GLY I 77 4.17 27.97 -10.78
C GLY I 77 5.28 27.10 -11.33
N CYS I 78 5.76 27.43 -12.53
CA CYS I 78 6.84 26.66 -13.15
C CYS I 78 8.15 26.92 -12.40
N PRO I 79 8.78 25.86 -11.87
CA PRO I 79 10.04 25.96 -11.14
C PRO I 79 11.15 26.60 -11.96
N VAL I 80 11.49 25.97 -13.09
CA VAL I 80 12.53 26.49 -13.98
C VAL I 80 12.11 27.82 -14.58
N SER I 81 10.81 28.10 -14.53
CA SER I 81 10.25 29.34 -15.05
C SER I 81 10.59 29.62 -16.51
N SER I 82 10.21 28.69 -17.38
CA SER I 82 10.45 28.86 -18.81
C SER I 82 9.48 29.92 -19.34
N PRO I 83 9.95 30.77 -20.27
CA PRO I 83 9.10 31.82 -20.84
C PRO I 83 7.87 31.25 -21.53
N ASN I 84 8.09 30.54 -22.63
CA ASN I 84 7.02 29.93 -23.39
C ASN I 84 6.80 28.48 -22.92
N VAL I 85 5.57 28.01 -23.05
CA VAL I 85 5.21 26.66 -22.64
C VAL I 85 6.02 25.60 -23.40
N GLU I 86 6.38 25.93 -24.64
CA GLU I 86 7.15 25.03 -25.49
C GLU I 86 8.52 24.66 -24.92
N MET I 87 9.01 25.47 -23.99
CA MET I 87 10.31 25.22 -23.37
C MET I 87 10.19 24.61 -21.97
N ILE I 88 9.03 24.07 -21.63
CA ILE I 88 8.82 23.46 -20.33
C ILE I 88 9.16 21.98 -20.37
N PRO I 89 10.10 21.53 -19.52
CA PRO I 89 10.51 20.12 -19.47
C PRO I 89 9.33 19.23 -19.10
N ASP I 90 9.23 18.08 -19.74
CA ASP I 90 8.12 17.16 -19.53
C ASP I 90 7.80 16.87 -18.05
N TRP I 91 8.84 16.64 -17.24
CA TRP I 91 8.62 16.36 -15.82
C TRP I 91 7.86 17.50 -15.13
N ALA I 92 8.18 18.73 -15.50
CA ALA I 92 7.53 19.91 -14.93
C ALA I 92 6.18 20.15 -15.59
N THR I 93 5.27 19.18 -15.46
CA THR I 93 3.94 19.30 -16.05
C THR I 93 3.09 20.26 -15.23
N VAL I 94 3.36 21.55 -15.38
CA VAL I 94 2.63 22.59 -14.67
C VAL I 94 1.28 22.83 -15.35
N LEU I 95 0.21 22.46 -14.66
CA LEU I 95 -1.14 22.62 -15.19
C LEU I 95 -1.44 24.09 -15.46
N SER I 96 -1.05 24.96 -14.54
CA SER I 96 -1.26 26.39 -14.68
C SER I 96 -0.24 26.97 -15.66
N THR I 97 -0.50 26.82 -16.96
CA THR I 97 0.38 27.34 -17.99
C THR I 97 0.17 28.84 -18.20
N ASN I 98 0.11 29.59 -17.10
CA ASN I 98 -0.10 31.02 -17.14
C ASN I 98 1.22 31.76 -17.32
N VAL I 99 1.47 32.24 -18.53
CA VAL I 99 2.69 32.98 -18.82
C VAL I 99 2.50 34.39 -18.30
N ILE I 100 3.22 34.74 -17.24
CA ILE I 100 3.11 36.06 -16.63
C ILE I 100 4.47 36.69 -16.35
N ARG I 101 4.45 37.88 -15.78
CA ARG I 101 5.67 38.62 -15.43
C ARG I 101 5.92 38.48 -13.94
N LYS I 102 7.14 38.11 -13.58
CA LYS I 102 7.51 37.96 -12.17
C LYS I 102 8.96 38.39 -11.95
N PRO I 103 9.24 39.06 -10.82
CA PRO I 103 10.57 39.53 -10.46
C PRO I 103 11.63 38.45 -10.36
N THR I 104 12.89 38.87 -10.43
CA THR I 104 14.04 37.97 -10.36
C THR I 104 14.00 37.12 -9.09
N PRO I 105 13.86 35.80 -9.24
CA PRO I 105 13.81 34.87 -8.11
C PRO I 105 15.16 34.74 -7.42
N VAL I 106 15.15 34.82 -6.09
CA VAL I 106 16.38 34.71 -5.30
C VAL I 106 16.17 33.67 -4.20
N VAL I 107 16.97 32.62 -4.22
CA VAL I 107 16.88 31.56 -3.22
C VAL I 107 18.16 31.53 -2.38
N ASP I 108 17.98 31.55 -1.07
CA ASP I 108 19.11 31.54 -0.14
C ASP I 108 19.51 30.10 0.16
N LEU I 109 20.65 29.70 -0.37
CA LEU I 109 21.19 28.35 -0.19
C LEU I 109 21.70 28.21 1.25
N PRO I 110 20.99 27.43 2.08
CA PRO I 110 21.37 27.22 3.49
C PRO I 110 22.64 26.40 3.66
N LEU I 111 23.40 26.71 4.71
CA LEU I 111 24.64 26.03 5.01
C LEU I 111 24.33 24.60 5.46
N GLY I 112 25.09 23.64 4.94
CA GLY I 112 24.89 22.24 5.28
C GLY I 112 23.68 21.59 4.65
N VAL I 113 23.23 22.16 3.53
CA VAL I 113 22.07 21.63 2.81
C VAL I 113 22.42 20.30 2.14
N SER I 114 21.49 19.35 2.21
CA SER I 114 21.68 18.03 1.61
C SER I 114 21.77 18.16 0.08
N GLU I 115 22.86 17.63 -0.48
CA GLU I 115 23.11 17.66 -1.92
C GLU I 115 21.89 17.27 -2.75
N ASP I 116 21.23 16.18 -2.35
CA ASP I 116 20.06 15.69 -3.05
C ASP I 116 18.96 16.74 -3.12
N ARG I 117 18.75 17.46 -2.02
CA ARG I 117 17.74 18.50 -1.94
C ARG I 117 18.12 19.71 -2.80
N VAL I 118 19.41 19.86 -3.04
CA VAL I 118 19.92 20.98 -3.85
C VAL I 118 19.47 20.84 -5.30
N VAL I 119 19.84 19.73 -5.94
CA VAL I 119 19.49 19.48 -7.33
C VAL I 119 18.11 18.86 -7.50
N GLY I 120 17.82 17.82 -6.73
CA GLY I 120 16.54 17.14 -6.81
C GLY I 120 16.73 15.64 -6.68
N ALA I 121 15.63 14.90 -6.77
CA ALA I 121 15.66 13.44 -6.65
C ALA I 121 14.47 12.84 -7.39
N LEU I 122 14.35 11.51 -7.36
CA LEU I 122 13.26 10.81 -8.02
C LEU I 122 12.72 9.72 -7.09
N ASP I 123 11.62 10.01 -6.39
CA ASP I 123 11.02 9.05 -5.48
C ASP I 123 10.62 7.76 -6.19
N ILE I 124 10.83 6.63 -5.53
CA ILE I 124 10.50 5.33 -6.09
C ILE I 124 9.00 5.11 -6.30
N GLU I 125 8.20 5.37 -5.27
CA GLU I 125 6.75 5.19 -5.35
C GLU I 125 6.16 6.11 -6.42
N ARG I 126 6.60 7.36 -6.42
CA ARG I 126 6.12 8.34 -7.38
C ARG I 126 6.59 7.95 -8.78
N ALA I 127 7.80 7.40 -8.87
CA ALA I 127 8.38 6.98 -10.15
C ALA I 127 7.55 5.90 -10.83
N ILE I 128 7.26 4.82 -10.10
CA ILE I 128 6.47 3.72 -10.65
C ILE I 128 5.03 4.14 -11.00
N SER I 129 4.65 5.34 -10.60
CA SER I 129 3.31 5.85 -10.87
C SER I 129 3.29 7.15 -11.65
N LYS I 130 4.47 7.62 -12.08
CA LYS I 130 4.57 8.87 -12.84
C LYS I 130 5.72 8.91 -13.85
N GLY I 131 6.80 8.17 -13.57
CA GLY I 131 7.93 8.16 -14.47
C GLY I 131 8.77 9.40 -14.27
N GLU I 132 9.05 10.12 -15.34
CA GLU I 132 9.86 11.34 -15.27
C GLU I 132 9.19 12.37 -14.36
N LYS I 133 7.85 12.33 -14.31
CA LYS I 133 7.07 13.25 -13.49
C LYS I 133 7.40 13.11 -12.01
N ALA I 134 8.19 12.10 -11.66
CA ALA I 134 8.56 11.84 -10.27
C ALA I 134 9.68 12.73 -9.75
N PHE I 135 10.23 13.58 -10.62
CA PHE I 135 11.32 14.48 -10.22
C PHE I 135 10.87 15.51 -9.19
N GLU I 136 11.69 15.65 -8.14
CA GLU I 136 11.41 16.60 -7.07
C GLU I 136 12.00 17.97 -7.41
N PRO I 137 11.19 19.04 -7.27
CA PRO I 137 11.63 20.40 -7.55
C PRO I 137 12.68 20.89 -6.54
N GLY I 138 13.93 20.52 -6.78
CA GLY I 138 15.01 20.91 -5.90
C GLY I 138 15.24 22.42 -5.84
N LEU I 139 16.13 22.83 -4.94
CA LEU I 139 16.44 24.25 -4.76
C LEU I 139 16.83 24.94 -6.07
N LEU I 140 17.86 24.42 -6.73
CA LEU I 140 18.31 24.99 -7.99
C LEU I 140 17.26 24.88 -9.08
N ALA I 141 16.44 23.84 -9.00
CA ALA I 141 15.37 23.63 -9.97
C ALA I 141 14.36 24.78 -9.87
N ARG I 142 14.27 25.38 -8.70
CA ARG I 142 13.36 26.49 -8.45
C ARG I 142 14.13 27.80 -8.28
N ALA I 143 15.35 27.85 -8.83
CA ALA I 143 16.18 29.04 -8.73
C ALA I 143 16.76 29.44 -10.09
N ASN I 144 16.15 28.92 -11.15
CA ASN I 144 16.60 29.22 -12.51
C ASN I 144 16.25 30.65 -12.86
N ARG I 145 17.10 31.29 -13.67
CA ARG I 145 16.92 32.67 -14.10
C ARG I 145 16.87 33.62 -12.91
N GLY I 146 17.68 33.33 -11.90
CA GLY I 146 17.71 34.18 -10.71
C GLY I 146 19.04 34.15 -9.99
N TYR I 147 19.02 34.42 -8.69
CA TYR I 147 20.22 34.43 -7.86
C TYR I 147 20.15 33.38 -6.76
N LEU I 148 21.28 32.73 -6.49
CA LEU I 148 21.37 31.72 -5.46
C LEU I 148 22.39 32.18 -4.42
N TYR I 149 21.91 32.60 -3.26
CA TYR I 149 22.77 33.09 -2.19
C TYR I 149 23.29 31.97 -1.28
N ILE I 150 24.55 31.59 -1.46
CA ILE I 150 25.17 30.57 -0.63
C ILE I 150 25.63 31.27 0.65
N ASP I 151 25.20 30.76 1.80
CA ASP I 151 25.57 31.34 3.09
C ASP I 151 27.10 31.41 3.23
N GLU I 152 27.74 30.25 3.37
CA GLU I 152 29.19 30.17 3.50
C GLU I 152 29.77 29.05 2.65
N CYS I 153 30.61 29.42 1.69
CA CYS I 153 31.25 28.46 0.81
C CYS I 153 32.37 27.74 1.56
N ASN I 154 32.92 28.41 2.57
CA ASN I 154 33.98 27.85 3.38
C ASN I 154 33.50 26.66 4.21
N LEU I 155 32.67 26.92 5.22
CA LEU I 155 32.14 25.85 6.07
C LEU I 155 31.01 25.14 5.32
N LEU I 156 31.39 24.35 4.33
CA LEU I 156 30.44 23.61 3.51
C LEU I 156 31.17 22.47 2.82
N GLU I 157 30.43 21.42 2.44
CA GLU I 157 31.02 20.27 1.77
C GLU I 157 31.67 20.67 0.44
N ASP I 158 32.86 20.13 0.20
CA ASP I 158 33.61 20.41 -1.02
C ASP I 158 32.79 20.10 -2.27
N HIS I 159 32.21 18.90 -2.32
CA HIS I 159 31.41 18.48 -3.46
C HIS I 159 30.21 19.39 -3.73
N ILE I 160 29.71 20.05 -2.68
CA ILE I 160 28.58 20.95 -2.85
C ILE I 160 29.04 22.17 -3.64
N VAL I 161 30.16 22.74 -3.22
CA VAL I 161 30.73 23.91 -3.88
C VAL I 161 31.04 23.58 -5.34
N ASP I 162 31.72 22.45 -5.56
CA ASP I 162 32.07 22.00 -6.91
C ASP I 162 30.86 21.96 -7.82
N LEU I 163 29.85 21.19 -7.41
CA LEU I 163 28.62 21.04 -8.17
C LEU I 163 28.00 22.40 -8.50
N LEU I 164 27.77 23.22 -7.48
CA LEU I 164 27.19 24.54 -7.66
C LEU I 164 27.98 25.40 -8.64
N LEU I 165 29.31 25.36 -8.52
CA LEU I 165 30.18 26.14 -9.39
C LEU I 165 29.98 25.84 -10.86
N ASP I 166 30.04 24.56 -11.22
CA ASP I 166 29.88 24.17 -12.61
C ASP I 166 28.46 24.36 -13.12
N VAL I 167 27.47 24.01 -12.31
CA VAL I 167 26.07 24.17 -12.72
C VAL I 167 25.82 25.61 -13.15
N ALA I 168 26.35 26.55 -12.37
CA ALA I 168 26.21 27.97 -12.68
C ALA I 168 27.03 28.31 -13.92
N GLN I 169 28.17 27.65 -14.06
CA GLN I 169 29.07 27.87 -15.19
C GLN I 169 28.41 27.37 -16.48
N SER I 170 28.29 26.05 -16.61
CA SER I 170 27.67 25.44 -17.79
C SER I 170 26.23 25.91 -17.93
N GLY I 171 25.39 25.53 -16.98
CA GLY I 171 24.00 25.94 -17.02
C GLY I 171 23.01 24.79 -17.04
N GLU I 172 23.33 23.71 -16.35
CA GLU I 172 22.43 22.56 -16.29
C GLU I 172 22.40 21.93 -14.90
N ASN I 173 21.21 21.83 -14.33
CA ASN I 173 21.02 21.25 -13.01
C ASN I 173 20.99 19.73 -13.20
N VAL I 174 22.18 19.15 -13.26
CA VAL I 174 22.34 17.71 -13.45
C VAL I 174 21.83 16.89 -12.27
N VAL I 175 20.84 16.04 -12.53
CA VAL I 175 20.27 15.19 -11.49
C VAL I 175 20.28 13.75 -12.00
N GLU I 176 21.41 13.32 -12.53
CA GLU I 176 21.55 11.97 -13.05
C GLU I 176 21.76 11.00 -11.89
N ARG I 177 20.69 10.75 -11.15
CA ARG I 177 20.73 9.85 -9.99
C ARG I 177 19.52 8.93 -10.05
N ASP I 178 19.22 8.30 -8.92
CA ASP I 178 18.08 7.39 -8.78
C ASP I 178 18.07 6.30 -9.85
N GLY I 179 17.54 6.62 -11.02
CA GLY I 179 17.48 5.66 -12.10
C GLY I 179 17.19 6.27 -13.45
N LEU I 180 17.31 7.60 -13.54
CA LEU I 180 17.04 8.31 -14.78
C LEU I 180 17.98 9.50 -14.94
N SER I 181 18.32 9.82 -16.17
CA SER I 181 19.20 10.95 -16.46
C SER I 181 18.39 12.24 -16.43
N ILE I 182 17.92 12.61 -15.24
CA ILE I 182 17.13 13.83 -15.07
C ILE I 182 18.04 15.05 -15.22
N ARG I 183 17.60 16.01 -16.01
CA ARG I 183 18.39 17.22 -16.23
C ARG I 183 17.49 18.35 -16.75
N HIS I 184 18.00 19.57 -16.68
CA HIS I 184 17.26 20.75 -17.14
C HIS I 184 18.14 21.98 -16.96
N PRO I 185 17.98 22.99 -17.83
CA PRO I 185 18.76 24.23 -17.77
C PRO I 185 18.72 24.87 -16.38
N ALA I 186 19.78 25.59 -16.05
CA ALA I 186 19.89 26.27 -14.76
C ALA I 186 20.82 27.48 -14.90
N ARG I 187 20.30 28.52 -15.55
CA ARG I 187 21.06 29.75 -15.76
C ARG I 187 20.78 30.69 -14.59
N PHE I 188 21.67 30.69 -13.61
CA PHE I 188 21.51 31.56 -12.44
C PHE I 188 22.84 32.10 -11.94
N VAL I 189 22.78 33.22 -11.22
CA VAL I 189 23.97 33.84 -10.67
C VAL I 189 24.28 33.24 -9.31
N LEU I 190 25.39 32.53 -9.22
CA LEU I 190 25.81 31.89 -7.98
C LEU I 190 26.48 32.89 -7.03
N VAL I 191 25.73 33.33 -6.03
CA VAL I 191 26.25 34.28 -5.05
C VAL I 191 26.90 33.48 -3.91
N GLY I 192 28.13 33.04 -4.13
CA GLY I 192 28.84 32.26 -3.13
C GLY I 192 29.43 33.07 -2.00
N SER I 193 28.64 33.34 -0.98
CA SER I 193 29.10 34.10 0.16
C SER I 193 29.97 33.24 1.08
N GLY I 194 30.71 33.90 1.95
CA GLY I 194 31.58 33.21 2.90
C GLY I 194 32.41 34.21 3.66
N ASN I 195 33.11 33.75 4.69
CA ASN I 195 33.96 34.62 5.49
C ASN I 195 35.19 35.02 4.68
N PRO I 196 35.95 36.03 5.15
CA PRO I 196 37.15 36.49 4.44
C PRO I 196 38.10 35.37 4.02
N GLU I 197 38.34 34.43 4.94
CA GLU I 197 39.20 33.28 4.70
C GLU I 197 39.09 32.39 5.94
N GLU I 198 39.20 31.08 5.74
CA GLU I 198 39.08 30.14 6.84
C GLU I 198 40.34 29.29 7.01
N GLY I 199 41.04 29.02 5.91
CA GLY I 199 42.26 28.23 5.98
C GLY I 199 42.60 27.52 4.69
N ASP I 200 42.94 28.30 3.66
CA ASP I 200 43.30 27.78 2.34
C ASP I 200 42.41 26.62 1.88
N LEU I 201 41.11 26.74 2.16
CA LEU I 201 40.15 25.71 1.80
C LEU I 201 40.00 25.53 0.29
N ARG I 202 40.36 24.34 -0.18
CA ARG I 202 40.29 23.96 -1.59
C ARG I 202 40.51 25.09 -2.60
N PRO I 203 41.76 25.54 -2.75
CA PRO I 203 42.12 26.61 -3.68
C PRO I 203 41.62 26.34 -5.10
N GLN I 204 41.54 25.06 -5.46
CA GLN I 204 41.07 24.64 -6.78
C GLN I 204 39.67 25.17 -7.06
N LEU I 205 38.81 25.11 -6.05
CA LEU I 205 37.43 25.59 -6.20
C LEU I 205 37.41 27.11 -6.14
N LEU I 206 38.25 27.69 -5.30
CA LEU I 206 38.33 29.14 -5.15
C LEU I 206 38.69 29.81 -6.48
N ASP I 207 39.58 29.18 -7.24
CA ASP I 207 40.01 29.71 -8.53
C ASP I 207 38.83 29.73 -9.50
N ARG I 208 38.02 28.67 -9.46
CA ARG I 208 36.85 28.54 -10.33
C ARG I 208 35.84 29.67 -10.14
N PHE I 209 35.84 30.31 -8.98
CA PHE I 209 34.91 31.41 -8.73
C PHE I 209 35.17 32.57 -9.69
N GLY I 210 34.13 33.36 -9.96
CA GLY I 210 34.27 34.48 -10.87
C GLY I 210 34.94 35.67 -10.22
N LEU I 211 34.14 36.51 -9.57
CA LEU I 211 34.65 37.70 -8.91
C LEU I 211 34.48 37.56 -7.40
N SER I 212 35.25 38.33 -6.65
CA SER I 212 35.19 38.29 -5.19
C SER I 212 35.41 39.68 -4.61
N VAL I 213 34.57 40.05 -3.65
CA VAL I 213 34.65 41.36 -3.00
C VAL I 213 35.98 41.45 -2.23
N GLU I 214 36.86 42.32 -2.69
CA GLU I 214 38.16 42.49 -2.04
C GLU I 214 37.98 42.94 -0.60
N VAL I 215 38.51 42.13 0.33
CA VAL I 215 38.40 42.41 1.76
C VAL I 215 39.43 43.43 2.24
N LEU I 216 40.60 43.46 1.60
CA LEU I 216 41.67 44.38 1.98
C LEU I 216 41.26 45.85 1.93
N SER I 217 40.38 46.18 1.00
CA SER I 217 39.92 47.56 0.85
C SER I 217 38.85 47.92 1.89
N PRO I 218 39.13 48.92 2.74
CA PRO I 218 38.21 49.38 3.79
C PRO I 218 36.92 49.91 3.16
N ARG I 219 35.82 49.83 3.89
CA ARG I 219 34.53 50.29 3.38
C ARG I 219 33.71 51.07 4.39
N ASP I 220 32.69 51.76 3.90
CA ASP I 220 31.82 52.58 4.73
C ASP I 220 30.85 51.73 5.57
N VAL I 221 30.18 52.38 6.49
CA VAL I 221 29.22 51.71 7.37
C VAL I 221 27.80 52.17 7.03
N GLU I 222 27.70 53.34 6.42
CA GLU I 222 26.43 53.95 6.05
C GLU I 222 25.56 53.02 5.20
N THR I 223 26.18 52.24 4.33
CA THR I 223 25.47 51.30 3.46
C THR I 223 24.56 50.37 4.26
N ARG I 224 24.94 50.08 5.50
CA ARG I 224 24.14 49.21 6.36
C ARG I 224 22.72 49.73 6.51
N VAL I 225 22.59 50.96 7.01
CA VAL I 225 21.29 51.59 7.21
C VAL I 225 20.53 51.71 5.89
N GLU I 226 21.24 52.11 4.84
CA GLU I 226 20.66 52.27 3.51
C GLU I 226 19.95 51.00 3.06
N VAL I 227 20.68 49.89 3.02
CA VAL I 227 20.13 48.60 2.60
C VAL I 227 18.93 48.22 3.46
N ILE I 228 19.05 48.36 4.77
CA ILE I 228 17.98 48.02 5.69
C ILE I 228 16.70 48.80 5.36
N ARG I 229 16.86 50.09 5.07
CA ARG I 229 15.73 50.94 4.73
C ARG I 229 15.06 50.50 3.44
N ARG I 230 15.87 50.15 2.43
CA ARG I 230 15.34 49.71 1.15
C ARG I 230 14.70 48.34 1.25
N ARG I 231 15.07 47.57 2.28
CA ARG I 231 14.50 46.26 2.52
C ARG I 231 13.07 46.49 3.00
N ASP I 232 12.94 47.44 3.93
CA ASP I 232 11.65 47.81 4.50
C ASP I 232 10.76 48.40 3.43
N THR I 233 11.18 49.53 2.86
CA THR I 233 10.43 50.21 1.82
C THR I 233 10.57 49.50 0.47
N TYR I 234 9.92 48.34 0.36
CA TYR I 234 9.93 47.53 -0.85
C TYR I 234 8.78 46.54 -0.72
N ASP I 235 8.81 45.75 0.35
CA ASP I 235 7.76 44.77 0.60
C ASP I 235 6.49 45.55 0.91
N ALA I 236 5.54 45.48 -0.03
CA ALA I 236 4.26 46.18 0.07
C ALA I 236 4.44 47.69 -0.08
N ASP I 237 5.43 48.08 -0.89
CA ASP I 237 5.72 49.49 -1.15
C ASP I 237 4.50 50.16 -1.77
N PRO I 238 4.13 51.36 -1.27
CA PRO I 238 3.00 52.14 -1.75
C PRO I 238 3.18 52.72 -3.16
N LYS I 239 3.77 51.92 -4.05
CA LYS I 239 4.01 52.34 -5.43
C LYS I 239 4.87 53.60 -5.49
N ALA I 240 5.88 53.66 -4.63
CA ALA I 240 6.78 54.79 -4.56
C ALA I 240 8.19 54.39 -5.00
N PHE I 241 8.86 53.59 -4.18
CA PHE I 241 10.22 53.13 -4.48
C PHE I 241 10.27 52.24 -5.71
N LEU I 242 9.16 51.56 -6.00
CA LEU I 242 9.08 50.68 -7.16
C LEU I 242 9.32 51.47 -8.44
N GLU I 243 8.56 52.55 -8.60
CA GLU I 243 8.65 53.40 -9.78
C GLU I 243 9.97 54.18 -9.85
N GLU I 244 10.17 55.07 -8.88
CA GLU I 244 11.37 55.92 -8.80
C GLU I 244 12.65 55.30 -9.37
N TRP I 245 13.04 54.14 -8.86
CA TRP I 245 14.26 53.49 -9.33
C TRP I 245 14.13 52.76 -10.67
N ARG I 246 12.93 52.29 -11.00
CA ARG I 246 12.69 51.57 -12.25
C ARG I 246 13.35 52.15 -13.51
N PRO I 247 13.30 53.48 -13.71
CA PRO I 247 13.93 54.02 -14.92
C PRO I 247 15.41 53.66 -14.94
N LYS I 248 16.08 53.89 -13.80
CA LYS I 248 17.50 53.58 -13.65
C LYS I 248 17.74 52.10 -13.89
N ASP I 249 16.81 51.27 -13.43
CA ASP I 249 16.89 49.82 -13.60
C ASP I 249 17.01 49.53 -15.10
N MET I 250 16.15 50.17 -15.88
CA MET I 250 16.12 50.01 -17.33
C MET I 250 17.39 50.55 -17.99
N ASP I 251 17.87 51.69 -17.51
CA ASP I 251 19.07 52.32 -18.06
C ASP I 251 20.24 51.36 -17.99
N ILE I 252 20.45 50.76 -16.82
CA ILE I 252 21.53 49.80 -16.62
C ILE I 252 21.35 48.63 -17.58
N ARG I 253 20.12 48.13 -17.66
CA ARG I 253 19.80 47.01 -18.54
C ARG I 253 20.17 47.31 -19.99
N ASN I 254 19.97 48.55 -20.42
CA ASN I 254 20.30 48.97 -21.78
C ASN I 254 21.78 48.70 -22.06
N GLN I 255 22.63 49.18 -21.16
CA GLN I 255 24.06 49.00 -21.29
C GLN I 255 24.46 47.53 -21.22
N ILE I 256 23.73 46.75 -20.43
CA ILE I 256 24.00 45.32 -20.28
C ILE I 256 23.91 44.63 -21.65
N LEU I 257 23.01 45.13 -22.50
CA LEU I 257 22.83 44.58 -23.84
C LEU I 257 24.12 44.79 -24.64
N GLU I 258 24.63 46.02 -24.62
CA GLU I 258 25.86 46.36 -25.33
C GLU I 258 27.04 45.53 -24.83
N ALA I 259 27.05 45.24 -23.53
CA ALA I 259 28.11 44.45 -22.93
C ALA I 259 28.18 43.07 -23.58
N ARG I 260 27.03 42.42 -23.69
CA ARG I 260 26.95 41.10 -24.31
C ARG I 260 27.31 41.16 -25.78
N GLU I 261 26.91 42.24 -26.45
CA GLU I 261 27.20 42.43 -27.86
C GLU I 261 28.71 42.47 -28.08
N ARG I 262 29.43 43.06 -27.13
CA ARG I 262 30.88 43.18 -27.20
C ARG I 262 31.61 42.03 -26.52
N LEU I 263 30.86 41.13 -25.90
CA LEU I 263 31.45 39.98 -25.20
C LEU I 263 32.38 39.16 -26.09
N PRO I 264 31.88 38.65 -27.24
CA PRO I 264 32.73 37.85 -28.11
C PRO I 264 33.60 38.69 -29.06
N LYS I 265 33.82 39.95 -28.70
CA LYS I 265 34.62 40.85 -29.54
C LYS I 265 35.59 41.66 -28.69
N VAL I 266 36.56 42.28 -29.34
CA VAL I 266 37.56 43.10 -28.67
C VAL I 266 37.78 44.34 -29.53
N GLU I 267 37.33 45.49 -29.04
CA GLU I 267 37.46 46.76 -29.77
C GLU I 267 38.92 47.11 -30.03
N ALA I 268 39.72 47.17 -28.97
CA ALA I 268 41.14 47.50 -29.08
C ALA I 268 42.00 46.30 -28.70
N PRO I 269 42.40 45.50 -29.71
CA PRO I 269 43.22 44.31 -29.49
C PRO I 269 44.61 44.64 -28.92
N ASN I 270 45.33 45.55 -29.59
CA ASN I 270 46.67 45.93 -29.14
C ASN I 270 46.63 46.91 -27.98
N THR I 271 45.84 46.58 -26.95
CA THR I 271 45.71 47.41 -25.77
C THR I 271 45.19 46.53 -24.62
N ALA I 272 43.91 46.17 -24.70
CA ALA I 272 43.27 45.35 -23.68
C ALA I 272 44.03 44.06 -23.40
N LEU I 273 44.40 43.35 -24.47
CA LEU I 273 45.14 42.11 -24.34
C LEU I 273 46.47 42.31 -23.61
N TYR I 274 47.20 43.33 -24.03
CA TYR I 274 48.51 43.65 -23.46
C TYR I 274 48.43 43.98 -21.97
N ASP I 275 47.71 45.05 -21.64
CA ASP I 275 47.57 45.48 -20.25
C ASP I 275 47.04 44.37 -19.34
N CYS I 276 46.03 43.66 -19.80
CA CYS I 276 45.43 42.56 -19.03
C CYS I 276 46.47 41.52 -18.67
N ALA I 277 47.12 40.96 -19.68
CA ALA I 277 48.14 39.93 -19.47
C ALA I 277 49.27 40.45 -18.59
N ALA I 278 49.72 41.67 -18.85
CA ALA I 278 50.79 42.29 -18.08
C ALA I 278 50.46 42.32 -16.59
N LEU I 279 49.24 42.74 -16.26
CA LEU I 279 48.81 42.82 -14.87
C LEU I 279 48.85 41.45 -14.20
N CYS I 280 48.22 40.47 -14.84
CA CYS I 280 48.18 39.11 -14.31
C CYS I 280 49.57 38.53 -14.08
N ILE I 281 50.43 38.61 -15.09
CA ILE I 281 51.79 38.09 -15.00
C ILE I 281 52.61 38.81 -13.92
N ALA I 282 52.56 40.14 -13.92
CA ALA I 282 53.30 40.94 -12.94
C ALA I 282 52.91 40.59 -11.51
N LEU I 283 51.62 40.43 -11.27
CA LEU I 283 51.12 40.09 -9.94
C LEU I 283 51.35 38.61 -9.63
N GLY I 284 51.75 37.86 -10.66
CA GLY I 284 52.00 36.44 -10.49
C GLY I 284 50.71 35.65 -10.42
N SER I 285 49.60 36.30 -10.74
CA SER I 285 48.29 35.67 -10.70
C SER I 285 47.93 35.15 -12.10
N ASP I 286 48.84 34.40 -12.69
CA ASP I 286 48.65 33.83 -14.02
C ASP I 286 47.66 32.67 -13.95
N GLY I 287 47.00 32.39 -15.06
CA GLY I 287 46.04 31.31 -15.10
C GLY I 287 44.95 31.53 -16.13
N LEU I 288 45.01 30.79 -17.23
CA LEU I 288 44.06 30.87 -18.34
C LEU I 288 42.63 31.20 -17.88
N ARG I 289 42.17 30.48 -16.86
CA ARG I 289 40.83 30.67 -16.30
C ARG I 289 40.63 32.12 -15.84
N GLY I 290 41.54 32.62 -15.02
CA GLY I 290 41.44 33.98 -14.53
C GLY I 290 41.63 35.02 -15.60
N GLU I 291 42.75 34.93 -16.32
CA GLU I 291 43.09 35.87 -17.38
C GLU I 291 41.97 36.09 -18.38
N LEU I 292 41.53 35.03 -19.05
CA LEU I 292 40.47 35.12 -20.05
C LEU I 292 39.16 35.68 -19.50
N THR I 293 38.89 35.45 -18.22
CA THR I 293 37.67 35.94 -17.61
C THR I 293 37.81 37.44 -17.31
N LEU I 294 38.98 37.82 -16.80
CA LEU I 294 39.28 39.21 -16.46
C LEU I 294 39.10 40.09 -17.70
N LEU I 295 39.67 39.62 -18.81
CA LEU I 295 39.60 40.33 -20.08
C LEU I 295 38.17 40.59 -20.53
N ARG I 296 37.27 39.66 -20.17
CA ARG I 296 35.86 39.78 -20.55
C ARG I 296 35.12 40.72 -19.60
N SER I 297 35.21 40.44 -18.30
CA SER I 297 34.54 41.24 -17.29
C SER I 297 34.89 42.72 -17.38
N ALA I 298 36.18 43.01 -17.58
CA ALA I 298 36.66 44.38 -17.69
C ALA I 298 36.00 45.15 -18.83
N ARG I 299 35.81 44.47 -19.95
CA ARG I 299 35.19 45.07 -21.12
C ARG I 299 33.71 45.31 -20.85
N ALA I 300 33.06 44.34 -20.23
CA ALA I 300 31.64 44.43 -19.91
C ALA I 300 31.40 45.46 -18.80
N LEU I 301 32.43 45.70 -18.00
CA LEU I 301 32.35 46.65 -16.89
C LEU I 301 31.91 48.03 -17.35
N ALA I 302 32.42 48.46 -18.51
CA ALA I 302 32.09 49.76 -19.07
C ALA I 302 30.58 50.02 -19.14
N ALA I 303 29.80 48.95 -19.29
CA ALA I 303 28.36 49.07 -19.35
C ALA I 303 27.83 49.72 -18.08
N LEU I 304 28.34 49.29 -16.94
CA LEU I 304 27.93 49.84 -15.65
C LEU I 304 28.44 51.27 -15.50
N GLU I 305 29.57 51.56 -16.11
CA GLU I 305 30.18 52.89 -16.06
C GLU I 305 29.49 53.85 -17.02
N GLY I 306 28.84 53.28 -18.05
CA GLY I 306 28.17 54.09 -19.05
C GLY I 306 29.18 54.58 -20.06
N ALA I 307 30.02 53.65 -20.53
CA ALA I 307 31.06 53.98 -21.51
C ALA I 307 31.11 52.92 -22.61
N THR I 308 32.04 53.08 -23.54
CA THR I 308 32.21 52.17 -24.67
C THR I 308 32.46 50.73 -24.22
N ALA I 309 33.70 50.41 -23.84
CA ALA I 309 34.05 49.07 -23.38
C ALA I 309 35.49 49.01 -22.87
N VAL I 310 36.44 49.17 -23.79
CA VAL I 310 37.86 49.11 -23.47
C VAL I 310 38.26 50.19 -22.46
N GLY I 311 39.23 49.86 -21.61
CA GLY I 311 39.71 50.80 -20.62
C GLY I 311 40.63 50.08 -19.63
N ARG I 312 41.86 50.56 -19.50
CA ARG I 312 42.83 49.96 -18.59
C ARG I 312 42.30 49.80 -17.17
N ASP I 313 41.79 50.89 -16.60
CA ASP I 313 41.26 50.88 -15.25
C ASP I 313 40.19 49.81 -15.04
N HIS I 314 39.52 49.43 -16.11
CA HIS I 314 38.49 48.39 -16.05
C HIS I 314 39.19 47.08 -15.69
N LEU I 315 40.28 46.81 -16.41
CA LEU I 315 41.08 45.60 -16.19
C LEU I 315 41.63 45.62 -14.77
N LYS I 316 42.12 46.78 -14.35
CA LYS I 316 42.68 46.97 -13.02
C LYS I 316 41.67 46.69 -11.91
N ARG I 317 40.48 47.25 -12.05
CA ARG I 317 39.41 47.07 -11.06
C ARG I 317 38.97 45.62 -10.97
N VAL I 318 38.66 45.00 -12.11
CA VAL I 318 38.23 43.60 -12.10
C VAL I 318 39.34 42.67 -11.64
N ALA I 319 40.58 43.11 -11.79
CA ALA I 319 41.73 42.31 -11.35
C ALA I 319 41.63 42.13 -9.85
N THR I 320 41.35 43.22 -9.14
CA THR I 320 41.20 43.21 -7.69
C THR I 320 39.81 42.68 -7.33
N MET I 321 39.49 41.50 -7.87
CA MET I 321 38.22 40.81 -7.67
C MET I 321 38.39 39.39 -8.21
N ALA I 322 38.61 39.30 -9.52
CA ALA I 322 38.79 38.02 -10.19
C ALA I 322 40.05 37.30 -9.71
N LEU I 323 41.05 38.08 -9.31
CA LEU I 323 42.30 37.52 -8.82
C LEU I 323 42.28 37.35 -7.30
N SER I 324 41.67 38.30 -6.61
CA SER I 324 41.57 38.29 -5.15
C SER I 324 41.21 36.93 -4.53
N HIS I 325 40.35 36.17 -5.19
CA HIS I 325 39.94 34.87 -4.68
C HIS I 325 40.92 33.73 -4.99
N ARG I 326 42.22 34.01 -4.90
CA ARG I 326 43.25 33.00 -5.15
C ARG I 326 44.59 33.50 -4.63
N LEU I 327 45.58 32.61 -4.63
CA LEU I 327 46.92 32.94 -4.16
C LEU I 327 47.68 33.68 -5.27
N ARG I 328 48.84 34.22 -4.92
CA ARG I 328 49.69 34.97 -5.84
C ARG I 328 49.01 36.25 -6.31
N ARG I 329 48.79 37.14 -5.48
N VAL I 341 48.78 37.16 -5.36
CA VAL I 341 48.15 38.45 -5.65
C VAL I 341 48.84 39.53 -4.81
N ALA I 342 48.79 40.78 -5.28
CA ALA I 342 49.42 41.88 -4.55
C ALA I 342 48.82 43.23 -4.92
N ARG I 343 48.99 44.19 -4.02
CA ARG I 343 48.49 45.56 -4.20
C ARG I 343 49.11 46.28 -5.38
N THR I 344 50.20 45.71 -5.92
CA THR I 344 50.93 46.28 -7.04
C THR I 344 50.07 46.65 -8.25
N VAL I 345 48.82 46.20 -8.29
CA VAL I 345 47.89 46.47 -9.39
C VAL I 345 48.08 47.85 -10.04
N GLU I 346 47.84 48.90 -9.27
CA GLU I 346 47.99 50.27 -9.76
C GLU I 346 49.43 50.58 -10.13
N GLU I 347 50.36 50.18 -9.25
CA GLU I 347 51.78 50.42 -9.44
C GLU I 347 52.36 49.74 -10.69
N THR I 348 51.70 48.67 -11.13
CA THR I 348 52.16 47.93 -12.30
C THR I 348 51.86 48.71 -13.57
N LEU I 349 50.59 49.06 -13.77
CA LEU I 349 50.16 49.80 -14.95
C LEU I 349 49.13 50.85 -14.58
N PRO I 350 49.57 52.11 -14.39
CA PRO I 350 48.69 53.22 -14.04
C PRO I 350 47.70 53.50 -15.16
N ARG J 18 29.36 30.42 -24.82
CA ARG J 18 29.97 30.64 -23.47
C ARG J 18 31.48 30.73 -23.67
N PRO J 19 32.18 31.42 -22.76
CA PRO J 19 33.64 31.58 -22.84
C PRO J 19 34.36 30.23 -22.78
N VAL J 20 35.17 29.95 -23.79
CA VAL J 20 35.92 28.70 -23.85
C VAL J 20 37.42 29.00 -23.90
N PHE J 21 38.22 28.02 -23.52
CA PHE J 21 39.67 28.17 -23.51
C PHE J 21 40.20 27.90 -24.92
N PRO J 22 41.12 28.73 -25.42
CA PRO J 22 41.70 28.56 -26.75
C PRO J 22 42.45 27.24 -26.93
N PHE J 23 41.82 26.30 -27.62
CA PHE J 23 42.38 24.98 -27.89
C PHE J 23 43.83 25.01 -28.35
N SER J 24 44.10 25.80 -29.39
CA SER J 24 45.45 25.91 -29.93
C SER J 24 46.42 26.47 -28.89
N ALA J 25 46.03 27.56 -28.25
CA ALA J 25 46.85 28.23 -27.25
C ALA J 25 47.02 27.49 -25.93
N ILE J 26 46.39 26.33 -25.78
CA ILE J 26 46.52 25.57 -24.53
C ILE J 26 48.00 25.25 -24.29
N VAL J 27 48.42 25.37 -23.03
CA VAL J 27 49.80 25.12 -22.63
C VAL J 27 50.40 23.85 -23.25
N GLY J 28 51.25 24.04 -24.25
CA GLY J 28 51.90 22.95 -24.93
C GLY J 28 50.99 21.96 -25.62
N GLN J 29 50.93 20.74 -25.08
CA GLN J 29 50.11 19.67 -25.62
C GLN J 29 50.54 19.28 -27.03
N GLU J 30 51.83 18.97 -27.19
CA GLU J 30 52.38 18.57 -28.47
C GLU J 30 52.06 17.10 -28.76
N ASP J 31 50.81 16.72 -28.49
CA ASP J 31 50.32 15.37 -28.70
C ASP J 31 48.80 15.33 -28.81
N MET J 32 48.12 15.56 -27.69
CA MET J 32 46.66 15.56 -27.62
C MET J 32 45.99 16.32 -28.76
N LYS J 33 46.47 17.54 -29.01
CA LYS J 33 45.92 18.41 -30.04
C LYS J 33 45.76 17.75 -31.42
N LEU J 34 46.87 17.34 -32.02
CA LEU J 34 46.83 16.70 -33.33
C LEU J 34 46.01 15.41 -33.31
N ALA J 35 46.13 14.65 -32.22
CA ALA J 35 45.41 13.39 -32.07
C ALA J 35 43.91 13.62 -32.26
N LEU J 36 43.37 14.59 -31.53
CA LEU J 36 41.95 14.92 -31.60
C LEU J 36 41.56 15.37 -33.01
N LEU J 37 42.46 16.09 -33.67
CA LEU J 37 42.22 16.58 -35.02
C LEU J 37 42.10 15.41 -36.00
N LEU J 38 42.95 14.41 -35.83
CA LEU J 38 42.93 13.23 -36.70
C LEU J 38 41.58 12.53 -36.61
N THR J 39 41.13 12.27 -35.38
CA THR J 39 39.85 11.60 -35.17
C THR J 39 38.68 12.40 -35.72
N ALA J 40 38.83 13.72 -35.81
CA ALA J 40 37.78 14.58 -36.35
C ALA J 40 37.56 14.25 -37.82
N VAL J 41 38.63 13.83 -38.49
CA VAL J 41 38.55 13.46 -39.90
C VAL J 41 37.93 12.07 -40.01
N ASP J 42 38.41 11.14 -39.19
CA ASP J 42 37.91 9.77 -39.17
C ASP J 42 38.03 9.15 -37.79
N PRO J 43 36.90 8.69 -37.23
CA PRO J 43 36.89 8.06 -35.90
C PRO J 43 37.41 6.62 -35.95
N GLY J 44 37.47 6.06 -37.15
CA GLY J 44 37.95 4.70 -37.33
C GLY J 44 39.39 4.50 -36.92
N ILE J 45 40.15 5.59 -36.90
CA ILE J 45 41.57 5.55 -36.51
C ILE J 45 41.77 4.90 -35.14
N GLY J 46 40.74 5.01 -34.28
CA GLY J 46 40.82 4.44 -32.96
C GLY J 46 40.58 5.47 -31.88
N GLY J 47 40.22 5.00 -30.68
CA GLY J 47 39.95 5.91 -29.58
C GLY J 47 41.20 6.64 -29.12
N VAL J 48 41.01 7.87 -28.64
CA VAL J 48 42.12 8.68 -28.17
C VAL J 48 42.39 8.41 -26.70
N LEU J 49 43.44 7.64 -26.41
CA LEU J 49 43.81 7.32 -25.04
C LEU J 49 44.78 8.38 -24.56
N VAL J 50 44.40 9.11 -23.52
CA VAL J 50 45.24 10.17 -22.98
C VAL J 50 45.81 9.80 -21.62
N PHE J 51 47.11 9.55 -21.59
CA PHE J 51 47.80 9.20 -20.34
C PHE J 51 47.95 10.45 -19.47
N GLY J 52 48.99 10.50 -18.64
CA GLY J 52 49.19 11.65 -17.78
C GLY J 52 48.25 11.67 -16.60
N ASP J 53 48.54 12.53 -15.63
CA ASP J 53 47.74 12.65 -14.42
C ASP J 53 46.50 13.51 -14.65
N ARG J 54 45.91 14.00 -13.56
CA ARG J 54 44.71 14.84 -13.63
C ARG J 54 45.02 16.27 -14.04
N GLY J 55 46.16 16.78 -13.58
CA GLY J 55 46.56 18.14 -13.89
C GLY J 55 46.70 18.47 -15.37
N THR J 56 46.80 17.44 -16.20
CA THR J 56 46.93 17.61 -17.63
C THR J 56 45.76 18.37 -18.27
N GLY J 57 44.60 18.33 -17.59
CA GLY J 57 43.42 19.02 -18.10
C GLY J 57 42.92 18.42 -19.39
N LYS J 58 42.87 17.09 -19.45
CA LYS J 58 42.43 16.35 -20.63
C LYS J 58 41.07 16.81 -21.13
N SER J 59 40.09 16.90 -20.23
CA SER J 59 38.74 17.32 -20.58
C SER J 59 38.72 18.72 -21.21
N THR J 60 39.56 19.60 -20.69
CA THR J 60 39.64 20.97 -21.19
C THR J 60 39.95 20.98 -22.68
N ALA J 61 40.97 20.21 -23.08
CA ALA J 61 41.37 20.13 -24.47
C ALA J 61 40.24 19.64 -25.37
N VAL J 62 39.59 18.56 -24.95
CA VAL J 62 38.48 17.98 -25.71
C VAL J 62 37.39 19.01 -25.98
N ARG J 63 36.92 19.67 -24.91
CA ARG J 63 35.87 20.66 -25.04
C ARG J 63 36.33 21.93 -25.76
N ALA J 64 37.61 22.27 -25.61
CA ALA J 64 38.17 23.46 -26.26
C ALA J 64 38.11 23.29 -27.78
N LEU J 65 38.34 22.07 -28.25
CA LEU J 65 38.30 21.78 -29.68
C LEU J 65 36.89 22.01 -30.21
N ALA J 66 35.89 21.58 -29.45
CA ALA J 66 34.49 21.73 -29.83
C ALA J 66 34.12 23.18 -30.08
N ALA J 67 34.84 24.10 -29.46
CA ALA J 67 34.59 25.53 -29.62
C ALA J 67 34.97 26.02 -31.01
N LEU J 68 36.12 25.58 -31.51
CA LEU J 68 36.58 25.99 -32.83
C LEU J 68 35.88 25.23 -33.94
N LEU J 69 35.36 24.05 -33.62
CA LEU J 69 34.64 23.24 -34.59
C LEU J 69 33.33 23.93 -34.99
N PRO J 70 33.15 24.20 -36.29
CA PRO J 70 31.95 24.85 -36.82
C PRO J 70 30.67 24.18 -36.34
N GLU J 71 29.72 24.99 -35.88
CA GLU J 71 28.45 24.49 -35.38
C GLU J 71 27.79 23.53 -36.36
N ILE J 72 27.52 22.32 -35.88
CA ILE J 72 26.90 21.30 -36.71
C ILE J 72 25.41 21.55 -36.97
N GLU J 73 24.99 21.28 -38.19
CA GLU J 73 23.60 21.45 -38.60
C GLU J 73 22.80 20.28 -38.04
N ALA J 74 21.70 20.60 -37.36
CA ALA J 74 20.86 19.56 -36.77
C ALA J 74 19.55 20.13 -36.24
N VAL J 75 18.60 19.24 -35.98
CA VAL J 75 17.30 19.62 -35.47
C VAL J 75 17.46 20.16 -34.05
N GLU J 76 16.60 21.12 -33.69
CA GLU J 76 16.61 21.75 -32.37
C GLU J 76 16.34 20.73 -31.26
N GLY J 77 15.06 20.48 -31.00
CA GLY J 77 14.69 19.53 -29.95
C GLY J 77 14.89 18.09 -30.38
N CYS J 78 16.15 17.64 -30.39
CA CYS J 78 16.48 16.28 -30.78
C CYS J 78 17.83 15.89 -30.19
N PRO J 79 17.87 14.80 -29.42
CA PRO J 79 19.10 14.29 -28.78
C PRO J 79 20.18 13.90 -29.78
N VAL J 80 19.89 12.90 -30.62
CA VAL J 80 20.83 12.43 -31.63
C VAL J 80 21.28 13.54 -32.56
N SER J 81 20.47 14.60 -32.64
CA SER J 81 20.76 15.75 -33.48
C SER J 81 21.02 15.43 -34.94
N SER J 82 20.04 14.78 -35.57
CA SER J 82 20.15 14.43 -36.98
C SER J 82 20.06 15.72 -37.79
N PRO J 83 20.79 15.81 -38.91
CA PRO J 83 20.78 17.00 -39.76
C PRO J 83 19.37 17.35 -40.23
N ASN J 84 18.78 16.46 -41.01
CA ASN J 84 17.43 16.66 -41.52
C ASN J 84 16.44 15.83 -40.72
N VAL J 85 15.19 16.27 -40.70
CA VAL J 85 14.13 15.59 -39.96
C VAL J 85 13.90 14.18 -40.50
N GLU J 86 14.22 13.98 -41.77
CA GLU J 86 14.05 12.68 -42.42
C GLU J 86 14.94 11.59 -41.81
N MET J 87 15.95 12.00 -41.04
CA MET J 87 16.85 11.06 -40.40
C MET J 87 16.58 10.89 -38.91
N ILE J 88 15.39 11.26 -38.47
CA ILE J 88 15.01 11.13 -37.08
C ILE J 88 14.59 9.69 -36.77
N PRO J 89 15.21 9.08 -35.74
CA PRO J 89 14.91 7.70 -35.34
C PRO J 89 13.44 7.51 -34.97
N ASP J 90 12.86 6.39 -35.41
CA ASP J 90 11.46 6.06 -35.17
C ASP J 90 11.03 6.28 -33.72
N TRP J 91 11.73 5.63 -32.79
CA TRP J 91 11.43 5.73 -31.36
C TRP J 91 11.43 7.16 -30.80
N ALA J 92 12.13 8.07 -31.47
CA ALA J 92 12.22 9.44 -31.01
C ALA J 92 10.92 10.21 -31.23
N THR J 93 10.76 11.31 -30.50
CA THR J 93 9.58 12.15 -30.60
C THR J 93 10.02 13.61 -30.66
N VAL J 94 10.52 14.01 -31.83
CA VAL J 94 10.99 15.37 -32.04
C VAL J 94 9.81 16.32 -32.21
N LEU J 95 9.72 17.32 -31.33
CA LEU J 95 8.65 18.30 -31.40
C LEU J 95 9.09 19.47 -32.27
N SER J 96 10.11 20.20 -31.82
CA SER J 96 10.63 21.34 -32.56
C SER J 96 11.45 20.86 -33.75
N THR J 97 10.81 20.71 -34.90
CA THR J 97 11.49 20.27 -36.11
C THR J 97 12.26 21.42 -36.77
N ASN J 98 12.95 22.21 -35.96
CA ASN J 98 13.71 23.35 -36.45
C ASN J 98 15.14 22.95 -36.76
N VAL J 99 15.48 22.91 -38.04
CA VAL J 99 16.84 22.57 -38.46
C VAL J 99 17.68 23.82 -38.32
N ILE J 100 18.57 23.84 -37.34
CA ILE J 100 19.41 25.00 -37.07
C ILE J 100 20.87 24.61 -36.82
N ARG J 101 21.66 25.60 -36.40
CA ARG J 101 23.07 25.40 -36.09
C ARG J 101 23.25 25.42 -34.59
N LYS J 102 24.16 24.58 -34.10
CA LYS J 102 24.45 24.49 -32.67
C LYS J 102 25.85 23.91 -32.46
N PRO J 103 26.53 24.32 -31.38
CA PRO J 103 27.88 23.85 -31.05
C PRO J 103 28.05 22.34 -31.02
N THR J 104 29.26 21.88 -31.29
CA THR J 104 29.59 20.46 -31.31
C THR J 104 29.28 19.82 -29.95
N PRO J 105 28.39 18.81 -29.93
CA PRO J 105 28.01 18.11 -28.70
C PRO J 105 29.15 17.31 -28.08
N VAL J 106 29.49 17.64 -26.84
CA VAL J 106 30.55 16.94 -26.11
C VAL J 106 30.03 16.61 -24.72
N VAL J 107 29.85 15.31 -24.47
CA VAL J 107 29.34 14.85 -23.18
C VAL J 107 30.42 14.06 -22.43
N ASP J 108 30.54 14.34 -21.13
CA ASP J 108 31.52 13.66 -20.29
C ASP J 108 30.82 12.47 -19.66
N LEU J 109 31.47 11.31 -19.71
CA LEU J 109 30.91 10.09 -19.15
C LEU J 109 31.51 9.85 -17.77
N PRO J 110 30.77 10.20 -16.70
CA PRO J 110 31.22 10.03 -15.32
C PRO J 110 31.27 8.58 -14.88
N LEU J 111 32.27 8.24 -14.06
CA LEU J 111 32.42 6.87 -13.57
C LEU J 111 31.29 6.58 -12.58
N GLY J 112 30.70 5.40 -12.71
CA GLY J 112 29.62 5.01 -11.83
C GLY J 112 28.25 5.08 -12.47
N VAL J 113 28.17 5.68 -13.65
CA VAL J 113 26.90 5.80 -14.36
C VAL J 113 26.44 4.42 -14.83
N SER J 114 25.15 4.14 -14.65
CA SER J 114 24.59 2.86 -15.07
C SER J 114 24.55 2.74 -16.59
N GLU J 115 24.69 1.52 -17.08
CA GLU J 115 24.68 1.23 -18.51
C GLU J 115 23.38 1.77 -19.12
N ASP J 116 22.32 1.75 -18.33
CA ASP J 116 21.01 2.23 -18.74
C ASP J 116 21.11 3.67 -19.23
N ARG J 117 21.63 4.54 -18.36
CA ARG J 117 21.79 5.95 -18.68
C ARG J 117 22.78 6.17 -19.81
N VAL J 118 23.69 5.22 -20.01
CA VAL J 118 24.69 5.30 -21.06
C VAL J 118 24.04 5.21 -22.44
N VAL J 119 23.44 4.06 -22.73
CA VAL J 119 22.79 3.83 -24.02
C VAL J 119 21.37 4.40 -24.10
N GLY J 120 20.55 4.08 -23.10
CA GLY J 120 19.18 4.56 -23.08
C GLY J 120 18.33 3.77 -22.12
N ALA J 121 17.36 4.43 -21.50
CA ALA J 121 16.47 3.79 -20.55
C ALA J 121 15.24 3.19 -21.23
N LEU J 122 14.58 2.26 -20.53
CA LEU J 122 13.39 1.61 -21.05
C LEU J 122 12.51 1.16 -19.88
N ASP J 123 11.40 1.85 -19.67
CA ASP J 123 10.48 1.52 -18.59
C ASP J 123 9.49 0.44 -19.03
N ILE J 124 9.15 -0.45 -18.11
CA ILE J 124 8.22 -1.53 -18.40
C ILE J 124 6.79 -1.06 -18.60
N GLU J 125 6.31 -0.21 -17.69
CA GLU J 125 4.95 0.32 -17.78
C GLU J 125 4.79 1.14 -19.05
N ARG J 126 5.79 1.99 -19.31
CA ARG J 126 5.79 2.83 -20.50
C ARG J 126 5.89 1.97 -21.75
N ALA J 127 6.58 0.83 -21.64
CA ALA J 127 6.74 -0.09 -22.76
C ALA J 127 5.40 -0.66 -23.21
N ILE J 128 4.65 -1.25 -22.29
CA ILE J 128 3.36 -1.83 -22.62
C ILE J 128 2.38 -0.77 -23.13
N SER J 129 2.59 0.48 -22.71
CA SER J 129 1.75 1.58 -23.15
C SER J 129 2.08 1.91 -24.61
N LYS J 130 3.35 2.19 -24.86
CA LYS J 130 3.85 2.52 -26.20
C LYS J 130 5.34 2.22 -26.27
N GLY J 131 5.66 0.94 -26.50
CA GLY J 131 7.04 0.51 -26.60
C GLY J 131 7.95 1.37 -27.46
N GLU J 132 7.41 1.89 -28.55
CA GLU J 132 8.18 2.73 -29.46
C GLU J 132 8.75 3.94 -28.72
N LYS J 133 7.87 4.77 -28.19
CA LYS J 133 8.27 5.98 -27.45
C LYS J 133 8.65 5.68 -26.00
N ALA J 134 8.98 4.43 -25.70
CA ALA J 134 9.35 4.04 -24.35
C ALA J 134 10.85 4.15 -24.11
N PHE J 135 11.63 4.10 -25.18
CA PHE J 135 13.08 4.20 -25.08
C PHE J 135 13.56 5.64 -24.91
N GLU J 136 14.16 5.92 -23.76
CA GLU J 136 14.67 7.25 -23.47
C GLU J 136 16.11 7.36 -23.97
N PRO J 137 16.42 8.46 -24.68
CA PRO J 137 17.76 8.68 -25.23
C PRO J 137 18.83 8.82 -24.14
N GLY J 138 19.82 7.93 -24.18
CA GLY J 138 20.90 7.97 -23.20
C GLY J 138 21.93 9.04 -23.50
N LEU J 139 22.94 9.13 -22.66
CA LEU J 139 24.01 10.10 -22.80
C LEU J 139 24.67 10.06 -24.18
N LEU J 140 24.95 8.85 -24.65
CA LEU J 140 25.57 8.67 -25.97
C LEU J 140 24.73 9.23 -27.10
N ALA J 141 23.41 9.22 -26.92
CA ALA J 141 22.50 9.73 -27.93
C ALA J 141 22.74 11.24 -28.10
N ARG J 142 23.02 11.91 -27.00
CA ARG J 142 23.27 13.34 -27.01
C ARG J 142 24.73 13.67 -27.32
N ALA J 143 25.49 12.67 -27.74
CA ALA J 143 26.89 12.85 -28.08
C ALA J 143 27.17 12.51 -29.55
N ASN J 144 26.11 12.23 -30.30
CA ASN J 144 26.24 11.90 -31.72
C ASN J 144 26.81 13.09 -32.47
N ARG J 145 27.72 12.82 -33.41
CA ARG J 145 28.35 13.86 -34.22
C ARG J 145 29.14 14.83 -33.34
N GLY J 146 29.80 14.27 -32.33
CA GLY J 146 30.59 15.08 -31.42
C GLY J 146 31.68 14.29 -30.74
N TYR J 147 31.99 14.66 -29.49
CA TYR J 147 33.04 13.99 -28.73
C TYR J 147 32.50 13.48 -27.39
N LEU J 148 32.90 12.27 -27.03
CA LEU J 148 32.48 11.65 -25.79
C LEU J 148 33.72 11.43 -24.92
N TYR J 149 33.78 12.15 -23.80
CA TYR J 149 34.90 12.06 -22.87
C TYR J 149 34.63 10.96 -21.86
N ILE J 150 35.68 10.24 -21.48
CA ILE J 150 35.55 9.16 -20.50
C ILE J 150 36.23 9.57 -19.20
N ASP J 151 35.70 9.06 -18.08
CA ASP J 151 36.27 9.34 -16.76
C ASP J 151 37.46 8.40 -16.59
N GLU J 152 37.76 7.99 -15.36
CA GLU J 152 38.86 7.06 -15.11
C GLU J 152 38.56 5.71 -15.78
N CYS J 153 38.92 5.58 -17.04
CA CYS J 153 38.70 4.36 -17.81
C CYS J 153 39.27 3.14 -17.09
N ASN J 154 40.33 3.37 -16.32
CA ASN J 154 40.99 2.33 -15.54
C ASN J 154 40.04 1.67 -14.53
N LEU J 155 39.38 2.51 -13.73
CA LEU J 155 38.46 2.02 -12.71
C LEU J 155 37.05 1.79 -13.25
N LEU J 156 36.74 2.40 -14.39
CA LEU J 156 35.42 2.28 -15.00
C LEU J 156 35.14 0.82 -15.39
N GLU J 157 33.87 0.42 -15.28
CA GLU J 157 33.45 -0.93 -15.60
C GLU J 157 33.87 -1.38 -16.99
N ASP J 158 34.24 -2.65 -17.10
CA ASP J 158 34.67 -3.24 -18.35
C ASP J 158 33.60 -3.09 -19.44
N HIS J 159 32.41 -3.61 -19.17
CA HIS J 159 31.30 -3.54 -20.12
C HIS J 159 30.96 -2.12 -20.58
N ILE J 160 31.32 -1.12 -19.80
CA ILE J 160 31.05 0.27 -20.16
C ILE J 160 32.09 0.74 -21.17
N VAL J 161 33.37 0.58 -20.82
CA VAL J 161 34.48 0.98 -21.69
C VAL J 161 34.37 0.30 -23.04
N ASP J 162 34.17 -1.01 -23.04
CA ASP J 162 34.05 -1.81 -24.25
C ASP J 162 32.97 -1.25 -25.16
N LEU J 163 31.76 -1.16 -24.63
CA LEU J 163 30.60 -0.65 -25.36
C LEU J 163 30.93 0.69 -26.02
N LEU J 164 31.45 1.62 -25.23
CA LEU J 164 31.80 2.94 -25.75
C LEU J 164 32.77 2.83 -26.92
N LEU J 165 33.79 1.98 -26.75
CA LEU J 165 34.81 1.78 -27.78
C LEU J 165 34.24 1.32 -29.12
N ASP J 166 33.47 0.25 -29.11
CA ASP J 166 32.89 -0.27 -30.35
C ASP J 166 31.88 0.68 -30.98
N VAL J 167 31.03 1.29 -30.16
CA VAL J 167 30.04 2.22 -30.67
C VAL J 167 30.72 3.34 -31.46
N ALA J 168 31.79 3.88 -30.88
CA ALA J 168 32.55 4.94 -31.52
C ALA J 168 33.20 4.42 -32.80
N GLN J 169 33.62 3.15 -32.76
CA GLN J 169 34.24 2.50 -33.89
C GLN J 169 33.23 2.34 -35.04
N SER J 170 32.22 1.52 -34.83
CA SER J 170 31.18 1.28 -35.82
C SER J 170 30.45 2.58 -36.19
N GLY J 171 29.68 3.10 -35.25
CA GLY J 171 28.94 4.34 -35.50
C GLY J 171 27.48 4.28 -35.12
N GLU J 172 27.03 3.13 -34.65
CA GLU J 172 25.64 2.97 -34.25
C GLU J 172 25.54 2.51 -32.80
N ASN J 173 24.70 3.18 -32.02
CA ASN J 173 24.51 2.83 -30.62
C ASN J 173 23.50 1.68 -30.59
N VAL J 174 24.01 0.47 -30.82
CA VAL J 174 23.20 -0.73 -30.85
C VAL J 174 22.61 -1.08 -29.48
N VAL J 175 21.29 -1.12 -29.42
CA VAL J 175 20.58 -1.46 -28.19
C VAL J 175 19.62 -2.60 -28.50
N GLU J 176 20.08 -3.54 -29.32
CA GLU J 176 19.27 -4.69 -29.71
C GLU J 176 19.19 -5.71 -28.58
N ARG J 177 18.37 -5.39 -27.58
CA ARG J 177 18.17 -6.25 -26.43
C ARG J 177 16.68 -6.34 -26.14
N ASP J 178 16.31 -7.29 -25.30
CA ASP J 178 14.91 -7.51 -24.91
C ASP J 178 13.96 -7.57 -26.12
N GLY J 179 14.46 -8.10 -27.23
CA GLY J 179 13.66 -8.21 -28.43
C GLY J 179 13.61 -6.93 -29.25
N LEU J 180 13.40 -5.80 -28.59
CA LEU J 180 13.32 -4.51 -29.26
C LEU J 180 14.66 -4.13 -29.90
N SER J 181 14.71 -4.15 -31.23
CA SER J 181 15.91 -3.80 -31.96
C SER J 181 16.07 -2.28 -31.98
N ILE J 182 16.34 -1.69 -30.82
CA ILE J 182 16.50 -0.25 -30.71
C ILE J 182 17.89 0.12 -31.23
N ARG J 183 17.95 1.19 -32.01
CA ARG J 183 19.22 1.66 -32.57
C ARG J 183 19.12 3.12 -32.98
N HIS J 184 20.27 3.75 -33.15
CA HIS J 184 20.34 5.16 -33.54
C HIS J 184 21.79 5.55 -33.77
N PRO J 185 22.03 6.53 -34.66
CA PRO J 185 23.39 7.00 -34.97
C PRO J 185 24.15 7.41 -33.72
N ALA J 186 25.46 7.20 -33.75
CA ALA J 186 26.34 7.53 -32.64
C ALA J 186 27.76 7.73 -33.17
N ARG J 187 27.86 8.51 -34.24
CA ARG J 187 29.13 8.80 -34.88
C ARG J 187 29.87 9.85 -34.05
N PHE J 188 30.64 9.41 -33.06
CA PHE J 188 31.39 10.33 -32.21
C PHE J 188 32.80 9.85 -31.93
N VAL J 189 33.64 10.77 -31.46
CA VAL J 189 35.03 10.46 -31.14
C VAL J 189 35.13 10.15 -29.66
N LEU J 190 35.66 8.98 -29.33
CA LEU J 190 35.81 8.55 -27.95
C LEU J 190 37.18 8.95 -27.39
N VAL J 191 37.17 9.72 -26.30
CA VAL J 191 38.39 10.16 -25.66
C VAL J 191 38.54 9.45 -24.32
N GLY J 192 39.40 8.44 -24.28
CA GLY J 192 39.63 7.68 -23.07
C GLY J 192 40.58 8.37 -22.10
N SER J 193 40.09 8.65 -20.89
CA SER J 193 40.89 9.31 -19.87
C SER J 193 41.25 8.31 -18.78
N GLY J 194 41.90 8.80 -17.73
CA GLY J 194 42.30 7.95 -16.63
C GLY J 194 43.70 8.28 -16.17
N ASN J 195 44.09 7.75 -15.01
CA ASN J 195 45.42 8.00 -14.46
C ASN J 195 46.47 7.30 -15.34
N PRO J 196 47.77 7.61 -15.13
CA PRO J 196 48.86 7.00 -15.92
C PRO J 196 48.78 5.48 -16.05
N GLU J 197 48.69 4.78 -14.93
CA GLU J 197 48.62 3.33 -14.91
C GLU J 197 48.33 2.89 -13.47
N GLU J 198 47.38 1.97 -13.32
CA GLU J 198 46.99 1.47 -12.00
C GLU J 198 47.92 0.35 -11.57
N GLY J 199 48.05 -0.66 -12.43
CA GLY J 199 48.90 -1.80 -12.14
C GLY J 199 48.55 -2.95 -13.05
N ASP J 200 49.28 -3.08 -14.16
CA ASP J 200 49.08 -4.14 -15.14
C ASP J 200 47.63 -4.22 -15.61
N LEU J 201 47.07 -3.08 -15.99
CA LEU J 201 45.69 -3.00 -16.46
C LEU J 201 45.46 -3.75 -17.77
N ARG J 202 44.18 -3.94 -18.08
CA ARG J 202 43.74 -4.62 -19.29
C ARG J 202 44.41 -4.10 -20.57
N PRO J 203 45.32 -4.90 -21.14
CA PRO J 203 46.07 -4.58 -22.36
C PRO J 203 45.20 -4.21 -23.56
N GLN J 204 44.01 -4.80 -23.61
CA GLN J 204 43.06 -4.56 -24.70
C GLN J 204 42.81 -3.07 -24.96
N LEU J 205 42.95 -2.26 -23.92
CA LEU J 205 42.75 -0.82 -24.06
C LEU J 205 43.75 -0.23 -25.04
N LEU J 206 45.02 -0.58 -24.87
CA LEU J 206 46.09 -0.08 -25.73
C LEU J 206 45.85 -0.39 -27.21
N ASP J 207 45.29 -1.57 -27.48
CA ASP J 207 45.01 -2.01 -28.83
C ASP J 207 43.89 -1.17 -29.46
N ARG J 208 42.72 -1.23 -28.83
CA ARG J 208 41.54 -0.50 -29.30
C ARG J 208 41.72 1.02 -29.31
N PHE J 209 42.55 1.53 -28.41
CA PHE J 209 42.81 2.97 -28.35
C PHE J 209 43.99 3.32 -29.25
N GLY J 210 43.76 3.28 -30.56
CA GLY J 210 44.78 3.57 -31.54
C GLY J 210 45.61 4.82 -31.32
N LEU J 211 45.02 5.86 -30.73
CA LEU J 211 45.75 7.10 -30.48
C LEU J 211 46.13 7.24 -29.01
N SER J 212 47.15 6.50 -28.61
CA SER J 212 47.64 6.53 -27.24
C SER J 212 48.63 7.69 -27.02
N VAL J 213 48.09 8.87 -26.75
CA VAL J 213 48.90 10.05 -26.53
C VAL J 213 48.79 10.52 -25.08
N GLU J 214 49.36 11.70 -24.78
CA GLU J 214 49.31 12.26 -23.44
C GLU J 214 49.08 13.76 -23.55
N VAL J 215 49.67 14.53 -22.65
CA VAL J 215 49.54 15.99 -22.64
C VAL J 215 50.86 16.60 -22.17
N LEU J 216 51.75 16.85 -23.12
CA LEU J 216 53.05 17.44 -22.81
C LEU J 216 52.84 18.82 -22.18
N SER J 217 53.31 18.99 -20.95
CA SER J 217 53.17 20.25 -20.25
C SER J 217 54.50 20.99 -20.10
N PRO J 218 54.76 21.97 -20.99
CA PRO J 218 56.00 22.77 -20.96
C PRO J 218 56.19 23.50 -19.64
N ARG J 219 57.33 23.27 -19.00
CA ARG J 219 57.64 23.93 -17.74
C ARG J 219 58.23 25.31 -18.06
N ASP J 220 59.07 25.34 -19.08
CA ASP J 220 59.72 26.58 -19.52
C ASP J 220 58.70 27.51 -20.17
N VAL J 221 59.14 28.73 -20.47
CA VAL J 221 58.28 29.74 -21.08
C VAL J 221 57.61 29.33 -22.40
N GLU J 222 58.20 29.70 -23.53
CA GLU J 222 57.66 29.39 -24.86
C GLU J 222 56.15 29.63 -24.94
N THR J 223 55.38 28.56 -24.81
CA THR J 223 53.92 28.61 -24.89
C THR J 223 53.27 29.45 -23.78
N ARG J 224 53.80 29.35 -22.56
CA ARG J 224 53.25 30.08 -21.42
C ARG J 224 52.88 31.53 -21.73
N VAL J 225 53.79 32.25 -22.39
CA VAL J 225 53.56 33.64 -22.75
C VAL J 225 52.45 33.73 -23.79
N GLU J 226 52.52 32.86 -24.78
CA GLU J 226 51.54 32.80 -25.87
C GLU J 226 50.13 32.62 -25.32
N VAL J 227 49.99 31.72 -24.35
CA VAL J 227 48.70 31.43 -23.72
C VAL J 227 48.08 32.70 -23.17
N ILE J 228 48.81 33.37 -22.28
CA ILE J 228 48.36 34.60 -21.66
C ILE J 228 47.87 35.63 -22.68
N ARG J 229 48.65 35.83 -23.73
CA ARG J 229 48.31 36.79 -24.77
C ARG J 229 47.02 36.45 -25.51
N ARG J 230 46.88 35.20 -25.94
CA ARG J 230 45.68 34.80 -26.67
C ARG J 230 44.47 34.56 -25.77
N ARG J 231 44.70 34.49 -24.46
CA ARG J 231 43.61 34.29 -23.51
C ARG J 231 43.05 35.66 -23.15
N ASP J 232 43.94 36.61 -22.91
CA ASP J 232 43.58 37.98 -22.54
C ASP J 232 42.81 38.65 -23.67
N THR J 233 43.53 38.98 -24.74
CA THR J 233 42.94 39.64 -25.90
C THR J 233 41.97 38.74 -26.65
N TYR J 234 42.37 37.49 -26.85
CA TYR J 234 41.55 36.50 -27.56
C TYR J 234 41.14 36.98 -28.94
N ASP J 235 42.04 36.83 -29.91
CA ASP J 235 41.78 37.26 -31.28
C ASP J 235 40.67 36.43 -31.90
N ALA J 236 40.06 36.97 -32.97
CA ALA J 236 38.95 36.30 -33.64
C ALA J 236 39.35 35.57 -34.92
N ASP J 237 40.47 35.96 -35.52
CA ASP J 237 40.92 35.33 -36.76
C ASP J 237 41.22 33.84 -36.58
N PRO J 238 40.38 32.98 -37.19
CA PRO J 238 40.56 31.51 -37.11
C PRO J 238 41.92 31.10 -37.64
N LYS J 239 42.41 31.85 -38.62
CA LYS J 239 43.71 31.59 -39.22
C LYS J 239 44.81 31.83 -38.21
N ALA J 240 44.89 33.06 -37.68
CA ALA J 240 45.90 33.42 -36.69
C ALA J 240 45.79 32.56 -35.43
N PHE J 241 44.60 32.01 -35.21
CA PHE J 241 44.35 31.16 -34.07
C PHE J 241 45.21 29.89 -34.15
N LEU J 242 45.49 29.46 -35.38
CA LEU J 242 46.28 28.24 -35.59
C LEU J 242 47.65 28.43 -36.23
N GLU J 243 47.82 29.49 -37.01
CA GLU J 243 49.08 29.78 -37.72
C GLU J 243 50.38 29.41 -37.00
N GLU J 244 50.69 30.11 -35.91
CA GLU J 244 51.91 29.86 -35.15
C GLU J 244 52.03 28.43 -34.66
N TRP J 245 50.89 27.78 -34.42
CA TRP J 245 50.87 26.41 -33.92
C TRP J 245 51.01 25.34 -35.01
N ARG J 246 50.73 25.70 -36.25
CA ARG J 246 50.82 24.75 -37.36
C ARG J 246 52.14 23.98 -37.46
N PRO J 247 53.29 24.66 -37.28
CA PRO J 247 54.57 23.98 -37.35
C PRO J 247 54.71 22.79 -36.40
N LYS J 248 54.22 22.94 -35.17
CA LYS J 248 54.31 21.88 -34.17
C LYS J 248 53.64 20.56 -34.56
N ASP J 249 52.69 20.63 -35.49
CA ASP J 249 51.99 19.42 -35.94
C ASP J 249 52.97 18.41 -36.52
N MET J 250 54.09 18.91 -37.04
CA MET J 250 55.11 18.04 -37.62
C MET J 250 55.75 17.19 -36.53
N ASP J 251 56.12 17.83 -35.42
CA ASP J 251 56.73 17.15 -34.28
C ASP J 251 55.78 16.08 -33.75
N ILE J 252 54.53 16.49 -33.53
CA ILE J 252 53.51 15.57 -33.02
C ILE J 252 53.36 14.40 -33.98
N ARG J 253 53.32 14.69 -35.27
CA ARG J 253 53.20 13.67 -36.31
C ARG J 253 54.31 12.65 -36.18
N ASN J 254 55.54 13.14 -35.97
CA ASN J 254 56.70 12.26 -35.83
C ASN J 254 56.47 11.27 -34.70
N GLN J 255 55.95 11.76 -33.59
CA GLN J 255 55.66 10.92 -32.43
C GLN J 255 54.74 9.76 -32.83
N ILE J 256 53.65 10.09 -33.51
CA ILE J 256 52.68 9.10 -33.96
C ILE J 256 53.30 8.14 -34.97
N LEU J 257 54.14 8.67 -35.86
CA LEU J 257 54.80 7.86 -36.88
C LEU J 257 55.69 6.81 -36.25
N GLU J 258 56.52 7.24 -35.30
CA GLU J 258 57.43 6.33 -34.60
C GLU J 258 56.72 5.14 -33.97
N ALA J 259 55.50 5.37 -33.49
CA ALA J 259 54.71 4.31 -32.90
C ALA J 259 54.28 3.33 -34.00
N ARG J 260 53.60 3.84 -35.00
CA ARG J 260 53.11 3.03 -36.12
C ARG J 260 54.24 2.32 -36.86
N GLU J 261 55.43 2.92 -36.84
CA GLU J 261 56.60 2.38 -37.50
C GLU J 261 56.95 1.00 -36.94
N ARG J 262 56.68 0.77 -35.66
CA ARG J 262 57.00 -0.50 -35.04
C ARG J 262 55.84 -1.30 -34.45
N LEU J 263 54.65 -0.72 -34.40
CA LEU J 263 53.49 -1.43 -33.85
C LEU J 263 53.22 -2.77 -34.54
N PRO J 264 53.06 -2.79 -35.87
CA PRO J 264 52.80 -4.04 -36.59
C PRO J 264 53.93 -5.05 -36.43
N LYS J 265 55.13 -4.56 -36.13
CA LYS J 265 56.29 -5.42 -35.94
C LYS J 265 56.21 -6.16 -34.61
N VAL J 266 55.87 -5.43 -33.56
CA VAL J 266 55.74 -6.03 -32.23
C VAL J 266 54.42 -6.80 -32.20
N GLU J 267 53.31 -6.08 -32.26
CA GLU J 267 51.99 -6.69 -32.25
C GLU J 267 51.66 -7.09 -33.69
N ALA J 268 52.27 -8.18 -34.14
CA ALA J 268 52.05 -8.69 -35.49
C ALA J 268 50.61 -9.14 -35.72
N PRO J 269 50.00 -8.70 -36.85
CA PRO J 269 48.63 -9.05 -37.21
C PRO J 269 48.45 -10.56 -37.31
N ASN J 270 47.21 -11.02 -37.16
CA ASN J 270 46.86 -12.44 -37.21
C ASN J 270 47.32 -13.12 -35.92
N THR J 271 47.70 -12.27 -34.95
CA THR J 271 48.19 -12.70 -33.65
C THR J 271 48.09 -11.46 -32.75
N ALA J 272 48.43 -11.62 -31.47
CA ALA J 272 48.41 -10.51 -30.51
C ALA J 272 47.01 -10.07 -30.10
N LEU J 273 46.92 -8.87 -29.55
CA LEU J 273 45.65 -8.30 -29.08
C LEU J 273 44.56 -8.19 -30.14
N TYR J 274 44.92 -7.64 -31.31
CA TYR J 274 43.99 -7.44 -32.42
C TYR J 274 42.98 -8.58 -32.58
N ASP J 275 43.47 -9.74 -32.99
CA ASP J 275 42.63 -10.92 -33.21
C ASP J 275 41.84 -11.32 -31.96
N CYS J 276 42.47 -11.22 -30.80
CA CYS J 276 41.82 -11.58 -29.54
C CYS J 276 40.52 -10.80 -29.37
N ALA J 277 40.62 -9.47 -29.50
CA ALA J 277 39.45 -8.61 -29.36
C ALA J 277 38.45 -8.86 -30.49
N ALA J 278 38.97 -9.02 -31.71
CA ALA J 278 38.14 -9.26 -32.88
C ALA J 278 37.22 -10.47 -32.69
N LEU J 279 37.77 -11.55 -32.14
CA LEU J 279 37.00 -12.77 -31.90
C LEU J 279 35.72 -12.50 -31.11
N CYS J 280 35.85 -11.80 -29.99
CA CYS J 280 34.70 -11.49 -29.15
C CYS J 280 33.66 -10.63 -29.87
N ILE J 281 34.12 -9.52 -30.44
CA ILE J 281 33.26 -8.59 -31.16
C ILE J 281 32.56 -9.23 -32.37
N ALA J 282 33.23 -10.20 -32.99
CA ALA J 282 32.67 -10.88 -34.16
C ALA J 282 31.68 -11.98 -33.79
N LEU J 283 31.45 -12.15 -32.49
CA LEU J 283 30.53 -13.17 -32.02
C LEU J 283 29.39 -12.59 -31.18
N GLY J 284 28.45 -13.43 -30.80
CA GLY J 284 27.31 -12.98 -30.01
C GLY J 284 27.63 -12.70 -28.55
N SER J 285 28.21 -11.54 -28.29
CA SER J 285 28.56 -11.13 -26.93
C SER J 285 28.97 -9.66 -26.98
N ASP J 286 29.04 -9.03 -25.81
CA ASP J 286 29.44 -7.62 -25.73
C ASP J 286 30.94 -7.52 -25.99
N GLY J 287 31.76 -7.72 -24.96
CA GLY J 287 33.19 -7.65 -25.16
C GLY J 287 34.03 -7.46 -23.91
N LEU J 288 35.24 -6.96 -24.12
CA LEU J 288 36.24 -6.69 -23.08
C LEU J 288 36.43 -7.79 -22.04
N ARG J 289 35.49 -7.92 -21.12
CA ARG J 289 35.56 -8.93 -20.06
C ARG J 289 35.85 -10.31 -20.64
N GLY J 290 35.33 -10.56 -21.84
CA GLY J 290 35.55 -11.83 -22.50
C GLY J 290 36.99 -11.90 -22.98
N GLU J 291 37.41 -10.83 -23.66
CA GLU J 291 38.77 -10.72 -24.19
C GLU J 291 39.82 -10.94 -23.12
N LEU J 292 39.61 -10.34 -21.95
CA LEU J 292 40.53 -10.48 -20.82
C LEU J 292 40.68 -11.93 -20.38
N THR J 293 39.57 -12.67 -20.44
CA THR J 293 39.58 -14.07 -20.05
C THR J 293 40.37 -14.88 -21.08
N LEU J 294 40.12 -14.60 -22.36
CA LEU J 294 40.78 -15.30 -23.46
C LEU J 294 42.29 -15.07 -23.38
N LEU J 295 42.69 -13.80 -23.33
CA LEU J 295 44.10 -13.43 -23.28
C LEU J 295 44.88 -14.12 -22.15
N ARG J 296 44.32 -14.09 -20.94
CA ARG J 296 44.96 -14.71 -19.80
C ARG J 296 45.19 -16.21 -19.98
N SER J 297 44.12 -16.93 -20.29
CA SER J 297 44.19 -18.38 -20.50
C SER J 297 45.14 -18.73 -21.65
N ALA J 298 45.04 -17.99 -22.75
CA ALA J 298 45.88 -18.23 -23.91
C ALA J 298 47.36 -18.07 -23.56
N ARG J 299 47.66 -17.01 -22.82
CA ARG J 299 49.03 -16.72 -22.40
C ARG J 299 49.55 -17.84 -21.50
N ALA J 300 48.72 -18.27 -20.57
CA ALA J 300 49.08 -19.34 -19.64
C ALA J 300 49.40 -20.61 -20.41
N LEU J 301 48.56 -20.94 -21.38
CA LEU J 301 48.74 -22.12 -22.22
C LEU J 301 50.05 -22.00 -22.99
N ALA J 302 50.26 -20.85 -23.63
CA ALA J 302 51.45 -20.59 -24.42
C ALA J 302 52.72 -20.84 -23.61
N ALA J 303 52.68 -20.45 -22.34
CA ALA J 303 53.82 -20.63 -21.43
C ALA J 303 54.18 -22.12 -21.33
N LEU J 304 53.14 -22.95 -21.18
CA LEU J 304 53.33 -24.39 -21.08
C LEU J 304 53.85 -24.94 -22.41
N GLU J 305 53.28 -24.44 -23.50
CA GLU J 305 53.67 -24.84 -24.85
C GLU J 305 55.09 -24.39 -25.16
N GLY J 306 55.57 -23.38 -24.43
CA GLY J 306 56.89 -22.85 -24.65
C GLY J 306 56.90 -21.86 -25.80
N ALA J 307 55.71 -21.59 -26.34
CA ALA J 307 55.57 -20.67 -27.46
C ALA J 307 55.65 -19.24 -26.96
N THR J 308 56.77 -18.58 -27.26
CA THR J 308 56.99 -17.20 -26.86
C THR J 308 55.89 -16.29 -27.39
N ALA J 309 55.47 -16.53 -28.63
CA ALA J 309 54.42 -15.75 -29.25
C ALA J 309 53.10 -16.52 -29.20
N VAL J 310 52.11 -15.96 -28.52
CA VAL J 310 50.81 -16.59 -28.40
C VAL J 310 50.07 -16.48 -29.74
N GLY J 311 50.24 -17.51 -30.57
CA GLY J 311 49.60 -17.52 -31.88
C GLY J 311 48.09 -17.61 -31.84
N ARG J 312 47.46 -17.18 -32.92
CA ARG J 312 46.00 -17.21 -33.05
C ARG J 312 45.42 -18.58 -32.74
N ASP J 313 46.12 -19.63 -33.16
CA ASP J 313 45.69 -21.00 -32.94
C ASP J 313 45.40 -21.25 -31.47
N HIS J 314 46.31 -20.82 -30.60
CA HIS J 314 46.14 -20.98 -29.17
C HIS J 314 45.04 -20.08 -28.63
N LEU J 315 44.91 -18.88 -29.20
CA LEU J 315 43.88 -17.92 -28.80
C LEU J 315 42.51 -18.54 -29.03
N LYS J 316 42.32 -19.12 -30.21
CA LYS J 316 41.06 -19.75 -30.58
C LYS J 316 40.82 -21.01 -29.75
N ARG J 317 41.89 -21.73 -29.45
CA ARG J 317 41.81 -22.97 -28.67
C ARG J 317 41.16 -22.72 -27.31
N VAL J 318 41.64 -21.70 -26.59
CA VAL J 318 41.10 -21.39 -25.28
C VAL J 318 39.74 -20.70 -25.40
N ALA J 319 39.53 -19.98 -26.50
CA ALA J 319 38.28 -19.28 -26.76
C ALA J 319 37.08 -20.23 -26.76
N THR J 320 37.30 -21.45 -27.23
CA THR J 320 36.25 -22.46 -27.30
C THR J 320 35.63 -22.76 -25.93
N MET J 321 36.30 -22.31 -24.87
CA MET J 321 35.81 -22.53 -23.51
C MET J 321 35.61 -21.21 -22.79
N ALA J 322 36.64 -20.36 -22.80
CA ALA J 322 36.61 -19.06 -22.15
C ALA J 322 35.45 -18.17 -22.57
N LEU J 323 35.15 -18.15 -23.87
CA LEU J 323 34.07 -17.34 -24.40
C LEU J 323 32.71 -18.03 -24.34
N SER J 324 32.67 -19.29 -24.79
CA SER J 324 31.45 -20.09 -24.82
C SER J 324 30.53 -19.92 -23.62
N HIS J 325 31.09 -19.96 -22.41
CA HIS J 325 30.28 -19.81 -21.20
C HIS J 325 29.87 -18.37 -20.89
N ARG J 326 29.72 -17.56 -21.94
CA ARG J 326 29.32 -16.16 -21.80
C ARG J 326 29.13 -15.55 -23.19
N LEU J 327 29.05 -16.40 -24.20
CA LEU J 327 28.91 -15.95 -25.58
C LEU J 327 28.08 -16.93 -26.40
N ARG J 328 27.19 -16.39 -27.22
CA ARG J 328 26.33 -17.21 -28.08
C ARG J 328 27.16 -17.79 -29.22
N ARG J 329 27.61 -18.93 -29.10
N VAL J 341 27.67 -19.00 -29.01
CA VAL J 341 28.47 -19.68 -30.03
C VAL J 341 27.62 -20.23 -31.17
N ALA J 342 28.02 -19.90 -32.39
CA ALA J 342 27.32 -20.34 -33.59
C ALA J 342 28.30 -20.36 -34.76
N ARG J 343 29.42 -21.05 -34.56
CA ARG J 343 30.48 -21.15 -35.56
C ARG J 343 31.09 -19.75 -35.73
N THR J 344 31.09 -19.21 -36.95
CA THR J 344 31.62 -17.88 -37.24
C THR J 344 33.14 -17.75 -37.09
N VAL J 345 33.63 -18.01 -35.88
CA VAL J 345 35.07 -17.92 -35.55
C VAL J 345 35.99 -18.30 -36.70
N GLU J 346 35.82 -19.50 -37.24
CA GLU J 346 36.65 -19.99 -38.33
C GLU J 346 36.52 -19.13 -39.60
N GLU J 347 35.29 -18.77 -39.93
CA GLU J 347 35.00 -17.96 -41.11
C GLU J 347 35.63 -16.57 -41.00
N THR J 348 35.66 -16.03 -39.80
CA THR J 348 36.23 -14.70 -39.56
C THR J 348 37.76 -14.76 -39.49
N LEU J 349 38.28 -15.62 -38.62
CA LEU J 349 39.72 -15.76 -38.45
C LEU J 349 40.12 -17.22 -38.40
N PRO J 350 40.64 -17.76 -39.51
CA PRO J 350 41.07 -19.16 -39.61
C PRO J 350 42.25 -19.46 -38.68
N ARG K 18 28.14 -38.34 -23.93
CA ARG K 18 28.63 -36.97 -23.61
C ARG K 18 30.05 -37.09 -23.05
N PRO K 19 30.84 -36.00 -23.10
CA PRO K 19 32.21 -35.97 -22.59
C PRO K 19 32.38 -36.49 -21.16
N VAL K 20 32.43 -37.81 -21.05
CA VAL K 20 32.60 -38.47 -19.76
C VAL K 20 33.96 -39.18 -19.79
N PHE K 21 34.56 -39.36 -18.62
CA PHE K 21 35.86 -40.02 -18.53
C PHE K 21 35.75 -41.30 -17.70
N PRO K 22 35.33 -42.41 -18.33
CA PRO K 22 35.17 -43.69 -17.65
C PRO K 22 36.51 -44.32 -17.26
N PHE K 23 36.53 -45.64 -17.13
CA PHE K 23 37.75 -46.36 -16.75
C PHE K 23 38.44 -46.94 -17.99
N SER K 24 38.40 -46.20 -19.09
CA SER K 24 39.02 -46.65 -20.34
C SER K 24 40.54 -46.67 -20.22
N ALA K 25 41.10 -45.60 -19.66
CA ALA K 25 42.55 -45.48 -19.49
C ALA K 25 42.84 -44.46 -18.39
N ILE K 26 43.21 -44.95 -17.22
CA ILE K 26 43.53 -44.10 -16.07
C ILE K 26 44.05 -44.98 -14.95
N VAL K 27 44.97 -44.46 -14.15
CA VAL K 27 45.55 -45.20 -13.04
C VAL K 27 45.68 -44.24 -11.84
N GLY K 28 44.55 -43.88 -11.25
CA GLY K 28 44.58 -42.98 -10.11
C GLY K 28 43.22 -42.54 -9.60
N GLN K 29 42.57 -41.64 -10.33
CA GLN K 29 41.27 -41.13 -9.91
C GLN K 29 40.06 -42.05 -10.11
N GLU K 30 40.22 -43.32 -9.75
CA GLU K 30 39.13 -44.28 -9.87
C GLU K 30 38.09 -44.00 -8.78
N ASP K 31 38.57 -43.75 -7.56
CA ASP K 31 37.72 -43.47 -6.40
C ASP K 31 36.68 -42.40 -6.73
N MET K 32 37.14 -41.29 -7.28
CA MET K 32 36.29 -40.16 -7.65
C MET K 32 35.08 -40.61 -8.47
N LYS K 33 35.36 -41.25 -9.60
CA LYS K 33 34.32 -41.72 -10.50
C LYS K 33 33.45 -42.77 -9.83
N LEU K 34 34.11 -43.82 -9.33
CA LEU K 34 33.45 -44.94 -8.66
C LEU K 34 32.42 -44.46 -7.63
N ALA K 35 32.85 -43.58 -6.74
CA ALA K 35 31.97 -43.05 -5.69
C ALA K 35 30.78 -42.29 -6.26
N LEU K 36 31.04 -41.32 -7.13
CA LEU K 36 29.99 -40.52 -7.74
C LEU K 36 29.00 -41.35 -8.54
N LEU K 37 29.46 -42.47 -9.08
CA LEU K 37 28.60 -43.36 -9.86
C LEU K 37 27.73 -44.22 -8.94
N LEU K 38 28.33 -44.74 -7.88
CA LEU K 38 27.61 -45.57 -6.93
C LEU K 38 26.46 -44.81 -6.27
N THR K 39 26.74 -43.57 -5.87
CA THR K 39 25.72 -42.73 -5.24
C THR K 39 24.59 -42.41 -6.22
N ALA K 40 24.94 -42.30 -7.49
CA ALA K 40 23.95 -42.02 -8.54
C ALA K 40 22.97 -43.19 -8.60
N VAL K 41 23.44 -44.36 -8.20
CA VAL K 41 22.61 -45.56 -8.19
C VAL K 41 21.71 -45.51 -6.95
N ASP K 42 22.31 -45.58 -5.78
CA ASP K 42 21.57 -45.54 -4.52
C ASP K 42 21.90 -44.31 -3.69
N PRO K 43 20.89 -43.47 -3.41
CA PRO K 43 21.08 -42.26 -2.61
C PRO K 43 21.28 -42.60 -1.12
N GLY K 44 20.86 -43.80 -0.75
CA GLY K 44 21.00 -44.25 0.63
C GLY K 44 22.43 -44.45 1.07
N ILE K 45 23.37 -44.30 0.14
CA ILE K 45 24.79 -44.45 0.46
C ILE K 45 25.22 -43.27 1.31
N GLY K 46 24.89 -42.06 0.85
CA GLY K 46 25.25 -40.86 1.58
C GLY K 46 26.12 -39.92 0.76
N GLY K 47 26.39 -38.74 1.32
CA GLY K 47 27.21 -37.76 0.64
C GLY K 47 28.64 -38.22 0.42
N VAL K 48 29.16 -37.97 -0.78
CA VAL K 48 30.53 -38.36 -1.12
C VAL K 48 31.53 -37.33 -0.59
N LEU K 49 32.28 -37.72 0.43
CA LEU K 49 33.27 -36.84 1.03
C LEU K 49 34.54 -36.89 0.17
N VAL K 50 34.61 -36.02 -0.83
CA VAL K 50 35.74 -35.97 -1.73
C VAL K 50 36.93 -35.21 -1.14
N PHE K 51 37.91 -35.95 -0.65
CA PHE K 51 39.11 -35.37 -0.06
C PHE K 51 39.95 -34.67 -1.12
N GLY K 52 41.17 -34.26 -0.75
CA GLY K 52 42.05 -33.59 -1.68
C GLY K 52 41.72 -32.11 -1.82
N ASP K 53 42.64 -31.35 -2.39
CA ASP K 53 42.44 -29.91 -2.58
C ASP K 53 41.50 -29.65 -3.75
N ARG K 54 41.01 -28.41 -3.83
CA ARG K 54 40.09 -28.02 -4.90
C ARG K 54 40.81 -27.76 -6.22
N GLY K 55 42.13 -27.59 -6.16
CA GLY K 55 42.91 -27.34 -7.35
C GLY K 55 42.87 -28.49 -8.35
N THR K 56 42.54 -29.67 -7.86
CA THR K 56 42.44 -30.85 -8.71
C THR K 56 41.33 -30.71 -9.76
N GLY K 57 40.46 -29.72 -9.57
CA GLY K 57 39.37 -29.49 -10.50
C GLY K 57 38.26 -30.50 -10.30
N LYS K 58 37.84 -30.67 -9.05
CA LYS K 58 36.78 -31.61 -8.71
C LYS K 58 35.48 -31.27 -9.43
N SER K 59 34.99 -30.06 -9.24
CA SER K 59 33.75 -29.61 -9.87
C SER K 59 33.80 -29.79 -11.39
N THR K 60 34.96 -29.53 -11.97
CA THR K 60 35.17 -29.67 -13.40
C THR K 60 34.87 -31.11 -13.85
N ALA K 61 35.39 -32.07 -13.09
CA ALA K 61 35.17 -33.49 -13.38
C ALA K 61 33.70 -33.86 -13.19
N VAL K 62 33.08 -33.34 -12.13
CA VAL K 62 31.68 -33.61 -11.84
C VAL K 62 30.80 -33.11 -12.99
N ARG K 63 31.12 -31.92 -13.49
CA ARG K 63 30.37 -31.31 -14.58
C ARG K 63 30.74 -31.90 -15.94
N ALA K 64 30.96 -33.20 -15.96
CA ALA K 64 31.32 -33.93 -17.17
C ALA K 64 30.93 -35.40 -16.96
N LEU K 65 31.37 -35.96 -15.85
CA LEU K 65 31.08 -37.35 -15.50
C LEU K 65 29.58 -37.56 -15.36
N ALA K 66 28.91 -36.64 -14.66
CA ALA K 66 27.47 -36.73 -14.43
C ALA K 66 26.65 -36.69 -15.73
N ALA K 67 27.30 -36.30 -16.82
CA ALA K 67 26.63 -36.21 -18.12
C ALA K 67 26.26 -37.58 -18.69
N LEU K 68 26.88 -38.63 -18.17
CA LEU K 68 26.60 -39.99 -18.65
C LEU K 68 25.16 -40.38 -18.33
N LEU K 69 24.67 -39.92 -17.19
CA LEU K 69 23.31 -40.21 -16.76
C LEU K 69 22.31 -39.72 -17.80
N PRO K 70 21.25 -40.50 -18.05
CA PRO K 70 20.22 -40.12 -19.02
C PRO K 70 19.64 -38.75 -18.69
N GLU K 71 19.73 -37.83 -19.65
CA GLU K 71 19.23 -36.48 -19.48
C GLU K 71 17.76 -36.53 -19.03
N ILE K 72 17.57 -36.20 -17.75
CA ILE K 72 16.26 -36.21 -17.12
C ILE K 72 15.15 -35.45 -17.82
N GLU K 73 13.96 -36.03 -17.82
CA GLU K 73 12.78 -35.44 -18.39
C GLU K 73 12.16 -34.59 -17.29
N ALA K 74 11.84 -33.35 -17.60
CA ALA K 74 11.26 -32.45 -16.61
C ALA K 74 10.78 -31.15 -17.22
N VAL K 75 9.97 -30.42 -16.45
CA VAL K 75 9.44 -29.15 -16.90
C VAL K 75 10.57 -28.14 -17.06
N GLU K 76 10.43 -27.28 -18.06
CA GLU K 76 11.40 -26.23 -18.40
C GLU K 76 12.05 -25.52 -17.21
N GLY K 77 11.49 -24.37 -16.84
CA GLY K 77 12.04 -23.59 -15.74
C GLY K 77 11.68 -24.07 -14.33
N CYS K 78 11.19 -25.30 -14.23
CA CYS K 78 10.82 -25.85 -12.93
C CYS K 78 12.08 -26.14 -12.11
N PRO K 79 12.19 -25.53 -10.92
CA PRO K 79 13.36 -25.72 -10.04
C PRO K 79 13.57 -27.19 -9.66
N VAL K 80 12.58 -27.78 -9.02
CA VAL K 80 12.66 -29.18 -8.61
C VAL K 80 12.71 -30.10 -9.83
N SER K 81 12.32 -29.56 -10.98
CA SER K 81 12.32 -30.29 -12.24
C SER K 81 11.55 -31.60 -12.21
N SER K 82 10.26 -31.52 -11.88
CA SER K 82 9.40 -32.69 -11.84
C SER K 82 9.13 -33.13 -13.28
N PRO K 83 9.10 -34.45 -13.53
CA PRO K 83 8.84 -34.98 -14.88
C PRO K 83 7.50 -34.52 -15.42
N ASN K 84 6.43 -34.99 -14.80
CA ASN K 84 5.07 -34.65 -15.21
C ASN K 84 4.58 -33.45 -14.38
N VAL K 85 3.68 -32.67 -14.98
CA VAL K 85 3.13 -31.48 -14.32
C VAL K 85 2.39 -31.85 -13.04
N GLU K 86 1.82 -33.04 -13.01
CA GLU K 86 1.06 -33.53 -11.86
C GLU K 86 1.92 -33.63 -10.59
N MET K 87 3.24 -33.68 -10.75
CA MET K 87 4.13 -33.78 -9.60
C MET K 87 4.79 -32.45 -9.25
N ILE K 88 4.24 -31.35 -9.74
CA ILE K 88 4.79 -30.02 -9.45
C ILE K 88 4.14 -29.43 -8.21
N PRO K 89 4.96 -29.09 -7.20
CA PRO K 89 4.47 -28.51 -5.94
C PRO K 89 3.75 -27.19 -6.22
N ASP K 90 2.64 -26.97 -5.53
CA ASP K 90 1.83 -25.77 -5.71
C ASP K 90 2.62 -24.46 -5.74
N TRP K 91 3.54 -24.29 -4.80
CA TRP K 91 4.36 -23.08 -4.74
C TRP K 91 5.11 -22.83 -6.05
N ALA K 92 5.61 -23.90 -6.66
CA ALA K 92 6.34 -23.81 -7.91
C ALA K 92 5.38 -23.71 -9.09
N THR K 93 4.58 -22.65 -9.11
CA THR K 93 3.61 -22.44 -10.18
C THR K 93 4.33 -21.96 -11.45
N VAL K 94 5.00 -22.90 -12.12
CA VAL K 94 5.73 -22.59 -13.34
C VAL K 94 4.76 -22.52 -14.50
N LEU K 95 4.59 -21.30 -15.04
CA LEU K 95 3.69 -21.08 -16.16
C LEU K 95 4.11 -21.90 -17.38
N SER K 96 5.41 -21.92 -17.65
CA SER K 96 5.94 -22.68 -18.77
C SER K 96 5.98 -24.17 -18.43
N THR K 97 4.84 -24.84 -18.55
CA THR K 97 4.75 -26.25 -18.26
C THR K 97 5.27 -27.09 -19.44
N ASN K 98 6.43 -26.70 -19.95
CA ASN K 98 7.04 -27.40 -21.08
C ASN K 98 7.88 -28.58 -20.60
N VAL K 99 7.35 -29.79 -20.76
CA VAL K 99 8.05 -30.99 -20.36
C VAL K 99 9.09 -31.30 -21.44
N ILE K 100 10.36 -31.12 -21.12
CA ILE K 100 11.44 -31.36 -22.07
C ILE K 100 12.57 -32.18 -21.48
N ARG K 101 13.60 -32.43 -22.29
CA ARG K 101 14.77 -33.19 -21.88
C ARG K 101 15.91 -32.23 -21.57
N LYS K 102 16.53 -32.41 -20.40
CA LYS K 102 17.63 -31.56 -20.00
C LYS K 102 18.66 -32.36 -19.21
N PRO K 103 19.97 -32.08 -19.43
CA PRO K 103 21.07 -32.77 -18.75
C PRO K 103 21.06 -32.66 -17.24
N THR K 104 21.78 -33.56 -16.59
CA THR K 104 21.89 -33.61 -15.13
C THR K 104 22.36 -32.27 -14.56
N PRO K 105 21.49 -31.60 -13.78
CA PRO K 105 21.84 -30.31 -13.18
C PRO K 105 22.88 -30.44 -12.07
N VAL K 106 23.89 -29.58 -12.11
CA VAL K 106 24.95 -29.60 -11.10
C VAL K 106 25.14 -28.20 -10.54
N VAL K 107 24.93 -28.05 -9.23
CA VAL K 107 25.08 -26.77 -8.57
C VAL K 107 26.26 -26.81 -7.59
N ASP K 108 27.16 -25.85 -7.71
CA ASP K 108 28.32 -25.78 -6.85
C ASP K 108 27.98 -25.01 -5.58
N LEU K 109 27.90 -25.73 -4.47
CA LEU K 109 27.58 -25.15 -3.16
C LEU K 109 28.78 -24.36 -2.66
N PRO K 110 28.68 -23.02 -2.64
CA PRO K 110 29.77 -22.14 -2.20
C PRO K 110 30.05 -22.23 -0.70
N LEU K 111 31.31 -22.06 -0.34
CA LEU K 111 31.74 -22.12 1.07
C LEU K 111 31.18 -20.89 1.80
N GLY K 112 30.65 -21.12 3.00
CA GLY K 112 30.11 -20.04 3.80
C GLY K 112 28.76 -19.52 3.31
N VAL K 113 28.03 -20.36 2.59
CA VAL K 113 26.72 -19.98 2.07
C VAL K 113 25.69 -19.90 3.20
N SER K 114 24.84 -18.88 3.16
CA SER K 114 23.81 -18.68 4.16
C SER K 114 22.80 -19.82 4.13
N GLU K 115 22.60 -20.48 5.27
CA GLU K 115 21.67 -21.59 5.41
C GLU K 115 20.32 -21.34 4.75
N ASP K 116 19.75 -20.16 5.00
CA ASP K 116 18.46 -19.78 4.44
C ASP K 116 18.47 -19.84 2.92
N ARG K 117 19.55 -19.37 2.32
CA ARG K 117 19.69 -19.37 0.86
C ARG K 117 19.85 -20.78 0.31
N VAL K 118 20.34 -21.68 1.16
CA VAL K 118 20.54 -23.08 0.78
C VAL K 118 19.21 -23.77 0.50
N VAL K 119 18.34 -23.80 1.51
CA VAL K 119 17.03 -24.43 1.38
C VAL K 119 15.97 -23.52 0.78
N GLY K 120 15.87 -22.29 1.29
CA GLY K 120 14.89 -21.35 0.79
C GLY K 120 14.30 -20.55 1.94
N ALA K 121 13.36 -19.66 1.62
CA ALA K 121 12.71 -18.82 2.63
C ALA K 121 11.33 -18.40 2.13
N LEU K 122 10.62 -17.61 2.94
CA LEU K 122 9.29 -17.14 2.59
C LEU K 122 9.17 -15.66 2.94
N ASP K 123 9.35 -14.79 1.94
CA ASP K 123 9.25 -13.34 2.16
C ASP K 123 7.88 -12.94 2.71
N ILE K 124 7.88 -12.00 3.64
CA ILE K 124 6.65 -11.51 4.27
C ILE K 124 5.72 -10.79 3.30
N GLU K 125 6.26 -9.83 2.55
CA GLU K 125 5.45 -9.06 1.60
C GLU K 125 4.88 -9.97 0.52
N ARG K 126 5.72 -10.86 0.00
CA ARG K 126 5.30 -11.80 -1.02
C ARG K 126 4.29 -12.79 -0.45
N ALA K 127 4.48 -13.16 0.82
CA ALA K 127 3.58 -14.10 1.50
C ALA K 127 2.16 -13.56 1.60
N ILE K 128 2.02 -12.34 2.12
CA ILE K 128 0.69 -11.74 2.26
C ILE K 128 0.01 -11.48 0.92
N SER K 129 0.75 -11.65 -0.16
CA SER K 129 0.22 -11.42 -1.51
C SER K 129 0.30 -12.65 -2.41
N LYS K 130 0.75 -13.79 -1.87
CA LYS K 130 0.89 -15.01 -2.65
C LYS K 130 0.67 -16.30 -1.84
N GLY K 131 0.98 -16.26 -0.54
CA GLY K 131 0.82 -17.44 0.28
C GLY K 131 1.98 -18.38 0.09
N GLU K 132 1.69 -19.64 -0.22
CA GLU K 132 2.73 -20.65 -0.44
C GLU K 132 3.63 -20.24 -1.61
N LYS K 133 3.05 -19.51 -2.56
CA LYS K 133 3.77 -19.05 -3.74
C LYS K 133 4.94 -18.13 -3.39
N ALA K 134 5.02 -17.74 -2.12
CA ALA K 134 6.07 -16.86 -1.63
C ALA K 134 7.42 -17.55 -1.39
N PHE K 135 7.45 -18.86 -1.58
CA PHE K 135 8.69 -19.62 -1.37
C PHE K 135 9.79 -19.23 -2.35
N GLU K 136 10.99 -19.02 -1.83
CA GLU K 136 12.14 -18.66 -2.65
C GLU K 136 12.86 -19.91 -3.15
N PRO K 137 13.14 -19.97 -4.46
CA PRO K 137 13.84 -21.13 -5.05
C PRO K 137 15.29 -21.22 -4.59
N GLY K 138 15.49 -21.82 -3.41
CA GLY K 138 16.83 -21.97 -2.85
C GLY K 138 17.74 -22.85 -3.69
N LEU K 139 19.01 -22.89 -3.31
CA LEU K 139 20.01 -23.69 -4.02
C LEU K 139 19.58 -25.14 -4.22
N LEU K 140 19.27 -25.83 -3.13
CA LEU K 140 18.85 -27.23 -3.19
C LEU K 140 17.53 -27.38 -3.93
N ALA K 141 16.68 -26.35 -3.84
CA ALA K 141 15.39 -26.37 -4.51
C ALA K 141 15.60 -26.40 -6.02
N ARG K 142 16.73 -25.89 -6.47
CA ARG K 142 17.08 -25.85 -7.88
C ARG K 142 18.23 -26.82 -8.19
N ALA K 143 18.38 -27.84 -7.34
CA ALA K 143 19.44 -28.82 -7.51
C ALA K 143 18.90 -30.25 -7.38
N ASN K 144 17.58 -30.38 -7.50
CA ASN K 144 16.95 -31.69 -7.40
C ASN K 144 17.27 -32.53 -8.63
N ARG K 145 17.38 -33.84 -8.44
CA ARG K 145 17.70 -34.78 -9.52
C ARG K 145 19.04 -34.45 -10.17
N GLY K 146 20.00 -34.01 -9.35
CA GLY K 146 21.31 -33.68 -9.87
C GLY K 146 22.42 -33.84 -8.84
N TYR K 147 23.49 -33.07 -9.03
CA TYR K 147 24.65 -33.13 -8.12
C TYR K 147 24.88 -31.79 -7.45
N LEU K 148 25.25 -31.83 -6.17
CA LEU K 148 25.53 -30.63 -5.39
C LEU K 148 26.98 -30.69 -4.93
N TYR K 149 27.84 -29.87 -5.55
CA TYR K 149 29.24 -29.84 -5.21
C TYR K 149 29.58 -28.89 -4.07
N ILE K 150 29.82 -29.44 -2.89
CA ILE K 150 30.17 -28.64 -1.72
C ILE K 150 31.67 -28.38 -1.82
N ASP K 151 32.06 -27.10 -1.77
CA ASP K 151 33.47 -26.73 -1.85
C ASP K 151 34.30 -27.44 -0.77
N GLU K 152 34.08 -27.05 0.48
CA GLU K 152 34.78 -27.65 1.61
C GLU K 152 33.85 -27.91 2.77
N CYS K 153 33.70 -29.19 3.13
CA CYS K 153 32.86 -29.60 4.23
C CYS K 153 33.52 -29.27 5.56
N ASN K 154 34.85 -29.21 5.53
CA ASN K 154 35.64 -28.90 6.72
C ASN K 154 35.41 -27.45 7.18
N LEU K 155 35.92 -26.50 6.42
CA LEU K 155 35.76 -25.08 6.74
C LEU K 155 34.35 -24.64 6.38
N LEU K 156 33.38 -25.09 7.18
CA LEU K 156 31.97 -24.76 6.95
C LEU K 156 31.21 -25.00 8.25
N GLU K 157 30.06 -24.33 8.39
CA GLU K 157 29.24 -24.47 9.59
C GLU K 157 28.77 -25.91 9.77
N ASP K 158 28.84 -26.38 11.01
CA ASP K 158 28.42 -27.74 11.35
C ASP K 158 26.98 -28.00 10.93
N HIS K 159 26.08 -27.10 11.31
CA HIS K 159 24.66 -27.26 10.96
C HIS K 159 24.40 -27.33 9.46
N ILE K 160 25.28 -26.72 8.67
CA ILE K 160 25.13 -26.74 7.22
C ILE K 160 25.37 -28.16 6.72
N VAL K 161 26.47 -28.75 7.18
CA VAL K 161 26.85 -30.10 6.81
C VAL K 161 25.75 -31.08 7.23
N ASP K 162 25.30 -30.96 8.48
CA ASP K 162 24.25 -31.81 9.02
C ASP K 162 23.01 -31.80 8.13
N LEU K 163 22.47 -30.60 7.91
CA LEU K 163 21.29 -30.42 7.08
C LEU K 163 21.47 -31.07 5.71
N LEU K 164 22.54 -30.70 5.01
CA LEU K 164 22.82 -31.22 3.68
C LEU K 164 22.90 -32.75 3.67
N LEU K 165 23.55 -33.31 4.67
CA LEU K 165 23.71 -34.76 4.78
C LEU K 165 22.38 -35.51 4.81
N ASP K 166 21.49 -35.08 5.70
CA ASP K 166 20.20 -35.75 5.82
C ASP K 166 19.30 -35.49 4.63
N VAL K 167 19.25 -34.25 4.14
CA VAL K 167 18.42 -33.90 3.00
C VAL K 167 18.74 -34.84 1.84
N ALA K 168 20.03 -35.08 1.61
CA ALA K 168 20.47 -35.97 0.54
C ALA K 168 20.10 -37.42 0.89
N GLN K 169 20.17 -37.74 2.19
CA GLN K 169 19.85 -39.07 2.69
C GLN K 169 18.35 -39.34 2.51
N SER K 170 17.53 -38.68 3.30
CA SER K 170 16.07 -38.84 3.23
C SER K 170 15.57 -38.47 1.84
N GLY K 171 15.70 -37.19 1.49
CA GLY K 171 15.25 -36.73 0.18
C GLY K 171 14.21 -35.63 0.22
N GLU K 172 14.30 -34.75 1.20
CA GLU K 172 13.35 -33.64 1.31
C GLU K 172 14.05 -32.35 1.74
N ASN K 173 13.88 -31.32 0.93
CA ASN K 173 14.46 -30.01 1.22
C ASN K 173 13.53 -29.31 2.20
N VAL K 174 13.70 -29.64 3.48
CA VAL K 174 12.89 -29.09 4.56
C VAL K 174 13.12 -27.59 4.76
N VAL K 175 12.06 -26.81 4.60
CA VAL K 175 12.12 -25.37 4.77
C VAL K 175 11.01 -24.94 5.73
N GLU K 176 10.90 -25.65 6.84
CA GLU K 176 9.89 -25.35 7.84
C GLU K 176 10.34 -24.15 8.67
N ARG K 177 10.28 -22.98 8.07
CA ARG K 177 10.68 -21.73 8.71
C ARG K 177 9.62 -20.67 8.44
N ASP K 178 10.00 -19.41 8.66
CA ASP K 178 9.13 -18.26 8.44
C ASP K 178 7.78 -18.39 9.15
N GLY K 179 6.85 -19.10 8.51
CA GLY K 179 5.53 -19.29 9.10
C GLY K 179 4.73 -20.39 8.43
N LEU K 180 5.40 -21.21 7.62
CA LEU K 180 4.74 -22.32 6.92
C LEU K 180 5.65 -23.52 6.81
N SER K 181 5.06 -24.71 6.82
CA SER K 181 5.82 -25.96 6.72
C SER K 181 6.15 -26.21 5.25
N ILE K 182 7.01 -25.36 4.67
CA ILE K 182 7.39 -25.50 3.28
C ILE K 182 8.33 -26.69 3.13
N ARG K 183 8.04 -27.54 2.14
CA ARG K 183 8.85 -28.72 1.90
C ARG K 183 8.65 -29.23 0.47
N HIS K 184 9.57 -30.09 0.02
CA HIS K 184 9.51 -30.66 -1.32
C HIS K 184 10.65 -31.64 -1.49
N PRO K 185 10.47 -32.68 -2.31
CA PRO K 185 11.49 -33.69 -2.57
C PRO K 185 12.82 -33.08 -3.00
N ALA K 186 13.91 -33.76 -2.68
CA ALA K 186 15.25 -33.31 -3.03
C ALA K 186 16.17 -34.52 -3.16
N ARG K 187 16.02 -35.25 -4.25
CA ARG K 187 16.83 -36.43 -4.52
C ARG K 187 18.04 -36.00 -5.33
N PHE K 188 19.17 -35.78 -4.66
CA PHE K 188 20.39 -35.36 -5.34
C PHE K 188 21.63 -35.98 -4.71
N VAL K 189 22.70 -36.06 -5.49
CA VAL K 189 23.97 -36.62 -5.02
C VAL K 189 24.79 -35.52 -4.35
N LEU K 190 24.99 -35.64 -3.05
CA LEU K 190 25.75 -34.67 -2.28
C LEU K 190 27.25 -34.89 -2.45
N VAL K 191 27.89 -34.07 -3.26
CA VAL K 191 29.33 -34.17 -3.50
C VAL K 191 30.04 -33.29 -2.46
N GLY K 192 30.20 -33.84 -1.26
CA GLY K 192 30.84 -33.10 -0.19
C GLY K 192 32.35 -33.06 -0.27
N SER K 193 32.88 -32.10 -1.03
CA SER K 193 34.33 -31.96 -1.16
C SER K 193 34.94 -31.32 0.08
N GLY K 194 36.26 -31.45 0.20
CA GLY K 194 36.97 -30.87 1.33
C GLY K 194 38.42 -31.31 1.29
N ASN K 195 39.24 -30.72 2.14
CA ASN K 195 40.66 -31.06 2.20
C ASN K 195 40.82 -32.45 2.82
N PRO K 196 42.02 -33.04 2.72
CA PRO K 196 42.28 -34.38 3.29
C PRO K 196 41.81 -34.54 4.73
N GLU K 197 42.11 -33.54 5.55
CA GLU K 197 41.74 -33.53 6.96
C GLU K 197 42.13 -32.16 7.50
N GLU K 198 41.36 -31.65 8.46
CA GLU K 198 41.62 -30.33 9.03
C GLU K 198 41.88 -30.40 10.54
N GLY K 199 41.24 -31.36 11.21
CA GLY K 199 41.44 -31.50 12.65
C GLY K 199 40.27 -32.17 13.35
N ASP K 200 40.07 -33.46 13.05
CA ASP K 200 38.99 -34.26 13.65
C ASP K 200 37.66 -33.50 13.75
N LEU K 201 37.35 -32.72 12.72
CA LEU K 201 36.14 -31.94 12.69
C LEU K 201 34.88 -32.79 12.67
N ARG K 202 34.07 -32.66 13.73
CA ARG K 202 32.81 -33.38 13.90
C ARG K 202 32.74 -34.78 13.28
N PRO K 203 33.43 -35.75 13.90
CA PRO K 203 33.46 -37.14 13.43
C PRO K 203 32.05 -37.71 13.21
N GLN K 204 31.10 -37.24 14.00
CA GLN K 204 29.71 -37.68 13.91
C GLN K 204 29.15 -37.43 12.51
N LEU K 205 29.48 -36.29 11.94
CA LEU K 205 29.01 -35.94 10.60
C LEU K 205 29.80 -36.70 9.55
N LEU K 206 31.09 -36.87 9.81
CA LEU K 206 31.98 -37.59 8.90
C LEU K 206 31.51 -39.02 8.68
N ASP K 207 31.04 -39.66 9.75
CA ASP K 207 30.56 -41.03 9.68
C ASP K 207 29.33 -41.11 8.77
N ARG K 208 28.46 -40.11 8.89
CA ARG K 208 27.24 -40.04 8.09
C ARG K 208 27.49 -40.00 6.59
N PHE K 209 28.67 -39.56 6.18
CA PHE K 209 29.02 -39.50 4.76
C PHE K 209 29.02 -40.91 4.15
N GLY K 210 28.76 -40.99 2.86
CA GLY K 210 28.74 -42.28 2.18
C GLY K 210 30.12 -42.81 1.88
N LEU K 211 30.67 -42.41 0.75
CA LEU K 211 32.00 -42.84 0.33
C LEU K 211 32.96 -41.66 0.35
N SER K 212 34.25 -41.94 0.41
CA SER K 212 35.26 -40.91 0.42
C SER K 212 36.50 -41.36 -0.34
N VAL K 213 37.02 -40.49 -1.19
CA VAL K 213 38.21 -40.79 -1.99
C VAL K 213 39.41 -40.97 -1.07
N GLU K 214 39.91 -42.20 -1.00
CA GLU K 214 41.05 -42.50 -0.14
C GLU K 214 42.26 -41.66 -0.54
N VAL K 215 42.76 -40.87 0.41
CA VAL K 215 43.90 -39.99 0.18
C VAL K 215 45.24 -40.73 0.26
N LEU K 216 45.31 -41.76 1.09
CA LEU K 216 46.53 -42.54 1.28
C LEU K 216 47.07 -43.15 -0.02
N SER K 217 46.17 -43.51 -0.92
CA SER K 217 46.56 -44.12 -2.18
C SER K 217 47.04 -43.06 -3.19
N PRO K 218 48.30 -43.16 -3.64
CA PRO K 218 48.89 -42.23 -4.61
C PRO K 218 48.12 -42.30 -5.93
N ARG K 219 48.14 -41.20 -6.68
CA ARG K 219 47.41 -41.15 -7.95
C ARG K 219 48.21 -40.47 -9.06
N ASP K 220 47.74 -40.66 -10.29
CA ASP K 220 48.38 -40.08 -11.47
C ASP K 220 48.13 -38.58 -11.60
N VAL K 221 48.84 -37.95 -12.52
CA VAL K 221 48.70 -36.51 -12.76
C VAL K 221 48.06 -36.28 -14.12
N GLU K 222 48.18 -37.27 -15.00
CA GLU K 222 47.64 -37.21 -16.36
C GLU K 222 46.15 -36.85 -16.39
N THR K 223 45.39 -37.34 -15.42
CA THR K 223 43.96 -37.07 -15.33
C THR K 223 43.66 -35.57 -15.37
N ARG K 224 44.59 -34.76 -14.88
CA ARG K 224 44.41 -33.31 -14.85
C ARG K 224 44.16 -32.77 -16.25
N VAL K 225 45.10 -33.03 -17.16
CA VAL K 225 44.99 -32.57 -18.55
C VAL K 225 43.75 -33.15 -19.22
N GLU K 226 43.50 -34.43 -18.98
CA GLU K 226 42.35 -35.14 -19.55
C GLU K 226 41.04 -34.40 -19.23
N VAL K 227 40.78 -34.21 -17.94
CA VAL K 227 39.57 -33.53 -17.50
C VAL K 227 39.44 -32.13 -18.11
N ILE K 228 40.55 -31.38 -18.08
CA ILE K 228 40.57 -30.03 -18.64
C ILE K 228 40.16 -30.03 -20.11
N ARG K 229 40.68 -31.00 -20.86
CA ARG K 229 40.37 -31.11 -22.28
C ARG K 229 38.89 -31.43 -22.51
N ARG K 230 38.34 -32.33 -21.69
CA ARG K 230 36.93 -32.70 -21.83
C ARG K 230 36.01 -31.56 -21.36
N ARG K 231 36.55 -30.65 -20.56
CA ARG K 231 35.79 -29.50 -20.09
C ARG K 231 35.63 -28.57 -21.29
N ASP K 232 36.72 -28.38 -22.01
CA ASP K 232 36.77 -27.55 -23.20
C ASP K 232 35.88 -28.15 -24.28
N THR K 233 36.24 -29.35 -24.74
CA THR K 233 35.49 -30.03 -25.77
C THR K 233 34.20 -30.65 -25.22
N TYR K 234 33.24 -29.78 -24.93
CA TYR K 234 31.93 -30.17 -24.40
C TYR K 234 31.01 -28.98 -24.59
N ASP K 235 31.39 -27.84 -24.01
CA ASP K 235 30.61 -26.63 -24.12
C ASP K 235 30.66 -26.19 -25.57
N ALA K 236 29.52 -26.32 -26.25
CA ALA K 236 29.39 -25.97 -27.67
C ALA K 236 30.13 -26.98 -28.56
N ASP K 237 30.18 -28.23 -28.10
CA ASP K 237 30.84 -29.30 -28.84
C ASP K 237 30.19 -29.48 -30.22
N PRO K 238 31.01 -29.58 -31.27
CA PRO K 238 30.55 -29.75 -32.65
C PRO K 238 29.90 -31.11 -32.93
N LYS K 239 29.10 -31.59 -31.98
CA LYS K 239 28.41 -32.87 -32.11
C LYS K 239 29.40 -34.01 -32.32
N ALA K 240 30.52 -33.97 -31.59
CA ALA K 240 31.54 -34.99 -31.69
C ALA K 240 31.64 -35.78 -30.38
N PHE K 241 32.14 -35.14 -29.34
CA PHE K 241 32.28 -35.78 -28.04
C PHE K 241 30.93 -36.16 -27.42
N LEU K 242 29.89 -35.43 -27.78
CA LEU K 242 28.55 -35.71 -27.27
C LEU K 242 28.13 -37.12 -27.66
N GLU K 243 28.21 -37.43 -28.95
CA GLU K 243 27.83 -38.73 -29.48
C GLU K 243 28.77 -39.85 -29.03
N GLU K 244 30.03 -39.78 -29.45
CA GLU K 244 31.06 -40.77 -29.13
C GLU K 244 30.90 -41.47 -27.78
N TRP K 245 30.84 -40.70 -26.71
CA TRP K 245 30.71 -41.29 -25.38
C TRP K 245 29.31 -41.75 -25.01
N ARG K 246 28.29 -41.13 -25.60
CA ARG K 246 26.89 -41.48 -25.30
C ARG K 246 26.55 -42.96 -25.23
N PRO K 247 27.07 -43.79 -26.17
CA PRO K 247 26.75 -45.22 -26.09
C PRO K 247 27.21 -45.78 -24.76
N LYS K 248 28.45 -45.46 -24.39
CA LYS K 248 29.04 -45.92 -23.13
C LYS K 248 28.20 -45.41 -21.96
N ASP K 249 27.71 -44.18 -22.09
CA ASP K 249 26.87 -43.57 -21.06
C ASP K 249 25.68 -44.50 -20.80
N MET K 250 25.05 -44.93 -21.88
CA MET K 250 23.89 -45.81 -21.82
C MET K 250 24.25 -47.20 -21.27
N ASP K 251 25.40 -47.71 -21.67
CA ASP K 251 25.86 -49.02 -21.21
C ASP K 251 25.93 -49.06 -19.69
N ILE K 252 26.58 -48.05 -19.12
CA ILE K 252 26.72 -47.94 -17.67
C ILE K 252 25.33 -47.89 -17.04
N ARG K 253 24.46 -47.05 -17.61
CA ARG K 253 23.10 -46.89 -17.11
C ARG K 253 22.36 -48.23 -17.06
N ASN K 254 22.60 -49.08 -18.06
CA ASN K 254 21.96 -50.39 -18.13
C ASN K 254 22.27 -51.18 -16.86
N GLN K 255 23.56 -51.25 -16.53
CA GLN K 255 24.01 -51.97 -15.34
C GLN K 255 23.48 -51.34 -14.06
N ILE K 256 23.34 -50.01 -14.07
CA ILE K 256 22.83 -49.28 -12.91
C ILE K 256 21.44 -49.80 -12.54
N LEU K 257 20.66 -50.20 -13.55
CA LEU K 257 19.32 -50.73 -13.35
C LEU K 257 19.42 -52.02 -12.55
N GLU K 258 20.29 -52.93 -13.00
CA GLU K 258 20.49 -54.21 -12.33
C GLU K 258 20.96 -54.01 -10.89
N ALA K 259 21.76 -52.99 -10.67
CA ALA K 259 22.27 -52.70 -9.33
C ALA K 259 21.12 -52.44 -8.37
N ARG K 260 20.19 -51.58 -8.79
CA ARG K 260 19.03 -51.26 -7.98
C ARG K 260 18.13 -52.47 -7.77
N GLU K 261 18.02 -53.30 -8.80
CA GLU K 261 17.21 -54.52 -8.75
C GLU K 261 17.75 -55.44 -7.66
N ARG K 262 19.07 -55.47 -7.52
CA ARG K 262 19.73 -56.32 -6.52
C ARG K 262 19.96 -55.60 -5.19
N LEU K 263 19.62 -54.32 -5.12
CA LEU K 263 19.81 -53.53 -3.91
C LEU K 263 19.14 -54.16 -2.68
N PRO K 264 17.82 -54.42 -2.74
CA PRO K 264 17.14 -55.03 -1.59
C PRO K 264 17.27 -56.55 -1.53
N LYS K 265 18.27 -57.09 -2.20
CA LYS K 265 18.48 -58.54 -2.24
C LYS K 265 19.96 -58.88 -2.04
N VAL K 266 20.23 -60.15 -1.75
CA VAL K 266 21.59 -60.63 -1.55
C VAL K 266 21.69 -61.99 -2.24
N GLU K 267 22.45 -62.05 -3.34
CA GLU K 267 22.61 -63.28 -4.09
C GLU K 267 23.26 -64.39 -3.26
N ALA K 268 24.42 -64.09 -2.70
CA ALA K 268 25.14 -65.06 -1.87
C ALA K 268 25.18 -64.59 -0.41
N PRO K 269 24.21 -65.05 0.40
CA PRO K 269 24.14 -64.69 1.82
C PRO K 269 25.34 -65.17 2.64
N ASN K 270 25.64 -66.46 2.54
CA ASN K 270 26.76 -67.05 3.28
C ASN K 270 28.10 -66.76 2.62
N THR K 271 28.33 -65.49 2.29
CA THR K 271 29.57 -65.05 1.65
C THR K 271 29.72 -63.55 1.87
N ALA K 272 28.90 -62.77 1.17
CA ALA K 272 28.95 -61.31 1.26
C ALA K 272 28.83 -60.82 2.70
N LEU K 273 27.85 -61.35 3.43
CA LEU K 273 27.63 -60.96 4.82
C LEU K 273 28.86 -61.25 5.68
N TYR K 274 29.40 -62.45 5.53
CA TYR K 274 30.57 -62.89 6.30
C TYR K 274 31.79 -62.01 6.05
N ASP K 275 32.27 -61.99 4.81
CA ASP K 275 33.44 -61.21 4.43
C ASP K 275 33.30 -59.73 4.82
N CYS K 276 32.14 -59.15 4.52
CA CYS K 276 31.88 -57.75 4.84
C CYS K 276 32.08 -57.46 6.33
N ALA K 277 31.34 -58.18 7.16
CA ALA K 277 31.41 -58.01 8.61
C ALA K 277 32.84 -58.24 9.12
N ALA K 278 33.46 -59.30 8.61
CA ALA K 278 34.82 -59.65 9.02
C ALA K 278 35.80 -58.49 8.78
N LEU K 279 35.71 -57.88 7.60
CA LEU K 279 36.57 -56.75 7.25
C LEU K 279 36.38 -55.59 8.22
N CYS K 280 35.12 -55.18 8.40
CA CYS K 280 34.79 -54.08 9.30
C CYS K 280 35.30 -54.31 10.72
N ILE K 281 34.97 -55.48 11.28
CA ILE K 281 35.38 -55.82 12.63
C ILE K 281 36.90 -55.88 12.78
N ALA K 282 37.56 -56.56 11.86
CA ALA K 282 39.02 -56.70 11.88
C ALA K 282 39.71 -55.35 11.86
N LEU K 283 39.23 -54.45 11.01
CA LEU K 283 39.81 -53.11 10.91
C LEU K 283 39.38 -52.23 12.08
N GLY K 284 38.42 -52.73 12.86
CA GLY K 284 37.92 -51.98 14.00
C GLY K 284 37.00 -50.86 13.57
N SER K 285 36.60 -50.87 12.31
CA SER K 285 35.72 -49.84 11.76
C SER K 285 34.27 -50.33 11.82
N ASP K 286 33.85 -50.80 12.99
CA ASP K 286 32.50 -51.29 13.19
C ASP K 286 31.52 -50.13 13.25
N GLY K 287 30.26 -50.41 12.91
CA GLY K 287 29.24 -49.38 12.94
C GLY K 287 28.13 -49.65 11.95
N LEU K 288 26.97 -50.04 12.48
CA LEU K 288 25.77 -50.35 11.69
C LEU K 288 25.64 -49.49 10.42
N ARG K 289 25.81 -48.19 10.59
CA ARG K 289 25.73 -47.24 9.48
C ARG K 289 26.71 -47.60 8.37
N GLY K 290 27.98 -47.77 8.73
CA GLY K 290 29.00 -48.10 7.75
C GLY K 290 28.82 -49.48 7.16
N GLU K 291 28.76 -50.48 8.04
CA GLU K 291 28.61 -51.89 7.65
C GLU K 291 27.49 -52.12 6.64
N LEU K 292 26.26 -51.78 7.02
CA LEU K 292 25.10 -51.97 6.15
C LEU K 292 25.21 -51.24 4.81
N THR K 293 25.90 -50.11 4.80
CA THR K 293 26.07 -49.35 3.57
C THR K 293 27.12 -50.01 2.68
N LEU K 294 28.21 -50.46 3.30
CA LEU K 294 29.30 -51.11 2.59
C LEU K 294 28.76 -52.34 1.86
N LEU K 295 27.97 -53.14 2.55
CA LEU K 295 27.36 -54.34 2.00
C LEU K 295 26.53 -54.05 0.76
N ARG K 296 25.91 -52.87 0.73
CA ARG K 296 25.08 -52.48 -0.40
C ARG K 296 25.92 -51.95 -1.57
N SER K 297 26.78 -50.97 -1.29
CA SER K 297 27.63 -50.37 -2.30
C SER K 297 28.48 -51.41 -3.03
N ALA K 298 29.05 -52.35 -2.28
CA ALA K 298 29.89 -53.40 -2.85
C ALA K 298 29.15 -54.24 -3.87
N ARG K 299 27.90 -54.55 -3.58
CA ARG K 299 27.07 -55.36 -4.47
C ARG K 299 26.73 -54.56 -5.73
N ALA K 300 26.39 -53.29 -5.54
CA ALA K 300 26.05 -52.41 -6.64
C ALA K 300 27.29 -52.08 -7.48
N LEU K 301 28.45 -52.18 -6.87
CA LEU K 301 29.73 -51.89 -7.54
C LEU K 301 29.90 -52.72 -8.81
N ALA K 302 29.49 -53.98 -8.74
CA ALA K 302 29.60 -54.90 -9.87
C ALA K 302 29.02 -54.33 -11.16
N ALA K 303 28.01 -53.47 -11.02
CA ALA K 303 27.37 -52.84 -12.17
C ALA K 303 28.41 -52.07 -12.98
N LEU K 304 29.26 -51.33 -12.28
CA LEU K 304 30.30 -50.52 -12.93
C LEU K 304 31.37 -51.43 -13.52
N GLU K 305 31.58 -52.58 -12.88
CA GLU K 305 32.57 -53.56 -13.33
C GLU K 305 32.04 -54.38 -14.50
N GLY K 306 30.73 -54.45 -14.62
CA GLY K 306 30.11 -55.23 -15.69
C GLY K 306 30.06 -56.69 -15.29
N ALA K 307 29.62 -56.93 -14.06
CA ALA K 307 29.52 -58.29 -13.52
C ALA K 307 28.20 -58.49 -12.79
N THR K 308 28.02 -59.69 -12.25
CA THR K 308 26.79 -60.05 -11.52
C THR K 308 26.49 -59.10 -10.36
N ALA K 309 27.17 -59.30 -9.23
CA ALA K 309 26.98 -58.45 -8.05
C ALA K 309 27.95 -58.80 -6.93
N VAL K 310 27.78 -59.98 -6.35
CA VAL K 310 28.63 -60.44 -5.25
C VAL K 310 30.10 -60.53 -5.66
N GLY K 311 30.98 -60.28 -4.71
CA GLY K 311 32.41 -60.33 -4.95
C GLY K 311 33.17 -59.75 -3.78
N ARG K 312 34.05 -60.54 -3.18
CA ARG K 312 34.85 -60.08 -2.04
C ARG K 312 35.57 -58.77 -2.30
N ASP K 313 36.33 -58.72 -3.40
CA ASP K 313 37.07 -57.51 -3.76
C ASP K 313 36.20 -56.26 -3.82
N HIS K 314 34.91 -56.45 -4.09
CA HIS K 314 33.97 -55.33 -4.15
C HIS K 314 33.87 -54.75 -2.75
N LEU K 315 33.70 -55.64 -1.77
CA LEU K 315 33.59 -55.24 -0.36
C LEU K 315 34.88 -54.57 0.07
N LYS K 316 36.01 -55.15 -0.35
CA LYS K 316 37.33 -54.63 -0.02
C LYS K 316 37.54 -53.21 -0.57
N ARG K 317 37.20 -53.01 -1.84
CA ARG K 317 37.35 -51.71 -2.48
C ARG K 317 36.48 -50.64 -1.82
N VAL K 318 35.20 -50.93 -1.67
CA VAL K 318 34.28 -49.96 -1.05
C VAL K 318 34.64 -49.71 0.41
N ALA K 319 35.31 -50.67 1.04
CA ALA K 319 35.73 -50.53 2.43
C ALA K 319 36.69 -49.36 2.51
N THR K 320 37.65 -49.32 1.58
CA THR K 320 38.64 -48.25 1.52
C THR K 320 38.01 -47.03 0.85
N MET K 321 36.86 -46.60 1.39
CA MET K 321 36.10 -45.46 0.92
C MET K 321 35.05 -45.16 1.98
N ALA K 322 34.13 -46.10 2.19
CA ALA K 322 33.06 -45.97 3.16
C ALA K 322 33.61 -45.90 4.58
N LEU K 323 34.76 -46.54 4.81
CA LEU K 323 35.38 -46.54 6.13
C LEU K 323 36.40 -45.40 6.27
N SER K 324 37.12 -45.13 5.18
CA SER K 324 38.13 -44.08 5.14
C SER K 324 37.74 -42.76 5.81
N HIS K 325 36.47 -42.37 5.66
CA HIS K 325 36.00 -41.12 6.25
C HIS K 325 35.62 -41.22 7.74
N ARG K 326 36.41 -41.97 8.51
CA ARG K 326 36.18 -42.11 9.93
C ARG K 326 37.41 -42.69 10.62
N LEU K 327 37.38 -42.72 11.94
CA LEU K 327 38.50 -43.25 12.71
C LEU K 327 38.41 -44.78 12.76
N ARG K 328 39.46 -45.41 13.26
CA ARG K 328 39.54 -46.87 13.38
C ARG K 328 39.56 -47.53 12.00
N ARG K 329 40.52 -47.33 11.26
N VAL K 341 40.62 -47.26 11.23
CA VAL K 341 40.80 -47.83 9.90
C VAL K 341 42.26 -48.18 9.71
N ALA K 342 42.54 -49.12 8.82
CA ALA K 342 43.91 -49.55 8.56
C ALA K 342 44.08 -50.21 7.20
N ARG K 343 45.31 -50.20 6.70
CA ARG K 343 45.66 -50.79 5.40
C ARG K 343 45.44 -52.30 5.36
N THR K 344 45.24 -52.90 6.53
CA THR K 344 45.03 -54.34 6.66
C THR K 344 43.95 -54.93 5.76
N VAL K 345 43.14 -54.08 5.13
CA VAL K 345 42.05 -54.51 4.24
C VAL K 345 42.37 -55.78 3.44
N GLU K 346 43.37 -55.70 2.57
CA GLU K 346 43.78 -56.84 1.75
C GLU K 346 44.32 -57.98 2.61
N GLU K 347 45.17 -57.64 3.57
CA GLU K 347 45.78 -58.61 4.46
C GLU K 347 44.77 -59.38 5.32
N THR K 348 43.61 -58.78 5.56
CA THR K 348 42.57 -59.41 6.36
C THR K 348 41.91 -60.55 5.58
N LEU K 349 41.37 -60.22 4.41
CA LEU K 349 40.71 -61.21 3.58
C LEU K 349 41.05 -61.00 2.11
N PRO K 350 42.04 -61.76 1.59
CA PRO K 350 42.48 -61.68 0.20
C PRO K 350 41.36 -62.09 -0.75
N ARG L 18 14.24 -47.13 0.99
CA ARG L 18 15.60 -46.63 1.31
C ARG L 18 16.18 -47.57 2.36
N PRO L 19 17.52 -47.68 2.44
CA PRO L 19 18.19 -48.55 3.42
C PRO L 19 17.86 -48.15 4.85
N VAL L 20 17.34 -49.10 5.62
CA VAL L 20 16.98 -48.85 7.01
C VAL L 20 17.77 -49.79 7.91
N PHE L 21 17.90 -49.42 9.19
CA PHE L 21 18.63 -50.23 10.15
C PHE L 21 17.70 -51.30 10.71
N PRO L 22 18.18 -52.55 10.82
CA PRO L 22 17.37 -53.66 11.33
C PRO L 22 16.89 -53.45 12.77
N PHE L 23 15.62 -53.10 12.91
CA PHE L 23 15.00 -52.86 14.21
C PHE L 23 15.32 -53.92 15.25
N SER L 24 15.08 -55.18 14.90
CA SER L 24 15.35 -56.29 15.81
C SER L 24 16.83 -56.37 16.18
N ALA L 25 17.68 -56.32 15.17
CA ALA L 25 19.12 -56.41 15.36
C ALA L 25 19.79 -55.20 15.99
N ILE L 26 19.02 -54.16 16.31
CA ILE L 26 19.61 -52.98 16.95
C ILE L 26 20.28 -53.39 18.26
N VAL L 27 21.44 -52.81 18.53
CA VAL L 27 22.23 -53.10 19.72
C VAL L 27 21.38 -53.14 21.01
N GLY L 28 21.14 -54.36 21.48
CA GLY L 28 20.37 -54.55 22.70
C GLY L 28 18.94 -54.04 22.65
N GLN L 29 18.69 -52.99 23.45
CA GLN L 29 17.37 -52.38 23.56
C GLN L 29 16.33 -53.34 24.11
N GLU L 30 16.63 -53.94 25.25
CA GLU L 30 15.73 -54.88 25.92
C GLU L 30 14.62 -54.12 26.65
N ASP L 31 14.06 -53.11 25.99
CA ASP L 31 13.00 -52.28 26.53
C ASP L 31 12.21 -51.58 25.43
N MET L 32 12.85 -50.59 24.80
CA MET L 32 12.25 -49.81 23.71
C MET L 32 11.51 -50.66 22.68
N LYS L 33 12.18 -51.72 22.21
CA LYS L 33 11.61 -52.60 21.20
C LYS L 33 10.21 -53.11 21.50
N LEU L 34 10.05 -53.85 22.59
CA LEU L 34 8.73 -54.39 22.95
C LEU L 34 7.72 -53.27 23.21
N ALA L 35 8.19 -52.19 23.84
CA ALA L 35 7.32 -51.06 24.15
C ALA L 35 6.64 -50.54 22.88
N LEU L 36 7.43 -50.29 21.85
CA LEU L 36 6.91 -49.80 20.57
C LEU L 36 5.94 -50.80 19.95
N LEU L 37 6.23 -52.09 20.12
CA LEU L 37 5.38 -53.16 19.59
C LEU L 37 4.01 -53.14 20.26
N LEU L 38 3.99 -52.92 21.57
CA LEU L 38 2.75 -52.87 22.33
C LEU L 38 1.85 -51.76 21.80
N THR L 39 2.41 -50.56 21.67
CA THR L 39 1.67 -49.41 21.17
C THR L 39 1.13 -49.62 19.76
N ALA L 40 1.81 -50.46 18.99
CA ALA L 40 1.40 -50.76 17.62
C ALA L 40 0.05 -51.47 17.64
N VAL L 41 -0.18 -52.23 18.70
CA VAL L 41 -1.44 -52.96 18.87
C VAL L 41 -2.51 -51.98 19.33
N ASP L 42 -2.17 -51.17 20.34
CA ASP L 42 -3.09 -50.19 20.88
C ASP L 42 -2.34 -48.97 21.42
N PRO L 43 -2.66 -47.77 20.91
CA PRO L 43 -2.02 -46.53 21.34
C PRO L 43 -2.56 -46.05 22.70
N GLY L 44 -3.71 -46.60 23.10
CA GLY L 44 -4.32 -46.24 24.36
C GLY L 44 -3.49 -46.58 25.57
N ILE L 45 -2.56 -47.53 25.41
CA ILE L 45 -1.68 -47.96 26.49
C ILE L 45 -0.91 -46.77 27.09
N GLY L 46 -0.68 -45.75 26.28
CA GLY L 46 0.03 -44.57 26.76
C GLY L 46 1.24 -44.27 25.90
N GLY L 47 1.71 -43.02 25.98
CA GLY L 47 2.86 -42.62 25.19
C GLY L 47 4.14 -43.33 25.63
N VAL L 48 5.03 -43.56 24.68
CA VAL L 48 6.30 -44.23 24.97
C VAL L 48 7.36 -43.21 25.38
N LEU L 49 7.64 -43.14 26.67
CA LEU L 49 8.63 -42.23 27.20
C LEU L 49 9.97 -42.95 27.22
N VAL L 50 10.94 -42.44 26.45
CA VAL L 50 12.25 -43.07 26.38
C VAL L 50 13.31 -42.23 27.08
N PHE L 51 13.79 -42.72 28.21
CA PHE L 51 14.83 -42.04 28.99
C PHE L 51 16.17 -42.18 28.27
N GLY L 52 17.27 -42.18 29.03
CA GLY L 52 18.59 -42.31 28.42
C GLY L 52 19.04 -41.03 27.74
N ASP L 53 20.33 -40.99 27.40
CA ASP L 53 20.91 -39.83 26.75
C ASP L 53 20.64 -39.82 25.24
N ARG L 54 21.42 -39.04 24.50
CA ARG L 54 21.27 -38.93 23.05
C ARG L 54 21.84 -40.13 22.31
N GLY L 55 22.95 -40.67 22.82
CA GLY L 55 23.60 -41.80 22.19
C GLY L 55 22.74 -43.04 22.04
N THR L 56 21.65 -43.11 22.80
CA THR L 56 20.75 -44.26 22.75
C THR L 56 20.15 -44.48 21.35
N GLY L 57 20.11 -43.44 20.54
CA GLY L 57 19.57 -43.55 19.20
C GLY L 57 18.08 -43.85 19.19
N LYS L 58 17.35 -43.16 20.05
CA LYS L 58 15.90 -43.35 20.20
C LYS L 58 15.17 -43.25 18.87
N SER L 59 15.43 -42.19 18.12
CA SER L 59 14.79 -41.97 16.82
C SER L 59 15.03 -43.14 15.85
N THR L 60 16.24 -43.67 15.88
CA THR L 60 16.63 -44.79 15.02
C THR L 60 15.67 -45.97 15.21
N ALA L 61 15.43 -46.33 16.47
CA ALA L 61 14.55 -47.45 16.80
C ALA L 61 13.14 -47.23 16.26
N VAL L 62 12.61 -46.03 16.52
CA VAL L 62 11.26 -45.68 16.08
C VAL L 62 11.10 -45.86 14.57
N ARG L 63 12.01 -45.26 13.80
CA ARG L 63 11.96 -45.35 12.35
C ARG L 63 12.29 -46.75 11.83
N ALA L 64 13.15 -47.47 12.55
CA ALA L 64 13.53 -48.83 12.15
C ALA L 64 12.31 -49.74 12.19
N LEU L 65 11.44 -49.53 13.17
CA LEU L 65 10.22 -50.32 13.31
C LEU L 65 9.31 -50.10 12.10
N ALA L 66 9.21 -48.85 11.66
CA ALA L 66 8.39 -48.48 10.51
C ALA L 66 8.78 -49.25 9.25
N ALA L 67 10.04 -49.67 9.18
CA ALA L 67 10.54 -50.42 8.04
C ALA L 67 9.94 -51.81 7.96
N LEU L 68 9.87 -52.50 9.10
CA LEU L 68 9.31 -53.85 9.14
C LEU L 68 7.79 -53.84 9.09
N LEU L 69 7.19 -52.73 9.51
CA LEU L 69 5.74 -52.60 9.51
C LEU L 69 5.22 -52.57 8.07
N PRO L 70 4.32 -53.51 7.72
CA PRO L 70 3.74 -53.63 6.39
C PRO L 70 3.17 -52.28 5.91
N GLU L 71 3.50 -51.93 4.67
CA GLU L 71 3.05 -50.69 4.07
C GLU L 71 1.54 -50.51 4.21
N ILE L 72 1.14 -49.41 4.82
CA ILE L 72 -0.26 -49.11 5.04
C ILE L 72 -0.98 -48.68 3.77
N GLU L 73 -2.21 -49.15 3.62
CA GLU L 73 -3.03 -48.81 2.46
C GLU L 73 -3.58 -47.40 2.66
N ALA L 74 -3.41 -46.56 1.65
CA ALA L 74 -3.89 -45.18 1.73
C ALA L 74 -3.80 -44.47 0.40
N VAL L 75 -4.49 -43.35 0.30
CA VAL L 75 -4.49 -42.54 -0.91
C VAL L 75 -3.11 -41.94 -1.13
N GLU L 76 -2.74 -41.78 -2.41
CA GLU L 76 -1.44 -41.22 -2.79
C GLU L 76 -1.27 -39.80 -2.28
N GLY L 77 -1.77 -38.83 -3.05
CA GLY L 77 -1.66 -37.44 -2.67
C GLY L 77 -2.63 -37.05 -1.56
N CYS L 78 -2.31 -37.45 -0.34
CA CYS L 78 -3.14 -37.17 0.82
C CYS L 78 -2.30 -37.23 2.09
N PRO L 79 -2.28 -36.14 2.88
CA PRO L 79 -1.53 -36.05 4.12
C PRO L 79 -1.98 -37.08 5.18
N VAL L 80 -3.24 -36.96 5.62
CA VAL L 80 -3.80 -37.87 6.61
C VAL L 80 -3.72 -39.33 6.17
N SER L 81 -3.59 -39.54 4.86
CA SER L 81 -3.48 -40.87 4.28
C SER L 81 -4.61 -41.82 4.66
N SER L 82 -5.85 -41.41 4.37
CA SER L 82 -7.00 -42.23 4.65
C SER L 82 -6.97 -43.43 3.70
N PRO L 83 -7.42 -44.61 4.16
CA PRO L 83 -7.43 -45.82 3.34
C PRO L 83 -8.23 -45.61 2.04
N ASN L 84 -9.52 -45.38 2.18
CA ASN L 84 -10.40 -45.15 1.05
C ASN L 84 -10.68 -43.67 0.88
N VAL L 85 -10.99 -43.26 -0.34
CA VAL L 85 -11.27 -41.85 -0.65
C VAL L 85 -12.49 -41.35 0.13
N GLU L 86 -13.38 -42.27 0.47
CA GLU L 86 -14.60 -41.95 1.20
C GLU L 86 -14.32 -41.38 2.60
N MET L 87 -13.10 -41.59 3.08
CA MET L 87 -12.71 -41.11 4.40
C MET L 87 -11.82 -39.87 4.35
N ILE L 88 -11.85 -39.16 3.22
CA ILE L 88 -11.06 -37.95 3.06
C ILE L 88 -11.76 -36.77 3.73
N PRO L 89 -11.05 -36.05 4.62
CA PRO L 89 -11.59 -34.89 5.33
C PRO L 89 -12.08 -33.81 4.37
N ASP L 90 -13.23 -33.21 4.69
CA ASP L 90 -13.85 -32.16 3.89
C ASP L 90 -12.86 -31.09 3.44
N TRP L 91 -12.21 -30.46 4.42
CA TRP L 91 -11.24 -29.40 4.15
C TRP L 91 -10.10 -29.77 3.21
N ALA L 92 -9.81 -31.06 3.11
CA ALA L 92 -8.73 -31.54 2.25
C ALA L 92 -9.07 -31.43 0.77
N THR L 93 -8.05 -31.44 -0.06
CA THR L 93 -8.20 -31.36 -1.51
C THR L 93 -7.30 -32.41 -2.17
N VAL L 94 -7.74 -33.66 -2.09
CA VAL L 94 -6.97 -34.76 -2.66
C VAL L 94 -7.14 -34.79 -4.17
N LEU L 95 -6.03 -34.69 -4.89
CA LEU L 95 -6.05 -34.72 -6.35
C LEU L 95 -5.89 -36.16 -6.83
N SER L 96 -4.73 -36.75 -6.55
CA SER L 96 -4.46 -38.12 -6.95
C SER L 96 -5.20 -39.09 -6.04
N THR L 97 -6.41 -39.47 -6.44
CA THR L 97 -7.22 -40.40 -5.66
C THR L 97 -6.77 -41.85 -5.88
N ASN L 98 -5.46 -42.07 -5.89
CA ASN L 98 -4.91 -43.39 -6.10
C ASN L 98 -4.69 -44.11 -4.78
N VAL L 99 -5.51 -45.14 -4.52
CA VAL L 99 -5.38 -45.91 -3.30
C VAL L 99 -4.26 -46.91 -3.52
N ILE L 100 -3.13 -46.70 -2.85
CA ILE L 100 -1.97 -47.57 -3.00
C ILE L 100 -1.33 -47.92 -1.65
N ARG L 101 -0.16 -48.56 -1.72
CA ARG L 101 0.59 -48.95 -0.54
C ARG L 101 1.79 -48.02 -0.38
N LYS L 102 2.12 -47.70 0.86
CA LYS L 102 3.24 -46.84 1.16
C LYS L 102 3.73 -47.09 2.59
N PRO L 103 5.04 -46.91 2.85
CA PRO L 103 5.64 -47.11 4.17
C PRO L 103 4.95 -46.37 5.31
N THR L 104 5.05 -46.93 6.51
CA THR L 104 4.46 -46.34 7.71
C THR L 104 5.00 -44.93 7.94
N PRO L 105 4.09 -43.93 7.95
CA PRO L 105 4.47 -42.53 8.17
C PRO L 105 5.01 -42.25 9.57
N VAL L 106 6.24 -41.74 9.63
CA VAL L 106 6.89 -41.41 10.89
C VAL L 106 7.51 -40.03 10.77
N VAL L 107 6.95 -39.07 11.49
CA VAL L 107 7.42 -37.69 11.46
C VAL L 107 8.05 -37.32 12.80
N ASP L 108 9.20 -36.64 12.74
CA ASP L 108 9.90 -36.19 13.93
C ASP L 108 9.44 -34.78 14.23
N LEU L 109 9.09 -34.52 15.48
CA LEU L 109 8.62 -33.21 15.90
C LEU L 109 9.79 -32.45 16.54
N PRO L 110 10.41 -31.53 15.78
CA PRO L 110 11.55 -30.74 16.26
C PRO L 110 11.14 -29.67 17.28
N LEU L 111 12.01 -29.45 18.27
CA LEU L 111 11.75 -28.46 19.30
C LEU L 111 11.80 -27.06 18.69
N GLY L 112 10.84 -26.22 19.04
CA GLY L 112 10.81 -24.87 18.52
C GLY L 112 9.77 -24.65 17.44
N VAL L 113 9.17 -25.73 16.95
CA VAL L 113 8.15 -25.64 15.92
C VAL L 113 6.89 -25.00 16.50
N SER L 114 6.30 -24.08 15.74
CA SER L 114 5.09 -23.40 16.17
C SER L 114 3.90 -24.34 16.19
N GLU L 115 2.97 -24.10 17.11
CA GLU L 115 1.77 -24.92 17.26
C GLU L 115 1.01 -24.97 15.93
N ASP L 116 1.12 -23.87 15.17
CA ASP L 116 0.48 -23.75 13.87
C ASP L 116 0.91 -24.90 12.96
N ARG L 117 2.22 -25.04 12.79
CA ARG L 117 2.78 -26.09 11.94
C ARG L 117 2.51 -27.49 12.51
N VAL L 118 2.28 -27.56 13.81
CA VAL L 118 1.99 -28.82 14.47
C VAL L 118 0.64 -29.38 14.03
N VAL L 119 -0.42 -28.66 14.35
CA VAL L 119 -1.78 -29.09 13.99
C VAL L 119 -2.18 -28.74 12.56
N GLY L 120 -1.97 -27.48 12.19
CA GLY L 120 -2.32 -27.04 10.85
C GLY L 120 -2.40 -25.53 10.78
N ALA L 121 -2.04 -24.98 9.62
CA ALA L 121 -2.07 -23.53 9.41
C ALA L 121 -3.42 -23.05 8.90
N LEU L 122 -3.68 -21.76 9.04
CA LEU L 122 -4.93 -21.16 8.60
C LEU L 122 -4.70 -19.68 8.28
N ASP L 123 -4.68 -19.36 6.98
CA ASP L 123 -4.47 -17.98 6.54
C ASP L 123 -5.79 -17.21 6.53
N ILE L 124 -5.72 -15.93 6.89
CA ILE L 124 -6.91 -15.09 6.94
C ILE L 124 -7.45 -14.75 5.54
N GLU L 125 -6.57 -14.35 4.63
CA GLU L 125 -6.97 -14.00 3.28
C GLU L 125 -7.54 -15.24 2.59
N ARG L 126 -6.85 -16.36 2.75
CA ARG L 126 -7.28 -17.62 2.16
C ARG L 126 -8.60 -18.06 2.78
N ALA L 127 -8.79 -17.73 4.06
CA ALA L 127 -10.02 -18.08 4.77
C ALA L 127 -11.24 -17.41 4.16
N ILE L 128 -11.20 -16.09 4.02
CA ILE L 128 -12.32 -15.35 3.44
C ILE L 128 -12.59 -15.77 2.00
N SER L 129 -11.54 -16.26 1.32
CA SER L 129 -11.67 -16.71 -0.05
C SER L 129 -12.43 -18.05 -0.06
N LYS L 130 -11.91 -19.02 0.69
CA LYS L 130 -12.49 -20.35 0.81
C LYS L 130 -12.03 -20.99 2.11
N GLY L 131 -12.72 -20.63 3.20
CA GLY L 131 -12.40 -21.16 4.52
C GLY L 131 -12.17 -22.66 4.59
N GLU L 132 -12.95 -23.41 3.83
CA GLU L 132 -12.84 -24.86 3.80
C GLU L 132 -11.42 -25.29 3.43
N LYS L 133 -10.99 -24.92 2.23
CA LYS L 133 -9.66 -25.27 1.74
C LYS L 133 -8.58 -24.32 2.24
N ALA L 134 -8.87 -23.62 3.34
CA ALA L 134 -7.90 -22.67 3.90
C ALA L 134 -6.99 -23.32 4.93
N PHE L 135 -7.46 -24.42 5.53
CA PHE L 135 -6.70 -25.14 6.54
C PHE L 135 -5.61 -26.02 5.92
N GLU L 136 -4.36 -25.69 6.20
CA GLU L 136 -3.23 -26.46 5.71
C GLU L 136 -2.91 -27.59 6.67
N PRO L 137 -2.73 -28.81 6.16
CA PRO L 137 -2.40 -29.98 6.99
C PRO L 137 -1.06 -29.85 7.71
N GLY L 138 -1.10 -29.90 9.04
CA GLY L 138 0.11 -29.80 9.83
C GLY L 138 0.90 -31.09 9.87
N LEU L 139 2.03 -31.07 10.58
CA LEU L 139 2.89 -32.23 10.71
C LEU L 139 2.15 -33.47 11.20
N LEU L 140 1.30 -33.29 12.21
CA LEU L 140 0.53 -34.40 12.77
C LEU L 140 -0.40 -35.05 11.75
N ALA L 141 -0.85 -34.25 10.78
CA ALA L 141 -1.74 -34.76 9.74
C ALA L 141 -0.99 -35.80 8.90
N ARG L 142 0.29 -35.54 8.67
CA ARG L 142 1.15 -36.44 7.90
C ARG L 142 1.73 -37.56 8.76
N ALA L 143 1.23 -37.70 9.99
CA ALA L 143 1.71 -38.73 10.90
C ALA L 143 0.59 -39.69 11.29
N ASN L 144 -0.58 -39.52 10.68
CA ASN L 144 -1.73 -40.37 10.97
C ASN L 144 -1.43 -41.81 10.57
N ARG L 145 -1.84 -42.76 11.41
CA ARG L 145 -1.61 -44.18 11.16
C ARG L 145 -0.12 -44.50 11.12
N GLY L 146 0.63 -43.84 12.00
CA GLY L 146 2.07 -44.05 12.06
C GLY L 146 2.64 -43.72 13.41
N TYR L 147 3.88 -43.23 13.42
CA TYR L 147 4.57 -42.87 14.66
C TYR L 147 5.03 -41.41 14.64
N LEU L 148 4.86 -40.74 15.76
CA LEU L 148 5.26 -39.34 15.89
C LEU L 148 6.35 -39.25 16.96
N TYR L 149 7.56 -38.92 16.55
CA TYR L 149 8.69 -38.79 17.46
C TYR L 149 8.74 -37.38 18.02
N ILE L 150 9.12 -37.26 19.29
CA ILE L 150 9.23 -35.96 19.94
C ILE L 150 10.70 -35.63 20.20
N ASP L 151 11.03 -34.35 20.16
CA ASP L 151 12.39 -33.88 20.42
C ASP L 151 12.55 -33.86 21.95
N GLU L 152 13.37 -32.95 22.47
CA GLU L 152 13.57 -32.85 23.91
C GLU L 152 12.27 -32.43 24.58
N CYS L 153 11.43 -33.41 24.91
CA CYS L 153 10.14 -33.17 25.56
C CYS L 153 10.29 -32.30 26.81
N ASN L 154 11.45 -32.43 27.45
CA ASN L 154 11.78 -31.69 28.66
C ASN L 154 11.77 -30.18 28.42
N LEU L 155 12.48 -29.74 27.39
CA LEU L 155 12.57 -28.32 27.06
C LEU L 155 11.43 -27.86 26.14
N LEU L 156 10.76 -28.81 25.49
CA LEU L 156 9.66 -28.49 24.59
C LEU L 156 8.51 -27.84 25.34
N GLU L 157 7.82 -26.91 24.67
CA GLU L 157 6.70 -26.19 25.27
C GLU L 157 5.63 -27.11 25.85
N ASP L 158 5.07 -26.69 26.98
CA ASP L 158 4.03 -27.46 27.67
C ASP L 158 2.84 -27.73 26.75
N HIS L 159 2.25 -26.67 26.22
CA HIS L 159 1.09 -26.80 25.34
C HIS L 159 1.32 -27.70 24.12
N ILE L 160 2.58 -27.88 23.73
CA ILE L 160 2.91 -28.73 22.59
C ILE L 160 2.87 -30.19 23.03
N VAL L 161 3.62 -30.51 24.09
CA VAL L 161 3.68 -31.87 24.61
C VAL L 161 2.29 -32.39 24.97
N ASP L 162 1.54 -31.57 25.71
CA ASP L 162 0.18 -31.92 26.12
C ASP L 162 -0.69 -32.29 24.93
N LEU L 163 -0.78 -31.37 23.98
CA LEU L 163 -1.58 -31.55 22.76
C LEU L 163 -1.23 -32.88 22.09
N LEU L 164 0.06 -33.11 21.86
CA LEU L 164 0.53 -34.33 21.23
C LEU L 164 0.04 -35.56 22.01
N LEU L 165 0.17 -35.51 23.33
CA LEU L 165 -0.23 -36.61 24.20
C LEU L 165 -1.69 -36.99 24.06
N ASP L 166 -2.59 -36.01 24.20
CA ASP L 166 -4.02 -36.29 24.11
C ASP L 166 -4.45 -36.72 22.70
N VAL L 167 -3.91 -36.07 21.68
CA VAL L 167 -4.25 -36.40 20.31
C VAL L 167 -3.95 -37.88 20.05
N ALA L 168 -2.76 -38.32 20.48
CA ALA L 168 -2.35 -39.71 20.32
C ALA L 168 -3.27 -40.62 21.13
N GLN L 169 -3.70 -40.13 22.28
CA GLN L 169 -4.59 -40.86 23.17
C GLN L 169 -5.95 -41.05 22.50
N SER L 170 -6.68 -39.95 22.31
CA SER L 170 -7.99 -39.98 21.67
C SER L 170 -7.93 -40.56 20.26
N GLY L 171 -7.30 -39.82 19.34
CA GLY L 171 -7.18 -40.27 17.97
C GLY L 171 -7.58 -39.25 16.94
N GLU L 172 -8.03 -38.08 17.39
CA GLU L 172 -8.44 -37.03 16.47
C GLU L 172 -7.67 -35.74 16.75
N ASN L 173 -7.13 -35.16 15.68
CA ASN L 173 -6.37 -33.92 15.80
C ASN L 173 -7.38 -32.78 15.84
N VAL L 174 -7.94 -32.55 17.02
CA VAL L 174 -8.95 -31.52 17.24
C VAL L 174 -8.39 -30.11 17.05
N VAL L 175 -8.95 -29.37 16.10
CA VAL L 175 -8.53 -28.00 15.83
C VAL L 175 -9.78 -27.13 15.88
N GLU L 176 -10.66 -27.41 16.84
CA GLU L 176 -11.89 -26.66 17.00
C GLU L 176 -11.62 -25.30 17.65
N ARG L 177 -11.09 -24.39 16.84
CA ARG L 177 -10.78 -23.04 17.30
C ARG L 177 -11.28 -22.04 16.27
N ASP L 178 -11.32 -20.77 16.64
CA ASP L 178 -11.78 -19.69 15.77
C ASP L 178 -13.11 -20.00 15.07
N GLY L 179 -13.97 -20.74 15.78
CA GLY L 179 -15.27 -21.09 15.23
C GLY L 179 -15.23 -22.30 14.33
N LEU L 180 -14.26 -22.34 13.42
CA LEU L 180 -14.12 -23.45 12.48
C LEU L 180 -13.79 -24.76 13.20
N SER L 181 -14.76 -25.67 13.23
CA SER L 181 -14.58 -26.97 13.86
C SER L 181 -13.75 -27.87 12.96
N ILE L 182 -12.47 -27.53 12.79
CA ILE L 182 -11.58 -28.31 11.95
C ILE L 182 -11.15 -29.56 12.72
N ARG L 183 -11.14 -30.69 12.02
CA ARG L 183 -10.76 -31.95 12.64
C ARG L 183 -10.34 -32.96 11.57
N HIS L 184 -9.63 -34.00 11.99
CA HIS L 184 -9.16 -35.05 11.08
C HIS L 184 -8.48 -36.14 11.90
N PRO L 185 -8.52 -37.39 11.40
CA PRO L 185 -7.90 -38.53 12.08
C PRO L 185 -6.44 -38.28 12.39
N ALA L 186 -5.99 -38.86 13.50
CA ALA L 186 -4.61 -38.72 13.96
C ALA L 186 -4.26 -39.90 14.86
N ARG L 187 -4.61 -41.10 14.39
CA ARG L 187 -4.35 -42.33 15.12
C ARG L 187 -2.88 -42.69 14.98
N PHE L 188 -2.04 -42.17 15.87
CA PHE L 188 -0.61 -42.45 15.83
C PHE L 188 -0.02 -42.73 17.20
N VAL L 189 1.17 -43.32 17.22
CA VAL L 189 1.87 -43.64 18.46
C VAL L 189 2.85 -42.51 18.77
N LEU L 190 2.71 -41.93 19.96
CA LEU L 190 3.58 -40.84 20.38
C LEU L 190 4.80 -41.36 21.14
N VAL L 191 5.99 -41.02 20.64
CA VAL L 191 7.24 -41.44 21.26
C VAL L 191 7.92 -40.22 21.88
N GLY L 192 7.80 -40.09 23.20
CA GLY L 192 8.41 -38.98 23.89
C GLY L 192 9.89 -39.16 24.15
N SER L 193 10.70 -38.25 23.64
CA SER L 193 12.15 -38.31 23.81
C SER L 193 12.59 -37.20 24.77
N GLY L 194 13.90 -37.08 24.95
CA GLY L 194 14.45 -36.08 25.83
C GLY L 194 15.60 -36.65 26.65
N ASN L 195 16.34 -35.77 27.32
CA ASN L 195 17.46 -36.20 28.15
C ASN L 195 16.92 -36.95 29.39
N PRO L 196 17.81 -37.63 30.14
CA PRO L 196 17.42 -38.39 31.34
C PRO L 196 16.50 -37.64 32.30
N GLU L 197 16.93 -36.45 32.73
CA GLU L 197 16.16 -35.63 33.65
C GLU L 197 16.86 -34.27 33.75
N GLU L 198 16.07 -33.21 33.68
CA GLU L 198 16.60 -31.84 33.75
C GLU L 198 16.76 -31.41 35.20
N GLY L 199 15.67 -31.53 35.96
CA GLY L 199 15.67 -31.15 37.36
C GLY L 199 14.26 -30.98 37.86
N ASP L 200 13.71 -32.04 38.45
CA ASP L 200 12.35 -32.04 39.00
C ASP L 200 11.32 -31.58 37.97
N LEU L 201 11.38 -32.18 36.78
CA LEU L 201 10.47 -31.84 35.70
C LEU L 201 9.02 -32.20 36.00
N ARG L 202 8.11 -31.68 35.17
CA ARG L 202 6.68 -31.90 35.29
C ARG L 202 6.32 -33.40 35.41
N PRO L 203 5.89 -33.82 36.61
CA PRO L 203 5.50 -35.20 36.92
C PRO L 203 4.42 -35.77 35.99
N GLN L 204 3.54 -34.89 35.52
CA GLN L 204 2.45 -35.28 34.63
C GLN L 204 2.91 -36.13 33.44
N LEU L 205 4.16 -35.93 33.02
CA LEU L 205 4.71 -36.68 31.90
C LEU L 205 4.74 -38.17 32.23
N LEU L 206 5.25 -38.50 33.41
CA LEU L 206 5.35 -39.90 33.84
C LEU L 206 4.01 -40.61 33.85
N ASP L 207 2.96 -39.89 34.22
CA ASP L 207 1.60 -40.44 34.27
C ASP L 207 1.07 -40.74 32.87
N ARG L 208 0.99 -39.70 32.05
CA ARG L 208 0.49 -39.81 30.68
C ARG L 208 1.34 -40.71 29.80
N PHE L 209 2.64 -40.80 30.07
CA PHE L 209 3.53 -41.66 29.30
C PHE L 209 3.58 -43.05 29.93
N GLY L 210 2.49 -43.79 29.75
CA GLY L 210 2.39 -45.14 30.30
C GLY L 210 3.56 -46.08 30.08
N LEU L 211 4.26 -45.92 28.96
CA LEU L 211 5.40 -46.78 28.65
C LEU L 211 6.72 -46.05 28.88
N SER L 212 7.09 -45.89 30.14
CA SER L 212 8.33 -45.23 30.51
C SER L 212 9.52 -46.19 30.48
N VAL L 213 10.09 -46.37 29.29
CA VAL L 213 11.23 -47.26 29.09
C VAL L 213 12.48 -46.47 28.73
N GLU L 214 13.55 -47.18 28.37
CA GLU L 214 14.80 -46.53 27.99
C GLU L 214 15.40 -47.30 26.80
N VAL L 215 16.71 -47.39 26.74
CA VAL L 215 17.40 -48.09 25.66
C VAL L 215 18.65 -48.77 26.24
N LEU L 216 18.48 -50.01 26.71
CA LEU L 216 19.60 -50.75 27.28
C LEU L 216 20.68 -50.96 26.21
N SER L 217 21.87 -50.45 26.48
CA SER L 217 22.98 -50.57 25.54
C SER L 217 24.05 -51.54 26.03
N PRO L 218 24.03 -52.79 25.53
CA PRO L 218 25.00 -53.82 25.92
C PRO L 218 26.44 -53.41 25.60
N ARG L 219 27.30 -53.43 26.61
CA ARG L 219 28.69 -53.08 26.43
C ARG L 219 29.43 -54.32 25.93
N ASP L 220 29.09 -55.46 26.52
CA ASP L 220 29.68 -56.75 26.15
C ASP L 220 29.23 -57.17 24.76
N VAL L 221 29.82 -58.25 24.26
CA VAL L 221 29.52 -58.77 22.93
C VAL L 221 28.04 -59.11 22.68
N GLU L 222 27.67 -60.38 22.84
CA GLU L 222 26.29 -60.84 22.63
C GLU L 222 25.68 -60.26 21.34
N THR L 223 24.88 -59.21 21.49
CA THR L 223 24.21 -58.57 20.38
C THR L 223 25.16 -57.93 19.36
N ARG L 224 26.24 -57.32 19.84
CA ARG L 224 27.20 -56.65 18.97
C ARG L 224 27.55 -57.45 17.72
N VAL L 225 27.85 -58.74 17.89
CA VAL L 225 28.20 -59.60 16.78
C VAL L 225 26.99 -59.81 15.87
N GLU L 226 25.83 -60.06 16.48
CA GLU L 226 24.58 -60.27 15.78
C GLU L 226 24.25 -59.09 14.87
N VAL L 227 24.45 -57.88 15.39
CA VAL L 227 24.18 -56.65 14.64
C VAL L 227 24.96 -56.63 13.34
N ILE L 228 26.29 -56.77 13.46
CA ILE L 228 27.18 -56.75 12.30
C ILE L 228 26.74 -57.76 11.23
N ARG L 229 26.42 -58.98 11.66
CA ARG L 229 25.99 -60.02 10.73
C ARG L 229 24.70 -59.70 9.99
N ARG L 230 23.68 -59.25 10.71
CA ARG L 230 22.40 -58.93 10.08
C ARG L 230 22.40 -57.58 9.37
N ARG L 231 23.42 -56.77 9.62
CA ARG L 231 23.53 -55.47 8.96
C ARG L 231 24.26 -55.67 7.63
N ASP L 232 25.33 -56.46 7.66
CA ASP L 232 26.13 -56.75 6.48
C ASP L 232 25.30 -57.50 5.43
N THR L 233 25.01 -58.76 5.71
CA THR L 233 24.24 -59.61 4.81
C THR L 233 22.80 -59.15 4.68
N TYR L 234 22.17 -58.82 5.82
CA TYR L 234 20.79 -58.36 5.88
C TYR L 234 19.84 -59.36 5.21
N ASP L 235 19.46 -60.38 5.96
CA ASP L 235 18.55 -61.42 5.45
C ASP L 235 17.18 -60.84 5.16
N ALA L 236 16.40 -61.54 4.33
CA ALA L 236 15.07 -61.09 3.94
C ALA L 236 13.94 -61.77 4.70
N ASP L 237 14.19 -62.94 5.26
CA ASP L 237 13.16 -63.69 5.99
C ASP L 237 12.66 -62.92 7.22
N PRO L 238 11.40 -62.45 7.18
CA PRO L 238 10.79 -61.70 8.28
C PRO L 238 10.79 -62.53 9.56
N LYS L 239 10.68 -63.84 9.39
CA LYS L 239 10.68 -64.76 10.51
C LYS L 239 12.05 -64.76 11.19
N ALA L 240 13.09 -65.09 10.43
CA ALA L 240 14.45 -65.12 10.96
C ALA L 240 14.88 -63.75 11.48
N PHE L 241 14.23 -62.72 10.97
CA PHE L 241 14.52 -61.34 11.39
C PHE L 241 14.18 -61.16 12.87
N LEU L 242 13.19 -61.91 13.36
CA LEU L 242 12.76 -61.80 14.75
C LEU L 242 13.01 -63.04 15.62
N GLU L 243 13.06 -64.21 15.02
CA GLU L 243 13.24 -65.48 15.74
C GLU L 243 14.16 -65.45 16.96
N GLU L 244 15.45 -65.24 16.75
CA GLU L 244 16.42 -65.20 17.84
C GLU L 244 16.10 -64.16 18.90
N TRP L 245 15.44 -63.08 18.49
CA TRP L 245 15.09 -62.00 19.41
C TRP L 245 13.82 -62.24 20.22
N ARG L 246 12.96 -63.13 19.74
CA ARG L 246 11.69 -63.43 20.41
C ARG L 246 11.82 -63.74 21.91
N PRO L 247 12.81 -64.57 22.31
CA PRO L 247 12.97 -64.89 23.72
C PRO L 247 13.13 -63.68 24.64
N LYS L 248 13.89 -62.69 24.20
CA LYS L 248 14.12 -61.49 25.00
C LYS L 248 12.86 -60.71 25.37
N ASP L 249 11.79 -60.89 24.61
CA ASP L 249 10.52 -60.21 24.89
C ASP L 249 10.01 -60.56 26.29
N MET L 250 10.39 -61.74 26.77
CA MET L 250 9.97 -62.19 28.10
C MET L 250 10.62 -61.30 29.16
N ASP L 251 11.92 -61.08 29.03
CA ASP L 251 12.68 -60.26 29.96
C ASP L 251 12.10 -58.85 29.99
N ILE L 252 11.91 -58.28 28.79
CA ILE L 252 11.35 -56.94 28.65
C ILE L 252 9.99 -56.88 29.33
N ARG L 253 9.18 -57.91 29.07
CA ARG L 253 7.83 -58.00 29.63
C ARG L 253 7.90 -57.94 31.15
N ASN L 254 8.85 -58.66 31.74
CA ASN L 254 9.02 -58.70 33.19
C ASN L 254 9.24 -57.27 33.72
N GLN L 255 10.07 -56.51 33.02
CA GLN L 255 10.36 -55.13 33.39
C GLN L 255 9.07 -54.33 33.49
N ILE L 256 8.25 -54.42 32.44
CA ILE L 256 6.97 -53.71 32.38
C ILE L 256 6.02 -54.20 33.47
N LEU L 257 6.02 -55.50 33.71
CA LEU L 257 5.14 -56.10 34.72
C LEU L 257 5.47 -55.55 36.11
N GLU L 258 6.75 -55.55 36.46
CA GLU L 258 7.20 -55.06 37.75
C GLU L 258 6.72 -53.64 38.03
N ALA L 259 6.65 -52.82 36.99
CA ALA L 259 6.19 -51.44 37.13
C ALA L 259 4.70 -51.46 37.44
N ARG L 260 3.92 -52.08 36.56
CA ARG L 260 2.46 -52.15 36.74
C ARG L 260 2.06 -52.85 38.03
N GLU L 261 2.92 -53.75 38.50
CA GLU L 261 2.67 -54.50 39.73
C GLU L 261 2.52 -53.57 40.93
N ARG L 262 3.22 -52.43 40.89
CA ARG L 262 3.18 -51.49 42.00
C ARG L 262 2.68 -50.08 41.70
N LEU L 263 2.48 -49.75 40.42
CA LEU L 263 2.00 -48.43 40.05
C LEU L 263 0.69 -48.04 40.74
N PRO L 264 -0.37 -48.87 40.61
CA PRO L 264 -1.65 -48.54 41.25
C PRO L 264 -1.55 -48.47 42.77
N LYS L 265 -0.54 -49.13 43.33
CA LYS L 265 -0.33 -49.14 44.77
C LYS L 265 0.22 -47.79 45.23
N VAL L 266 1.23 -47.28 44.51
CA VAL L 266 1.82 -46.00 44.84
C VAL L 266 0.86 -44.90 44.40
N GLU L 267 0.70 -44.78 43.09
CA GLU L 267 -0.20 -43.79 42.51
C GLU L 267 -1.61 -44.38 42.50
N ALA L 268 -2.22 -44.41 43.68
CA ALA L 268 -3.58 -44.95 43.83
C ALA L 268 -4.62 -44.14 43.07
N PRO L 269 -5.48 -44.83 42.30
CA PRO L 269 -6.54 -44.19 41.51
C PRO L 269 -7.47 -43.37 42.39
N ASN L 270 -8.15 -42.40 41.77
CA ASN L 270 -9.07 -41.49 42.48
C ASN L 270 -8.27 -40.49 43.29
N THR L 271 -6.97 -40.47 43.03
CA THR L 271 -6.00 -39.60 43.71
C THR L 271 -4.76 -39.61 42.82
N ALA L 272 -3.74 -38.83 43.21
CA ALA L 272 -2.49 -38.75 42.47
C ALA L 272 -2.58 -38.01 41.13
N LEU L 273 -1.59 -38.22 40.27
CA LEU L 273 -1.53 -37.57 38.98
C LEU L 273 -2.73 -37.81 38.06
N TYR L 274 -3.14 -39.07 37.94
CA TYR L 274 -4.27 -39.47 37.09
C TYR L 274 -5.42 -38.46 37.10
N ASP L 275 -6.10 -38.37 38.24
CA ASP L 275 -7.25 -37.46 38.40
C ASP L 275 -6.90 -36.00 38.11
N CYS L 276 -5.71 -35.58 38.54
CA CYS L 276 -5.25 -34.21 38.33
C CYS L 276 -5.31 -33.86 36.85
N ALA L 277 -4.69 -34.70 36.02
CA ALA L 277 -4.65 -34.48 34.58
C ALA L 277 -6.06 -34.61 33.98
N ALA L 278 -6.80 -35.61 34.45
CA ALA L 278 -8.15 -35.87 33.98
C ALA L 278 -9.04 -34.64 34.11
N LEU L 279 -8.95 -33.95 35.25
CA LEU L 279 -9.75 -32.75 35.51
C LEU L 279 -9.61 -31.71 34.40
N CYS L 280 -8.37 -31.39 34.04
CA CYS L 280 -8.10 -30.41 33.00
C CYS L 280 -8.65 -30.84 31.64
N ILE L 281 -8.29 -32.05 31.22
CA ILE L 281 -8.73 -32.59 29.94
C ILE L 281 -10.25 -32.73 29.83
N ALA L 282 -10.91 -32.97 30.96
CA ALA L 282 -12.36 -33.12 30.99
C ALA L 282 -13.10 -31.78 31.00
N LEU L 283 -12.34 -30.69 30.97
CA LEU L 283 -12.93 -29.35 30.99
C LEU L 283 -12.52 -28.53 29.77
N GLY L 284 -13.10 -27.34 29.64
CA GLY L 284 -12.79 -26.48 28.51
C GLY L 284 -11.44 -25.79 28.60
N SER L 285 -10.39 -26.53 28.24
CA SER L 285 -9.03 -26.00 28.25
C SER L 285 -8.12 -27.02 27.57
N ASP L 286 -6.91 -26.60 27.23
CA ASP L 286 -5.95 -27.49 26.59
C ASP L 286 -5.42 -28.49 27.61
N GLY L 287 -4.40 -28.09 28.38
CA GLY L 287 -3.87 -28.98 29.38
C GLY L 287 -2.48 -28.66 29.91
N LEU L 288 -1.84 -29.68 30.47
CA LEU L 288 -0.50 -29.61 31.04
C LEU L 288 -0.21 -28.42 31.95
N ARG L 289 -0.03 -27.24 31.36
CA ARG L 289 0.26 -26.02 32.11
C ARG L 289 -0.75 -25.83 33.24
N GLY L 290 -1.99 -26.25 32.99
CA GLY L 290 -3.02 -26.14 34.00
C GLY L 290 -2.77 -27.15 35.09
N GLU L 291 -2.53 -28.39 34.68
CA GLU L 291 -2.25 -29.50 35.60
C GLU L 291 -1.11 -29.17 36.56
N LEU L 292 -0.03 -28.60 36.01
CA LEU L 292 1.13 -28.22 36.82
C LEU L 292 0.76 -27.22 37.90
N THR L 293 -0.15 -26.30 37.59
CA THR L 293 -0.59 -25.30 38.54
C THR L 293 -1.41 -25.95 39.65
N LEU L 294 -2.30 -26.85 39.25
CA LEU L 294 -3.17 -27.56 40.17
C LEU L 294 -2.33 -28.39 41.15
N LEU L 295 -1.46 -29.24 40.60
CA LEU L 295 -0.60 -30.11 41.39
C LEU L 295 0.21 -29.36 42.45
N ARG L 296 0.86 -28.28 42.05
CA ARG L 296 1.68 -27.49 42.96
C ARG L 296 0.87 -26.93 44.12
N SER L 297 -0.21 -26.22 43.81
CA SER L 297 -1.07 -25.63 44.84
C SER L 297 -1.68 -26.69 45.75
N ALA L 298 -2.13 -27.79 45.16
CA ALA L 298 -2.75 -28.88 45.92
C ALA L 298 -1.74 -29.48 46.90
N ARG L 299 -0.52 -29.68 46.44
CA ARG L 299 0.54 -30.24 47.27
C ARG L 299 0.86 -29.29 48.42
N ALA L 300 0.95 -28.00 48.11
CA ALA L 300 1.25 -26.99 49.12
C ALA L 300 0.17 -27.00 50.20
N LEU L 301 -1.09 -27.07 49.77
CA LEU L 301 -2.22 -27.09 50.68
C LEU L 301 -2.15 -28.35 51.55
N ALA L 302 -1.93 -29.49 50.92
CA ALA L 302 -1.84 -30.77 51.63
C ALA L 302 -0.81 -30.72 52.74
N ALA L 303 0.31 -30.05 52.48
CA ALA L 303 1.38 -29.90 53.46
C ALA L 303 0.85 -29.22 54.72
N LEU L 304 0.07 -28.16 54.52
CA LEU L 304 -0.52 -27.42 55.64
C LEU L 304 -1.54 -28.29 56.35
N GLU L 305 -2.34 -29.01 55.58
CA GLU L 305 -3.36 -29.91 56.11
C GLU L 305 -2.72 -31.08 56.85
N GLY L 306 -1.45 -31.35 56.54
CA GLY L 306 -0.74 -32.45 57.16
C GLY L 306 -1.08 -33.77 56.47
N ALA L 307 -1.87 -33.68 55.41
CA ALA L 307 -2.28 -34.86 54.65
C ALA L 307 -1.14 -35.33 53.76
N THR L 308 -0.52 -36.45 54.15
CA THR L 308 0.58 -37.02 53.39
C THR L 308 0.16 -37.31 51.96
N ALA L 309 -1.06 -37.81 51.78
CA ALA L 309 -1.58 -38.12 50.46
C ALA L 309 -2.52 -37.02 50.01
N VAL L 310 -2.17 -36.35 48.91
CA VAL L 310 -3.00 -35.28 48.36
C VAL L 310 -4.25 -35.88 47.73
N GLY L 311 -5.30 -35.99 48.52
CA GLY L 311 -6.55 -36.55 48.04
C GLY L 311 -7.24 -35.71 46.97
N ARG L 312 -8.11 -36.36 46.19
CA ARG L 312 -8.85 -35.70 45.13
C ARG L 312 -9.60 -34.47 45.63
N ASP L 313 -10.13 -34.55 46.84
CA ASP L 313 -10.87 -33.45 47.45
C ASP L 313 -10.05 -32.16 47.43
N HIS L 314 -8.79 -32.27 47.82
CA HIS L 314 -7.89 -31.12 47.85
C HIS L 314 -7.52 -30.68 46.44
N LEU L 315 -7.38 -31.65 45.53
CA LEU L 315 -7.06 -31.36 44.14
C LEU L 315 -8.16 -30.49 43.52
N LYS L 316 -9.40 -30.89 43.75
CA LYS L 316 -10.55 -30.18 43.23
C LYS L 316 -10.71 -28.82 43.92
N ARG L 317 -10.38 -28.77 45.21
CA ARG L 317 -10.48 -27.55 45.98
C ARG L 317 -9.64 -26.42 45.37
N VAL L 318 -8.38 -26.71 45.06
CA VAL L 318 -7.50 -25.71 44.46
C VAL L 318 -7.84 -25.49 43.00
N ALA L 319 -8.38 -26.51 42.34
CA ALA L 319 -8.75 -26.43 40.94
C ALA L 319 -9.77 -25.32 40.69
N THR L 320 -10.66 -25.10 41.66
CA THR L 320 -11.70 -24.08 41.56
C THR L 320 -11.12 -22.68 41.33
N MET L 321 -9.81 -22.53 41.55
CA MET L 321 -9.15 -21.25 41.36
C MET L 321 -8.03 -21.36 40.34
N ALA L 322 -7.15 -22.33 40.53
CA ALA L 322 -6.02 -22.57 39.65
C ALA L 322 -6.39 -22.75 38.18
N LEU L 323 -7.46 -23.49 37.93
CA LEU L 323 -7.90 -23.74 36.56
C LEU L 323 -8.83 -22.65 36.03
N SER L 324 -9.81 -22.27 36.84
CA SER L 324 -10.79 -21.25 36.46
C SER L 324 -10.24 -20.05 35.69
N HIS L 325 -9.12 -19.50 36.15
CA HIS L 325 -8.53 -18.34 35.48
C HIS L 325 -7.74 -18.69 34.22
N ARG L 326 -8.15 -19.76 33.54
CA ARG L 326 -7.51 -20.21 32.30
C ARG L 326 -8.30 -21.39 31.73
N LEU L 327 -9.52 -21.59 32.23
CA LEU L 327 -10.36 -22.69 31.78
C LEU L 327 -11.83 -22.31 31.81
N ARG L 328 -12.56 -22.70 30.78
CA ARG L 328 -13.99 -22.42 30.67
C ARG L 328 -14.76 -23.30 31.65
N ARG L 329 -15.05 -22.84 32.76
N VAL L 341 -15.00 -22.77 32.84
CA VAL L 341 -15.73 -23.51 33.88
C VAL L 341 -17.23 -23.56 33.60
N ALA L 342 -17.78 -24.78 33.63
CA ALA L 342 -19.20 -24.99 33.39
C ALA L 342 -19.63 -26.27 34.11
N ARG L 343 -19.33 -26.34 35.40
CA ARG L 343 -19.65 -27.50 36.24
C ARG L 343 -18.78 -28.66 35.74
N THR L 344 -19.40 -29.78 35.35
CA THR L 344 -18.70 -30.95 34.85
C THR L 344 -17.83 -31.68 35.89
N VAL L 345 -16.86 -30.97 36.45
CA VAL L 345 -15.94 -31.52 37.46
C VAL L 345 -16.55 -32.57 38.38
N GLU L 346 -17.64 -32.20 39.04
CA GLU L 346 -18.33 -33.10 39.96
C GLU L 346 -18.88 -34.35 39.27
N GLU L 347 -19.48 -34.16 38.10
CA GLU L 347 -20.05 -35.25 37.33
C GLU L 347 -18.98 -36.23 36.85
N THR L 348 -17.80 -35.72 36.55
CA THR L 348 -16.70 -36.55 36.08
C THR L 348 -15.99 -37.24 37.24
N LEU L 349 -15.56 -36.45 38.22
CA LEU L 349 -14.87 -36.99 39.40
C LEU L 349 -15.40 -36.36 40.68
N PRO L 350 -16.27 -37.09 41.39
CA PRO L 350 -16.87 -36.64 42.65
C PRO L 350 -15.81 -36.44 43.75
#